data_6O72
#
_entry.id   6O72
#
_cell.length_a   1.00
_cell.length_b   1.00
_cell.length_c   1.00
_cell.angle_alpha   90.00
_cell.angle_beta   90.00
_cell.angle_gamma   90.00
#
_symmetry.space_group_name_H-M   'P 1'
#
loop_
_entity.id
_entity.type
_entity.pdbx_description
1 polymer 'Transient receptor potential cation channel subfamily M member 8'
2 non-polymer 'CHOLESTEROL HEMISUCCINATE'
3 non-polymer UNDECANE
4 non-polymer '(1R)-2-{[(S)-(2-aminoethoxy)(hydroxy)phosphoryl]oxy}-1-[(heptanoyloxy)methyl]ethyl octadecanoate'
5 non-polymer 3-{7-(trifluoromethyl)-5-[2-(trifluoromethyl)phenyl]-1H-benzimidazol-2-yl}-1-oxa-2-azaspiro[4.5]dec-2-ene
6 non-polymer 'SODIUM ION'
#
_entity_poly.entity_id   1
_entity_poly.type   'polypeptide(L)'
_entity_poly.pdbx_seq_one_letter_code
;GAMGSRHRRNGNFESSRLLYSSMSRSIDVACSDADLANFIQENFKKRECVFFTKDTKSMGNLCKCGYPENQHIEGTQVNT
TEKWNYKKHTKELPTDAFGDIQFENLGKRGKYIRLSCDTDSETLYDLMTQHWHLKTPNLVISVTGGAKNFALKPRMRKIF
SRLIYIAQSKGAWIFTGGTHYGLMKYIGEVVRDNTISRSSEENVVAIGIAAWGMISNRETLIRTADSDGSFLARYIMDDL
KRDPLYCLDNNHTHLLLVDNGTHGHPTTEAKVRTQLEKYISERVIPESNYGGKIPIVCFAQGGGKETLKSINVAIKSKIP
CVVVEGSGRIADVIASLVEAEGTLASSCVKESLLRFLPRTISRLSEEETESWIKWIKEVLESPHLLTVIKIEEAGDEIVS
NAISFALYKAFSTNEHDRDNWNGQLKLLLEWNQLDLASDEIFTNDRNWESADLQDVMFTALVKDRPKFVRLFLENGLNLR
KFLTTEVLRELYTNNFSSLVFKNLQIAKNSYNDALLTFVWKMVEDFRRGFKRDYKNSKDEMEIQLSEECPITRHPLQALF
IWSVLQNKKELSKVIWEQTRGCTLAALGASKLLKSMAKVKNDINAAGESEELANEYETRAVELFTECYSNDEDLAEQLLT
YSCEAWGGSNCLELAVEARDQQFIAQPGVQNFLSKQWYGEISRDTKNWKIIMCLFFFPLIGCGFISFRKKPVEKSKKLFL
YYVSFFTSPFVVFSWNVIFYIAFLLLFAYVLLMDFQKEPTALEIILYVLVFVLLCDEVRQWYMNGSKYFSDLWNVMDTLA
IFYFIAGIVFRLHSDESSWYSGRVIFCLDYIVFTLRLIHIFTVSRNLGPKIIMLQRMMIDVFFFLFLFAVWMVAFGVARQ
GILRKNEHRWEWIFRSVIYEPYLAMFGQYPDDIDGTTYNFDRCTFSGNESKPLCVELDANNQPRFPEWITIPLVCIYMLS
TNILLVNLLVAMFGYTVGSVQENNDQVWKFQRFFLVQEYCSRLTIPFPFVIFAYIFMVMRKCFKCCCNKESKEPSICCSR
NEDNEILAWEAVMKENYLVKINTKANDSSEEMVHRFRQLDAKLSDLKGLLKEISSKIK
;
_entity_poly.pdbx_strand_id   A,B,C,D
#
# COMPACT_ATOMS: atom_id res chain seq x y z
N ASP A 100 20.75 -46.99 35.65
CA ASP A 100 19.48 -46.60 35.03
C ASP A 100 18.37 -46.27 36.02
N ILE A 101 17.85 -45.06 35.90
CA ILE A 101 16.61 -44.64 36.56
C ILE A 101 15.55 -44.59 35.47
N GLN A 102 14.29 -44.79 35.86
CA GLN A 102 13.17 -44.71 34.95
C GLN A 102 12.03 -43.96 35.63
N PHE A 103 11.58 -42.89 35.01
CA PHE A 103 10.48 -42.08 35.56
C PHE A 103 9.14 -42.49 34.96
N GLY A 110 18.08 -42.20 31.48
CA GLY A 110 18.49 -41.52 32.70
C GLY A 110 19.38 -42.39 33.56
N LYS A 111 20.43 -41.79 34.11
CA LYS A 111 21.36 -42.51 34.97
C LYS A 111 21.36 -41.95 36.38
N TYR A 112 22.00 -42.71 37.27
CA TYR A 112 22.08 -42.37 38.69
C TYR A 112 23.39 -42.91 39.23
N ILE A 113 24.01 -42.13 40.13
CA ILE A 113 25.15 -42.59 40.94
C ILE A 113 24.98 -42.00 42.33
N ARG A 114 24.98 -42.87 43.34
CA ARG A 114 24.99 -42.44 44.74
C ARG A 114 26.39 -41.95 45.10
N LEU A 115 26.46 -40.83 45.83
CA LEU A 115 27.73 -40.33 46.30
C LEU A 115 27.57 -39.57 47.61
N SER A 116 28.55 -39.73 48.49
CA SER A 116 28.75 -38.80 49.59
C SER A 116 29.58 -37.64 49.06
N CYS A 117 29.93 -36.67 49.91
CA CYS A 117 30.53 -35.44 49.41
C CYS A 117 32.03 -35.60 49.12
N ASP A 118 32.73 -36.42 49.91
CA ASP A 118 34.15 -36.66 49.69
C ASP A 118 34.29 -37.88 48.80
N THR A 119 34.31 -37.66 47.49
CA THR A 119 34.06 -38.75 46.55
C THR A 119 35.31 -39.50 46.11
N ASP A 120 36.20 -38.83 45.39
CA ASP A 120 37.27 -39.52 44.66
C ASP A 120 38.27 -38.49 44.15
N SER A 121 39.18 -38.95 43.28
CA SER A 121 40.17 -38.12 42.63
C SER A 121 39.89 -38.17 41.12
N GLU A 122 39.01 -37.28 40.66
CA GLU A 122 38.76 -36.85 39.27
C GLU A 122 38.35 -37.95 38.28
N THR A 123 38.24 -39.20 38.71
CA THR A 123 37.76 -40.21 37.78
C THR A 123 36.24 -40.23 37.70
N LEU A 124 35.57 -39.42 38.52
CA LEU A 124 34.16 -39.09 38.31
C LEU A 124 33.95 -38.50 36.92
N TYR A 125 34.84 -37.60 36.50
CA TYR A 125 34.82 -37.11 35.12
C TYR A 125 35.20 -38.22 34.15
N ASP A 126 36.14 -39.07 34.53
CA ASP A 126 36.52 -40.18 33.66
C ASP A 126 35.47 -41.28 33.65
N LEU A 127 34.60 -41.31 34.67
CA LEU A 127 33.39 -42.10 34.58
C LEU A 127 32.49 -41.56 33.48
N MET A 128 32.36 -40.24 33.40
CA MET A 128 31.47 -39.59 32.45
C MET A 128 31.95 -39.65 31.01
N THR A 129 33.21 -40.02 30.76
CA THR A 129 33.72 -39.97 29.40
C THR A 129 34.26 -41.29 28.87
N GLN A 130 34.50 -42.28 29.73
CA GLN A 130 35.03 -43.55 29.26
C GLN A 130 33.94 -44.62 29.16
N HIS A 131 33.17 -44.80 30.23
CA HIS A 131 32.02 -45.69 30.19
C HIS A 131 30.76 -45.00 29.68
N TRP A 132 30.84 -43.72 29.37
CA TRP A 132 29.69 -42.84 29.19
C TRP A 132 29.95 -41.95 27.99
N HIS A 133 29.26 -40.81 27.95
CA HIS A 133 29.13 -39.95 26.78
C HIS A 133 30.43 -39.22 26.44
N LEU A 134 30.33 -38.32 25.46
CA LEU A 134 31.43 -37.58 24.87
C LEU A 134 31.86 -36.42 25.77
N LYS A 135 33.03 -35.87 25.50
CA LYS A 135 33.58 -34.74 26.24
C LYS A 135 32.94 -33.43 25.76
N THR A 136 33.50 -32.30 26.22
CA THR A 136 32.83 -31.01 26.13
C THR A 136 33.66 -29.91 25.48
N PRO A 137 33.13 -29.23 24.46
CA PRO A 137 33.68 -27.93 24.07
C PRO A 137 33.13 -26.76 24.88
N ASN A 138 32.16 -26.99 25.76
CA ASN A 138 31.59 -25.96 26.61
C ASN A 138 30.94 -26.63 27.81
N LEU A 139 30.72 -25.86 28.87
CA LEU A 139 30.06 -26.42 30.06
C LEU A 139 29.41 -25.27 30.82
N VAL A 140 28.12 -25.13 30.67
CA VAL A 140 27.33 -24.13 31.41
C VAL A 140 26.90 -24.77 32.72
N ILE A 141 26.85 -23.98 33.79
CA ILE A 141 26.24 -24.42 35.05
C ILE A 141 25.11 -23.46 35.38
N SER A 142 24.04 -23.97 35.97
CA SER A 142 22.91 -23.14 36.33
C SER A 142 22.70 -23.15 37.84
N VAL A 143 22.42 -21.98 38.39
CA VAL A 143 22.23 -21.83 39.82
C VAL A 143 20.92 -21.10 40.09
N THR A 144 19.97 -21.79 40.71
CA THR A 144 18.75 -21.16 41.20
C THR A 144 18.33 -21.66 42.57
N GLY A 145 18.94 -22.72 43.10
CA GLY A 145 18.52 -23.28 44.36
C GLY A 145 17.22 -24.06 44.25
N GLY A 146 16.76 -24.63 45.36
CA GLY A 146 15.51 -25.37 45.35
C GLY A 146 14.27 -24.50 45.49
N ALA A 147 14.23 -23.39 44.76
CA ALA A 147 13.09 -22.50 44.80
C ALA A 147 11.92 -23.13 44.06
N LYS A 148 10.86 -23.46 44.80
CA LYS A 148 9.68 -24.03 44.20
C LYS A 148 8.91 -23.01 43.37
N ASN A 149 9.16 -21.73 43.59
CA ASN A 149 8.52 -20.66 42.83
C ASN A 149 9.52 -20.14 41.81
N PHE A 150 9.06 -19.94 40.59
CA PHE A 150 9.90 -19.38 39.54
C PHE A 150 9.00 -18.60 38.61
N ALA A 151 9.22 -17.28 38.54
CA ALA A 151 8.45 -16.45 37.63
C ALA A 151 8.90 -16.72 36.21
N LEU A 152 8.29 -17.73 35.58
CA LEU A 152 8.66 -18.15 34.23
C LEU A 152 8.03 -17.17 33.24
N LYS A 153 8.70 -16.03 33.09
CA LYS A 153 8.30 -15.05 32.10
C LYS A 153 8.61 -15.59 30.71
N PRO A 154 7.93 -15.08 29.69
CA PRO A 154 8.33 -15.41 28.31
C PRO A 154 9.72 -14.90 27.96
N ARG A 155 10.21 -13.86 28.63
CA ARG A 155 11.61 -13.47 28.49
C ARG A 155 12.54 -14.52 29.08
N MET A 156 12.20 -15.02 30.29
CA MET A 156 12.98 -16.10 30.89
C MET A 156 12.84 -17.39 30.09
N ARG A 157 11.72 -17.56 29.38
CA ARG A 157 11.56 -18.72 28.51
C ARG A 157 12.51 -18.64 27.33
N LYS A 158 12.77 -17.44 26.81
CA LYS A 158 13.68 -17.31 25.67
C LYS A 158 15.13 -17.47 26.11
N ILE A 159 15.48 -16.93 27.27
CA ILE A 159 16.87 -16.95 27.73
C ILE A 159 17.32 -18.37 28.05
N PHE A 160 16.45 -19.18 28.63
CA PHE A 160 16.79 -20.55 28.93
C PHE A 160 16.30 -21.55 27.89
N SER A 161 15.81 -21.08 26.75
CA SER A 161 15.69 -21.98 25.59
C SER A 161 16.83 -21.74 24.61
N ARG A 162 17.31 -20.50 24.51
CA ARG A 162 18.52 -20.23 23.76
C ARG A 162 19.73 -20.88 24.41
N LEU A 163 19.73 -20.98 25.73
CA LEU A 163 20.85 -21.56 26.46
C LEU A 163 20.98 -23.04 26.17
N ILE A 164 19.85 -23.75 26.09
CA ILE A 164 19.90 -25.17 25.73
C ILE A 164 20.20 -25.31 24.25
N TYR A 165 19.77 -24.33 23.44
CA TYR A 165 20.08 -24.34 22.02
C TYR A 165 21.56 -24.10 21.78
N ILE A 166 22.16 -23.20 22.57
CA ILE A 166 23.60 -22.98 22.51
C ILE A 166 24.35 -24.21 22.99
N ALA A 167 23.80 -24.92 23.98
CA ALA A 167 24.48 -26.06 24.55
C ALA A 167 24.52 -27.24 23.60
N GLN A 168 23.55 -27.33 22.68
CA GLN A 168 23.65 -28.36 21.65
C GLN A 168 24.38 -27.84 20.41
N SER A 169 24.37 -26.53 20.19
CA SER A 169 25.16 -25.95 19.11
C SER A 169 26.65 -26.09 19.36
N LYS A 170 27.05 -26.23 20.63
CA LYS A 170 28.45 -26.42 20.99
C LYS A 170 28.75 -27.79 21.56
N GLY A 171 27.76 -28.49 22.10
CA GLY A 171 28.00 -29.81 22.65
C GLY A 171 28.35 -29.79 24.13
N ALA A 172 27.57 -29.08 24.92
CA ALA A 172 27.92 -28.77 26.29
C ALA A 172 27.22 -29.69 27.28
N TRP A 173 27.76 -29.72 28.50
CA TRP A 173 27.04 -30.23 29.66
C TRP A 173 26.41 -29.07 30.40
N ILE A 174 25.31 -29.35 31.09
CA ILE A 174 24.62 -28.36 31.89
C ILE A 174 24.49 -28.90 33.31
N PHE A 175 25.16 -28.25 34.26
CA PHE A 175 25.11 -28.68 35.64
C PHE A 175 24.02 -27.89 36.36
N THR A 176 23.02 -28.61 36.85
CA THR A 176 21.91 -27.98 37.54
C THR A 176 21.62 -28.84 38.77
N GLY A 177 20.90 -28.29 39.73
CA GLY A 177 20.30 -29.12 40.75
C GLY A 177 19.25 -29.98 40.10
N GLY A 178 19.30 -31.29 40.32
CA GLY A 178 18.42 -32.18 39.57
C GLY A 178 17.05 -32.39 40.18
N THR A 179 16.40 -31.33 40.63
CA THR A 179 15.10 -31.42 41.27
C THR A 179 14.01 -30.80 40.41
N HIS A 180 12.76 -31.12 40.74
CA HIS A 180 11.62 -30.85 39.87
C HIS A 180 10.91 -29.56 40.27
N TYR A 181 11.66 -28.45 40.26
CA TYR A 181 11.14 -27.19 40.79
C TYR A 181 11.53 -26.01 39.93
N GLY A 182 10.56 -25.45 39.21
CA GLY A 182 10.74 -24.13 38.63
C GLY A 182 11.68 -24.13 37.45
N LEU A 183 12.85 -23.49 37.64
CA LEU A 183 13.83 -23.39 36.56
C LEU A 183 14.44 -24.74 36.22
N MET A 184 14.96 -25.44 37.23
CA MET A 184 15.57 -26.75 37.01
C MET A 184 14.56 -27.80 36.58
N LYS A 185 13.27 -27.57 36.79
CA LYS A 185 12.26 -28.35 36.11
C LYS A 185 12.09 -27.90 34.67
N TYR A 186 12.12 -26.59 34.44
CA TYR A 186 11.97 -26.05 33.08
C TYR A 186 13.20 -26.33 32.24
N ILE A 187 14.38 -26.27 32.85
CA ILE A 187 15.65 -26.60 32.17
C ILE A 187 15.62 -28.04 31.66
N GLY A 188 15.05 -28.95 32.45
CA GLY A 188 14.86 -30.31 31.97
C GLY A 188 13.88 -30.40 30.82
N GLU A 189 12.82 -29.60 30.85
CA GLU A 189 11.81 -29.68 29.80
C GLU A 189 12.32 -29.14 28.47
N VAL A 190 13.18 -28.11 28.49
CA VAL A 190 13.76 -27.66 27.23
C VAL A 190 14.77 -28.66 26.71
N VAL A 191 15.38 -29.44 27.61
CA VAL A 191 16.29 -30.50 27.18
C VAL A 191 15.53 -31.61 26.45
N ARG A 192 14.38 -32.02 27.00
CA ARG A 192 13.59 -33.01 26.27
C ARG A 192 12.85 -32.39 25.11
N ASP A 193 12.64 -31.07 25.12
CA ASP A 193 12.14 -30.39 23.94
C ASP A 193 13.19 -30.40 22.84
N ASN A 194 14.46 -30.27 23.22
CA ASN A 194 15.53 -30.22 22.24
C ASN A 194 15.80 -31.59 21.64
N THR A 195 15.66 -32.65 22.45
CA THR A 195 15.86 -34.00 21.91
C THR A 195 14.68 -34.43 21.06
N ILE A 196 13.51 -33.83 21.28
CA ILE A 196 12.35 -34.11 20.44
C ILE A 196 12.44 -33.32 19.14
N SER A 197 12.78 -32.04 19.23
CA SER A 197 12.95 -31.21 18.04
C SER A 197 14.17 -31.64 17.23
N ARG A 198 15.18 -32.23 17.89
CA ARG A 198 16.39 -32.79 17.28
C ARG A 198 17.16 -31.74 16.48
N SER A 199 17.65 -30.73 17.20
CA SER A 199 18.45 -29.69 16.58
C SER A 199 19.91 -30.12 16.46
N ASN A 203 24.11 -34.87 21.20
CA ASN A 203 22.96 -34.19 21.80
C ASN A 203 23.38 -33.32 22.98
N VAL A 204 22.41 -32.96 23.80
CA VAL A 204 22.63 -32.12 24.97
C VAL A 204 22.58 -32.99 26.21
N VAL A 205 23.45 -32.68 27.17
CA VAL A 205 23.57 -33.43 28.41
C VAL A 205 23.25 -32.49 29.56
N ALA A 206 22.24 -32.83 30.34
CA ALA A 206 21.82 -32.03 31.49
C ALA A 206 22.07 -32.86 32.74
N ILE A 207 23.25 -32.71 33.31
CA ILE A 207 23.64 -33.47 34.49
C ILE A 207 23.09 -32.78 35.73
N GLY A 208 22.31 -33.53 36.52
CA GLY A 208 21.72 -33.01 37.74
C GLY A 208 22.58 -33.34 38.94
N ILE A 209 22.71 -32.36 39.84
CA ILE A 209 23.51 -32.51 41.06
C ILE A 209 22.57 -32.33 42.24
N ALA A 210 22.26 -33.43 42.93
CA ALA A 210 21.35 -33.40 44.06
C ALA A 210 22.06 -33.91 45.30
N ALA A 211 21.36 -33.78 46.43
CA ALA A 211 22.00 -33.99 47.74
C ALA A 211 22.14 -35.45 48.11
N TRP A 212 21.16 -36.29 47.75
CA TRP A 212 20.84 -37.66 48.14
C TRP A 212 20.23 -37.70 49.55
N GLY A 213 20.30 -36.61 50.31
CA GLY A 213 19.68 -36.56 51.62
C GLY A 213 18.39 -35.76 51.60
N MET A 214 18.16 -35.05 50.51
CA MET A 214 17.00 -34.17 50.39
C MET A 214 15.93 -34.71 49.45
N ILE A 215 16.17 -35.87 48.82
CA ILE A 215 15.19 -36.41 47.87
C ILE A 215 14.04 -37.07 48.61
N SER A 216 12.97 -37.36 47.88
CA SER A 216 11.75 -37.85 48.50
C SER A 216 11.78 -39.36 48.72
N ASN A 217 11.97 -40.12 47.65
CA ASN A 217 11.92 -41.57 47.70
C ASN A 217 13.27 -42.14 47.31
N ARG A 218 13.46 -43.42 47.59
CA ARG A 218 14.74 -44.07 47.31
C ARG A 218 14.51 -45.49 46.81
N GLU A 219 15.24 -45.87 45.76
CA GLU A 219 15.25 -47.23 45.24
C GLU A 219 16.67 -47.56 44.85
N THR A 220 17.25 -48.57 45.50
CA THR A 220 18.66 -48.90 45.34
C THR A 220 18.84 -50.22 44.60
N LEU A 221 19.71 -50.22 43.60
CA LEU A 221 20.10 -51.44 42.91
C LEU A 221 21.52 -51.32 42.35
N LEU A 232 16.88 -50.99 35.74
CA LEU A 232 16.00 -49.84 35.56
C LEU A 232 15.20 -49.57 36.82
N ALA A 233 15.64 -48.59 37.61
CA ALA A 233 14.98 -48.25 38.87
C ALA A 233 13.75 -47.42 38.57
N ARG A 234 12.74 -47.55 39.41
CA ARG A 234 11.52 -46.78 39.25
C ARG A 234 11.45 -45.66 40.26
N TYR A 235 11.04 -44.48 39.81
CA TYR A 235 10.86 -43.32 40.67
C TYR A 235 9.42 -42.86 40.59
N ILE A 236 8.90 -42.39 41.72
CA ILE A 236 7.49 -42.00 41.84
C ILE A 236 7.44 -40.49 42.01
N MET A 237 6.90 -39.80 41.00
CA MET A 237 6.64 -38.37 41.06
C MET A 237 5.21 -38.16 41.57
N ASP A 238 5.05 -38.31 42.89
CA ASP A 238 3.71 -38.53 43.44
C ASP A 238 2.88 -37.25 43.45
N ASP A 239 3.28 -36.26 44.24
CA ASP A 239 2.74 -34.90 44.26
C ASP A 239 3.64 -34.05 45.15
N LEU A 240 3.66 -32.76 44.87
CA LEU A 240 4.61 -31.83 45.48
C LEU A 240 3.90 -30.98 46.54
N LYS A 241 3.77 -31.59 47.71
CA LYS A 241 3.02 -31.03 48.83
C LYS A 241 3.92 -30.14 49.70
N ARG A 242 3.45 -29.88 50.93
CA ARG A 242 4.04 -29.15 52.07
C ARG A 242 5.19 -29.87 52.72
N ASP A 243 5.59 -31.06 52.30
CA ASP A 243 6.76 -31.71 52.88
C ASP A 243 8.01 -31.04 52.33
N PRO A 244 8.94 -30.59 53.18
CA PRO A 244 10.11 -29.85 52.69
C PRO A 244 11.13 -30.69 51.95
N LEU A 245 10.98 -32.02 51.90
CA LEU A 245 11.89 -32.82 51.09
C LEU A 245 11.64 -32.57 49.60
N TYR A 246 12.67 -32.81 48.80
CA TYR A 246 12.68 -32.39 47.40
C TYR A 246 12.31 -33.55 46.48
N CYS A 247 11.66 -33.22 45.36
CA CYS A 247 11.31 -34.20 44.35
C CYS A 247 12.32 -34.15 43.22
N LEU A 248 12.83 -35.31 42.82
CA LEU A 248 13.81 -35.39 41.76
C LEU A 248 13.18 -35.04 40.41
N ASP A 249 14.00 -34.56 39.49
CA ASP A 249 13.49 -34.16 38.18
C ASP A 249 13.62 -35.29 37.18
N ASN A 250 12.65 -35.37 36.26
CA ASN A 250 12.49 -36.51 35.39
C ASN A 250 13.17 -36.37 34.04
N ASN A 251 13.62 -35.17 33.67
CA ASN A 251 14.08 -34.91 32.32
C ASN A 251 15.58 -34.65 32.24
N HIS A 252 16.32 -34.85 33.31
CA HIS A 252 17.77 -34.72 33.29
C HIS A 252 18.38 -36.02 32.80
N THR A 253 19.37 -35.92 31.92
CA THR A 253 19.94 -37.11 31.30
C THR A 253 20.78 -37.91 32.27
N HIS A 254 21.49 -37.22 33.17
CA HIS A 254 22.25 -37.87 34.22
C HIS A 254 21.99 -37.16 35.53
N LEU A 255 22.10 -37.92 36.62
CA LEU A 255 21.84 -37.41 37.95
C LEU A 255 22.89 -37.92 38.91
N LEU A 256 23.52 -37.00 39.64
CA LEU A 256 24.48 -37.34 40.68
C LEU A 256 23.88 -36.96 42.02
N LEU A 257 23.83 -37.92 42.93
CA LEU A 257 23.19 -37.70 44.21
C LEU A 257 24.17 -37.95 45.34
N THR A 267 21.67 -27.80 51.92
CA THR A 267 22.72 -27.51 50.95
C THR A 267 23.88 -28.47 51.07
N THR A 268 23.57 -29.77 51.02
CA THR A 268 24.59 -30.81 51.05
C THR A 268 25.39 -30.86 49.75
N GLU A 269 24.79 -30.40 48.65
CA GLU A 269 25.34 -30.68 47.32
C GLU A 269 26.48 -29.76 46.93
N ALA A 270 26.63 -28.61 47.58
CA ALA A 270 27.52 -27.57 47.06
C ALA A 270 28.97 -27.74 47.50
N LYS A 271 29.51 -28.94 47.39
CA LYS A 271 30.96 -29.07 47.29
C LYS A 271 31.35 -30.03 46.18
N VAL A 272 30.60 -31.12 46.01
CA VAL A 272 30.90 -32.09 44.96
C VAL A 272 30.61 -31.51 43.59
N ARG A 273 29.64 -30.59 43.49
CA ARG A 273 29.48 -29.82 42.27
C ARG A 273 30.66 -28.89 42.07
N THR A 274 30.98 -28.09 43.09
CA THR A 274 31.97 -27.04 42.94
C THR A 274 33.38 -27.59 42.79
N GLN A 275 33.63 -28.79 43.31
CA GLN A 275 34.93 -29.41 43.06
C GLN A 275 35.01 -29.99 41.66
N LEU A 276 33.87 -30.38 41.09
CA LEU A 276 33.88 -30.91 39.72
C LEU A 276 34.13 -29.80 38.72
N GLU A 277 33.52 -28.63 38.92
CA GLU A 277 33.72 -27.50 38.03
C GLU A 277 35.11 -26.92 38.23
N LYS A 278 35.64 -27.04 39.46
CA LYS A 278 37.04 -26.73 39.71
C LYS A 278 37.95 -27.86 39.26
N TYR A 279 37.42 -28.99 38.83
CA TYR A 279 38.31 -29.92 38.15
C TYR A 279 38.34 -29.65 36.65
N ILE A 280 37.16 -29.56 36.03
CA ILE A 280 37.07 -29.57 34.57
C ILE A 280 37.53 -28.23 34.00
N SER A 281 37.55 -27.17 34.80
CA SER A 281 38.13 -25.91 34.36
C SER A 281 39.64 -26.02 34.18
N GLU A 282 40.28 -26.92 34.93
CA GLU A 282 41.71 -27.21 34.81
C GLU A 282 42.02 -28.40 33.93
N ARG A 283 41.03 -29.15 33.47
CA ARG A 283 41.29 -30.29 32.61
C ARG A 283 41.75 -29.82 31.25
N VAL A 284 43.01 -30.10 30.92
CA VAL A 284 43.60 -29.62 29.68
C VAL A 284 43.26 -30.60 28.57
N ILE A 285 42.61 -30.09 27.52
CA ILE A 285 42.21 -30.92 26.38
C ILE A 285 43.29 -30.82 25.31
N PRO A 286 43.62 -31.91 24.62
CA PRO A 286 44.55 -31.81 23.48
C PRO A 286 43.98 -31.05 22.30
N GLU A 287 42.65 -30.93 22.21
CA GLU A 287 42.04 -30.18 21.12
C GLU A 287 42.32 -28.69 21.25
N SER A 288 42.02 -28.13 22.44
CA SER A 288 42.53 -26.84 22.91
C SER A 288 42.09 -25.67 22.02
N ASN A 289 40.79 -25.42 22.00
CA ASN A 289 40.29 -24.24 21.30
C ASN A 289 40.28 -23.01 22.19
N TYR A 290 40.13 -23.21 23.51
CA TYR A 290 40.10 -22.12 24.48
C TYR A 290 41.24 -22.38 25.47
N GLY A 291 42.47 -22.13 25.03
CA GLY A 291 43.69 -22.49 25.74
C GLY A 291 43.75 -23.88 26.37
N GLY A 292 42.99 -24.78 25.74
CA GLY A 292 42.63 -26.04 26.34
C GLY A 292 41.56 -25.45 27.31
N LYS A 293 41.59 -25.79 28.58
CA LYS A 293 40.71 -25.13 29.56
C LYS A 293 39.20 -25.40 29.59
N ILE A 294 38.71 -26.32 28.76
CA ILE A 294 37.28 -26.69 28.76
C ILE A 294 36.36 -25.55 29.24
N PRO A 295 35.95 -24.62 28.36
CA PRO A 295 35.25 -23.38 28.78
C PRO A 295 34.05 -23.52 29.71
N ILE A 296 34.20 -22.97 30.92
CA ILE A 296 33.17 -23.00 31.95
C ILE A 296 32.52 -21.62 31.99
N VAL A 297 31.20 -21.61 32.17
CA VAL A 297 30.50 -20.35 32.43
C VAL A 297 29.45 -20.64 33.49
N CYS A 298 29.20 -19.67 34.36
CA CYS A 298 28.22 -19.83 35.42
C CYS A 298 27.02 -18.94 35.12
N PHE A 299 25.90 -19.57 34.79
CA PHE A 299 24.68 -18.86 34.45
C PHE A 299 23.86 -18.68 35.72
N ALA A 300 23.67 -17.43 36.13
CA ALA A 300 23.06 -17.12 37.40
C ALA A 300 21.87 -16.20 37.23
N GLN A 301 20.78 -16.51 37.93
CA GLN A 301 19.63 -15.62 38.05
C GLN A 301 18.90 -15.99 39.32
N GLY A 302 18.12 -15.04 39.83
CA GLY A 302 17.29 -15.28 40.99
C GLY A 302 18.05 -15.18 42.29
N GLY A 303 17.30 -15.28 43.39
CA GLY A 303 17.83 -15.00 44.70
C GLY A 303 18.05 -16.21 45.58
N GLY A 304 18.41 -15.93 46.83
CA GLY A 304 18.72 -16.99 47.77
C GLY A 304 20.18 -16.97 48.20
N LYS A 305 20.45 -17.51 49.38
CA LYS A 305 21.83 -17.59 49.85
C LYS A 305 22.64 -18.57 49.02
N GLU A 306 21.98 -19.60 48.47
CA GLU A 306 22.72 -20.67 47.81
C GLU A 306 23.24 -20.23 46.44
N THR A 307 22.53 -19.35 45.74
CA THR A 307 23.03 -18.87 44.47
C THR A 307 24.06 -17.76 44.66
N LEU A 308 24.01 -17.06 45.80
CA LEU A 308 25.03 -16.06 46.07
C LEU A 308 26.31 -16.70 46.58
N LYS A 309 26.20 -17.85 47.24
CA LYS A 309 27.38 -18.59 47.65
C LYS A 309 28.08 -19.23 46.46
N SER A 310 27.31 -19.70 45.47
CA SER A 310 27.90 -20.47 44.38
C SER A 310 28.60 -19.58 43.36
N ILE A 311 28.24 -18.30 43.31
CA ILE A 311 28.98 -17.34 42.48
C ILE A 311 30.35 -17.08 43.07
N ASN A 312 30.44 -17.09 44.41
CA ASN A 312 31.72 -16.90 45.10
C ASN A 312 32.66 -18.05 44.81
N VAL A 313 32.19 -19.28 44.96
CA VAL A 313 33.02 -20.46 44.72
C VAL A 313 33.31 -20.59 43.23
N ALA A 314 32.46 -20.00 42.38
CA ALA A 314 32.79 -19.88 40.97
C ALA A 314 33.98 -18.95 40.76
N ILE A 315 33.92 -17.73 41.29
CA ILE A 315 34.96 -16.75 40.98
C ILE A 315 36.23 -16.97 41.82
N LYS A 316 36.12 -17.35 43.09
CA LYS A 316 37.28 -17.21 43.96
C LYS A 316 38.12 -18.46 44.10
N SER A 317 37.58 -19.65 43.85
CA SER A 317 38.38 -20.86 44.04
C SER A 317 39.38 -21.02 42.91
N LYS A 318 38.91 -21.34 41.70
CA LYS A 318 39.61 -20.95 40.49
C LYS A 318 38.73 -19.87 39.86
N ILE A 319 39.07 -19.42 38.66
CA ILE A 319 38.40 -18.27 38.05
C ILE A 319 37.62 -18.54 36.77
N PRO A 320 36.57 -19.38 36.75
CA PRO A 320 35.65 -19.34 35.61
C PRO A 320 34.63 -18.21 35.72
N CYS A 321 34.24 -17.71 34.55
CA CYS A 321 33.41 -16.53 34.43
C CYS A 321 31.97 -16.81 34.85
N VAL A 322 31.21 -15.75 35.07
CA VAL A 322 29.85 -15.80 35.58
C VAL A 322 28.99 -14.87 34.73
N VAL A 323 27.81 -15.33 34.33
CA VAL A 323 26.83 -14.50 33.64
C VAL A 323 25.61 -14.34 34.55
N VAL A 324 25.18 -13.08 34.74
CA VAL A 324 24.01 -12.75 35.54
C VAL A 324 22.97 -12.11 34.63
N GLU A 325 21.76 -11.97 35.15
CA GLU A 325 20.63 -11.49 34.38
C GLU A 325 20.03 -10.24 34.98
N GLY A 326 18.96 -9.76 34.36
CA GLY A 326 18.29 -8.55 34.80
C GLY A 326 16.93 -8.80 35.44
N SER A 327 16.72 -9.97 36.03
CA SER A 327 15.49 -10.28 36.76
C SER A 327 15.80 -11.32 37.82
N GLY A 328 15.42 -11.03 39.07
CA GLY A 328 15.69 -11.89 40.19
C GLY A 328 16.07 -11.08 41.42
N ARG A 329 16.38 -11.75 42.53
CA ARG A 329 16.74 -11.01 43.73
C ARG A 329 18.25 -10.82 43.84
N ILE A 330 19.00 -11.92 43.94
CA ILE A 330 20.46 -11.84 44.00
C ILE A 330 21.04 -11.46 42.64
N ALA A 331 20.35 -11.81 41.55
CA ALA A 331 20.81 -11.47 40.21
C ALA A 331 20.84 -9.97 39.98
N ASP A 332 19.94 -9.22 40.61
CA ASP A 332 19.89 -7.78 40.36
C ASP A 332 20.69 -6.98 41.37
N VAL A 333 21.06 -7.56 42.51
CA VAL A 333 21.93 -6.81 43.43
C VAL A 333 23.37 -6.85 42.93
N ILE A 334 23.70 -7.81 42.07
CA ILE A 334 25.01 -7.82 41.44
C ILE A 334 24.94 -7.12 40.08
N ALA A 335 23.75 -7.05 39.49
CA ALA A 335 23.58 -6.30 38.25
C ALA A 335 23.50 -4.80 38.52
N SER A 336 23.15 -4.39 39.73
CA SER A 336 23.10 -2.97 40.06
C SER A 336 24.48 -2.41 40.35
N LEU A 337 25.43 -3.25 40.75
CA LEU A 337 26.76 -2.80 41.14
C LEU A 337 27.74 -2.75 39.99
N VAL A 338 27.26 -2.88 38.76
CA VAL A 338 28.14 -2.81 37.59
C VAL A 338 27.72 -1.64 36.71
N SER A 346 30.88 -1.25 51.36
CA SER A 346 29.94 -0.19 51.71
C SER A 346 28.60 -0.76 52.19
N SER A 347 27.75 0.10 52.71
CA SER A 347 26.39 -0.31 53.04
C SER A 347 25.41 0.05 51.92
N CYS A 348 25.90 0.71 50.86
CA CYS A 348 25.08 0.92 49.67
C CYS A 348 24.87 -0.38 48.90
N VAL A 349 25.69 -1.39 49.17
CA VAL A 349 25.36 -2.77 48.79
C VAL A 349 24.05 -3.18 49.44
N LYS A 350 23.94 -2.98 50.76
CA LYS A 350 22.74 -3.38 51.49
C LYS A 350 21.55 -2.49 51.16
N GLU A 351 21.81 -1.26 50.68
CA GLU A 351 20.73 -0.39 50.23
C GLU A 351 20.03 -0.96 49.00
N SER A 352 20.81 -1.41 48.03
CA SER A 352 20.22 -2.06 46.86
C SER A 352 19.75 -3.46 47.18
N LEU A 353 20.25 -4.06 48.27
CA LEU A 353 19.89 -5.44 48.58
C LEU A 353 18.47 -5.51 49.13
N LEU A 354 18.03 -4.51 49.88
CA LEU A 354 16.64 -4.49 50.33
C LEU A 354 15.74 -3.84 49.29
N ARG A 355 16.31 -3.33 48.19
CA ARG A 355 15.46 -2.95 47.07
C ARG A 355 14.91 -4.19 46.36
N PHE A 356 15.76 -5.20 46.15
CA PHE A 356 15.37 -6.37 45.37
C PHE A 356 14.96 -7.56 46.23
N LEU A 357 15.42 -7.64 47.47
CA LEU A 357 14.94 -8.70 48.36
C LEU A 357 14.79 -8.18 49.79
N PRO A 358 13.73 -7.41 50.07
CA PRO A 358 13.58 -6.88 51.43
C PRO A 358 13.04 -7.90 52.42
N ARG A 359 12.20 -8.84 51.97
CA ARG A 359 11.64 -9.83 52.88
C ARG A 359 12.58 -10.99 53.15
N THR A 360 13.83 -10.92 52.66
CA THR A 360 14.83 -11.92 53.01
C THR A 360 15.61 -11.50 54.24
N ILE A 361 15.89 -10.20 54.37
CA ILE A 361 16.71 -9.68 55.47
C ILE A 361 16.00 -9.81 56.82
N SER A 362 14.67 -9.86 56.81
CA SER A 362 13.90 -9.96 58.05
C SER A 362 14.03 -11.32 58.73
N ARG A 363 14.64 -12.32 58.08
CA ARG A 363 14.75 -13.65 58.66
C ARG A 363 16.19 -14.01 59.04
N LEU A 364 17.15 -13.79 58.15
CA LEU A 364 18.51 -14.21 58.47
C LEU A 364 19.19 -13.18 59.36
N SER A 365 20.23 -13.64 60.06
CA SER A 365 20.84 -12.88 61.15
C SER A 365 21.65 -11.70 60.62
N GLU A 366 22.00 -10.80 61.54
CA GLU A 366 22.89 -9.69 61.21
C GLU A 366 24.33 -10.15 61.13
N GLU A 367 24.67 -11.26 61.79
CA GLU A 367 25.96 -11.90 61.57
C GLU A 367 25.95 -12.70 60.27
N GLU A 368 24.79 -12.91 59.68
CA GLU A 368 24.68 -13.43 58.33
C GLU A 368 24.40 -12.36 57.29
N THR A 369 23.85 -11.21 57.70
CA THR A 369 23.75 -10.07 56.79
C THR A 369 25.12 -9.47 56.53
N GLU A 370 26.03 -9.56 57.51
CA GLU A 370 27.39 -9.07 57.31
C GLU A 370 28.15 -9.94 56.33
N SER A 371 27.84 -11.24 56.29
CA SER A 371 28.51 -12.13 55.36
C SER A 371 28.03 -11.89 53.93
N TRP A 372 26.77 -11.47 53.77
CA TRP A 372 26.20 -11.25 52.45
C TRP A 372 26.83 -10.03 51.78
N ILE A 373 27.03 -8.95 52.54
CA ILE A 373 27.76 -7.80 52.00
C ILE A 373 29.22 -8.16 51.80
N LYS A 374 29.75 -9.05 52.64
CA LYS A 374 31.09 -9.57 52.42
C LYS A 374 31.15 -10.42 51.15
N TRP A 375 30.11 -11.21 50.89
CA TRP A 375 30.13 -12.12 49.75
C TRP A 375 30.10 -11.36 48.42
N ILE A 376 29.30 -10.31 48.33
CA ILE A 376 29.25 -9.47 47.13
C ILE A 376 30.55 -8.68 46.98
N LYS A 377 31.31 -8.50 48.06
CA LYS A 377 32.60 -7.85 47.93
C LYS A 377 33.64 -8.74 47.23
N GLU A 378 33.49 -10.07 47.29
CA GLU A 378 34.47 -10.89 46.57
C GLU A 378 34.03 -11.22 45.15
N VAL A 379 32.91 -10.66 44.68
CA VAL A 379 32.61 -10.82 43.25
C VAL A 379 32.94 -9.55 42.49
N LEU A 380 32.98 -8.41 43.19
CA LEU A 380 33.40 -7.19 42.53
C LEU A 380 34.90 -6.94 42.62
N GLU A 381 35.65 -7.82 43.29
CA GLU A 381 37.10 -7.77 43.19
C GLU A 381 37.57 -8.20 41.81
N SER A 382 36.80 -9.07 41.14
CA SER A 382 37.07 -9.52 39.80
C SER A 382 35.92 -9.07 38.92
N PRO A 383 35.91 -7.81 38.46
CA PRO A 383 34.78 -7.33 37.65
C PRO A 383 34.82 -7.83 36.21
N HIS A 384 35.93 -8.43 35.78
CA HIS A 384 36.00 -8.95 34.43
C HIS A 384 35.29 -10.29 34.29
N LEU A 385 35.13 -11.05 35.38
CA LEU A 385 34.41 -12.32 35.30
C LEU A 385 32.93 -12.14 35.62
N LEU A 386 32.31 -11.12 35.05
CA LEU A 386 30.89 -10.85 35.26
C LEU A 386 30.33 -10.24 33.99
N THR A 387 29.30 -10.87 33.44
CA THR A 387 28.59 -10.32 32.29
C THR A 387 27.11 -10.28 32.64
N VAL A 388 26.47 -9.16 32.34
CA VAL A 388 25.08 -8.94 32.68
C VAL A 388 24.25 -9.09 31.42
N ILE A 389 23.05 -9.62 31.54
CA ILE A 389 22.09 -9.67 30.45
C ILE A 389 21.03 -8.62 30.83
N LYS A 390 21.24 -7.40 30.35
CA LYS A 390 20.37 -6.29 30.69
C LYS A 390 19.04 -6.43 29.95
N ILE A 391 17.97 -5.94 30.60
CA ILE A 391 16.62 -6.03 30.08
C ILE A 391 16.45 -5.21 28.80
N GLU A 392 17.34 -4.23 28.56
CA GLU A 392 17.31 -3.41 27.35
C GLU A 392 17.51 -4.24 26.08
N GLU A 393 18.25 -5.35 26.15
CA GLU A 393 18.43 -6.24 25.01
C GLU A 393 17.15 -7.06 24.82
N ALA A 394 16.21 -6.47 24.09
CA ALA A 394 14.91 -7.08 23.84
C ALA A 394 14.88 -7.87 22.54
N GLY A 395 15.83 -8.79 22.36
CA GLY A 395 15.87 -9.55 21.13
C GLY A 395 16.66 -10.83 21.30
N ASP A 396 17.00 -11.43 20.16
CA ASP A 396 17.93 -12.54 20.15
C ASP A 396 19.37 -12.00 20.18
N GLU A 397 20.32 -12.93 20.03
CA GLU A 397 21.78 -12.89 20.17
C GLU A 397 22.20 -12.87 21.64
N ILE A 398 21.28 -12.69 22.59
CA ILE A 398 21.64 -12.10 23.88
C ILE A 398 22.26 -13.14 24.82
N VAL A 399 21.87 -14.40 24.68
CA VAL A 399 22.50 -15.43 25.49
C VAL A 399 23.86 -15.79 24.89
N SER A 400 23.94 -15.85 23.57
CA SER A 400 25.22 -16.13 22.92
C SER A 400 26.17 -14.95 23.01
N ASN A 401 25.65 -13.73 23.10
CA ASN A 401 26.52 -12.58 23.31
C ASN A 401 27.13 -12.60 24.70
N ALA A 402 26.33 -12.96 25.71
CA ALA A 402 26.79 -12.87 27.09
C ALA A 402 27.80 -13.95 27.42
N ILE A 403 27.55 -15.18 26.97
CA ILE A 403 28.46 -16.28 27.24
C ILE A 403 29.78 -16.09 26.52
N SER A 404 29.72 -15.64 25.27
CA SER A 404 30.95 -15.44 24.50
C SER A 404 31.76 -14.26 24.99
N PHE A 405 31.08 -13.20 25.45
CA PHE A 405 31.81 -12.08 26.02
C PHE A 405 32.44 -12.46 27.36
N ALA A 406 31.73 -13.29 28.15
CA ALA A 406 32.29 -13.75 29.42
C ALA A 406 33.45 -14.71 29.19
N LEU A 407 33.34 -15.53 28.15
CA LEU A 407 34.46 -16.42 27.82
C LEU A 407 35.61 -15.66 27.19
N TYR A 408 35.35 -14.50 26.60
CA TYR A 408 36.43 -13.74 25.98
C TYR A 408 37.28 -13.03 27.02
N LYS A 409 36.64 -12.44 28.04
CA LYS A 409 37.38 -11.76 29.08
C LYS A 409 38.21 -12.74 29.91
N ALA A 410 37.66 -13.92 30.16
CA ALA A 410 38.42 -14.94 30.90
C ALA A 410 39.55 -15.52 30.05
N PHE A 411 39.50 -15.31 28.73
CA PHE A 411 40.63 -15.59 27.87
C PHE A 411 41.58 -14.38 27.80
N SER A 412 41.01 -13.17 27.78
CA SER A 412 41.83 -11.97 27.60
C SER A 412 42.52 -11.56 28.90
N THR A 413 41.76 -11.48 30.01
CA THR A 413 42.31 -11.00 31.27
C THR A 413 43.20 -12.04 31.96
N ASN A 414 43.27 -13.26 31.41
CA ASN A 414 44.31 -14.20 31.81
C ASN A 414 45.70 -13.64 31.50
N GLU A 415 45.82 -12.87 30.42
CA GLU A 415 47.06 -12.15 30.13
C GLU A 415 48.21 -13.03 29.68
N HIS A 416 47.95 -14.34 29.60
CA HIS A 416 48.93 -15.28 29.14
C HIS A 416 48.47 -15.48 27.73
N ASP A 417 47.47 -14.67 27.37
CA ASP A 417 46.87 -14.79 26.06
C ASP A 417 46.69 -13.44 25.37
N ARG A 418 47.09 -12.34 26.01
CA ARG A 418 46.93 -11.03 25.39
C ARG A 418 47.89 -10.86 24.23
N ASP A 419 49.04 -11.54 24.28
CA ASP A 419 49.93 -11.60 23.13
C ASP A 419 49.39 -12.52 22.04
N ASN A 420 48.48 -13.42 22.39
CA ASN A 420 47.90 -14.36 21.43
C ASN A 420 46.71 -13.70 20.75
N TRP A 421 46.93 -13.21 19.54
CA TRP A 421 45.83 -12.74 18.70
C TRP A 421 45.08 -13.89 18.04
N ASN A 422 45.70 -15.06 17.95
CA ASN A 422 45.14 -16.15 17.16
C ASN A 422 44.16 -16.99 17.98
N GLY A 423 44.44 -17.18 19.27
CA GLY A 423 43.51 -17.89 20.11
C GLY A 423 42.26 -17.08 20.41
N GLN A 424 42.41 -15.76 20.48
CA GLN A 424 41.25 -14.90 20.63
C GLN A 424 40.43 -14.80 19.36
N LEU A 425 41.05 -15.08 18.20
CA LEU A 425 40.29 -15.04 16.96
C LEU A 425 39.40 -16.26 16.82
N LYS A 426 39.96 -17.47 17.03
CA LYS A 426 39.17 -18.68 16.91
C LYS A 426 38.11 -18.79 17.98
N LEU A 427 38.34 -18.17 19.14
CA LEU A 427 37.31 -18.12 20.17
C LEU A 427 36.18 -17.20 19.75
N LEU A 428 36.51 -16.04 19.20
CA LEU A 428 35.48 -15.13 18.74
C LEU A 428 34.91 -15.50 17.39
N LEU A 429 35.43 -16.55 16.75
CA LEU A 429 34.88 -17.04 15.49
C LEU A 429 34.04 -18.30 15.69
N GLU A 430 34.34 -19.11 16.70
CA GLU A 430 33.46 -20.21 17.06
C GLU A 430 32.12 -19.69 17.55
N TRP A 431 32.14 -18.62 18.32
CA TRP A 431 30.95 -17.82 18.56
C TRP A 431 30.84 -16.77 17.46
N ASN A 432 29.70 -16.11 17.38
CA ASN A 432 29.48 -15.21 16.24
C ASN A 432 29.78 -13.76 16.57
N GLN A 433 30.78 -13.51 17.41
CA GLN A 433 31.10 -12.15 17.84
C GLN A 433 31.89 -11.46 16.74
N LEU A 434 31.18 -10.84 15.80
CA LEU A 434 31.83 -10.10 14.74
C LEU A 434 32.40 -8.79 15.24
N ASP A 435 31.62 -8.05 16.04
CA ASP A 435 32.04 -6.71 16.46
C ASP A 435 33.21 -6.77 17.44
N LEU A 436 33.28 -7.81 18.27
CA LEU A 436 34.41 -7.94 19.17
C LEU A 436 35.67 -8.32 18.42
N ALA A 437 35.53 -9.06 17.33
CA ALA A 437 36.69 -9.42 16.53
C ALA A 437 37.18 -8.23 15.71
N SER A 438 36.26 -7.37 15.28
CA SER A 438 36.68 -6.22 14.48
C SER A 438 37.31 -5.15 15.35
N ASP A 439 36.80 -4.96 16.57
CA ASP A 439 37.31 -3.90 17.43
C ASP A 439 38.59 -4.29 18.17
N GLU A 440 38.74 -5.56 18.55
CA GLU A 440 39.81 -5.93 19.47
C GLU A 440 40.87 -6.85 18.87
N ILE A 441 40.67 -7.32 17.65
CA ILE A 441 41.70 -8.13 16.98
C ILE A 441 42.27 -7.45 15.74
N PHE A 442 41.49 -6.66 15.01
CA PHE A 442 41.96 -5.96 13.82
C PHE A 442 41.96 -4.47 14.16
N THR A 443 43.12 -3.98 14.62
CA THR A 443 43.21 -2.65 15.21
C THR A 443 44.39 -1.84 14.66
N ASN A 444 45.36 -2.50 14.01
CA ASN A 444 46.71 -2.06 13.62
C ASN A 444 47.59 -1.79 14.84
N ASP A 445 47.14 -2.22 16.02
CA ASP A 445 48.00 -2.31 17.19
C ASP A 445 48.56 -3.72 17.33
N ARG A 446 47.71 -4.72 17.13
CA ARG A 446 48.17 -6.05 16.79
C ARG A 446 48.65 -6.03 15.34
N ASN A 447 49.72 -6.78 15.07
CA ASN A 447 50.24 -6.88 13.71
C ASN A 447 50.26 -8.34 13.27
N TRP A 448 49.12 -8.78 12.73
CA TRP A 448 49.02 -9.88 11.79
C TRP A 448 49.47 -9.35 10.44
N GLU A 449 49.71 -10.24 9.49
CA GLU A 449 49.95 -9.79 8.12
C GLU A 449 49.25 -10.66 7.09
N SER A 450 48.09 -11.23 7.44
CA SER A 450 47.07 -11.72 6.52
C SER A 450 47.48 -12.93 5.68
N ALA A 451 48.69 -13.46 5.86
CA ALA A 451 49.08 -14.69 5.18
C ALA A 451 48.90 -15.90 6.09
N ASP A 452 48.79 -15.64 7.39
CA ASP A 452 48.54 -16.67 8.39
C ASP A 452 47.06 -16.93 8.60
N LEU A 453 46.20 -16.32 7.79
CA LEU A 453 44.77 -16.29 8.03
C LEU A 453 44.07 -17.37 7.22
N GLN A 454 44.81 -18.41 6.82
CA GLN A 454 44.31 -19.43 5.91
C GLN A 454 43.36 -20.41 6.61
N ASP A 455 43.83 -21.07 7.68
CA ASP A 455 42.99 -22.04 8.36
C ASP A 455 41.90 -21.35 9.20
N VAL A 456 42.09 -20.08 9.52
CA VAL A 456 41.04 -19.32 10.17
C VAL A 456 39.93 -18.99 9.18
N MET A 457 40.28 -18.92 7.89
CA MET A 457 39.26 -18.68 6.87
C MET A 457 38.50 -19.94 6.52
N PHE A 458 39.18 -21.10 6.52
CA PHE A 458 38.53 -22.36 6.19
C PHE A 458 37.46 -22.72 7.21
N THR A 459 37.74 -22.48 8.49
CA THR A 459 36.71 -22.71 9.50
C THR A 459 35.65 -21.61 9.50
N ALA A 460 35.98 -20.44 8.92
CA ALA A 460 34.94 -19.44 8.74
C ALA A 460 33.98 -19.80 7.61
N LEU A 461 34.40 -20.68 6.70
CA LEU A 461 33.54 -21.13 5.62
C LEU A 461 32.66 -22.29 6.06
N VAL A 462 33.26 -23.28 6.70
CA VAL A 462 32.56 -24.54 6.94
C VAL A 462 31.63 -24.45 8.15
N LYS A 463 31.83 -23.49 9.02
CA LYS A 463 30.90 -23.26 10.12
C LYS A 463 29.77 -22.32 9.73
N ASP A 464 29.75 -21.86 8.48
CA ASP A 464 28.84 -20.84 7.95
C ASP A 464 28.87 -19.58 8.81
N ARG A 465 30.02 -18.91 8.79
CA ARG A 465 30.18 -17.60 9.39
C ARG A 465 30.31 -16.57 8.28
N PRO A 466 29.20 -16.04 7.77
CA PRO A 466 29.30 -15.14 6.62
C PRO A 466 29.84 -13.77 6.97
N LYS A 467 29.74 -13.36 8.24
CA LYS A 467 30.28 -12.07 8.63
C LYS A 467 31.79 -12.13 8.82
N PHE A 468 32.34 -13.32 9.01
CA PHE A 468 33.76 -13.45 9.27
C PHE A 468 34.57 -13.71 8.01
N VAL A 469 33.97 -14.36 7.01
CA VAL A 469 34.61 -14.44 5.70
C VAL A 469 34.64 -13.06 5.06
N ARG A 470 33.65 -12.22 5.34
CA ARG A 470 33.69 -10.84 4.88
C ARG A 470 34.73 -10.03 5.64
N LEU A 471 34.92 -10.34 6.92
CA LEU A 471 35.90 -9.63 7.73
C LEU A 471 37.33 -10.01 7.36
N PHE A 472 37.56 -11.25 6.94
CA PHE A 472 38.91 -11.65 6.58
C PHE A 472 39.31 -11.17 5.19
N LEU A 473 38.35 -10.90 4.31
CA LEU A 473 38.67 -10.28 3.03
C LEU A 473 38.85 -8.77 3.18
N GLU A 474 38.11 -8.16 4.10
CA GLU A 474 38.25 -6.72 4.34
C GLU A 474 39.60 -6.39 4.95
N ASN A 475 40.09 -7.25 5.83
CA ASN A 475 41.41 -7.08 6.41
C ASN A 475 42.48 -7.83 5.64
N GLY A 476 42.22 -8.15 4.38
CA GLY A 476 43.23 -8.70 3.51
C GLY A 476 43.24 -10.22 3.49
N LEU A 477 42.81 -10.80 2.38
CA LEU A 477 43.05 -12.21 2.06
C LEU A 477 42.84 -12.39 0.57
N ASN A 478 43.87 -12.84 -0.14
CA ASN A 478 43.70 -13.14 -1.55
C ASN A 478 42.89 -14.43 -1.62
N LEU A 479 41.60 -14.30 -1.94
CA LEU A 479 40.71 -15.46 -1.94
C LEU A 479 41.04 -16.42 -3.08
N ARG A 480 41.64 -15.91 -4.15
CA ARG A 480 42.08 -16.80 -5.22
C ARG A 480 43.33 -17.57 -4.82
N LYS A 481 44.21 -16.94 -4.03
CA LYS A 481 45.40 -17.63 -3.54
C LYS A 481 45.03 -18.70 -2.52
N PHE A 482 44.02 -18.41 -1.69
CA PHE A 482 43.61 -19.35 -0.67
C PHE A 482 42.93 -20.57 -1.27
N LEU A 483 42.16 -20.38 -2.33
CA LEU A 483 41.36 -21.46 -2.92
C LEU A 483 42.22 -22.31 -3.85
N THR A 484 43.05 -23.15 -3.23
CA THR A 484 43.71 -24.17 -4.02
C THR A 484 42.72 -25.30 -4.31
N THR A 485 43.11 -26.18 -5.22
CA THR A 485 42.16 -27.19 -5.69
C THR A 485 41.95 -28.30 -4.68
N GLU A 486 42.88 -28.49 -3.74
CA GLU A 486 42.67 -29.50 -2.71
C GLU A 486 41.87 -28.94 -1.54
N VAL A 487 41.86 -27.61 -1.40
CA VAL A 487 40.93 -26.97 -0.47
C VAL A 487 39.50 -27.13 -0.96
N LEU A 488 39.29 -27.04 -2.28
CA LEU A 488 37.96 -27.19 -2.84
C LEU A 488 37.49 -28.64 -2.76
N ARG A 489 38.40 -29.59 -2.94
CA ARG A 489 38.00 -30.99 -2.79
C ARG A 489 37.90 -31.38 -1.32
N GLU A 490 38.52 -30.59 -0.43
CA GLU A 490 38.25 -30.73 1.00
C GLU A 490 36.88 -30.21 1.36
N LEU A 491 36.29 -29.39 0.50
CA LEU A 491 35.01 -28.73 0.70
C LEU A 491 33.84 -29.49 0.11
N TYR A 492 34.04 -30.15 -1.02
CA TYR A 492 32.99 -30.93 -1.66
C TYR A 492 32.92 -32.36 -1.15
N THR A 493 33.92 -32.82 -0.41
CA THR A 493 33.88 -34.16 0.15
C THR A 493 33.38 -34.15 1.59
N ASN A 494 34.10 -33.44 2.46
CA ASN A 494 33.79 -33.44 3.88
C ASN A 494 32.71 -32.44 4.25
N ASN A 495 32.65 -31.31 3.54
CA ASN A 495 31.80 -30.20 3.94
C ASN A 495 30.59 -30.01 3.02
N PHE A 496 30.43 -30.89 2.04
CA PHE A 496 29.22 -30.90 1.23
C PHE A 496 28.22 -31.85 1.87
N SER A 497 27.02 -31.35 2.13
CA SER A 497 26.03 -32.14 2.84
C SER A 497 25.48 -33.23 1.94
N SER A 498 25.22 -34.41 2.52
CA SER A 498 24.76 -35.53 1.73
C SER A 498 23.31 -35.39 1.30
N LEU A 499 22.54 -34.53 1.96
CA LEU A 499 21.16 -34.30 1.56
C LEU A 499 21.09 -33.46 0.29
N VAL A 500 21.92 -32.42 0.19
CA VAL A 500 21.99 -31.60 -1.02
C VAL A 500 22.55 -32.42 -2.18
N PHE A 501 23.57 -33.23 -1.90
CA PHE A 501 24.13 -34.11 -2.92
C PHE A 501 23.13 -35.17 -3.35
N LYS A 502 22.25 -35.59 -2.44
CA LYS A 502 21.15 -36.47 -2.83
C LYS A 502 20.17 -35.77 -3.75
N ASN A 503 19.90 -34.48 -3.50
CA ASN A 503 19.01 -33.72 -4.36
C ASN A 503 19.65 -33.32 -5.67
N LEU A 504 20.96 -33.45 -5.82
CA LEU A 504 21.60 -33.24 -7.12
C LEU A 504 21.25 -34.39 -8.07
N GLN A 505 21.23 -35.61 -7.56
CA GLN A 505 20.90 -36.76 -8.40
C GLN A 505 19.43 -36.74 -8.80
N ILE A 506 18.56 -36.22 -7.93
CA ILE A 506 17.17 -36.05 -8.31
C ILE A 506 17.02 -34.84 -9.22
N ALA A 507 18.01 -33.95 -9.25
CA ALA A 507 17.99 -32.86 -10.20
C ALA A 507 18.66 -33.23 -11.52
N LYS A 508 19.78 -33.94 -11.47
CA LYS A 508 20.52 -34.24 -12.70
C LYS A 508 19.80 -35.28 -13.55
N ASN A 509 19.20 -36.27 -12.91
CA ASN A 509 18.57 -37.35 -13.66
C ASN A 509 17.14 -37.05 -14.07
N SER A 510 16.46 -36.14 -13.37
CA SER A 510 15.05 -35.91 -13.65
C SER A 510 14.78 -34.60 -14.36
N TYR A 511 15.45 -33.51 -13.97
CA TYR A 511 15.28 -32.23 -14.63
C TYR A 511 16.66 -31.81 -15.12
N ASN A 512 17.06 -32.33 -16.27
CA ASN A 512 18.42 -32.14 -16.73
C ASN A 512 18.53 -30.90 -17.61
N ASP A 513 19.69 -30.27 -17.55
CA ASP A 513 20.01 -29.09 -18.35
C ASP A 513 21.49 -29.13 -18.72
N ALA A 514 21.89 -28.18 -19.56
CA ALA A 514 23.29 -28.08 -19.95
C ALA A 514 24.16 -27.62 -18.78
N LEU A 515 23.60 -26.79 -17.89
CA LEU A 515 24.37 -26.32 -16.74
C LEU A 515 24.50 -27.41 -15.69
N LEU A 516 23.43 -28.18 -15.48
CA LEU A 516 23.47 -29.22 -14.46
C LEU A 516 24.42 -30.35 -14.81
N THR A 517 24.53 -30.68 -16.11
CA THR A 517 25.51 -31.66 -16.53
C THR A 517 26.94 -31.15 -16.34
N PHE A 518 27.13 -29.83 -16.38
CA PHE A 518 28.44 -29.29 -16.08
C PHE A 518 28.73 -29.34 -14.59
N VAL A 519 27.74 -28.97 -13.78
CA VAL A 519 27.96 -28.80 -12.35
C VAL A 519 28.04 -30.14 -11.64
N TRP A 520 27.18 -31.09 -12.03
CA TRP A 520 27.25 -32.45 -11.49
C TRP A 520 28.55 -33.14 -11.88
N LYS A 521 29.09 -32.79 -13.05
CA LYS A 521 30.44 -33.24 -13.38
C LYS A 521 31.48 -32.54 -12.52
N MET A 522 31.27 -31.24 -12.25
CA MET A 522 32.26 -30.47 -11.50
C MET A 522 32.28 -30.89 -10.02
N VAL A 523 31.13 -31.29 -9.49
CA VAL A 523 31.09 -31.83 -8.14
C VAL A 523 31.79 -33.18 -8.09
N GLU A 524 31.60 -34.00 -9.13
CA GLU A 524 32.18 -35.34 -9.15
C GLU A 524 33.69 -35.31 -9.39
N ASP A 525 34.21 -34.26 -10.02
CA ASP A 525 35.66 -34.13 -10.16
C ASP A 525 36.31 -33.86 -8.81
N PHE A 526 35.65 -33.08 -7.96
CA PHE A 526 36.21 -32.75 -6.67
C PHE A 526 36.03 -33.90 -5.68
N ARG A 527 34.94 -34.65 -5.81
CA ARG A 527 34.69 -35.74 -4.89
C ARG A 527 35.52 -36.98 -5.21
N ARG A 528 36.10 -37.07 -6.40
CA ARG A 528 36.88 -38.23 -6.80
C ARG A 528 38.37 -38.07 -6.55
N GLY A 529 38.81 -36.89 -6.13
CA GLY A 529 40.22 -36.65 -5.88
C GLY A 529 40.76 -37.36 -4.65
N ARG A 553 41.13 -22.23 -13.76
CA ARG A 553 40.13 -23.25 -13.48
C ARG A 553 38.88 -22.63 -12.88
N HIS A 554 38.88 -21.30 -12.76
CA HIS A 554 37.88 -20.48 -12.09
C HIS A 554 37.63 -20.97 -10.66
N PRO A 555 38.56 -20.74 -9.73
CA PRO A 555 38.35 -21.27 -8.38
C PRO A 555 37.32 -20.51 -7.58
N LEU A 556 37.12 -19.23 -7.85
CA LEU A 556 36.13 -18.43 -7.13
C LEU A 556 34.70 -18.81 -7.50
N GLN A 557 34.50 -19.48 -8.63
CA GLN A 557 33.17 -19.95 -8.97
C GLN A 557 32.93 -21.39 -8.55
N ALA A 558 33.99 -22.13 -8.21
CA ALA A 558 33.78 -23.43 -7.59
C ALA A 558 33.35 -23.27 -6.14
N LEU A 559 33.90 -22.27 -5.45
CA LEU A 559 33.43 -21.96 -4.11
C LEU A 559 32.03 -21.35 -4.14
N PHE A 560 31.73 -20.57 -5.16
CA PHE A 560 30.43 -19.91 -5.23
C PHE A 560 29.32 -20.89 -5.53
N ILE A 561 29.60 -21.90 -6.36
CA ILE A 561 28.63 -22.95 -6.63
C ILE A 561 28.43 -23.82 -5.40
N TRP A 562 29.50 -24.02 -4.62
CA TRP A 562 29.42 -24.79 -3.38
C TRP A 562 28.51 -24.12 -2.35
N SER A 563 28.57 -22.80 -2.25
CA SER A 563 27.73 -22.10 -1.30
C SER A 563 26.30 -22.01 -1.80
N VAL A 564 26.12 -21.84 -3.11
CA VAL A 564 24.78 -21.70 -3.68
C VAL A 564 24.03 -23.02 -3.63
N LEU A 565 24.72 -24.15 -3.81
CA LEU A 565 24.07 -25.46 -3.79
C LEU A 565 23.52 -25.79 -2.41
N GLN A 566 24.21 -25.38 -1.36
CA GLN A 566 23.80 -25.67 0.00
C GLN A 566 22.84 -24.65 0.58
N ASN A 567 22.33 -23.74 -0.26
CA ASN A 567 21.42 -22.65 0.12
C ASN A 567 22.00 -21.76 1.20
N LYS A 568 23.32 -21.62 1.23
CA LYS A 568 23.98 -20.75 2.18
C LYS A 568 23.78 -19.31 1.72
N LYS A 569 22.74 -18.67 2.25
CA LYS A 569 22.19 -17.47 1.62
C LYS A 569 23.12 -16.28 1.75
N GLU A 570 23.68 -16.07 2.93
CA GLU A 570 24.55 -14.91 3.14
C GLU A 570 26.02 -15.22 2.93
N LEU A 571 26.42 -16.49 2.97
CA LEU A 571 27.80 -16.82 2.63
C LEU A 571 28.04 -16.69 1.14
N SER A 572 27.07 -17.06 0.32
CA SER A 572 27.24 -17.00 -1.12
C SER A 572 27.29 -15.57 -1.64
N LYS A 573 26.62 -14.64 -0.96
CA LYS A 573 26.66 -13.25 -1.36
C LYS A 573 27.95 -12.57 -0.97
N VAL A 574 28.72 -13.18 -0.07
CA VAL A 574 30.07 -12.68 0.19
C VAL A 574 31.01 -13.10 -0.91
N ILE A 575 30.88 -14.34 -1.38
CA ILE A 575 31.75 -14.86 -2.42
C ILE A 575 31.33 -14.36 -3.79
N TRP A 576 30.07 -13.95 -3.94
CA TRP A 576 29.62 -13.40 -5.22
C TRP A 576 30.28 -12.06 -5.51
N GLU A 577 30.54 -11.27 -4.47
CA GLU A 577 31.22 -9.99 -4.64
C GLU A 577 32.71 -10.13 -4.92
N GLN A 578 33.26 -11.34 -4.85
CA GLN A 578 34.64 -11.58 -5.22
C GLN A 578 34.80 -12.17 -6.62
N THR A 579 33.70 -12.61 -7.23
CA THR A 579 33.78 -13.23 -8.54
C THR A 579 34.07 -12.19 -9.62
N ARG A 580 34.58 -12.67 -10.76
CA ARG A 580 34.93 -11.78 -11.85
C ARG A 580 33.74 -11.50 -12.76
N GLY A 581 33.18 -12.55 -13.37
CA GLY A 581 31.94 -12.36 -14.09
C GLY A 581 30.80 -12.53 -13.13
N CYS A 582 30.29 -11.43 -12.60
CA CYS A 582 29.39 -11.50 -11.46
C CYS A 582 27.95 -11.23 -11.81
N THR A 583 27.66 -10.64 -12.97
CA THR A 583 26.28 -10.68 -13.45
C THR A 583 26.00 -11.98 -14.16
N LEU A 584 27.04 -12.76 -14.44
CA LEU A 584 26.87 -14.07 -15.04
C LEU A 584 26.83 -15.14 -13.96
N ALA A 585 27.58 -14.95 -12.88
CA ALA A 585 27.48 -15.85 -11.74
C ALA A 585 26.15 -15.71 -11.02
N ALA A 586 25.55 -14.51 -11.07
CA ALA A 586 24.24 -14.33 -10.46
C ALA A 586 23.16 -15.04 -11.26
N LEU A 587 23.25 -15.00 -12.59
CA LEU A 587 22.29 -15.75 -13.40
C LEU A 587 22.62 -17.24 -13.41
N GLY A 588 23.90 -17.58 -13.29
CA GLY A 588 24.26 -18.99 -13.22
C GLY A 588 23.86 -19.62 -11.91
N ALA A 589 23.82 -18.82 -10.84
CA ALA A 589 23.24 -19.30 -9.59
C ALA A 589 21.72 -19.40 -9.71
N SER A 590 21.10 -18.43 -10.38
CA SER A 590 19.65 -18.44 -10.51
C SER A 590 19.17 -19.57 -11.42
N LYS A 591 19.99 -19.96 -12.38
CA LYS A 591 19.65 -21.12 -13.21
C LYS A 591 19.83 -22.41 -12.42
N LEU A 592 20.91 -22.51 -11.65
CA LEU A 592 21.20 -23.70 -10.87
C LEU A 592 20.20 -23.90 -9.74
N LEU A 593 19.81 -22.82 -9.06
CA LEU A 593 18.91 -22.95 -7.93
C LEU A 593 17.48 -23.25 -8.39
N LYS A 594 17.11 -22.76 -9.56
CA LYS A 594 15.80 -23.10 -10.12
C LYS A 594 15.74 -24.53 -10.60
N SER A 595 16.89 -25.16 -10.85
CA SER A 595 16.89 -26.59 -11.12
C SER A 595 16.74 -27.38 -9.82
N MET A 596 17.33 -26.90 -8.74
CA MET A 596 17.19 -27.59 -7.45
C MET A 596 15.82 -27.33 -6.84
N ALA A 597 15.18 -26.20 -7.18
CA ALA A 597 13.83 -25.94 -6.69
C ALA A 597 12.79 -26.79 -7.39
N LYS A 598 13.14 -27.43 -8.50
CA LYS A 598 12.25 -28.36 -9.16
C LYS A 598 12.14 -29.68 -8.40
N VAL A 599 13.17 -30.02 -7.61
CA VAL A 599 13.21 -31.28 -6.87
C VAL A 599 12.19 -31.24 -5.74
N LYS A 600 11.18 -32.10 -5.82
CA LYS A 600 10.12 -32.16 -4.84
C LYS A 600 10.38 -33.17 -3.73
N ASN A 601 11.64 -33.53 -3.50
CA ASN A 601 11.97 -34.42 -2.39
C ASN A 601 11.79 -33.72 -1.06
N ASP A 602 11.98 -32.39 -1.03
CA ASP A 602 11.81 -31.61 0.19
C ASP A 602 11.31 -30.22 -0.20
N ILE A 603 10.16 -29.84 0.33
CA ILE A 603 9.56 -28.56 -0.04
C ILE A 603 10.29 -27.41 0.63
N ASN A 604 10.85 -27.64 1.81
CA ASN A 604 11.55 -26.58 2.52
C ASN A 604 12.88 -26.26 1.86
N ALA A 605 13.58 -27.27 1.37
CA ALA A 605 14.83 -27.03 0.65
C ALA A 605 14.55 -26.41 -0.71
N ALA A 606 13.53 -26.90 -1.41
CA ALA A 606 13.18 -26.35 -2.71
C ALA A 606 12.52 -24.99 -2.59
N GLY A 607 11.85 -24.72 -1.46
CA GLY A 607 11.23 -23.43 -1.27
C GLY A 607 12.21 -22.33 -0.95
N GLU A 608 13.40 -22.67 -0.46
CA GLU A 608 14.42 -21.67 -0.19
C GLU A 608 15.46 -21.58 -1.29
N SER A 609 15.61 -22.62 -2.11
CA SER A 609 16.40 -22.46 -3.33
C SER A 609 15.62 -21.68 -4.37
N GLU A 610 14.30 -21.69 -4.28
CA GLU A 610 13.50 -20.89 -5.21
C GLU A 610 13.63 -19.40 -4.90
N GLU A 611 13.69 -19.02 -3.62
CA GLU A 611 13.81 -17.62 -3.28
C GLU A 611 15.25 -17.14 -3.39
N LEU A 612 16.22 -18.01 -3.15
CA LEU A 612 17.62 -17.66 -3.38
C LEU A 612 17.89 -17.48 -4.88
N ALA A 613 17.14 -18.18 -5.73
CA ALA A 613 17.21 -17.93 -7.16
C ALA A 613 16.63 -16.58 -7.51
N ASN A 614 15.56 -16.17 -6.83
CA ASN A 614 14.97 -14.87 -7.10
C ASN A 614 15.80 -13.74 -6.51
N GLU A 615 16.61 -14.03 -5.49
CA GLU A 615 17.53 -13.02 -4.99
C GLU A 615 18.71 -12.84 -5.93
N TYR A 616 19.17 -13.91 -6.56
CA TYR A 616 20.27 -13.79 -7.50
C TYR A 616 19.83 -13.34 -8.87
N GLU A 617 18.57 -13.53 -9.22
CA GLU A 617 18.06 -12.89 -10.43
C GLU A 617 17.92 -11.40 -10.24
N THR A 618 17.52 -10.96 -9.03
CA THR A 618 17.41 -9.54 -8.74
C THR A 618 18.77 -8.89 -8.61
N ARG A 619 19.78 -9.64 -8.16
CA ARG A 619 21.14 -9.10 -8.12
C ARG A 619 21.69 -8.93 -9.53
N ALA A 620 21.30 -9.80 -10.45
CA ALA A 620 21.75 -9.66 -11.83
C ALA A 620 21.00 -8.54 -12.55
N VAL A 621 19.77 -8.27 -12.13
CA VAL A 621 19.03 -7.14 -12.69
C VAL A 621 19.67 -5.83 -12.28
N GLU A 622 19.91 -5.67 -10.97
CA GLU A 622 20.39 -4.39 -10.46
C GLU A 622 21.84 -4.14 -10.83
N LEU A 623 22.62 -5.20 -11.03
CA LEU A 623 23.99 -5.01 -11.49
C LEU A 623 24.03 -4.67 -12.97
N PHE A 624 23.20 -5.30 -13.78
CA PHE A 624 23.19 -4.98 -15.20
C PHE A 624 22.53 -3.64 -15.48
N THR A 625 21.55 -3.25 -14.66
CA THR A 625 21.01 -1.90 -14.77
C THR A 625 22.05 -0.86 -14.40
N GLU A 626 22.93 -1.19 -13.44
CA GLU A 626 24.09 -0.36 -13.19
C GLU A 626 25.07 -0.40 -14.36
N CYS A 627 25.22 -1.57 -14.98
CA CYS A 627 26.14 -1.70 -16.09
C CYS A 627 25.61 -1.01 -17.35
N TYR A 628 24.30 -1.12 -17.60
CA TYR A 628 23.75 -0.53 -18.82
C TYR A 628 23.66 0.98 -18.72
N SER A 629 23.50 1.51 -17.51
CA SER A 629 23.38 2.96 -17.34
C SER A 629 24.72 3.67 -17.50
N ASN A 630 25.83 2.95 -17.41
CA ASN A 630 27.13 3.58 -17.55
C ASN A 630 27.65 3.53 -18.98
N ASP A 631 27.57 2.36 -19.63
CA ASP A 631 27.94 2.26 -21.04
C ASP A 631 27.08 1.17 -21.66
N GLU A 632 26.32 1.53 -22.69
CA GLU A 632 25.49 0.54 -23.39
C GLU A 632 26.35 -0.44 -24.17
N ASP A 633 27.38 0.07 -24.85
CA ASP A 633 28.17 -0.77 -25.75
C ASP A 633 29.04 -1.75 -24.97
N LEU A 634 29.38 -1.40 -23.73
CA LEU A 634 30.14 -2.30 -22.89
C LEU A 634 29.25 -3.32 -22.20
N ALA A 635 28.03 -2.92 -21.82
CA ALA A 635 27.11 -3.85 -21.19
C ALA A 635 26.59 -4.89 -22.18
N GLU A 636 26.52 -4.54 -23.46
CA GLU A 636 26.07 -5.50 -24.46
C GLU A 636 27.18 -6.46 -24.86
N GLN A 637 28.45 -6.08 -24.66
CA GLN A 637 29.51 -7.07 -24.73
C GLN A 637 29.49 -7.99 -23.53
N LEU A 638 29.01 -7.48 -22.40
CA LEU A 638 28.94 -8.27 -21.18
C LEU A 638 27.82 -9.30 -21.26
N LEU A 639 26.77 -9.02 -22.05
CA LEU A 639 25.68 -9.97 -22.24
C LEU A 639 26.17 -11.22 -22.98
N THR A 640 26.84 -11.02 -24.10
CA THR A 640 27.25 -12.12 -24.96
C THR A 640 28.65 -12.64 -24.64
N TYR A 641 29.10 -12.48 -23.40
CA TYR A 641 30.42 -12.97 -23.02
C TYR A 641 30.38 -14.48 -22.86
N SER A 642 31.27 -15.18 -23.57
CA SER A 642 31.26 -16.63 -23.64
C SER A 642 32.00 -17.30 -22.50
N CYS A 643 32.31 -16.56 -21.43
CA CYS A 643 32.43 -17.03 -20.06
C CYS A 643 33.61 -17.93 -19.72
N GLU A 644 34.39 -18.36 -20.72
CA GLU A 644 35.50 -19.33 -20.54
C GLU A 644 35.04 -20.59 -19.79
N ALA A 645 33.87 -21.09 -20.19
CA ALA A 645 33.16 -22.21 -19.55
C ALA A 645 32.83 -21.93 -18.08
N TRP A 646 32.00 -20.91 -17.83
CA TRP A 646 31.23 -20.89 -16.60
C TRP A 646 30.29 -22.08 -16.56
N GLY A 647 29.44 -22.19 -17.57
CA GLY A 647 28.73 -23.42 -17.89
C GLY A 647 28.78 -23.58 -19.40
N GLY A 648 29.53 -22.69 -20.04
CA GLY A 648 29.50 -22.57 -21.47
C GLY A 648 28.33 -21.77 -21.99
N SER A 649 28.01 -20.65 -21.34
CA SER A 649 26.83 -19.89 -21.70
C SER A 649 27.10 -18.40 -21.55
N ASN A 650 26.27 -17.60 -22.21
CA ASN A 650 26.22 -16.17 -22.02
C ASN A 650 25.42 -15.85 -20.76
N CYS A 651 25.31 -14.58 -20.42
CA CYS A 651 24.26 -14.17 -19.50
C CYS A 651 22.91 -14.17 -20.18
N LEU A 652 22.89 -14.06 -21.51
CA LEU A 652 21.64 -14.01 -22.25
C LEU A 652 21.04 -15.38 -22.45
N GLU A 653 21.87 -16.38 -22.74
CA GLU A 653 21.39 -17.76 -22.81
C GLU A 653 20.97 -18.24 -21.44
N LEU A 654 21.73 -17.90 -20.41
CA LEU A 654 21.51 -18.48 -19.09
C LEU A 654 20.31 -17.86 -18.41
N ALA A 655 19.85 -16.70 -18.88
CA ALA A 655 18.62 -16.11 -18.38
C ALA A 655 17.39 -16.67 -19.08
N VAL A 656 17.54 -17.23 -20.27
CA VAL A 656 16.37 -17.71 -20.99
C VAL A 656 16.15 -19.21 -20.78
N GLU A 657 17.19 -19.96 -20.38
CA GLU A 657 16.96 -21.32 -19.91
C GLU A 657 16.32 -21.32 -18.54
N ALA A 658 16.73 -20.40 -17.67
CA ALA A 658 16.21 -20.31 -16.32
C ALA A 658 14.82 -19.69 -16.25
N ARG A 659 14.30 -19.20 -17.38
CA ARG A 659 13.09 -18.38 -17.45
C ARG A 659 13.18 -17.19 -16.51
N ASP A 660 14.36 -16.57 -16.47
CA ASP A 660 14.60 -15.41 -15.62
C ASP A 660 13.93 -14.20 -16.26
N GLN A 661 12.64 -14.05 -15.95
CA GLN A 661 11.84 -13.06 -16.64
C GLN A 661 12.18 -11.64 -16.21
N GLN A 662 12.71 -11.46 -15.01
CA GLN A 662 13.03 -10.11 -14.57
C GLN A 662 14.32 -9.61 -15.19
N PHE A 663 15.27 -10.50 -15.48
CA PHE A 663 16.47 -10.09 -16.19
C PHE A 663 16.17 -9.79 -17.64
N ILE A 664 15.20 -10.50 -18.22
CA ILE A 664 14.94 -10.39 -19.64
C ILE A 664 14.03 -9.20 -19.92
N ALA A 665 13.13 -8.86 -18.99
CA ALA A 665 12.22 -7.74 -19.15
C ALA A 665 12.86 -6.39 -18.84
N GLN A 666 14.12 -6.37 -18.55
CA GLN A 666 14.69 -5.08 -18.19
C GLN A 666 15.02 -4.29 -19.45
N PRO A 667 15.02 -2.95 -19.40
CA PRO A 667 15.18 -2.16 -20.63
C PRO A 667 16.54 -2.28 -21.28
N GLY A 668 17.56 -2.76 -20.58
CA GLY A 668 18.85 -2.97 -21.22
C GLY A 668 18.84 -4.18 -22.13
N VAL A 669 18.17 -5.26 -21.71
CA VAL A 669 18.14 -6.47 -22.50
C VAL A 669 17.14 -6.34 -23.65
N GLN A 670 16.01 -5.66 -23.41
CA GLN A 670 15.02 -5.47 -24.46
C GLN A 670 15.50 -4.52 -25.54
N ASN A 671 16.39 -3.59 -25.18
CA ASN A 671 16.98 -2.73 -26.20
C ASN A 671 18.05 -3.46 -26.99
N PHE A 672 18.74 -4.42 -26.36
CA PHE A 672 19.74 -5.20 -27.06
C PHE A 672 19.11 -6.06 -28.14
N LEU A 673 17.92 -6.61 -27.86
CA LEU A 673 17.23 -7.43 -28.84
C LEU A 673 16.70 -6.59 -29.99
N SER A 674 16.20 -5.40 -29.68
CA SER A 674 15.75 -4.50 -30.73
C SER A 674 16.92 -3.97 -31.56
N LYS A 675 18.11 -3.91 -30.96
CA LYS A 675 19.31 -3.68 -31.75
C LYS A 675 19.63 -4.89 -32.61
N GLN A 676 19.38 -6.09 -32.08
CA GLN A 676 19.66 -7.30 -32.84
C GLN A 676 18.67 -7.48 -33.98
N TRP A 677 17.40 -7.16 -33.73
CA TRP A 677 16.37 -7.39 -34.74
C TRP A 677 16.45 -6.37 -35.86
N TYR A 678 16.83 -5.14 -35.54
CA TYR A 678 17.05 -4.17 -36.60
C TYR A 678 18.40 -4.34 -37.26
N GLY A 679 19.30 -5.11 -36.66
CA GLY A 679 20.58 -5.39 -37.29
C GLY A 679 21.48 -4.18 -37.31
N GLU A 680 22.22 -4.02 -38.40
CA GLU A 680 23.05 -2.84 -38.58
C GLU A 680 22.24 -1.62 -39.01
N ILE A 681 21.00 -1.80 -39.45
CA ILE A 681 20.08 -0.69 -39.62
C ILE A 681 19.79 -0.12 -38.24
N SER A 682 19.92 1.19 -38.09
CA SER A 682 19.60 1.80 -36.82
C SER A 682 18.09 1.80 -36.61
N ARG A 683 17.70 1.99 -35.35
CA ARG A 683 16.35 2.38 -35.06
C ARG A 683 16.17 3.86 -35.36
N ASP A 684 14.99 4.37 -35.04
CA ASP A 684 14.55 5.76 -35.27
C ASP A 684 14.57 6.16 -36.75
N THR A 685 14.54 5.22 -37.69
CA THR A 685 14.50 5.64 -39.09
C THR A 685 13.06 5.90 -39.52
N LYS A 686 12.29 4.81 -39.70
CA LYS A 686 10.85 4.62 -39.56
C LYS A 686 10.59 3.19 -40.00
N ASN A 687 9.36 2.70 -39.86
CA ASN A 687 9.06 1.37 -40.37
C ASN A 687 8.90 1.39 -41.88
N TRP A 688 8.11 2.34 -42.39
CA TRP A 688 7.87 2.43 -43.83
C TRP A 688 9.11 2.85 -44.59
N LYS A 689 10.04 3.53 -43.92
CA LYS A 689 11.30 3.92 -44.53
C LYS A 689 12.18 2.72 -44.87
N ILE A 690 12.02 1.61 -44.17
CA ILE A 690 12.77 0.39 -44.45
C ILE A 690 12.05 -0.45 -45.50
N ILE A 691 10.71 -0.45 -45.45
CA ILE A 691 9.90 -1.22 -46.39
C ILE A 691 10.05 -0.68 -47.80
N MET A 692 10.10 0.65 -47.95
CA MET A 692 10.22 1.23 -49.28
C MET A 692 11.63 1.05 -49.85
N CYS A 693 12.61 0.70 -49.02
CA CYS A 693 13.92 0.31 -49.54
C CYS A 693 13.96 -1.15 -49.97
N LEU A 694 12.95 -1.94 -49.61
CA LEU A 694 12.89 -3.30 -50.12
C LEU A 694 12.50 -3.32 -51.58
N PHE A 695 11.44 -2.59 -51.92
CA PHE A 695 10.99 -2.52 -53.31
C PHE A 695 11.89 -1.66 -54.17
N PHE A 696 12.70 -0.79 -53.58
CA PHE A 696 13.54 0.18 -54.29
C PHE A 696 14.98 0.02 -53.81
N PHE A 697 15.76 -0.75 -54.57
CA PHE A 697 17.18 -0.95 -54.28
C PHE A 697 18.04 0.31 -54.19
N PRO A 698 17.98 1.30 -55.11
CA PRO A 698 18.91 2.44 -54.97
C PRO A 698 18.56 3.41 -53.87
N LEU A 699 17.44 3.22 -53.17
CA LEU A 699 17.12 4.08 -52.03
C LEU A 699 17.96 3.73 -50.80
N ILE A 700 18.62 2.58 -50.79
CA ILE A 700 19.54 2.24 -49.72
C ILE A 700 20.81 3.07 -49.82
N GLY A 701 21.37 3.18 -51.03
CA GLY A 701 22.58 3.96 -51.23
C GLY A 701 22.34 5.45 -51.09
N CYS A 702 21.11 5.90 -51.30
CA CYS A 702 20.75 7.27 -51.02
C CYS A 702 20.75 7.54 -49.52
N GLY A 703 20.77 8.81 -49.16
CA GLY A 703 20.73 9.20 -47.76
C GLY A 703 19.35 9.05 -47.16
N PHE A 704 18.92 7.81 -46.95
CA PHE A 704 17.52 7.54 -46.62
C PHE A 704 17.35 6.70 -45.37
N ILE A 705 18.26 5.76 -45.08
CA ILE A 705 18.32 5.07 -43.81
C ILE A 705 19.63 5.45 -43.14
N SER A 706 19.86 4.95 -41.93
CA SER A 706 20.81 5.52 -40.98
C SER A 706 21.74 4.45 -40.41
N PHE A 707 22.41 3.70 -41.29
CA PHE A 707 23.05 2.42 -40.99
C PHE A 707 24.16 2.38 -39.92
N ARG A 708 24.42 3.50 -39.24
CA ARG A 708 25.27 3.64 -38.03
C ARG A 708 26.60 2.88 -37.99
N PHE A 719 28.45 -3.24 -52.10
CA PHE A 719 28.79 -2.21 -51.12
C PHE A 719 28.51 -2.74 -49.71
N LEU A 720 29.06 -2.07 -48.70
CA LEU A 720 28.92 -2.56 -47.34
C LEU A 720 27.60 -2.11 -46.72
N TYR A 721 26.98 -1.07 -47.27
CA TYR A 721 25.66 -0.66 -46.79
C TYR A 721 24.57 -1.63 -47.25
N TYR A 722 24.74 -2.21 -48.45
CA TYR A 722 23.71 -3.08 -48.98
C TYR A 722 23.72 -4.44 -48.30
N VAL A 723 24.89 -4.91 -47.88
CA VAL A 723 24.95 -6.18 -47.19
C VAL A 723 24.52 -6.01 -45.73
N SER A 724 24.68 -4.81 -45.19
CA SER A 724 24.20 -4.54 -43.83
C SER A 724 22.70 -4.36 -43.81
N PHE A 725 22.12 -3.87 -44.90
CA PHE A 725 20.67 -3.80 -45.03
C PHE A 725 20.06 -5.17 -45.13
N PHE A 726 20.49 -5.96 -46.12
CA PHE A 726 19.87 -7.22 -46.46
C PHE A 726 20.32 -8.37 -45.58
N THR A 727 21.01 -8.12 -44.47
CA THR A 727 21.25 -9.15 -43.47
C THR A 727 20.64 -8.81 -42.13
N SER A 728 19.99 -7.67 -42.00
CA SER A 728 19.28 -7.34 -40.78
C SER A 728 18.04 -8.22 -40.66
N PRO A 729 17.70 -8.68 -39.46
CA PRO A 729 16.54 -9.56 -39.31
C PRO A 729 15.20 -8.89 -39.55
N PHE A 730 15.14 -7.55 -39.51
CA PHE A 730 13.90 -6.87 -39.86
C PHE A 730 13.65 -6.97 -41.36
N VAL A 731 14.70 -6.88 -42.16
CA VAL A 731 14.57 -6.90 -43.62
C VAL A 731 14.38 -8.31 -44.13
N VAL A 732 15.13 -9.26 -43.58
CA VAL A 732 15.01 -10.66 -43.94
C VAL A 732 13.61 -11.19 -43.64
N PHE A 733 13.04 -10.78 -42.50
CA PHE A 733 11.67 -11.20 -42.19
C PHE A 733 10.66 -10.53 -43.10
N SER A 734 10.87 -9.25 -43.41
CA SER A 734 9.95 -8.57 -44.31
C SER A 734 10.10 -9.06 -45.74
N TRP A 735 11.30 -9.51 -46.11
CA TRP A 735 11.48 -10.16 -47.41
C TRP A 735 10.83 -11.53 -47.43
N ASN A 736 10.97 -12.28 -46.33
CA ASN A 736 10.44 -13.65 -46.30
C ASN A 736 8.93 -13.67 -46.18
N VAL A 737 8.31 -12.54 -45.84
CA VAL A 737 6.85 -12.46 -45.89
C VAL A 737 6.39 -12.02 -47.27
N ILE A 738 7.11 -11.06 -47.87
CA ILE A 738 6.79 -10.59 -49.21
C ILE A 738 7.00 -11.70 -50.23
N PHE A 739 8.09 -12.46 -50.08
CA PHE A 739 8.33 -13.59 -50.97
C PHE A 739 7.36 -14.73 -50.71
N TYR A 740 6.86 -14.85 -49.49
CA TYR A 740 5.89 -15.90 -49.20
C TYR A 740 4.54 -15.61 -49.84
N ILE A 741 4.19 -14.33 -49.94
CA ILE A 741 2.96 -13.95 -50.63
C ILE A 741 3.12 -14.15 -52.12
N ALA A 742 4.27 -13.77 -52.67
CA ALA A 742 4.55 -14.00 -54.08
C ALA A 742 4.71 -15.49 -54.38
N PHE A 743 5.07 -16.29 -53.38
CA PHE A 743 4.98 -17.74 -53.53
C PHE A 743 3.53 -18.19 -53.58
N LEU A 744 2.66 -17.57 -52.78
CA LEU A 744 1.27 -18.01 -52.74
C LEU A 744 0.50 -17.53 -53.97
N LEU A 745 0.88 -16.40 -54.53
CA LEU A 745 0.25 -15.95 -55.77
C LEU A 745 0.71 -16.80 -56.95
N LEU A 746 1.96 -17.25 -56.93
CA LEU A 746 2.43 -18.18 -57.95
C LEU A 746 1.82 -19.56 -57.75
N PHE A 747 1.61 -19.96 -56.49
CA PHE A 747 0.95 -21.23 -56.23
C PHE A 747 -0.53 -21.16 -56.58
N ALA A 748 -1.12 -19.97 -56.58
CA ALA A 748 -2.50 -19.85 -57.01
C ALA A 748 -2.59 -19.71 -58.53
N TYR A 749 -1.58 -19.13 -59.17
CA TYR A 749 -1.63 -18.98 -60.62
C TYR A 749 -1.38 -20.32 -61.32
N VAL A 750 -0.49 -21.13 -60.76
CA VAL A 750 -0.22 -22.44 -61.34
C VAL A 750 -1.40 -23.37 -61.14
N LEU A 751 -2.01 -23.34 -59.96
CA LEU A 751 -3.09 -24.26 -59.62
C LEU A 751 -4.39 -23.98 -60.37
N LEU A 752 -4.56 -22.78 -60.93
CA LEU A 752 -5.79 -22.44 -61.63
C LEU A 752 -5.59 -22.35 -63.14
N MET A 753 -4.66 -21.54 -63.61
CA MET A 753 -4.50 -21.31 -65.04
C MET A 753 -3.57 -22.31 -65.69
N ASP A 754 -2.45 -22.62 -65.05
CA ASP A 754 -1.52 -23.66 -65.46
C ASP A 754 -2.02 -25.04 -65.01
N PHE A 755 -1.08 -25.98 -64.81
CA PHE A 755 -1.33 -27.34 -64.32
C PHE A 755 -2.14 -28.12 -65.35
N GLN A 756 -1.57 -28.30 -66.55
CA GLN A 756 -2.31 -28.93 -67.64
C GLN A 756 -2.25 -30.46 -67.57
N LYS A 757 -1.07 -31.02 -67.85
CA LYS A 757 -0.79 -32.41 -67.50
C LYS A 757 0.63 -32.64 -67.02
N GLU A 758 1.60 -31.90 -67.53
CA GLU A 758 3.02 -32.08 -67.26
C GLU A 758 3.48 -30.98 -66.33
N PRO A 759 4.59 -31.19 -65.61
CA PRO A 759 5.08 -30.13 -64.71
C PRO A 759 5.68 -28.96 -65.48
N THR A 760 4.80 -28.01 -65.82
CA THR A 760 5.10 -26.74 -66.47
C THR A 760 6.25 -26.00 -65.77
N ALA A 761 6.99 -25.18 -66.52
CA ALA A 761 8.21 -24.56 -65.99
C ALA A 761 7.91 -23.60 -64.85
N LEU A 762 6.70 -23.03 -64.80
CA LEU A 762 6.32 -22.25 -63.64
C LEU A 762 6.05 -23.13 -62.44
N GLU A 763 5.65 -24.38 -62.66
CA GLU A 763 5.42 -25.29 -61.54
C GLU A 763 6.73 -25.92 -61.07
N ILE A 764 7.71 -26.03 -61.96
CA ILE A 764 9.06 -26.47 -61.57
C ILE A 764 9.68 -25.44 -60.65
N ILE A 765 9.35 -24.16 -60.86
CA ILE A 765 9.74 -23.09 -59.93
C ILE A 765 9.12 -23.33 -58.56
N LEU A 766 7.86 -23.75 -58.52
CA LEU A 766 7.22 -24.04 -57.25
C LEU A 766 7.79 -25.29 -56.59
N TYR A 767 8.35 -26.21 -57.39
CA TYR A 767 8.92 -27.42 -56.81
C TYR A 767 10.23 -27.12 -56.10
N VAL A 768 10.96 -26.10 -56.54
CA VAL A 768 12.21 -25.75 -55.86
C VAL A 768 11.94 -24.70 -54.79
N LEU A 769 10.84 -23.94 -54.91
CA LEU A 769 10.52 -22.96 -53.88
C LEU A 769 10.00 -23.62 -52.62
N VAL A 770 9.47 -24.84 -52.72
CA VAL A 770 9.16 -25.56 -51.49
C VAL A 770 10.34 -26.40 -51.05
N PHE A 771 11.29 -26.68 -51.95
CA PHE A 771 12.50 -27.38 -51.55
C PHE A 771 13.39 -26.47 -50.73
N VAL A 772 13.44 -25.18 -51.08
CA VAL A 772 14.17 -24.25 -50.25
C VAL A 772 13.36 -23.92 -48.99
N LEU A 773 12.05 -24.15 -49.03
CA LEU A 773 11.27 -24.16 -47.80
C LEU A 773 11.51 -25.41 -46.98
N LEU A 774 11.92 -26.51 -47.63
CA LEU A 774 12.19 -27.75 -46.92
C LEU A 774 13.57 -27.73 -46.30
N CYS A 775 14.57 -27.29 -47.07
CA CYS A 775 15.94 -27.28 -46.57
C CYS A 775 16.14 -26.21 -45.50
N ASP A 776 15.33 -25.15 -45.53
CA ASP A 776 15.35 -24.17 -44.44
C ASP A 776 14.83 -24.77 -43.15
N GLU A 777 13.98 -25.78 -43.24
CA GLU A 777 13.31 -26.31 -42.08
C GLU A 777 13.93 -27.60 -41.56
N VAL A 778 14.61 -28.38 -42.40
CA VAL A 778 15.46 -29.42 -41.85
C VAL A 778 16.76 -28.81 -41.31
N ARG A 779 17.07 -27.58 -41.73
CA ARG A 779 18.04 -26.77 -41.00
C ARG A 779 17.51 -26.42 -39.61
N GLN A 780 16.20 -26.25 -39.48
CA GLN A 780 15.60 -26.15 -38.16
C GLN A 780 15.32 -27.50 -37.53
N TRP A 781 15.60 -28.59 -38.24
CA TRP A 781 15.79 -29.88 -37.57
C TRP A 781 17.21 -30.05 -37.06
N TYR A 782 18.05 -29.02 -37.21
CA TYR A 782 19.16 -28.76 -36.32
C TYR A 782 18.77 -27.58 -35.43
N MET A 783 19.56 -27.37 -34.38
CA MET A 783 19.14 -26.58 -33.19
C MET A 783 17.80 -27.11 -32.69
N ASN A 784 17.72 -28.43 -32.52
CA ASN A 784 16.43 -29.13 -32.58
C ASN A 784 16.00 -29.70 -31.24
N GLY A 785 16.76 -30.65 -30.69
CA GLY A 785 16.42 -31.37 -29.47
C GLY A 785 15.02 -31.94 -29.31
N SER A 786 14.30 -32.11 -30.43
CA SER A 786 12.83 -32.24 -30.50
C SER A 786 12.10 -31.14 -29.72
N LYS A 787 12.66 -29.93 -29.68
CA LYS A 787 11.92 -28.74 -29.25
C LYS A 787 10.97 -28.30 -30.35
N TYR A 788 11.36 -28.51 -31.60
CA TYR A 788 10.60 -28.00 -32.75
C TYR A 788 9.26 -28.71 -32.88
N PHE A 789 9.17 -29.95 -32.42
CA PHE A 789 7.97 -30.75 -32.62
C PHE A 789 6.91 -30.51 -31.57
N SER A 790 7.20 -29.74 -30.52
CA SER A 790 6.20 -29.32 -29.56
C SER A 790 5.81 -27.85 -29.73
N ASP A 791 5.75 -27.36 -30.97
CA ASP A 791 5.42 -25.98 -31.25
C ASP A 791 4.04 -25.80 -31.86
N LEU A 792 3.39 -26.91 -32.24
CA LEU A 792 1.96 -27.04 -32.51
C LEU A 792 1.49 -26.37 -33.79
N TRP A 793 2.35 -25.57 -34.39
CA TRP A 793 2.15 -24.91 -35.67
C TRP A 793 3.37 -25.06 -36.56
N ASN A 794 4.52 -25.35 -35.97
CA ASN A 794 5.71 -25.66 -36.74
C ASN A 794 5.69 -27.09 -37.24
N VAL A 795 4.89 -27.95 -36.61
CA VAL A 795 4.69 -29.29 -37.15
C VAL A 795 3.72 -29.26 -38.32
N MET A 796 2.96 -28.17 -38.45
CA MET A 796 2.11 -28.02 -39.62
C MET A 796 2.94 -27.78 -40.87
N ASP A 797 4.12 -27.18 -40.71
CA ASP A 797 4.92 -26.78 -41.85
C ASP A 797 5.58 -27.96 -42.53
N THR A 798 6.10 -28.93 -41.74
CA THR A 798 6.55 -30.18 -42.33
C THR A 798 5.39 -30.92 -42.97
N LEU A 799 4.25 -30.99 -42.26
CA LEU A 799 3.10 -31.71 -42.80
C LEU A 799 2.39 -30.91 -43.88
N ALA A 800 2.79 -29.65 -44.09
CA ALA A 800 2.41 -28.98 -45.33
C ALA A 800 3.40 -29.29 -46.44
N ILE A 801 4.67 -29.48 -46.11
CA ILE A 801 5.66 -29.78 -47.14
C ILE A 801 5.65 -31.25 -47.49
N PHE A 802 5.43 -32.13 -46.51
CA PHE A 802 5.29 -33.56 -46.78
C PHE A 802 4.03 -33.84 -47.57
N TYR A 803 2.97 -33.05 -47.32
CA TYR A 803 1.77 -33.16 -48.12
C TYR A 803 1.97 -32.57 -49.51
N PHE A 804 2.92 -31.66 -49.66
CA PHE A 804 3.25 -31.17 -50.99
C PHE A 804 3.98 -32.22 -51.80
N ILE A 805 4.98 -32.86 -51.19
CA ILE A 805 5.80 -33.85 -51.89
C ILE A 805 4.97 -35.10 -52.19
N ALA A 806 4.03 -35.41 -51.30
CA ALA A 806 3.05 -36.47 -51.61
C ALA A 806 2.13 -36.04 -52.75
N GLY A 807 1.91 -34.74 -52.92
CA GLY A 807 1.19 -34.27 -54.08
C GLY A 807 2.00 -34.15 -55.35
N ILE A 808 3.32 -34.32 -55.26
CA ILE A 808 4.17 -34.35 -56.45
C ILE A 808 4.17 -35.74 -57.07
N VAL A 809 4.27 -36.78 -56.24
CA VAL A 809 4.35 -38.15 -56.75
C VAL A 809 3.01 -38.63 -57.27
N PHE A 810 1.92 -37.94 -56.92
CA PHE A 810 0.63 -38.25 -57.50
C PHE A 810 0.41 -37.53 -58.82
N ARG A 811 1.24 -36.54 -59.12
CA ARG A 811 1.20 -35.87 -60.41
C ARG A 811 1.92 -36.68 -61.47
N LEU A 812 3.01 -37.33 -61.10
CA LEU A 812 3.83 -38.10 -62.03
C LEU A 812 3.41 -39.57 -62.03
N HIS A 813 2.13 -39.80 -62.33
CA HIS A 813 1.59 -41.15 -62.35
C HIS A 813 0.76 -41.48 -63.58
N SER A 814 0.41 -40.48 -64.40
CA SER A 814 -0.23 -40.57 -65.72
C SER A 814 -1.66 -41.07 -65.69
N ASP A 815 -2.22 -41.40 -64.53
CA ASP A 815 -3.60 -41.83 -64.43
C ASP A 815 -4.46 -40.62 -64.11
N GLU A 816 -5.61 -40.51 -64.80
CA GLU A 816 -6.47 -39.35 -64.59
C GLU A 816 -7.18 -39.41 -63.25
N SER A 817 -7.30 -40.60 -62.66
CA SER A 817 -7.80 -40.69 -61.29
C SER A 817 -6.73 -40.28 -60.29
N SER A 818 -5.45 -40.40 -60.68
CA SER A 818 -4.37 -40.03 -59.77
C SER A 818 -3.88 -38.61 -60.03
N TRP A 819 -3.92 -38.18 -61.29
CA TRP A 819 -3.54 -36.80 -61.61
C TRP A 819 -4.50 -35.81 -60.99
N TYR A 820 -5.80 -36.11 -61.07
CA TYR A 820 -6.79 -35.24 -60.44
C TYR A 820 -6.67 -35.28 -58.92
N SER A 821 -6.40 -36.47 -58.37
CA SER A 821 -6.15 -36.57 -56.94
C SER A 821 -4.85 -35.89 -56.54
N GLY A 822 -3.91 -35.78 -57.47
CA GLY A 822 -2.72 -35.00 -57.21
C GLY A 822 -3.00 -33.51 -57.16
N ARG A 823 -3.99 -33.05 -57.92
CA ARG A 823 -4.40 -31.66 -57.83
C ARG A 823 -5.14 -31.37 -56.55
N VAL A 824 -6.00 -32.29 -56.10
CA VAL A 824 -6.76 -32.14 -54.86
C VAL A 824 -5.83 -32.04 -53.67
N ILE A 825 -4.74 -32.81 -53.67
CA ILE A 825 -3.75 -32.72 -52.59
C ILE A 825 -3.05 -31.36 -52.63
N PHE A 826 -2.82 -30.82 -53.83
CA PHE A 826 -2.22 -29.49 -53.93
C PHE A 826 -3.19 -28.40 -53.50
N CYS A 827 -4.47 -28.55 -53.82
CA CYS A 827 -5.44 -27.50 -53.46
C CYS A 827 -5.71 -27.49 -51.97
N LEU A 828 -5.70 -28.67 -51.33
CA LEU A 828 -5.81 -28.71 -49.88
C LEU A 828 -4.52 -28.25 -49.22
N ASP A 829 -3.40 -28.33 -49.94
CA ASP A 829 -2.13 -27.83 -49.43
C ASP A 829 -2.03 -26.32 -49.55
N TYR A 830 -2.86 -25.70 -50.39
CA TYR A 830 -2.84 -24.25 -50.51
C TYR A 830 -3.37 -23.59 -49.26
N ILE A 831 -4.25 -24.27 -48.52
CA ILE A 831 -4.81 -23.66 -47.34
C ILE A 831 -3.81 -23.66 -46.19
N VAL A 832 -3.11 -24.78 -45.96
CA VAL A 832 -2.13 -24.82 -44.88
C VAL A 832 -0.90 -23.99 -45.21
N PHE A 833 -0.70 -23.66 -46.48
CA PHE A 833 0.33 -22.66 -46.78
C PHE A 833 -0.19 -21.26 -46.53
N THR A 834 -1.51 -21.07 -46.57
CA THR A 834 -2.07 -19.77 -46.25
C THR A 834 -2.39 -19.67 -44.77
N LEU A 835 -2.72 -20.79 -44.13
CA LEU A 835 -2.88 -20.81 -42.68
C LEU A 835 -1.56 -20.52 -41.97
N ARG A 836 -0.44 -20.84 -42.60
CA ARG A 836 0.83 -20.42 -42.07
C ARG A 836 1.04 -18.93 -42.23
N LEU A 837 0.56 -18.36 -43.33
CA LEU A 837 0.66 -16.91 -43.53
C LEU A 837 -0.26 -16.17 -42.57
N ILE A 838 -1.43 -16.74 -42.30
CA ILE A 838 -2.35 -16.16 -41.33
C ILE A 838 -1.77 -16.28 -39.92
N HIS A 839 -1.06 -17.37 -39.65
CA HIS A 839 -0.40 -17.52 -38.36
C HIS A 839 0.77 -16.56 -38.21
N ILE A 840 1.45 -16.25 -39.31
CA ILE A 840 2.54 -15.28 -39.26
C ILE A 840 1.99 -13.88 -39.03
N PHE A 841 0.85 -13.57 -39.64
CA PHE A 841 0.23 -12.26 -39.45
C PHE A 841 -0.34 -12.11 -38.04
N THR A 842 -0.86 -13.19 -37.47
CA THR A 842 -1.50 -13.06 -36.16
C THR A 842 -0.49 -13.06 -35.02
N VAL A 843 0.75 -13.49 -35.27
CA VAL A 843 1.75 -13.42 -34.22
C VAL A 843 2.51 -12.12 -34.31
N SER A 844 2.78 -11.64 -35.52
CA SER A 844 3.55 -10.41 -35.69
C SER A 844 2.73 -9.18 -35.32
N ARG A 845 1.41 -9.25 -35.50
CA ARG A 845 0.60 -8.15 -34.99
C ARG A 845 0.49 -8.19 -33.48
N ASN A 846 0.22 -9.36 -32.91
CA ASN A 846 0.06 -9.50 -31.48
C ASN A 846 1.38 -9.71 -30.75
N LEU A 847 2.50 -9.43 -31.40
CA LEU A 847 3.76 -9.21 -30.69
C LEU A 847 3.58 -7.92 -29.90
N GLY A 848 3.61 -8.05 -28.58
CA GLY A 848 3.08 -7.05 -27.69
C GLY A 848 2.39 -7.81 -26.60
N PRO A 849 1.67 -7.11 -25.71
CA PRO A 849 1.10 -7.79 -24.52
C PRO A 849 0.05 -8.86 -24.83
N LYS A 850 -0.43 -8.96 -26.06
CA LYS A 850 -1.39 -9.98 -26.45
C LYS A 850 -0.76 -11.31 -26.80
N ILE A 851 0.57 -11.42 -26.80
CA ILE A 851 1.21 -12.69 -27.14
C ILE A 851 1.10 -13.71 -26.00
N ILE A 852 0.72 -13.27 -24.81
CA ILE A 852 0.37 -14.17 -23.72
C ILE A 852 -1.09 -14.60 -23.82
N MET A 853 -1.96 -13.67 -24.22
CA MET A 853 -3.35 -14.01 -24.51
C MET A 853 -3.42 -14.97 -25.69
N LEU A 854 -2.77 -14.62 -26.79
CA LEU A 854 -2.51 -15.57 -27.87
C LEU A 854 -1.59 -16.67 -27.36
N GLN A 855 -1.62 -17.83 -28.02
CA GLN A 855 -0.76 -19.01 -27.85
C GLN A 855 -0.99 -19.75 -26.54
N ARG A 856 -1.78 -19.17 -25.64
CA ARG A 856 -2.43 -19.86 -24.54
C ARG A 856 -3.89 -20.09 -24.83
N MET A 857 -4.55 -19.11 -25.43
CA MET A 857 -5.86 -19.30 -26.04
C MET A 857 -5.78 -20.21 -27.24
N MET A 858 -4.65 -20.24 -27.94
CA MET A 858 -4.54 -21.08 -29.12
C MET A 858 -4.41 -22.55 -28.75
N ILE A 859 -3.82 -22.86 -27.59
CA ILE A 859 -3.81 -24.25 -27.15
C ILE A 859 -5.11 -24.58 -26.44
N ASP A 860 -5.88 -23.57 -26.04
CA ASP A 860 -7.14 -23.82 -25.37
C ASP A 860 -8.24 -24.17 -26.36
N VAL A 861 -8.16 -23.65 -27.58
CA VAL A 861 -9.12 -24.00 -28.61
C VAL A 861 -8.73 -25.34 -29.26
N PHE A 862 -7.45 -25.70 -29.24
CA PHE A 862 -7.05 -27.04 -29.69
C PHE A 862 -7.61 -28.12 -28.76
N PHE A 863 -7.79 -27.79 -27.49
CA PHE A 863 -8.43 -28.74 -26.59
C PHE A 863 -9.93 -28.78 -26.83
N PHE A 864 -10.54 -27.63 -27.12
CA PHE A 864 -11.98 -27.60 -27.35
C PHE A 864 -12.34 -28.25 -28.67
N LEU A 865 -11.52 -28.04 -29.71
CA LEU A 865 -11.76 -28.71 -30.98
C LEU A 865 -11.46 -30.20 -30.88
N PHE A 866 -10.60 -30.60 -29.96
CA PHE A 866 -10.40 -32.02 -29.71
C PHE A 866 -11.63 -32.62 -29.05
N LEU A 867 -12.18 -31.94 -28.04
CA LEU A 867 -13.38 -32.43 -27.37
C LEU A 867 -14.59 -32.32 -28.27
N PHE A 868 -14.58 -31.37 -29.21
CA PHE A 868 -15.65 -31.31 -30.20
C PHE A 868 -15.55 -32.45 -31.19
N ALA A 869 -14.32 -32.87 -31.51
CA ALA A 869 -14.14 -34.00 -32.41
C ALA A 869 -14.46 -35.32 -31.72
N VAL A 870 -14.23 -35.40 -30.42
CA VAL A 870 -14.59 -36.58 -29.65
C VAL A 870 -16.11 -36.71 -29.58
N TRP A 871 -16.81 -35.59 -29.41
CA TRP A 871 -18.27 -35.62 -29.44
C TRP A 871 -18.81 -35.88 -30.84
N MET A 872 -18.10 -35.41 -31.86
CA MET A 872 -18.56 -35.64 -33.23
C MET A 872 -18.37 -37.07 -33.66
N VAL A 873 -17.42 -37.78 -33.04
CA VAL A 873 -17.29 -39.22 -33.26
C VAL A 873 -18.42 -39.96 -32.58
N ALA A 874 -18.75 -39.58 -31.34
CA ALA A 874 -19.82 -40.25 -30.60
C ALA A 874 -21.18 -39.94 -31.18
N PHE A 875 -21.32 -38.77 -31.81
CA PHE A 875 -22.55 -38.48 -32.53
C PHE A 875 -22.67 -39.34 -33.78
N GLY A 876 -21.54 -39.79 -34.32
CA GLY A 876 -21.59 -40.67 -35.48
C GLY A 876 -21.99 -42.09 -35.14
N VAL A 877 -21.61 -42.56 -33.95
CA VAL A 877 -22.04 -43.89 -33.53
C VAL A 877 -23.53 -43.90 -33.24
N ALA A 878 -24.03 -42.82 -32.64
CA ALA A 878 -25.47 -42.70 -32.43
C ALA A 878 -26.22 -42.51 -33.74
N ARG A 879 -25.57 -41.91 -34.73
CA ARG A 879 -26.22 -41.72 -36.03
C ARG A 879 -26.22 -43.02 -36.83
N GLN A 880 -25.05 -43.64 -36.99
CA GLN A 880 -24.95 -44.86 -37.77
C GLN A 880 -25.57 -46.06 -37.06
N GLY A 881 -25.60 -46.05 -35.73
CA GLY A 881 -26.23 -47.15 -35.02
C GLY A 881 -27.74 -47.11 -35.06
N ILE A 882 -28.32 -45.94 -35.28
CA ILE A 882 -29.76 -45.83 -35.47
C ILE A 882 -30.15 -46.25 -36.88
N LEU A 883 -29.36 -45.89 -37.89
CA LEU A 883 -29.65 -46.25 -39.26
C LEU A 883 -29.14 -47.66 -39.55
N ARG A 884 -29.13 -48.04 -40.82
CA ARG A 884 -28.72 -49.38 -41.21
C ARG A 884 -27.20 -49.50 -41.21
N GLU A 891 -14.90 -51.89 -42.09
CA GLU A 891 -14.01 -50.90 -42.69
C GLU A 891 -14.83 -49.82 -43.38
N TRP A 892 -16.10 -50.14 -43.66
CA TRP A 892 -17.03 -49.10 -44.11
C TRP A 892 -17.42 -48.17 -42.97
N ILE A 893 -17.28 -48.63 -41.72
CA ILE A 893 -17.74 -47.85 -40.58
C ILE A 893 -16.83 -46.66 -40.34
N PHE A 894 -15.52 -46.82 -40.55
CA PHE A 894 -14.58 -45.71 -40.38
C PHE A 894 -14.78 -44.64 -41.42
N ARG A 895 -15.25 -45.02 -42.61
CA ARG A 895 -15.58 -44.07 -43.66
C ARG A 895 -16.98 -43.51 -43.51
N SER A 896 -17.68 -43.83 -42.43
CA SER A 896 -19.02 -43.31 -42.21
C SER A 896 -19.27 -42.77 -40.81
N VAL A 897 -18.48 -43.20 -39.81
CA VAL A 897 -18.65 -42.69 -38.46
C VAL A 897 -17.84 -41.42 -38.23
N ILE A 898 -16.85 -41.16 -39.06
CA ILE A 898 -16.03 -39.97 -38.92
C ILE A 898 -16.44 -38.86 -39.87
N TYR A 899 -16.62 -39.16 -41.16
CA TYR A 899 -16.80 -38.13 -42.17
C TYR A 899 -18.21 -37.56 -42.19
N GLU A 900 -19.22 -38.43 -42.28
CA GLU A 900 -20.62 -37.97 -42.36
C GLU A 900 -21.14 -37.13 -41.20
N PRO A 901 -20.67 -37.23 -39.94
CA PRO A 901 -21.11 -36.22 -38.94
C PRO A 901 -20.69 -34.80 -39.27
N TYR A 902 -19.55 -34.60 -39.91
CA TYR A 902 -19.15 -33.27 -40.32
C TYR A 902 -19.93 -32.82 -41.56
N LEU A 903 -20.21 -33.76 -42.47
CA LEU A 903 -20.99 -33.43 -43.65
C LEU A 903 -22.45 -33.19 -43.32
N ALA A 904 -22.96 -33.80 -42.23
CA ALA A 904 -24.33 -33.55 -41.82
C ALA A 904 -24.51 -32.16 -41.23
N MET A 905 -23.42 -31.57 -40.74
CA MET A 905 -23.43 -30.18 -40.30
C MET A 905 -22.83 -29.25 -41.34
N PHE A 906 -22.47 -29.77 -42.50
CA PHE A 906 -22.06 -28.94 -43.63
C PHE A 906 -23.27 -28.53 -44.46
N PHE A 945 -39.98 -43.91 -35.04
CA PHE A 945 -38.82 -43.14 -34.62
C PHE A 945 -38.96 -42.55 -33.19
N PRO A 946 -39.95 -41.65 -32.91
CA PRO A 946 -39.97 -41.12 -31.54
C PRO A 946 -40.76 -42.00 -30.57
N GLU A 947 -40.09 -43.02 -30.00
CA GLU A 947 -40.74 -43.93 -29.05
C GLU A 947 -41.21 -43.18 -27.81
N TRP A 948 -40.25 -42.75 -27.01
CA TRP A 948 -40.37 -41.58 -26.16
C TRP A 948 -39.01 -40.91 -26.05
N ILE A 949 -38.12 -41.18 -27.00
CA ILE A 949 -36.68 -40.96 -26.85
C ILE A 949 -36.30 -39.50 -26.86
N THR A 950 -37.23 -38.59 -27.18
CA THR A 950 -36.89 -37.18 -27.12
C THR A 950 -36.94 -36.66 -25.69
N ILE A 951 -37.50 -37.45 -24.76
CA ILE A 951 -37.41 -37.12 -23.34
C ILE A 951 -35.94 -37.13 -22.86
N PRO A 952 -35.07 -38.03 -23.32
CA PRO A 952 -33.64 -37.74 -23.17
C PRO A 952 -32.90 -37.14 -24.36
N LEU A 953 -33.47 -37.06 -25.58
CA LEU A 953 -32.64 -36.66 -26.73
C LEU A 953 -32.36 -35.16 -26.73
N VAL A 954 -33.29 -34.35 -26.23
CA VAL A 954 -32.93 -32.95 -26.06
C VAL A 954 -32.05 -32.79 -24.84
N CYS A 955 -32.16 -33.69 -23.86
CA CYS A 955 -31.25 -33.66 -22.73
C CYS A 955 -29.87 -34.21 -23.10
N ILE A 956 -29.75 -34.88 -24.25
CA ILE A 956 -28.43 -35.05 -24.85
C ILE A 956 -27.89 -33.70 -25.29
N TYR A 957 -28.69 -32.95 -26.04
CA TYR A 957 -28.25 -31.67 -26.58
C TYR A 957 -28.17 -30.61 -25.49
N MET A 958 -28.93 -30.78 -24.41
CA MET A 958 -28.75 -29.90 -23.26
C MET A 958 -27.53 -30.29 -22.45
N LEU A 959 -26.97 -31.48 -22.70
CA LEU A 959 -25.72 -31.88 -22.06
C LEU A 959 -24.55 -31.86 -23.02
N SER A 960 -24.80 -31.94 -24.32
CA SER A 960 -23.73 -31.77 -25.30
C SER A 960 -23.25 -30.33 -25.34
N THR A 961 -24.14 -29.41 -25.69
CA THR A 961 -24.01 -28.04 -25.24
C THR A 961 -24.09 -28.06 -23.72
N ASN A 962 -23.28 -27.19 -23.07
CA ASN A 962 -22.90 -27.07 -21.66
C ASN A 962 -21.75 -28.01 -21.30
N ILE A 963 -21.21 -28.79 -22.22
CA ILE A 963 -19.88 -29.32 -22.05
C ILE A 963 -18.97 -28.94 -23.21
N LEU A 964 -19.52 -28.61 -24.37
CA LEU A 964 -18.73 -28.00 -25.43
C LEU A 964 -18.82 -26.49 -25.37
N LEU A 965 -19.95 -25.95 -24.92
CA LEU A 965 -20.06 -24.51 -24.73
C LEU A 965 -19.14 -24.04 -23.62
N VAL A 966 -19.06 -24.79 -22.53
CA VAL A 966 -18.23 -24.39 -21.41
C VAL A 966 -16.76 -24.53 -21.76
N ASN A 967 -16.40 -25.58 -22.51
CA ASN A 967 -15.04 -25.72 -23.01
C ASN A 967 -14.68 -24.64 -24.00
N LEU A 968 -15.66 -24.13 -24.74
CA LEU A 968 -15.41 -22.97 -25.59
C LEU A 968 -15.21 -21.72 -24.75
N LEU A 969 -16.02 -21.54 -23.71
CA LEU A 969 -15.90 -20.34 -22.89
C LEU A 969 -14.69 -20.40 -21.97
N VAL A 970 -14.23 -21.61 -21.62
CA VAL A 970 -12.96 -21.73 -20.91
C VAL A 970 -11.81 -21.30 -21.81
N ALA A 971 -11.93 -21.57 -23.11
CA ALA A 971 -10.89 -21.17 -24.06
C ALA A 971 -10.82 -19.66 -24.23
N MET A 972 -11.96 -18.97 -24.15
CA MET A 972 -11.94 -17.52 -24.26
C MET A 972 -11.34 -16.85 -23.04
N PHE A 973 -11.53 -17.46 -21.86
CA PHE A 973 -11.24 -16.78 -20.61
C PHE A 973 -10.10 -17.40 -19.83
N GLY A 974 -9.60 -18.58 -20.23
CA GLY A 974 -8.59 -19.26 -19.46
C GLY A 974 -7.21 -18.63 -19.50
N TYR A 975 -7.01 -17.63 -20.35
CA TYR A 975 -5.75 -16.91 -20.34
C TYR A 975 -5.66 -15.96 -19.15
N THR A 976 -6.80 -15.56 -18.59
CA THR A 976 -6.83 -14.55 -17.53
C THR A 976 -6.27 -15.09 -16.23
N VAL A 977 -6.75 -16.25 -15.80
CA VAL A 977 -6.29 -16.83 -14.54
C VAL A 977 -4.96 -17.54 -14.79
N GLY A 978 -4.01 -17.34 -13.89
CA GLY A 978 -2.71 -17.96 -14.01
C GLY A 978 -1.83 -17.29 -15.07
N ASN A 983 2.75 -8.89 -12.80
CA ASN A 983 3.99 -9.35 -13.44
C ASN A 983 3.86 -9.48 -14.94
N ASN A 984 2.66 -9.19 -15.48
CA ASN A 984 2.36 -9.52 -16.87
C ASN A 984 3.06 -8.63 -17.88
N ASP A 985 3.85 -7.64 -17.45
CA ASP A 985 4.79 -7.02 -18.38
C ASP A 985 6.06 -7.86 -18.47
N GLN A 986 6.48 -8.45 -17.36
CA GLN A 986 7.64 -9.34 -17.39
C GLN A 986 7.29 -10.68 -18.02
N VAL A 987 6.05 -11.13 -17.86
CA VAL A 987 5.63 -12.38 -18.49
C VAL A 987 5.56 -12.21 -19.99
N TRP A 988 5.13 -11.03 -20.45
CA TRP A 988 5.18 -10.74 -21.89
C TRP A 988 6.62 -10.58 -22.38
N LYS A 989 7.40 -9.69 -21.75
CA LYS A 989 8.69 -9.26 -22.31
C LYS A 989 9.69 -10.41 -22.37
N PHE A 990 9.50 -11.45 -21.57
CA PHE A 990 10.25 -12.68 -21.77
C PHE A 990 9.85 -13.39 -23.04
N GLN A 991 8.56 -13.42 -23.38
CA GLN A 991 8.12 -14.15 -24.56
C GLN A 991 8.36 -13.37 -25.84
N ARG A 992 8.26 -12.04 -25.78
CA ARG A 992 8.64 -11.21 -26.92
C ARG A 992 10.12 -11.34 -27.19
N PHE A 993 10.93 -11.43 -26.14
CA PHE A 993 12.34 -11.69 -26.31
C PHE A 993 12.58 -13.10 -26.80
N PHE A 994 11.74 -14.04 -26.39
CA PHE A 994 11.96 -15.44 -26.74
C PHE A 994 11.76 -15.66 -28.23
N LEU A 995 10.65 -15.16 -28.78
CA LEU A 995 10.27 -15.44 -30.16
C LEU A 995 11.16 -14.71 -31.16
N VAL A 996 11.53 -13.46 -30.85
CA VAL A 996 12.37 -12.68 -31.74
C VAL A 996 13.79 -13.24 -31.76
N GLN A 997 14.23 -13.85 -30.65
CA GLN A 997 15.57 -14.43 -30.59
C GLN A 997 15.74 -15.64 -31.50
N GLU A 998 14.69 -16.46 -31.73
CA GLU A 998 14.88 -17.60 -32.62
C GLU A 998 14.98 -17.16 -34.07
N TYR A 999 14.26 -16.12 -34.47
CA TYR A 999 14.35 -15.66 -35.85
C TYR A 999 15.68 -14.96 -36.11
N CYS A 1000 16.19 -14.25 -35.11
CA CYS A 1000 17.53 -13.69 -35.24
C CYS A 1000 18.59 -14.80 -35.25
N SER A 1001 18.25 -15.96 -34.68
CA SER A 1001 19.05 -17.16 -34.83
C SER A 1001 18.73 -17.94 -36.10
N ARG A 1002 17.66 -17.58 -36.81
CA ARG A 1002 17.20 -18.35 -37.97
C ARG A 1002 17.76 -17.79 -39.27
N LEU A 1003 19.09 -17.71 -39.36
CA LEU A 1003 19.85 -17.56 -40.62
C LEU A 1003 19.42 -16.33 -41.41
N THR A 1004 19.79 -15.16 -40.89
CA THR A 1004 19.27 -13.89 -41.41
C THR A 1004 19.83 -13.58 -42.80
N ILE A 1005 19.35 -14.32 -43.79
CA ILE A 1005 19.65 -14.14 -45.21
C ILE A 1005 18.36 -14.35 -45.99
N PRO A 1006 18.21 -13.64 -47.12
CA PRO A 1006 16.98 -13.72 -47.92
C PRO A 1006 16.67 -15.16 -48.33
N PHE A 1007 15.38 -15.49 -48.37
CA PHE A 1007 14.94 -16.86 -48.63
C PHE A 1007 15.33 -17.53 -49.96
N PRO A 1008 15.22 -16.83 -51.10
CA PRO A 1008 15.69 -17.68 -52.21
C PRO A 1008 17.20 -17.86 -52.24
N PHE A 1009 17.94 -17.04 -51.49
CA PHE A 1009 19.39 -17.17 -51.39
C PHE A 1009 19.82 -17.79 -50.06
N VAL A 1010 18.94 -18.59 -49.47
CA VAL A 1010 19.29 -19.37 -48.28
C VAL A 1010 20.11 -20.60 -48.65
N ILE A 1011 19.80 -21.23 -49.79
CA ILE A 1011 20.57 -22.38 -50.28
C ILE A 1011 22.00 -22.00 -50.62
N PHE A 1012 22.24 -20.75 -51.01
CA PHE A 1012 23.61 -20.31 -51.28
C PHE A 1012 24.41 -20.12 -50.00
N ALA A 1013 23.77 -20.19 -48.84
CA ALA A 1013 24.45 -20.25 -47.56
C ALA A 1013 24.35 -21.62 -46.91
N TYR A 1014 23.37 -22.44 -47.30
CA TYR A 1014 23.24 -23.76 -46.72
C TYR A 1014 24.23 -24.76 -47.31
N ILE A 1015 24.36 -24.79 -48.64
CA ILE A 1015 25.30 -25.72 -49.25
C ILE A 1015 26.72 -25.18 -49.16
N PHE A 1016 26.87 -23.86 -48.92
CA PHE A 1016 28.19 -23.30 -48.73
C PHE A 1016 28.73 -23.61 -47.34
N MET A 1017 27.84 -23.91 -46.39
CA MET A 1017 28.29 -24.41 -45.09
C MET A 1017 28.82 -25.83 -45.21
N VAL A 1018 28.24 -26.64 -46.09
CA VAL A 1018 28.71 -28.00 -46.30
C VAL A 1018 29.96 -28.00 -47.18
N ASN A 1044 39.89 -9.93 -21.52
CA ASN A 1044 38.92 -9.85 -20.45
C ASN A 1044 38.92 -8.47 -19.81
N GLU A 1045 38.80 -7.43 -20.64
CA GLU A 1045 38.71 -6.08 -20.11
C GLU A 1045 37.27 -5.70 -19.76
N ILE A 1046 36.28 -6.45 -20.25
CA ILE A 1046 34.91 -6.21 -19.85
C ILE A 1046 34.66 -6.74 -18.45
N LEU A 1047 35.37 -7.81 -18.07
CA LEU A 1047 35.25 -8.32 -16.71
C LEU A 1047 35.90 -7.36 -15.72
N ALA A 1048 36.96 -6.68 -16.14
CA ALA A 1048 37.51 -5.60 -15.34
C ALA A 1048 36.56 -4.42 -15.28
N TRP A 1049 35.83 -4.15 -16.37
CA TRP A 1049 34.85 -3.08 -16.35
C TRP A 1049 33.63 -3.45 -15.53
N GLU A 1050 33.20 -4.71 -15.61
CA GLU A 1050 32.09 -5.16 -14.78
C GLU A 1050 32.45 -5.19 -13.30
N ALA A 1051 33.72 -5.39 -12.98
CA ALA A 1051 34.15 -5.40 -11.59
C ALA A 1051 34.04 -4.02 -10.97
N VAL A 1052 34.28 -2.96 -11.75
CA VAL A 1052 34.17 -1.63 -11.17
C VAL A 1052 32.72 -1.19 -11.15
N MET A 1053 31.85 -1.84 -11.94
CA MET A 1053 30.43 -1.54 -11.86
C MET A 1053 29.79 -2.29 -10.70
N LYS A 1054 30.42 -3.36 -10.25
CA LYS A 1054 29.95 -4.07 -9.06
C LYS A 1054 30.20 -3.23 -7.81
N GLU A 1055 31.37 -2.59 -7.72
CA GLU A 1055 31.70 -1.78 -6.55
C GLU A 1055 30.79 -0.56 -6.44
N ASN A 1056 30.43 0.04 -7.58
CA ASN A 1056 29.47 1.12 -7.55
C ASN A 1056 28.08 0.62 -7.21
N TYR A 1057 27.77 -0.62 -7.55
CA TYR A 1057 26.49 -1.19 -7.20
C TYR A 1057 26.43 -1.58 -5.73
N LEU A 1058 27.53 -2.10 -5.19
CA LEU A 1058 27.55 -2.54 -3.79
C LEU A 1058 27.49 -1.36 -2.84
N VAL A 1059 28.02 -0.20 -3.24
CA VAL A 1059 27.87 1.01 -2.45
C VAL A 1059 26.42 1.48 -2.44
N LYS A 1060 25.75 1.41 -3.60
CA LYS A 1060 24.37 1.86 -3.71
C LYS A 1060 23.39 0.98 -2.96
N ILE A 1061 23.76 -0.24 -2.61
CA ILE A 1061 22.95 -1.02 -1.68
C ILE A 1061 23.06 -0.44 -0.28
N ASN A 1062 24.29 -0.24 0.20
CA ASN A 1062 24.50 0.12 1.59
C ASN A 1062 24.16 1.58 1.88
N THR A 1063 24.33 2.46 0.90
CA THR A 1063 23.94 3.85 1.10
C THR A 1063 22.42 4.01 1.01
N LYS A 1064 21.73 3.01 0.46
CA LYS A 1064 20.27 3.01 0.50
C LYS A 1064 19.76 2.33 1.75
N ALA A 1065 20.61 1.59 2.47
CA ALA A 1065 20.25 1.09 3.78
C ALA A 1065 20.57 2.11 4.86
N ASN A 1066 20.11 3.35 4.64
CA ASN A 1066 20.11 4.41 5.64
C ASN A 1066 18.71 4.67 6.17
N ASP A 1067 17.69 4.23 5.44
CA ASP A 1067 16.35 4.16 6.01
C ASP A 1067 16.26 3.04 7.03
N SER A 1068 17.10 2.02 6.90
CA SER A 1068 17.25 1.04 7.97
C SER A 1068 18.04 1.63 9.14
N SER A 1069 18.98 2.53 8.84
CA SER A 1069 19.71 3.28 9.86
C SER A 1069 19.00 4.57 10.24
N GLU A 1070 17.83 4.85 9.66
CA GLU A 1070 17.02 6.00 10.07
C GLU A 1070 16.48 5.80 11.49
N GLU A 1071 16.33 4.54 11.91
CA GLU A 1071 15.78 4.20 13.21
C GLU A 1071 16.67 4.68 14.35
N MET A 1072 16.16 4.51 15.57
CA MET A 1072 16.84 4.96 16.78
C MET A 1072 17.78 3.89 17.34
N VAL A 1073 18.34 3.04 16.46
CA VAL A 1073 19.27 2.01 16.91
C VAL A 1073 20.57 2.63 17.40
N HIS A 1074 21.28 3.34 16.53
CA HIS A 1074 22.47 4.07 16.94
C HIS A 1074 22.12 5.43 17.53
N ARG A 1075 20.92 5.95 17.25
CA ARG A 1075 20.54 7.28 17.66
C ARG A 1075 20.06 7.35 19.11
N PHE A 1076 19.88 6.21 19.78
CA PHE A 1076 19.26 6.23 21.10
C PHE A 1076 20.22 6.72 22.17
N ARG A 1077 21.35 6.02 22.34
CA ARG A 1077 22.31 6.39 23.37
C ARG A 1077 23.53 7.09 22.80
N GLN A 1078 23.42 7.67 21.60
CA GLN A 1078 24.42 8.62 21.15
C GLN A 1078 24.35 9.91 21.96
N LEU A 1079 23.15 10.30 22.38
CA LEU A 1079 23.00 11.44 23.28
C LEU A 1079 22.95 11.04 24.74
N ASP A 1080 22.69 9.77 25.05
CA ASP A 1080 22.90 9.31 26.41
C ASP A 1080 24.38 9.17 26.70
N ALA A 1081 25.19 8.96 25.66
CA ALA A 1081 26.61 9.19 25.77
C ALA A 1081 26.91 10.65 26.06
N LYS A 1082 26.12 11.58 25.52
CA LYS A 1082 26.39 13.00 25.73
C LYS A 1082 26.00 13.44 27.13
N LEU A 1083 25.04 12.76 27.77
CA LEU A 1083 24.73 13.10 29.16
C LEU A 1083 25.56 12.26 30.12
N SER A 1084 26.14 11.15 29.64
CA SER A 1084 27.14 10.47 30.43
C SER A 1084 28.44 11.27 30.47
N ASP A 1085 28.71 12.06 29.42
CA ASP A 1085 29.75 13.06 29.51
C ASP A 1085 29.39 14.13 30.52
N LEU A 1086 28.09 14.47 30.61
CA LEU A 1086 27.64 15.34 31.70
C LEU A 1086 27.76 14.63 33.04
N LYS A 1087 27.49 13.32 33.06
CA LYS A 1087 27.79 12.51 34.24
C LYS A 1087 29.29 12.46 34.50
N GLY A 1088 30.09 12.44 33.43
CA GLY A 1088 31.55 12.40 33.55
C GLY A 1088 32.17 13.70 34.00
N LEU A 1089 31.47 14.81 33.84
CA LEU A 1089 31.92 16.08 34.39
C LEU A 1089 31.20 16.41 35.69
N LEU A 1090 30.10 15.71 35.99
CA LEU A 1090 29.52 15.75 37.32
C LEU A 1090 30.26 14.83 38.28
N LYS A 1091 31.18 13.99 37.76
CA LYS A 1091 32.22 13.37 38.58
C LYS A 1091 33.03 14.41 39.31
N GLU A 1092 33.31 15.53 38.64
CA GLU A 1092 34.20 16.56 39.13
C GLU A 1092 33.57 17.41 40.23
N ILE A 1093 32.25 17.42 40.34
CA ILE A 1093 31.59 18.41 41.18
C ILE A 1093 31.59 17.95 42.63
N SER A 1094 30.99 16.78 42.90
CA SER A 1094 30.98 16.21 44.25
C SER A 1094 32.33 15.64 44.68
N SER A 1095 33.37 15.77 43.86
CA SER A 1095 34.70 15.34 44.27
C SER A 1095 35.27 16.25 45.35
N LYS A 1096 34.83 17.51 45.41
CA LYS A 1096 35.40 18.46 46.34
C LYS A 1096 34.39 19.26 47.16
N ILE A 1097 33.08 19.07 46.94
CA ILE A 1097 32.13 19.73 47.82
C ILE A 1097 32.07 19.00 49.17
N LYS A 1098 32.17 17.67 49.16
CA LYS A 1098 32.24 16.90 50.40
C LYS A 1098 33.60 17.10 51.07
N ASP B 100 -40.41 10.26 46.62
CA ASP B 100 -40.35 10.51 45.18
C ASP B 100 -40.33 11.98 44.81
N ILE B 101 -39.31 12.37 44.08
CA ILE B 101 -39.24 13.65 43.38
C ILE B 101 -39.45 13.35 41.90
N GLN B 102 -39.99 14.33 41.17
CA GLN B 102 -40.18 14.21 39.74
C GLN B 102 -39.77 15.51 39.07
N PHE B 103 -38.84 15.42 38.13
CA PHE B 103 -38.37 16.60 37.41
C PHE B 103 -39.10 16.78 36.09
N GLY B 110 -36.41 9.08 41.13
CA GLY B 110 -35.68 9.96 42.01
C GLY B 110 -36.30 10.04 43.40
N LYS B 111 -35.44 10.02 44.42
CA LYS B 111 -35.91 10.09 45.80
C LYS B 111 -35.39 11.34 46.50
N TYR B 112 -35.98 11.60 47.67
CA TYR B 112 -35.66 12.77 48.47
C TYR B 112 -35.83 12.42 49.94
N ILE B 113 -34.93 12.93 50.77
CA ILE B 113 -35.09 12.90 52.23
C ILE B 113 -34.59 14.22 52.78
N ARG B 114 -35.43 14.92 53.54
CA ARG B 114 -35.04 16.12 54.25
C ARG B 114 -34.21 15.74 55.47
N LEU B 115 -33.13 16.48 55.71
CA LEU B 115 -32.32 16.24 56.89
C LEU B 115 -31.65 17.54 57.34
N SER B 116 -31.56 17.70 58.66
CA SER B 116 -30.62 18.65 59.25
C SER B 116 -29.28 17.93 59.38
N CYS B 117 -28.27 18.60 59.94
CA CYS B 117 -26.92 18.05 59.88
C CYS B 117 -26.68 16.98 60.94
N ASP B 118 -27.29 17.10 62.10
CA ASP B 118 -27.15 16.11 63.17
C ASP B 118 -28.28 15.10 63.02
N THR B 119 -28.03 14.05 62.24
CA THR B 119 -29.13 13.24 61.72
C THR B 119 -29.52 12.07 62.62
N ASP B 120 -28.63 11.10 62.78
CA ASP B 120 -29.01 9.80 63.36
C ASP B 120 -27.74 9.01 63.66
N SER B 121 -27.94 7.73 63.97
CA SER B 121 -26.86 6.76 64.21
C SER B 121 -26.96 5.69 63.15
N GLU B 122 -26.33 5.94 61.99
CA GLU B 122 -25.96 5.01 60.91
C GLU B 122 -27.10 4.23 60.25
N THR B 123 -28.35 4.44 60.67
CA THR B 123 -29.45 3.78 59.96
C THR B 123 -29.86 4.54 58.71
N LEU B 124 -29.26 5.72 58.47
CA LEU B 124 -29.31 6.36 57.16
C LEU B 124 -28.77 5.44 56.08
N TYR B 125 -27.66 4.76 56.37
CA TYR B 125 -27.18 3.72 55.46
C TYR B 125 -28.13 2.53 55.43
N ASP B 126 -28.72 2.19 56.58
CA ASP B 126 -29.66 1.08 56.61
C ASP B 126 -31.01 1.48 56.01
N LEU B 127 -31.27 2.78 55.90
CA LEU B 127 -32.36 3.24 55.05
C LEU B 127 -32.06 2.93 53.59
N MET B 128 -30.81 3.14 53.17
CA MET B 128 -30.40 2.96 51.79
C MET B 128 -30.31 1.50 51.36
N THR B 129 -30.33 0.54 52.29
CA THR B 129 -30.13 -0.85 51.92
C THR B 129 -31.26 -1.78 52.32
N GLN B 130 -32.16 -1.37 53.20
CA GLN B 130 -33.24 -2.25 53.61
C GLN B 130 -34.56 -1.91 52.91
N HIS B 131 -34.95 -0.64 52.95
CA HIS B 131 -36.11 -0.18 52.19
C HIS B 131 -35.77 0.20 50.76
N TRP B 132 -34.50 0.10 50.38
CA TRP B 132 -33.96 0.74 49.18
C TRP B 132 -33.00 -0.26 48.52
N HIS B 133 -32.09 0.27 47.71
CA HIS B 133 -31.28 -0.48 46.76
C HIS B 133 -30.22 -1.34 47.45
N LEU B 134 -29.36 -1.94 46.63
CA LEU B 134 -28.35 -2.92 47.01
C LEU B 134 -27.14 -2.22 47.62
N LYS B 135 -26.29 -3.01 48.29
CA LYS B 135 -25.06 -2.52 48.91
C LYS B 135 -23.96 -2.33 47.86
N THR B 136 -22.74 -2.09 48.33
CA THR B 136 -21.67 -1.58 47.48
C THR B 136 -20.38 -2.39 47.54
N PRO B 137 -19.85 -2.83 46.39
CA PRO B 137 -18.44 -3.24 46.36
C PRO B 137 -17.47 -2.09 46.14
N ASN B 138 -17.97 -0.86 45.93
CA ASN B 138 -17.12 0.31 45.73
C ASN B 138 -17.96 1.54 46.03
N LEU B 139 -17.29 2.66 46.32
CA LEU B 139 -18.03 3.91 46.59
C LEU B 139 -17.09 5.07 46.26
N VAL B 140 -17.30 5.69 45.12
CA VAL B 140 -16.56 6.87 44.71
C VAL B 140 -17.30 8.09 45.24
N ILE B 141 -16.58 9.13 45.66
CA ILE B 141 -17.19 10.41 46.00
C ILE B 141 -16.55 11.47 45.09
N SER B 142 -17.34 12.44 44.67
CA SER B 142 -16.83 13.50 43.81
C SER B 142 -16.93 14.85 44.52
N VAL B 143 -15.88 15.65 44.36
CA VAL B 143 -15.81 16.96 45.00
C VAL B 143 -15.45 18.02 43.96
N THR B 144 -16.38 18.93 43.70
CA THR B 144 -16.09 20.10 42.88
C THR B 144 -16.70 21.37 43.43
N GLY B 145 -17.58 21.30 44.43
CA GLY B 145 -18.26 22.47 44.95
C GLY B 145 -19.34 22.97 44.00
N GLY B 146 -20.04 24.04 44.39
CA GLY B 146 -21.08 24.60 43.56
C GLY B 146 -20.57 25.53 42.47
N ALA B 147 -19.50 25.14 41.78
CA ALA B 147 -18.92 25.94 40.71
C ALA B 147 -19.83 25.87 39.51
N LYS B 148 -20.44 27.01 39.15
CA LYS B 148 -21.30 27.06 37.98
C LYS B 148 -20.50 26.97 36.69
N ASN B 149 -19.20 27.23 36.75
CA ASN B 149 -18.32 27.12 35.60
C ASN B 149 -17.54 25.83 35.69
N PHE B 150 -17.46 25.10 34.58
CA PHE B 150 -16.67 23.88 34.54
C PHE B 150 -16.14 23.74 33.13
N ALA B 151 -14.81 23.78 32.99
CA ALA B 151 -14.20 23.59 31.68
C ALA B 151 -14.31 22.12 31.29
N LEU B 152 -15.44 21.78 30.65
CA LEU B 152 -15.72 20.41 30.26
C LEU B 152 -14.93 20.10 28.99
N LYS B 153 -13.65 19.80 29.20
CA LYS B 153 -12.79 19.36 28.11
C LYS B 153 -13.21 17.96 27.68
N PRO B 154 -12.89 17.58 26.44
CA PRO B 154 -13.07 16.17 26.06
C PRO B 154 -12.21 15.21 26.85
N ARG B 155 -11.09 15.66 27.40
CA ARG B 155 -10.35 14.84 28.36
C ARG B 155 -11.13 14.64 29.64
N MET B 156 -11.72 15.73 30.17
CA MET B 156 -12.56 15.63 31.36
C MET B 156 -13.84 14.84 31.06
N ARG B 157 -14.28 14.85 29.80
CA ARG B 157 -15.42 14.03 29.42
C ARG B 157 -15.08 12.55 29.47
N LYS B 158 -13.85 12.18 29.13
CA LYS B 158 -13.46 10.78 29.18
C LYS B 158 -13.25 10.31 30.61
N ILE B 159 -12.65 11.16 31.46
CA ILE B 159 -12.31 10.76 32.82
C ILE B 159 -13.58 10.55 33.65
N PHE B 160 -14.59 11.38 33.45
CA PHE B 160 -15.83 11.21 34.18
C PHE B 160 -16.90 10.46 33.41
N SER B 161 -16.56 9.86 32.27
CA SER B 161 -17.43 8.84 31.70
C SER B 161 -16.90 7.44 32.00
N ARG B 162 -15.57 7.31 32.08
CA ARG B 162 -14.98 6.07 32.54
C ARG B 162 -15.30 5.83 34.01
N LEU B 163 -15.42 6.90 34.78
CA LEU B 163 -15.70 6.79 36.21
C LEU B 163 -17.10 6.24 36.45
N ILE B 164 -18.07 6.68 35.66
CA ILE B 164 -19.42 6.13 35.79
C ILE B 164 -19.45 4.72 35.20
N TYR B 165 -18.61 4.46 34.20
CA TYR B 165 -18.52 3.12 33.63
C TYR B 165 -17.88 2.15 34.62
N ILE B 166 -16.88 2.62 35.36
CA ILE B 166 -16.28 1.82 36.42
C ILE B 166 -17.28 1.59 37.54
N ALA B 167 -18.12 2.59 37.82
CA ALA B 167 -19.06 2.51 38.94
C ALA B 167 -20.17 1.51 38.66
N GLN B 168 -20.50 1.28 37.39
CA GLN B 168 -21.44 0.20 37.09
C GLN B 168 -20.74 -1.12 36.85
N SER B 169 -19.46 -1.09 36.44
CA SER B 169 -18.69 -2.31 36.33
C SER B 169 -18.44 -2.95 37.69
N LYS B 170 -18.48 -2.15 38.76
CA LYS B 170 -18.30 -2.65 40.11
C LYS B 170 -19.56 -2.57 40.97
N GLY B 171 -20.51 -1.70 40.64
CA GLY B 171 -21.73 -1.58 41.41
C GLY B 171 -21.64 -0.58 42.53
N ALA B 172 -21.16 0.62 42.21
CA ALA B 172 -20.79 1.61 43.22
C ALA B 172 -21.88 2.65 43.41
N TRP B 173 -21.80 3.35 44.54
CA TRP B 173 -22.49 4.61 44.74
C TRP B 173 -21.55 5.76 44.43
N ILE B 174 -22.12 6.87 44.01
CA ILE B 174 -21.35 8.08 43.71
C ILE B 174 -21.93 9.22 44.53
N PHE B 175 -21.16 9.74 45.47
CA PHE B 175 -21.59 10.84 46.31
C PHE B 175 -21.14 12.15 45.69
N THR B 176 -22.10 12.99 45.32
CA THR B 176 -21.79 14.26 44.71
C THR B 176 -22.72 15.28 45.36
N GLY B 177 -22.38 16.56 45.22
CA GLY B 177 -23.36 17.59 45.50
C GLY B 177 -24.46 17.49 44.47
N GLY B 178 -25.72 17.43 44.90
CA GLY B 178 -26.79 17.16 43.96
C GLY B 178 -27.37 18.38 43.27
N THR B 179 -26.52 19.27 42.78
CA THR B 179 -26.97 20.49 42.14
C THR B 179 -26.63 20.49 40.66
N HIS B 180 -27.27 21.39 39.91
CA HIS B 180 -27.30 21.35 38.45
C HIS B 180 -26.23 22.28 37.86
N TYR B 181 -24.98 22.03 38.22
CA TYR B 181 -23.91 22.96 37.84
C TYR B 181 -22.64 22.23 37.42
N GLY B 182 -22.35 22.27 36.13
CA GLY B 182 -21.01 21.90 35.66
C GLY B 182 -20.75 20.41 35.74
N LEU B 183 -19.84 20.04 36.64
CA LEU B 183 -19.46 18.63 36.78
C LEU B 183 -20.60 17.80 37.35
N MET B 184 -21.16 18.23 38.49
CA MET B 184 -22.25 17.50 39.11
C MET B 184 -23.54 17.53 38.29
N LYS B 185 -23.65 18.44 37.34
CA LYS B 185 -24.66 18.31 36.31
C LYS B 185 -24.24 17.30 35.25
N TYR B 186 -22.96 17.31 34.87
CA TYR B 186 -22.47 16.36 33.86
C TYR B 186 -22.40 14.95 34.43
N ILE B 187 -22.05 14.81 35.70
CA ILE B 187 -22.02 13.51 36.37
C ILE B 187 -23.41 12.87 36.35
N GLY B 188 -24.45 13.69 36.55
CA GLY B 188 -25.80 13.17 36.41
C GLY B 188 -26.13 12.76 34.99
N GLU B 189 -25.62 13.50 34.00
CA GLU B 189 -25.95 13.17 32.61
C GLU B 189 -25.28 11.88 32.15
N VAL B 190 -24.06 11.60 32.63
CA VAL B 190 -23.45 10.32 32.28
C VAL B 190 -24.15 9.17 33.00
N VAL B 191 -24.76 9.44 34.15
CA VAL B 191 -25.53 8.43 34.85
C VAL B 191 -26.79 8.07 34.06
N ARG B 192 -27.50 9.08 33.54
CA ARG B 192 -28.65 8.76 32.71
C ARG B 192 -28.22 8.31 31.31
N ASP B 193 -27.00 8.66 30.88
CA ASP B 193 -26.47 8.06 29.67
C ASP B 193 -26.17 6.58 29.88
N ASN B 194 -25.72 6.22 31.08
CA ASN B 194 -25.38 4.84 31.36
C ASN B 194 -26.63 3.98 31.51
N THR B 195 -27.69 4.54 32.08
CA THR B 195 -28.94 3.78 32.21
C THR B 195 -29.64 3.65 30.87
N ILE B 196 -29.38 4.57 29.96
CA ILE B 196 -29.94 4.47 28.61
C ILE B 196 -29.14 3.48 27.77
N SER B 197 -27.80 3.58 27.83
CA SER B 197 -26.95 2.63 27.11
C SER B 197 -27.03 1.25 27.70
N ARG B 198 -27.34 1.14 29.01
CA ARG B 198 -27.55 -0.12 29.73
C ARG B 198 -26.33 -1.02 29.67
N SER B 199 -25.25 -0.54 30.27
CA SER B 199 -24.01 -1.32 30.33
C SER B 199 -24.05 -2.29 31.52
N ASN B 203 -27.60 -1.47 38.54
CA ASN B 203 -27.26 -0.25 37.82
C ASN B 203 -26.33 0.64 38.65
N VAL B 204 -26.25 1.90 38.28
CA VAL B 204 -25.39 2.88 38.94
C VAL B 204 -26.27 3.78 39.80
N VAL B 205 -25.75 4.14 40.97
CA VAL B 205 -26.46 4.97 41.94
C VAL B 205 -25.66 6.24 42.14
N ALA B 206 -26.27 7.38 41.85
CA ALA B 206 -25.63 8.68 42.01
C ALA B 206 -26.38 9.44 43.10
N ILE B 207 -25.94 9.28 44.34
CA ILE B 207 -26.58 9.92 45.47
C ILE B 207 -26.09 11.34 45.61
N GLY B 208 -27.02 12.30 45.59
CA GLY B 208 -26.70 13.70 45.71
C GLY B 208 -26.81 14.17 47.15
N ILE B 209 -25.85 15.00 47.56
CA ILE B 209 -25.80 15.53 48.92
C ILE B 209 -25.89 17.05 48.82
N ALA B 210 -27.03 17.60 49.20
CA ALA B 210 -27.27 19.03 49.11
C ALA B 210 -27.59 19.59 50.48
N ALA B 211 -27.67 20.91 50.56
CA ALA B 211 -27.72 21.60 51.84
C ALA B 211 -29.10 21.59 52.47
N TRP B 212 -30.17 21.69 51.66
CA TRP B 212 -31.58 21.98 51.91
C TRP B 212 -31.80 23.46 52.25
N GLY B 213 -30.74 24.23 52.50
CA GLY B 213 -30.88 25.64 52.76
C GLY B 213 -30.45 26.45 51.56
N MET B 214 -29.80 25.80 50.60
CA MET B 214 -29.26 26.49 49.43
C MET B 214 -30.05 26.20 48.16
N ILE B 215 -31.09 25.38 48.22
CA ILE B 215 -31.84 25.04 47.02
C ILE B 215 -32.79 26.18 46.66
N SER B 216 -33.34 26.11 45.45
CA SER B 216 -34.15 27.22 44.94
C SER B 216 -35.60 27.13 45.39
N ASN B 217 -36.28 26.03 45.09
CA ASN B 217 -37.69 25.86 45.39
C ASN B 217 -37.87 24.71 46.35
N ARG B 218 -39.06 24.63 46.93
CA ARG B 218 -39.35 23.59 47.92
C ARG B 218 -40.77 23.07 47.75
N GLU B 219 -40.93 21.76 47.80
CA GLU B 219 -42.23 21.10 47.78
C GLU B 219 -42.17 19.94 48.76
N THR B 220 -43.00 19.99 49.80
CA THR B 220 -42.95 19.04 50.91
C THR B 220 -44.16 18.13 50.90
N LEU B 221 -43.92 16.82 51.01
CA LEU B 221 -44.98 15.84 51.19
C LEU B 221 -44.49 14.64 51.96
N LEU B 232 -45.28 11.80 44.43
CA LEU B 232 -44.39 12.31 43.39
C LEU B 232 -44.37 13.84 43.43
N ALA B 233 -43.32 14.40 44.02
CA ALA B 233 -43.18 15.85 44.14
C ALA B 233 -42.69 16.42 42.83
N ARG B 234 -43.10 17.65 42.53
CA ARG B 234 -42.69 18.30 41.30
C ARG B 234 -41.63 19.35 41.60
N TYR B 235 -40.59 19.40 40.77
CA TYR B 235 -39.53 20.39 40.89
C TYR B 235 -39.46 21.19 39.60
N ILE B 236 -39.17 22.48 39.73
CA ILE B 236 -39.17 23.41 38.61
C ILE B 236 -37.72 23.82 38.34
N MET B 237 -37.19 23.40 37.20
CA MET B 237 -35.88 23.83 36.73
C MET B 237 -36.06 25.06 35.85
N ASP B 238 -36.26 26.21 36.51
CA ASP B 238 -36.84 27.36 35.81
C ASP B 238 -35.82 28.03 34.87
N ASP B 239 -34.77 28.63 35.44
CA ASP B 239 -33.60 29.16 34.76
C ASP B 239 -32.56 29.53 35.80
N LEU B 240 -31.30 29.50 35.38
CA LEU B 240 -30.16 29.63 36.30
C LEU B 240 -29.55 31.03 36.16
N LYS B 241 -30.19 31.96 36.86
CA LYS B 241 -29.87 33.38 36.78
C LYS B 241 -28.78 33.75 37.81
N ARG B 242 -28.68 35.05 38.09
CA ARG B 242 -27.84 35.78 39.06
C ARG B 242 -28.24 35.57 40.49
N ASP B 243 -29.27 34.81 40.82
CA ASP B 243 -29.60 34.54 42.21
C ASP B 243 -28.62 33.52 42.75
N PRO B 244 -27.96 33.78 43.88
CA PRO B 244 -26.92 32.86 44.37
C PRO B 244 -27.46 31.55 44.94
N LEU B 245 -28.78 31.37 45.07
CA LEU B 245 -29.31 30.08 45.50
C LEU B 245 -29.10 29.04 44.39
N TYR B 246 -29.06 27.78 44.80
CA TYR B 246 -28.62 26.69 43.93
C TYR B 246 -29.82 25.95 43.34
N CYS B 247 -29.65 25.44 42.12
CA CYS B 247 -30.68 24.65 41.46
C CYS B 247 -30.34 23.17 41.61
N LEU B 248 -31.33 22.38 42.02
CA LEU B 248 -31.13 20.95 42.22
C LEU B 248 -30.94 20.25 40.88
N ASP B 249 -30.24 19.13 40.89
CA ASP B 249 -29.97 18.40 39.65
C ASP B 249 -31.02 17.32 39.43
N ASN B 250 -31.32 17.08 38.16
CA ASN B 250 -32.46 16.27 37.76
C ASN B 250 -32.11 14.81 37.49
N ASN B 251 -30.84 14.46 37.40
CA ASN B 251 -30.45 13.14 36.94
C ASN B 251 -29.80 12.29 38.03
N HIS B 252 -29.83 12.74 39.28
CA HIS B 252 -29.31 11.94 40.38
C HIS B 252 -30.40 11.00 40.86
N THR B 253 -30.03 9.75 41.12
CA THR B 253 -31.02 8.73 41.45
C THR B 253 -31.58 8.95 42.85
N HIS B 254 -30.74 9.40 43.78
CA HIS B 254 -31.19 9.74 45.12
C HIS B 254 -30.60 11.07 45.52
N LEU B 255 -31.31 11.78 46.39
CA LEU B 255 -30.91 13.10 46.83
C LEU B 255 -31.14 13.22 48.33
N LEU B 256 -30.10 13.63 49.05
CA LEU B 256 -30.20 13.89 50.47
C LEU B 256 -30.00 15.39 50.69
N LEU B 257 -30.96 16.01 51.37
CA LEU B 257 -30.93 17.45 51.54
C LEU B 257 -30.94 17.81 53.02
N THR B 267 -21.90 26.22 52.70
CA THR B 267 -21.34 24.89 52.91
C THR B 267 -21.97 24.20 54.11
N THR B 268 -23.29 24.12 54.10
CA THR B 268 -24.03 23.42 55.14
C THR B 268 -23.85 21.91 55.04
N GLU B 269 -23.54 21.40 53.85
CA GLU B 269 -23.65 19.97 53.58
C GLU B 269 -22.46 19.17 54.08
N ALA B 270 -21.32 19.81 54.33
CA ALA B 270 -20.07 19.06 54.51
C ALA B 270 -19.86 18.60 55.95
N LYS B 271 -20.87 18.02 56.57
CA LYS B 271 -20.61 17.12 57.69
C LYS B 271 -21.42 15.84 57.56
N VAL B 272 -22.67 15.93 57.09
CA VAL B 272 -23.52 14.75 56.94
C VAL B 272 -23.00 13.88 55.80
N ARG B 273 -22.38 14.47 54.79
CA ARG B 273 -21.65 13.69 53.80
C ARG B 273 -20.44 13.04 54.43
N THR B 274 -19.61 13.82 55.11
CA THR B 274 -18.33 13.33 55.59
C THR B 274 -18.49 12.34 56.73
N GLN B 275 -19.59 12.44 57.48
CA GLN B 275 -19.84 11.42 58.50
C GLN B 275 -20.35 10.13 57.88
N LEU B 276 -21.02 10.22 56.73
CA LEU B 276 -21.51 9.01 56.07
C LEU B 276 -20.36 8.22 55.46
N GLU B 277 -19.40 8.92 54.86
CA GLU B 277 -18.24 8.27 54.28
C GLU B 277 -17.32 7.77 55.37
N LYS B 278 -17.31 8.46 56.51
CA LYS B 278 -16.65 7.96 57.71
C LYS B 278 -17.49 6.89 58.42
N TYR B 279 -18.72 6.65 57.97
CA TYR B 279 -19.37 5.45 58.48
C TYR B 279 -19.07 4.25 57.60
N ILE B 280 -19.30 4.41 56.29
CA ILE B 280 -19.30 3.26 55.38
C ILE B 280 -17.89 2.74 55.14
N SER B 281 -16.86 3.58 55.40
CA SER B 281 -15.48 3.10 55.34
C SER B 281 -15.20 2.10 56.46
N GLU B 282 -15.91 2.22 57.58
CA GLU B 282 -15.80 1.29 58.71
C GLU B 282 -16.85 0.20 58.71
N ARG B 283 -17.84 0.25 57.81
CA ARG B 283 -18.86 -0.78 57.75
C ARG B 283 -18.26 -2.08 57.25
N VAL B 284 -18.19 -3.08 58.12
CA VAL B 284 -17.56 -4.35 57.78
C VAL B 284 -18.58 -5.23 57.07
N ILE B 285 -18.25 -5.66 55.86
CA ILE B 285 -19.12 -6.50 55.06
C ILE B 285 -18.72 -7.96 55.28
N PRO B 286 -19.69 -8.88 55.38
CA PRO B 286 -19.33 -10.31 55.45
C PRO B 286 -18.72 -10.84 54.16
N GLU B 287 -18.95 -10.17 53.03
CA GLU B 287 -18.37 -10.61 51.76
C GLU B 287 -16.87 -10.41 51.76
N SER B 288 -16.42 -9.19 52.08
CA SER B 288 -15.04 -8.87 52.49
C SER B 288 -14.02 -9.16 51.39
N ASN B 289 -14.13 -8.42 50.29
CA ASN B 289 -13.10 -8.53 49.25
C ASN B 289 -11.94 -7.59 49.50
N TYR B 290 -12.19 -6.47 50.17
CA TYR B 290 -11.15 -5.48 50.48
C TYR B 290 -11.13 -5.33 52.00
N GLY B 291 -10.54 -6.33 52.68
CA GLY B 291 -10.60 -6.48 54.13
C GLY B 291 -11.93 -6.21 54.81
N GLY B 292 -12.99 -6.47 54.04
CA GLY B 292 -14.31 -5.96 54.35
C GLY B 292 -14.03 -4.50 53.95
N LYS B 293 -14.38 -3.52 54.77
CA LYS B 293 -13.98 -2.13 54.49
C LYS B 293 -14.65 -1.32 53.37
N ILE B 294 -15.64 -1.89 52.69
CA ILE B 294 -16.37 -1.15 51.63
C ILE B 294 -15.53 -0.08 50.95
N PRO B 295 -14.71 -0.43 49.92
CA PRO B 295 -13.71 0.51 49.35
C PRO B 295 -14.17 1.91 48.95
N ILE B 296 -13.63 2.90 49.65
CA ILE B 296 -13.94 4.31 49.42
C ILE B 296 -12.79 4.92 48.66
N VAL B 297 -13.11 5.79 47.71
CA VAL B 297 -12.10 6.59 47.04
C VAL B 297 -12.66 8.00 46.86
N CYS B 298 -11.81 9.01 46.97
CA CYS B 298 -12.23 10.39 46.83
C CYS B 298 -11.69 10.93 45.52
N PHE B 299 -12.59 11.18 44.57
CA PHE B 299 -12.22 11.69 43.27
C PHE B 299 -12.27 13.21 43.29
N ALA B 300 -11.12 13.85 43.13
CA ALA B 300 -11.01 15.28 43.30
C ALA B 300 -10.42 15.94 42.06
N GLN B 301 -11.03 17.05 41.66
CA GLN B 301 -10.47 17.93 40.63
C GLN B 301 -11.03 19.32 40.85
N GLY B 302 -10.33 20.32 40.33
CA GLY B 302 -10.81 21.68 40.39
C GLY B 302 -10.53 22.35 41.72
N GLY B 303 -10.83 23.64 41.77
CA GLY B 303 -10.44 24.49 42.88
C GLY B 303 -11.57 24.88 43.81
N GLY B 304 -11.24 25.76 44.75
CA GLY B 304 -12.19 26.18 45.75
C GLY B 304 -11.79 25.74 47.14
N LYS B 305 -12.26 26.46 48.16
CA LYS B 305 -11.99 26.09 49.54
C LYS B 305 -12.71 24.80 49.91
N GLU B 306 -13.85 24.54 49.28
CA GLU B 306 -14.68 23.43 49.72
C GLU B 306 -14.10 22.09 49.26
N THR B 307 -13.42 22.06 48.11
CA THR B 307 -12.81 20.82 47.67
C THR B 307 -11.48 20.58 48.37
N LEU B 308 -10.83 21.66 48.84
CA LEU B 308 -9.60 21.48 49.60
C LEU B 308 -9.89 21.09 51.05
N LYS B 309 -11.04 21.51 51.57
CA LYS B 309 -11.46 21.08 52.89
C LYS B 309 -11.87 19.61 52.90
N SER B 310 -12.51 19.15 51.82
CA SER B 310 -13.08 17.81 51.83
C SER B 310 -12.02 16.73 51.62
N ILE B 311 -10.88 17.10 51.04
CA ILE B 311 -9.76 16.16 50.94
C ILE B 311 -9.15 15.94 52.33
N ASN B 312 -9.15 16.99 53.16
CA ASN B 312 -8.66 16.88 54.53
C ASN B 312 -9.50 15.95 55.36
N VAL B 313 -10.82 16.13 55.31
CA VAL B 313 -11.73 15.28 56.08
C VAL B 313 -11.76 13.88 55.49
N ALA B 314 -11.40 13.74 54.20
CA ALA B 314 -11.18 12.43 53.63
C ALA B 314 -9.96 11.75 54.27
N ILE B 315 -8.81 12.41 54.27
CA ILE B 315 -7.59 11.76 54.72
C ILE B 315 -7.48 11.71 56.25
N LYS B 316 -7.90 12.75 56.97
CA LYS B 316 -7.46 12.85 58.35
C LYS B 316 -8.46 12.30 59.37
N SER B 317 -9.75 12.20 59.04
CA SER B 317 -10.71 11.73 60.03
C SER B 317 -10.58 10.21 60.21
N LYS B 318 -11.00 9.44 59.22
CA LYS B 318 -10.42 8.13 59.00
C LYS B 318 -9.59 8.26 57.72
N ILE B 319 -9.05 7.16 57.20
CA ILE B 319 -8.10 7.22 56.10
C ILE B 319 -8.55 6.55 54.80
N PRO B 320 -9.63 6.97 54.12
CA PRO B 320 -9.82 6.55 52.73
C PRO B 320 -9.00 7.38 51.75
N CYS B 321 -8.59 6.72 50.67
CA CYS B 321 -7.67 7.26 49.70
C CYS B 321 -8.34 8.35 48.85
N VAL B 322 -7.49 9.12 48.15
CA VAL B 322 -7.92 10.28 47.37
C VAL B 322 -7.24 10.21 46.02
N VAL B 323 -7.98 10.44 44.95
CA VAL B 323 -7.44 10.55 43.61
C VAL B 323 -7.60 11.99 43.12
N VAL B 324 -6.51 12.58 42.63
CA VAL B 324 -6.51 13.94 42.09
C VAL B 324 -6.16 13.86 40.62
N GLU B 325 -6.34 14.99 39.93
CA GLU B 325 -6.17 15.04 38.47
C GLU B 325 -5.12 16.07 38.10
N GLY B 326 -4.93 16.22 36.79
CA GLY B 326 -3.95 17.16 36.26
C GLY B 326 -4.56 18.38 35.58
N SER B 327 -5.75 18.79 36.01
CA SER B 327 -6.38 20.01 35.51
C SER B 327 -7.32 20.54 36.57
N GLY B 328 -7.16 21.82 36.92
CA GLY B 328 -7.94 22.46 37.97
C GLY B 328 -7.08 23.38 38.79
N ARG B 329 -7.66 24.02 39.82
CA ARG B 329 -6.87 24.93 40.64
C ARG B 329 -6.28 24.22 41.86
N ILE B 330 -7.15 23.71 42.74
CA ILE B 330 -6.70 22.98 43.91
C ILE B 330 -6.16 21.60 43.51
N ALA B 331 -6.67 21.03 42.41
CA ALA B 331 -6.20 19.73 41.95
C ALA B 331 -4.73 19.77 41.54
N ASP B 332 -4.25 20.90 41.03
CA ASP B 332 -2.88 20.96 40.54
C ASP B 332 -1.91 21.48 41.60
N VAL B 333 -2.38 22.12 42.66
CA VAL B 333 -1.45 22.51 43.72
C VAL B 333 -1.11 21.31 44.58
N ILE B 334 -1.94 20.27 44.56
CA ILE B 334 -1.58 19.04 45.23
C ILE B 334 -0.91 18.08 44.26
N ALA B 335 -1.15 18.25 42.96
CA ALA B 335 -0.44 17.46 41.96
C ALA B 335 0.98 17.95 41.74
N SER B 336 1.26 19.21 42.07
CA SER B 336 2.61 19.74 41.93
C SER B 336 3.51 19.31 43.08
N LEU B 337 2.94 18.97 44.24
CA LEU B 337 3.72 18.65 45.42
C LEU B 337 4.05 17.17 45.53
N VAL B 338 3.81 16.40 44.48
CA VAL B 338 4.13 14.97 44.49
C VAL B 338 5.16 14.67 43.41
N SER B 346 6.14 25.03 54.20
CA SER B 346 6.90 26.00 53.45
C SER B 346 5.99 27.02 52.78
N SER B 347 6.59 28.07 52.22
CA SER B 347 5.84 29.02 51.41
C SER B 347 5.95 28.69 49.92
N CYS B 348 6.73 27.66 49.56
CA CYS B 348 6.73 27.17 48.19
C CYS B 348 5.43 26.44 47.85
N VAL B 349 4.67 26.05 48.87
CA VAL B 349 3.27 25.69 48.67
C VAL B 349 2.51 26.88 48.10
N LYS B 350 2.66 28.06 48.71
CA LYS B 350 1.94 29.24 48.26
C LYS B 350 2.50 29.77 46.94
N GLU B 351 3.75 29.43 46.63
CA GLU B 351 4.33 29.80 45.33
C GLU B 351 3.61 29.09 44.19
N SER B 352 3.39 27.77 44.35
CA SER B 352 2.63 27.04 43.35
C SER B 352 1.14 27.34 43.43
N LEU B 353 0.68 27.85 44.58
CA LEU B 353 -0.74 28.09 44.75
C LEU B 353 -1.20 29.31 43.96
N LEU B 354 -0.35 30.33 43.83
CA LEU B 354 -0.71 31.45 42.98
C LEU B 354 -0.30 31.20 41.53
N ARG B 355 0.35 30.08 41.25
CA ARG B 355 0.52 29.67 39.86
C ARG B 355 -0.80 29.19 39.27
N PHE B 356 -1.56 28.40 40.03
CA PHE B 356 -2.77 27.78 39.53
C PHE B 356 -4.05 28.52 39.94
N LEU B 357 -4.03 29.26 41.03
CA LEU B 357 -5.19 30.08 41.38
C LEU B 357 -4.75 31.43 41.97
N PRO B 358 -4.28 32.36 41.13
CA PRO B 358 -3.84 33.65 41.67
C PRO B 358 -4.98 34.59 42.02
N ARG B 359 -6.10 34.53 41.29
CA ARG B 359 -7.21 35.42 41.57
C ARG B 359 -8.09 34.93 42.71
N THR B 360 -7.69 33.86 43.41
CA THR B 360 -8.39 33.45 44.61
C THR B 360 -7.80 34.09 45.85
N ILE B 361 -6.48 34.26 45.88
CA ILE B 361 -5.77 34.79 47.04
C ILE B 361 -6.11 36.26 47.28
N SER B 362 -6.50 36.98 46.22
CA SER B 362 -6.83 38.41 46.34
C SER B 362 -8.12 38.67 47.12
N ARG B 363 -8.91 37.65 47.43
CA ARG B 363 -10.17 37.84 48.13
C ARG B 363 -10.15 37.30 49.56
N LEU B 364 -9.67 36.08 49.78
CA LEU B 364 -9.73 35.52 51.12
C LEU B 364 -8.57 36.05 51.97
N SER B 365 -8.75 36.00 53.29
CA SER B 365 -7.88 36.67 54.22
C SER B 365 -6.52 35.98 54.34
N GLU B 366 -5.56 36.69 54.96
CA GLU B 366 -4.27 36.11 55.23
C GLU B 366 -4.32 35.19 56.44
N GLU B 367 -5.32 35.36 57.31
CA GLU B 367 -5.59 34.37 58.33
C GLU B 367 -6.34 33.18 57.76
N GLU B 368 -6.84 33.29 56.53
CA GLU B 368 -7.36 32.17 55.78
C GLU B 368 -6.37 31.64 54.74
N THR B 369 -5.42 32.47 54.30
CA THR B 369 -4.33 31.95 53.47
C THR B 369 -3.39 31.08 54.28
N GLU B 370 -3.25 31.37 55.58
CA GLU B 370 -2.42 30.55 56.45
C GLU B 370 -3.05 29.18 56.67
N SER B 371 -4.38 29.11 56.68
CA SER B 371 -5.05 27.83 56.86
C SER B 371 -4.92 26.96 55.61
N TRP B 372 -4.84 27.59 54.44
CA TRP B 372 -4.75 26.85 53.19
C TRP B 372 -3.40 26.16 53.05
N ILE B 373 -2.32 26.85 53.42
CA ILE B 373 -1.02 26.20 53.45
C ILE B 373 -0.97 25.18 54.56
N LYS B 374 -1.71 25.42 55.65
CA LYS B 374 -1.85 24.43 56.70
C LYS B 374 -2.63 23.21 56.20
N TRP B 375 -3.66 23.44 55.39
CA TRP B 375 -4.53 22.35 54.92
C TRP B 375 -3.78 21.39 54.00
N ILE B 376 -2.97 21.94 53.09
CA ILE B 376 -2.15 21.11 52.20
C ILE B 376 -1.05 20.40 52.98
N LYS B 377 -0.69 20.90 54.16
CA LYS B 377 0.27 20.19 54.98
C LYS B 377 -0.30 18.91 55.58
N GLU B 378 -1.63 18.82 55.78
CA GLU B 378 -2.15 17.56 56.32
C GLU B 378 -2.55 16.58 55.22
N VAL B 379 -2.31 16.89 53.94
CA VAL B 379 -2.52 15.86 52.93
C VAL B 379 -1.19 15.27 52.49
N LEU B 380 -0.09 16.00 52.69
CA LEU B 380 1.21 15.42 52.39
C LEU B 380 1.83 14.71 53.58
N GLU B 381 1.17 14.73 54.74
CA GLU B 381 1.61 13.85 55.83
C GLU B 381 1.33 12.38 55.50
N SER B 382 0.31 12.13 54.69
CA SER B 382 -0.03 10.79 54.22
C SER B 382 0.11 10.78 52.71
N PRO B 383 1.33 10.62 52.18
CA PRO B 383 1.50 10.64 50.73
C PRO B 383 1.07 9.37 50.04
N HIS B 384 0.78 8.31 50.79
CA HIS B 384 0.31 7.07 50.20
C HIS B 384 -1.16 7.14 49.83
N LEU B 385 -1.95 7.99 50.48
CA LEU B 385 -3.35 8.12 50.12
C LEU B 385 -3.58 9.22 49.09
N LEU B 386 -2.75 9.26 48.06
CA LEU B 386 -2.87 10.25 47.00
C LEU B 386 -2.41 9.61 45.70
N THR B 387 -3.27 9.61 44.70
CA THR B 387 -2.92 9.16 43.37
C THR B 387 -3.27 10.27 42.38
N VAL B 388 -2.34 10.55 41.48
CA VAL B 388 -2.51 11.63 40.51
C VAL B 388 -2.84 11.01 39.16
N ILE B 389 -3.69 11.69 38.40
CA ILE B 389 -3.96 11.33 37.01
C ILE B 389 -3.24 12.37 36.18
N LYS B 390 -1.99 12.06 35.82
CA LYS B 390 -1.15 13.01 35.10
C LYS B 390 -1.63 13.11 33.65
N ILE B 391 -1.46 14.31 33.07
CA ILE B 391 -1.87 14.60 31.70
C ILE B 391 -1.10 13.78 30.67
N GLU B 392 0.08 13.25 31.04
CA GLU B 392 0.88 12.41 30.15
C GLU B 392 0.15 11.12 29.76
N GLU B 393 -0.73 10.60 30.62
CA GLU B 393 -1.53 9.42 30.29
C GLU B 393 -2.64 9.83 29.33
N ALA B 394 -2.31 9.84 28.05
CA ALA B 394 -3.24 10.25 27.00
C ALA B 394 -3.98 9.07 26.39
N GLY B 395 -4.62 8.26 27.24
CA GLY B 395 -5.33 7.10 26.72
C GLY B 395 -6.36 6.60 27.72
N ASP B 396 -6.83 5.38 27.46
CA ASP B 396 -7.66 4.67 28.43
C ASP B 396 -6.76 4.00 29.47
N GLU B 397 -7.41 3.20 30.33
CA GLU B 397 -7.00 2.54 31.56
C GLU B 397 -6.88 3.51 32.73
N ILE B 398 -6.96 4.83 32.50
CA ILE B 398 -6.32 5.77 33.41
C ILE B 398 -7.18 6.04 34.64
N VAL B 399 -8.50 5.93 34.53
CA VAL B 399 -9.33 6.08 35.70
C VAL B 399 -9.32 4.79 36.52
N SER B 400 -9.32 3.65 35.84
CA SER B 400 -9.25 2.38 36.54
C SER B 400 -7.87 2.12 37.10
N ASN B 401 -6.83 2.68 36.48
CA ASN B 401 -5.49 2.56 37.05
C ASN B 401 -5.38 3.36 38.34
N ALA B 402 -5.95 4.56 38.35
CA ALA B 402 -5.76 5.47 39.49
C ALA B 402 -6.55 5.01 40.71
N ILE B 403 -7.80 4.57 40.50
CA ILE B 403 -8.62 4.12 41.61
C ILE B 403 -8.07 2.84 42.21
N SER B 404 -7.63 1.91 41.35
CA SER B 404 -7.12 0.63 41.84
C SER B 404 -5.77 0.79 42.53
N PHE B 405 -4.93 1.71 42.03
CA PHE B 405 -3.67 1.97 42.71
C PHE B 405 -3.89 2.66 44.05
N ALA B 406 -4.89 3.55 44.11
CA ALA B 406 -5.20 4.22 45.37
C ALA B 406 -5.83 3.25 46.36
N LEU B 407 -6.63 2.30 45.85
CA LEU B 407 -7.19 1.28 46.72
C LEU B 407 -6.15 0.26 47.13
N TYR B 408 -5.08 0.11 46.35
CA TYR B 408 -4.07 -0.88 46.69
C TYR B 408 -3.17 -0.37 47.81
N LYS B 409 -2.79 0.91 47.76
CA LYS B 409 -1.94 1.48 48.82
C LYS B 409 -2.69 1.53 50.14
N ALA B 410 -3.98 1.86 50.11
CA ALA B 410 -4.76 1.88 51.34
C ALA B 410 -5.02 0.47 51.86
N PHE B 411 -4.82 -0.55 51.02
CA PHE B 411 -4.77 -1.93 51.49
C PHE B 411 -3.36 -2.30 51.95
N SER B 412 -2.34 -1.81 51.24
CA SER B 412 -0.96 -2.22 51.54
C SER B 412 -0.40 -1.46 52.74
N THR B 413 -0.55 -0.13 52.76
CA THR B 413 0.04 0.68 53.82
C THR B 413 -0.73 0.60 55.13
N ASN B 414 -1.89 -0.08 55.13
CA ASN B 414 -2.52 -0.49 56.38
C ASN B 414 -1.62 -1.41 57.19
N GLU B 415 -0.83 -2.23 56.51
CA GLU B 415 0.19 -3.04 57.19
C GLU B 415 -0.35 -4.18 58.02
N HIS B 416 -1.67 -4.32 58.03
CA HIS B 416 -2.32 -5.38 58.75
C HIS B 416 -2.61 -6.32 57.61
N ASP B 417 -2.09 -5.93 56.45
CA ASP B 417 -2.34 -6.70 55.25
C ASP B 417 -1.07 -6.95 54.43
N ARG B 418 0.09 -6.46 54.88
CA ARG B 418 1.32 -6.66 54.13
C ARG B 418 1.76 -8.12 54.20
N ASP B 419 1.40 -8.82 55.29
CA ASP B 419 1.59 -10.26 55.34
C ASP B 419 0.59 -11.01 54.48
N ASN B 420 -0.53 -10.37 54.15
CA ASN B 420 -1.58 -10.99 53.34
C ASN B 420 -1.24 -10.79 51.87
N TRP B 421 -0.70 -11.83 51.24
CA TRP B 421 -0.51 -11.83 49.79
C TRP B 421 -1.81 -12.15 49.05
N ASN B 422 -2.78 -12.75 49.74
CA ASN B 422 -3.97 -13.27 49.07
C ASN B 422 -5.03 -12.20 48.93
N GLY B 423 -5.17 -11.33 49.93
CA GLY B 423 -6.12 -10.23 49.82
C GLY B 423 -5.66 -9.19 48.83
N GLN B 424 -4.35 -8.99 48.72
CA GLN B 424 -3.82 -8.08 47.70
C GLN B 424 -3.93 -8.68 46.31
N LEU B 425 -4.02 -10.00 46.19
CA LEU B 425 -4.16 -10.60 44.87
C LEU B 425 -5.57 -10.43 44.34
N LYS B 426 -6.58 -10.76 45.15
CA LYS B 426 -7.96 -10.62 44.71
C LYS B 426 -8.37 -9.17 44.50
N LEU B 427 -7.72 -8.25 45.22
CA LEU B 427 -7.96 -6.84 44.98
C LEU B 427 -7.36 -6.41 43.64
N LEU B 428 -6.15 -6.86 43.36
CA LEU B 428 -5.52 -6.51 42.09
C LEU B 428 -6.02 -7.37 40.93
N LEU B 429 -6.88 -8.35 41.21
CA LEU B 429 -7.49 -9.16 40.16
C LEU B 429 -8.91 -8.74 39.85
N GLU B 430 -9.64 -8.21 40.84
CA GLU B 430 -10.94 -7.61 40.58
C GLU B 430 -10.79 -6.39 39.67
N TRP B 431 -9.77 -5.59 39.92
CA TRP B 431 -9.32 -4.62 38.94
C TRP B 431 -8.32 -5.29 38.01
N ASN B 432 -7.96 -4.63 36.91
CA ASN B 432 -7.15 -5.29 35.91
C ASN B 432 -5.67 -4.95 36.04
N GLN B 433 -5.18 -4.76 37.26
CA GLN B 433 -3.79 -4.38 37.49
C GLN B 433 -2.90 -5.60 37.34
N LEU B 434 -2.48 -5.87 36.10
CA LEU B 434 -1.58 -6.99 35.86
C LEU B 434 -0.16 -6.67 36.33
N ASP B 435 0.34 -5.47 36.02
CA ASP B 435 1.72 -5.14 36.32
C ASP B 435 1.96 -4.98 37.81
N LEU B 436 0.96 -4.51 38.56
CA LEU B 436 1.12 -4.41 39.99
C LEU B 436 1.09 -5.77 40.65
N ALA B 437 0.36 -6.71 40.06
CA ALA B 437 0.33 -8.06 40.61
C ALA B 437 1.61 -8.81 40.28
N SER B 438 2.21 -8.52 39.13
CA SER B 438 3.45 -9.22 38.76
C SER B 438 4.63 -8.67 39.55
N ASP B 439 4.66 -7.37 39.80
CA ASP B 439 5.79 -6.77 40.48
C ASP B 439 5.75 -6.93 41.99
N GLU B 440 4.56 -6.91 42.59
CA GLU B 440 4.47 -6.79 44.05
C GLU B 440 3.87 -8.02 44.72
N ILE B 441 3.37 -8.99 43.98
CA ILE B 441 2.89 -10.23 44.58
C ILE B 441 3.70 -11.45 44.18
N PHE B 442 4.28 -11.50 42.98
CA PHE B 442 5.09 -12.61 42.53
C PHE B 442 6.53 -12.10 42.42
N THR B 443 7.30 -12.27 43.49
CA THR B 443 8.60 -11.62 43.63
C THR B 443 9.69 -12.59 44.09
N ASN B 444 9.31 -13.76 44.62
CA ASN B 444 10.10 -14.74 45.38
C ASN B 444 10.58 -14.18 46.72
N ASP B 445 10.03 -13.04 47.13
CA ASP B 445 10.14 -12.57 48.49
C ASP B 445 8.93 -12.99 49.31
N ARG B 446 7.74 -12.83 48.73
CA ARG B 446 6.60 -13.60 49.18
C ARG B 446 6.76 -15.05 48.72
N ASN B 447 6.32 -15.98 49.57
CA ASN B 447 6.37 -17.39 49.24
C ASN B 447 4.98 -18.00 49.29
N TRP B 448 4.27 -17.89 48.17
CA TRP B 448 3.20 -18.79 47.78
C TRP B 448 3.84 -20.05 47.26
N GLU B 449 3.07 -21.11 47.09
CA GLU B 449 3.59 -22.30 46.40
C GLU B 449 2.58 -22.90 45.44
N SER B 450 1.72 -22.07 44.84
CA SER B 450 0.99 -22.34 43.60
C SER B 450 -0.06 -23.45 43.71
N ALA B 451 -0.25 -24.06 44.87
CA ALA B 451 -1.33 -25.03 45.04
C ALA B 451 -2.55 -24.37 45.68
N ASP B 452 -2.36 -23.21 46.29
CA ASP B 452 -3.43 -22.41 46.87
C ASP B 452 -4.08 -21.48 45.86
N LEU B 453 -3.70 -21.59 44.59
CA LEU B 453 -4.04 -20.59 43.58
C LEU B 453 -5.26 -21.04 42.79
N GLN B 454 -6.06 -21.94 43.37
CA GLN B 454 -7.17 -22.57 42.66
C GLN B 454 -8.36 -21.64 42.51
N ASP B 455 -8.90 -21.14 43.62
CA ASP B 455 -10.07 -20.26 43.55
C ASP B 455 -9.70 -18.89 43.03
N VAL B 456 -8.42 -18.51 43.10
CA VAL B 456 -7.97 -17.28 42.47
C VAL B 456 -7.94 -17.43 40.96
N MET B 457 -7.77 -18.66 40.48
CA MET B 457 -7.77 -18.90 39.04
C MET B 457 -9.19 -18.99 38.50
N PHE B 458 -10.12 -19.54 39.28
CA PHE B 458 -11.51 -19.67 38.83
C PHE B 458 -12.15 -18.30 38.64
N THR B 459 -11.86 -17.36 39.54
CA THR B 459 -12.38 -16.01 39.35
C THR B 459 -11.60 -15.25 38.29
N ALA B 460 -10.38 -15.71 37.97
CA ALA B 460 -9.67 -15.13 36.84
C ALA B 460 -10.25 -15.60 35.51
N LEU B 461 -10.98 -16.70 35.51
CA LEU B 461 -11.62 -17.19 34.29
C LEU B 461 -12.98 -16.54 34.08
N VAL B 462 -13.80 -16.49 35.13
CA VAL B 462 -15.19 -16.12 34.96
C VAL B 462 -15.37 -14.61 34.90
N LYS B 463 -14.40 -13.85 35.36
CA LYS B 463 -14.45 -12.40 35.20
C LYS B 463 -13.82 -11.94 33.90
N ASP B 464 -13.36 -12.90 33.07
CA ASP B 464 -12.62 -12.65 31.83
C ASP B 464 -11.40 -11.76 32.07
N ARG B 465 -10.46 -12.31 32.84
CA ARG B 465 -9.16 -11.69 33.04
C ARG B 465 -8.12 -12.50 32.30
N PRO B 466 -7.89 -12.22 31.02
CA PRO B 466 -6.96 -13.07 30.25
C PRO B 466 -5.51 -12.86 30.61
N LYS B 467 -5.17 -11.70 31.17
CA LYS B 467 -3.78 -11.46 31.55
C LYS B 467 -3.45 -12.14 32.87
N PHE B 468 -4.46 -12.49 33.65
CA PHE B 468 -4.22 -13.07 34.96
C PHE B 468 -4.23 -14.59 34.93
N VAL B 469 -5.01 -15.20 34.03
CA VAL B 469 -4.89 -16.62 33.80
C VAL B 469 -3.54 -16.95 33.18
N ARG B 470 -2.99 -16.04 32.37
CA ARG B 470 -1.65 -16.22 31.86
C ARG B 470 -0.61 -16.03 32.96
N LEU B 471 -0.87 -15.14 33.90
CA LEU B 471 0.06 -14.89 35.00
C LEU B 471 0.07 -16.04 36.00
N PHE B 472 -1.05 -16.72 36.19
CA PHE B 472 -1.09 -17.81 37.14
C PHE B 472 -0.49 -19.09 36.58
N LEU B 473 -0.47 -19.24 35.25
CA LEU B 473 0.24 -20.36 34.65
C LEU B 473 1.73 -20.10 34.56
N GLU B 474 2.12 -18.83 34.37
CA GLU B 474 3.53 -18.48 34.31
C GLU B 474 4.19 -18.67 35.66
N ASN B 475 3.49 -18.36 36.75
CA ASN B 475 3.98 -18.58 38.09
C ASN B 475 3.56 -19.93 38.66
N GLY B 476 3.20 -20.86 37.79
CA GLY B 476 2.94 -22.22 38.22
C GLY B 476 1.48 -22.48 38.52
N LEU B 477 0.83 -23.26 37.66
CA LEU B 477 -0.46 -23.88 37.98
C LEU B 477 -0.67 -25.01 36.98
N ASN B 478 -0.82 -26.23 37.49
CA ASN B 478 -1.14 -27.34 36.61
C ASN B 478 -2.59 -27.17 36.19
N LEU B 479 -2.80 -26.71 34.96
CA LEU B 479 -4.16 -26.40 34.49
C LEU B 479 -4.97 -27.67 34.29
N ARG B 480 -4.31 -28.80 34.06
CA ARG B 480 -5.03 -30.07 33.98
C ARG B 480 -5.45 -30.55 35.36
N LYS B 481 -4.63 -30.28 36.37
CA LYS B 481 -4.99 -30.64 37.75
C LYS B 481 -6.13 -29.77 38.26
N PHE B 482 -6.13 -28.49 37.88
CA PHE B 482 -7.17 -27.58 38.33
C PHE B 482 -8.51 -27.89 37.70
N LEU B 483 -8.51 -28.33 36.43
CA LEU B 483 -9.76 -28.54 35.68
C LEU B 483 -10.34 -29.90 36.02
N THR B 484 -10.93 -30.00 37.20
CA THR B 484 -11.73 -31.18 37.48
C THR B 484 -13.08 -31.05 36.76
N THR B 485 -13.82 -32.16 36.74
CA THR B 485 -15.03 -32.18 35.92
C THR B 485 -16.17 -31.42 36.56
N GLU B 486 -16.12 -31.18 37.88
CA GLU B 486 -17.17 -30.40 38.51
C GLU B 486 -16.86 -28.90 38.42
N VAL B 487 -15.59 -28.56 38.22
CA VAL B 487 -15.22 -27.19 37.88
C VAL B 487 -15.75 -26.83 36.50
N LEU B 488 -15.69 -27.78 35.57
CA LEU B 488 -16.18 -27.54 34.21
C LEU B 488 -17.71 -27.46 34.19
N ARG B 489 -18.38 -28.26 35.01
CA ARG B 489 -19.83 -28.14 35.06
C ARG B 489 -20.26 -26.94 35.90
N GLU B 490 -19.35 -26.42 36.73
CA GLU B 490 -19.57 -25.13 37.37
C GLU B 490 -19.43 -23.99 36.37
N LEU B 491 -18.79 -24.25 35.24
CA LEU B 491 -18.48 -23.26 34.22
C LEU B 491 -19.53 -23.24 33.11
N TYR B 492 -20.09 -24.39 32.75
CA TYR B 492 -21.10 -24.45 31.71
C TYR B 492 -22.52 -24.23 32.24
N THR B 493 -22.70 -24.25 33.55
CA THR B 493 -24.01 -23.98 34.13
C THR B 493 -24.16 -22.53 34.55
N ASN B 494 -23.31 -22.09 35.47
CA ASN B 494 -23.41 -20.75 36.04
C ASN B 494 -22.72 -19.70 35.18
N ASN B 495 -21.64 -20.05 34.50
CA ASN B 495 -20.80 -19.08 33.82
C ASN B 495 -20.92 -19.16 32.30
N PHE B 496 -21.80 -20.01 31.78
CA PHE B 496 -22.11 -20.02 30.36
C PHE B 496 -23.30 -19.10 30.13
N SER B 497 -23.13 -18.14 29.22
CA SER B 497 -24.17 -17.14 29.01
C SER B 497 -25.35 -17.76 28.28
N SER B 498 -26.56 -17.33 28.65
CA SER B 498 -27.76 -17.91 28.07
C SER B 498 -28.00 -17.44 26.65
N LEU B 499 -27.38 -16.34 26.23
CA LEU B 499 -27.51 -15.88 24.85
C LEU B 499 -26.70 -16.75 23.90
N VAL B 500 -25.48 -17.12 24.29
CA VAL B 500 -24.65 -18.00 23.48
C VAL B 500 -25.27 -19.39 23.43
N PHE B 501 -25.79 -19.86 24.58
CA PHE B 501 -26.48 -21.15 24.61
C PHE B 501 -27.77 -21.13 23.79
N LYS B 502 -28.42 -19.97 23.69
CA LYS B 502 -29.55 -19.82 22.78
C LYS B 502 -29.10 -19.94 21.34
N ASN B 503 -27.94 -19.37 21.00
CA ASN B 503 -27.42 -19.46 19.64
C ASN B 503 -26.85 -20.82 19.31
N LEU B 504 -26.64 -21.69 20.31
CA LEU B 504 -26.25 -23.06 20.02
C LEU B 504 -27.41 -23.84 19.44
N GLN B 505 -28.62 -23.61 19.96
CA GLN B 505 -29.79 -24.31 19.46
C GLN B 505 -30.16 -23.83 18.06
N ILE B 506 -29.89 -22.56 17.76
CA ILE B 506 -30.09 -22.08 16.41
C ILE B 506 -28.95 -22.54 15.51
N ALA B 507 -27.83 -22.97 16.10
CA ALA B 507 -26.76 -23.56 15.32
C ALA B 507 -26.92 -25.07 15.17
N LYS B 508 -27.32 -25.76 16.24
CA LYS B 508 -27.39 -27.22 16.17
C LYS B 508 -28.58 -27.69 15.35
N ASN B 509 -29.70 -26.99 15.43
CA ASN B 509 -30.90 -27.44 14.73
C ASN B 509 -30.98 -26.93 13.30
N SER B 510 -30.28 -25.85 12.97
CA SER B 510 -30.43 -25.27 11.65
C SER B 510 -29.23 -25.49 10.75
N TYR B 511 -28.01 -25.36 11.28
CA TYR B 511 -26.79 -25.60 10.50
C TYR B 511 -26.02 -26.70 11.22
N ASN B 512 -26.41 -27.94 11.01
CA ASN B 512 -25.86 -29.03 11.78
C ASN B 512 -24.62 -29.60 11.11
N ASP B 513 -23.69 -30.09 11.94
CA ASP B 513 -22.48 -30.74 11.49
C ASP B 513 -22.12 -31.85 12.46
N ALA B 514 -21.08 -32.61 12.10
CA ALA B 514 -20.62 -33.68 12.99
C ALA B 514 -19.95 -33.13 14.23
N LEU B 515 -19.32 -31.96 14.13
CA LEU B 515 -18.68 -31.36 15.30
C LEU B 515 -19.72 -30.75 16.23
N LEU B 516 -20.74 -30.11 15.66
CA LEU B 516 -21.76 -29.46 16.48
C LEU B 516 -22.58 -30.45 17.27
N THR B 517 -22.86 -31.62 16.69
CA THR B 517 -23.54 -32.68 17.44
C THR B 517 -22.68 -33.22 18.56
N PHE B 518 -21.35 -33.15 18.42
CA PHE B 518 -20.48 -33.53 19.52
C PHE B 518 -20.49 -32.46 20.60
N VAL B 519 -20.41 -31.20 20.21
CA VAL B 519 -20.19 -30.12 21.17
C VAL B 519 -21.49 -29.81 21.92
N TRP B 520 -22.62 -29.81 21.20
CA TRP B 520 -23.92 -29.62 21.85
C TRP B 520 -24.23 -30.77 22.81
N LYS B 521 -23.74 -31.97 22.50
CA LYS B 521 -23.82 -33.05 23.46
C LYS B 521 -22.88 -32.80 24.63
N MET B 522 -21.69 -32.26 24.36
CA MET B 522 -20.70 -32.05 25.42
C MET B 522 -21.12 -30.93 26.36
N VAL B 523 -21.82 -29.92 25.83
CA VAL B 523 -22.37 -28.88 26.68
C VAL B 523 -23.50 -29.44 27.55
N GLU B 524 -24.31 -30.33 26.98
CA GLU B 524 -25.45 -30.88 27.70
C GLU B 524 -25.03 -31.89 28.77
N ASP B 525 -23.87 -32.53 28.60
CA ASP B 525 -23.36 -33.41 29.64
C ASP B 525 -22.95 -32.62 30.86
N PHE B 526 -22.38 -31.43 30.66
CA PHE B 526 -21.94 -30.63 31.79
C PHE B 526 -23.11 -29.91 32.44
N ARG B 527 -24.11 -29.53 31.66
CA ARG B 527 -25.26 -28.82 32.21
C ARG B 527 -26.23 -29.73 32.94
N ARG B 528 -26.14 -31.05 32.75
CA ARG B 528 -27.05 -31.99 33.38
C ARG B 528 -26.51 -32.58 34.67
N GLY B 529 -25.25 -32.29 35.01
CA GLY B 529 -24.66 -32.81 36.23
C GLY B 529 -25.22 -32.21 37.50
N ARG B 553 -10.38 -37.43 29.46
CA ARG B 553 -11.64 -36.82 29.04
C ARG B 553 -11.38 -35.54 28.27
N HIS B 554 -10.09 -35.24 28.06
CA HIS B 554 -9.58 -33.99 27.48
C HIS B 554 -10.14 -32.77 28.20
N PRO B 555 -9.68 -32.48 29.42
CA PRO B 555 -10.27 -31.34 30.14
C PRO B 555 -9.83 -29.99 29.61
N LEU B 556 -8.64 -29.90 29.04
CA LEU B 556 -8.14 -28.63 28.50
C LEU B 556 -8.87 -28.23 27.23
N GLN B 557 -9.56 -29.14 26.57
CA GLN B 557 -10.35 -28.78 25.41
C GLN B 557 -11.81 -28.52 25.75
N ALA B 558 -12.25 -28.95 26.94
CA ALA B 558 -13.57 -28.54 27.41
C ALA B 558 -13.55 -27.09 27.86
N LEU B 559 -12.46 -26.65 28.48
CA LEU B 559 -12.30 -25.24 28.81
C LEU B 559 -12.09 -24.41 27.56
N PHE B 560 -11.39 -24.96 26.57
CA PHE B 560 -11.09 -24.20 25.37
C PHE B 560 -12.33 -23.99 24.52
N ILE B 561 -13.22 -24.99 24.48
CA ILE B 561 -14.48 -24.85 23.76
C ILE B 561 -15.39 -23.87 24.49
N TRP B 562 -15.31 -23.85 25.83
CA TRP B 562 -16.09 -22.92 26.63
C TRP B 562 -15.70 -21.47 26.35
N SER B 563 -14.41 -21.20 26.19
CA SER B 563 -13.96 -19.84 25.91
C SER B 563 -14.25 -19.45 24.47
N VAL B 564 -14.12 -20.41 23.55
CA VAL B 564 -14.33 -20.12 22.14
C VAL B 564 -15.80 -19.88 21.84
N LEU B 565 -16.70 -20.59 22.52
CA LEU B 565 -18.14 -20.43 22.28
C LEU B 565 -18.62 -19.04 22.70
N GLN B 566 -18.05 -18.50 23.77
CA GLN B 566 -18.48 -17.20 24.27
C GLN B 566 -17.75 -16.04 23.63
N ASN B 567 -16.99 -16.29 22.55
CA ASN B 567 -16.19 -15.31 21.82
C ASN B 567 -15.19 -14.59 22.73
N LYS B 568 -14.71 -15.27 23.76
CA LYS B 568 -13.70 -14.71 24.65
C LYS B 568 -12.37 -14.75 23.94
N LYS B 569 -12.02 -13.64 23.27
CA LYS B 569 -11.01 -13.66 22.23
C LYS B 569 -9.62 -13.87 22.81
N GLU B 570 -9.28 -13.17 23.87
CA GLU B 570 -7.94 -13.29 24.45
C GLU B 570 -7.85 -14.32 25.55
N LEU B 571 -8.97 -14.71 26.16
CA LEU B 571 -8.93 -15.79 27.13
C LEU B 571 -8.71 -17.13 26.45
N SER B 572 -9.30 -17.33 25.28
CA SER B 572 -9.18 -18.60 24.58
C SER B 572 -7.79 -18.83 24.03
N LYS B 573 -7.08 -17.74 23.69
CA LYS B 573 -5.71 -17.87 23.21
C LYS B 573 -4.73 -18.14 24.32
N VAL B 574 -5.12 -17.93 25.57
CA VAL B 574 -4.29 -18.37 26.68
C VAL B 574 -4.44 -19.86 26.89
N ILE B 575 -5.67 -20.37 26.77
CA ILE B 575 -5.90 -21.79 26.98
C ILE B 575 -5.52 -22.60 25.75
N TRP B 576 -5.45 -21.98 24.58
CA TRP B 576 -5.02 -22.68 23.38
C TRP B 576 -3.55 -23.07 23.47
N GLU B 577 -2.73 -22.23 24.11
CA GLU B 577 -1.32 -22.53 24.28
C GLU B 577 -1.07 -23.60 25.34
N GLN B 578 -2.09 -24.05 26.06
CA GLN B 578 -1.94 -25.15 27.00
C GLN B 578 -2.45 -26.47 26.44
N THR B 579 -3.15 -26.45 25.32
CA THR B 579 -3.72 -27.67 24.75
C THR B 579 -2.62 -28.53 24.16
N ARG B 580 -2.93 -29.82 24.01
CA ARG B 580 -1.96 -30.78 23.48
C ARG B 580 -1.98 -30.83 21.96
N GLY B 581 -3.13 -31.17 21.38
CA GLY B 581 -3.27 -31.07 19.95
C GLY B 581 -3.75 -29.68 19.61
N CYS B 582 -2.83 -28.78 19.30
CA CYS B 582 -3.15 -27.37 19.25
C CYS B 582 -3.27 -26.82 17.84
N THR B 583 -2.75 -27.52 16.83
CA THR B 583 -3.13 -27.17 15.47
C THR B 583 -4.46 -27.80 15.11
N LEU B 584 -4.93 -28.73 15.94
CA LEU B 584 -6.23 -29.34 15.73
C LEU B 584 -7.30 -28.60 16.53
N ALA B 585 -6.93 -28.10 17.71
CA ALA B 585 -7.84 -27.25 18.46
C ALA B 585 -8.06 -25.92 17.78
N ALA B 586 -7.07 -25.44 17.03
CA ALA B 586 -7.24 -24.18 16.31
C ALA B 586 -8.21 -24.36 15.14
N LEU B 587 -8.12 -25.49 14.43
CA LEU B 587 -9.08 -25.77 13.38
C LEU B 587 -10.43 -26.18 13.93
N GLY B 588 -10.43 -26.84 15.09
CA GLY B 588 -11.68 -27.21 15.71
C GLY B 588 -12.43 -26.02 16.27
N ALA B 589 -11.68 -24.99 16.69
CA ALA B 589 -12.32 -23.73 17.03
C ALA B 589 -12.81 -23.01 15.79
N SER B 590 -12.03 -23.07 14.70
CA SER B 590 -12.41 -22.37 13.48
C SER B 590 -13.61 -23.04 12.81
N LYS B 591 -13.77 -24.35 13.00
CA LYS B 591 -14.96 -25.03 12.49
C LYS B 591 -16.17 -24.69 13.35
N LEU B 592 -15.98 -24.66 14.67
CA LEU B 592 -17.08 -24.37 15.59
C LEU B 592 -17.55 -22.93 15.47
N LEU B 593 -16.62 -21.99 15.33
CA LEU B 593 -17.01 -20.59 15.29
C LEU B 593 -17.65 -20.24 13.97
N LYS B 594 -17.26 -20.91 12.88
CA LYS B 594 -17.92 -20.69 11.61
C LYS B 594 -19.32 -21.29 11.58
N SER B 595 -19.61 -22.23 12.48
CA SER B 595 -20.99 -22.69 12.63
C SER B 595 -21.82 -21.68 13.40
N MET B 596 -21.21 -21.02 14.40
CA MET B 596 -21.93 -20.00 15.15
C MET B 596 -22.07 -18.71 14.37
N ALA B 597 -21.14 -18.45 13.44
CA ALA B 597 -21.23 -17.27 12.59
C ALA B 597 -22.31 -17.41 11.54
N LYS B 598 -22.83 -18.63 11.32
CA LYS B 598 -23.96 -18.82 10.42
C LYS B 598 -25.26 -18.34 11.05
N VAL B 599 -25.34 -18.34 12.38
CA VAL B 599 -26.55 -17.94 13.09
C VAL B 599 -26.80 -16.46 12.93
N LYS B 600 -27.90 -16.11 12.26
CA LYS B 600 -28.25 -14.73 11.98
C LYS B 600 -29.17 -14.12 13.03
N ASN B 601 -29.19 -14.69 14.24
CA ASN B 601 -29.98 -14.11 15.32
C ASN B 601 -29.36 -12.80 15.80
N ASP B 602 -28.04 -12.66 15.69
CA ASP B 602 -27.35 -11.43 16.08
C ASP B 602 -26.14 -11.27 15.19
N ILE B 603 -26.08 -10.14 14.48
CA ILE B 603 -24.99 -9.90 13.54
C ILE B 603 -23.70 -9.56 14.27
N ASN B 604 -23.80 -8.93 15.44
CA ASN B 604 -22.60 -8.57 16.18
C ASN B 604 -21.93 -9.78 16.79
N ALA B 605 -22.71 -10.74 17.28
CA ALA B 605 -22.15 -11.98 17.80
C ALA B 605 -21.59 -12.84 16.68
N ALA B 606 -22.32 -12.93 15.57
CA ALA B 606 -21.86 -13.72 14.43
C ALA B 606 -20.73 -13.03 13.69
N GLY B 607 -20.67 -11.71 13.76
CA GLY B 607 -19.59 -10.98 13.11
C GLY B 607 -18.27 -11.08 13.83
N GLU B 608 -18.30 -11.39 15.13
CA GLU B 608 -17.07 -11.56 15.90
C GLU B 608 -16.69 -13.02 16.08
N SER B 609 -17.64 -13.95 15.93
CA SER B 609 -17.26 -15.36 15.84
C SER B 609 -16.70 -15.66 14.47
N GLU B 610 -17.05 -14.87 13.46
CA GLU B 610 -16.47 -15.04 12.14
C GLU B 610 -15.00 -14.63 12.12
N GLU B 611 -14.65 -13.55 12.80
CA GLU B 611 -13.26 -13.10 12.81
C GLU B 611 -12.41 -13.91 13.79
N LEU B 612 -13.01 -14.38 14.88
CA LEU B 612 -12.31 -15.29 15.78
C LEU B 612 -12.05 -16.63 15.10
N ALA B 613 -12.90 -17.03 14.17
CA ALA B 613 -12.61 -18.21 13.36
C ALA B 613 -11.46 -17.96 12.41
N ASN B 614 -11.37 -16.74 11.87
CA ASN B 614 -10.25 -16.43 10.98
C ASN B 614 -8.96 -16.21 11.74
N GLU B 615 -9.03 -15.87 13.02
CA GLU B 615 -7.83 -15.80 13.83
C GLU B 615 -7.33 -17.19 14.20
N TYR B 616 -8.23 -18.14 14.42
CA TYR B 616 -7.81 -19.49 14.74
C TYR B 616 -7.47 -20.30 13.51
N GLU B 617 -7.98 -19.93 12.35
CA GLU B 617 -7.48 -20.54 11.12
C GLU B 617 -6.08 -20.05 10.81
N THR B 618 -5.78 -18.79 11.09
CA THR B 618 -4.45 -18.25 10.87
C THR B 618 -3.46 -18.79 11.90
N ARG B 619 -3.92 -19.08 13.11
CA ARG B 619 -3.06 -19.72 14.10
C ARG B 619 -2.72 -21.14 13.70
N ALA B 620 -3.64 -21.84 13.04
CA ALA B 620 -3.37 -23.19 12.58
C ALA B 620 -2.48 -23.18 11.35
N VAL B 621 -2.54 -22.12 10.56
CA VAL B 621 -1.64 -21.99 9.41
C VAL B 621 -0.21 -21.79 9.88
N GLU B 622 -0.02 -20.82 10.78
CA GLU B 622 1.34 -20.45 11.20
C GLU B 622 1.96 -21.52 12.09
N LEU B 623 1.15 -22.28 12.80
CA LEU B 623 1.69 -23.38 13.60
C LEU B 623 2.07 -24.56 12.71
N PHE B 624 1.24 -24.87 11.71
CA PHE B 624 1.58 -25.98 10.84
C PHE B 624 2.70 -25.63 9.87
N THR B 625 2.81 -24.35 9.48
CA THR B 625 3.96 -23.93 8.71
C THR B 625 5.23 -24.03 9.54
N GLU B 626 5.13 -23.78 10.84
CA GLU B 626 6.24 -24.06 11.74
C GLU B 626 6.47 -25.57 11.86
N CYS B 627 5.40 -26.35 11.86
CA CYS B 627 5.52 -27.80 11.98
C CYS B 627 6.08 -28.42 10.71
N TYR B 628 5.63 -27.93 9.55
CA TYR B 628 6.07 -28.53 8.30
C TYR B 628 7.51 -28.16 7.97
N SER B 629 7.96 -26.98 8.42
CA SER B 629 9.31 -26.55 8.13
C SER B 629 10.35 -27.29 8.94
N ASN B 630 9.96 -27.95 10.03
CA ASN B 630 10.90 -28.67 10.86
C ASN B 630 11.01 -30.13 10.46
N ASP B 631 9.88 -30.82 10.27
CA ASP B 631 9.90 -32.19 9.78
C ASP B 631 8.64 -32.41 8.96
N GLU B 632 8.80 -32.79 7.69
CA GLU B 632 7.64 -33.06 6.85
C GLU B 632 6.93 -34.33 7.28
N ASP B 633 7.70 -35.38 7.60
CA ASP B 633 7.11 -36.68 7.89
C ASP B 633 6.39 -36.68 9.22
N LEU B 634 6.78 -35.80 10.14
CA LEU B 634 6.11 -35.66 11.42
C LEU B 634 4.88 -34.77 11.31
N ALA B 635 4.94 -33.73 10.47
CA ALA B 635 3.78 -32.86 10.28
C ALA B 635 2.66 -33.56 9.53
N GLU B 636 3.01 -34.51 8.67
CA GLU B 636 1.98 -35.24 7.94
C GLU B 636 1.35 -36.34 8.79
N GLN B 637 2.04 -36.79 9.83
CA GLN B 637 1.37 -37.60 10.84
C GLN B 637 0.45 -36.75 11.70
N LEU B 638 0.80 -35.47 11.86
CA LEU B 638 0.00 -34.57 12.66
C LEU B 638 -1.28 -34.18 11.94
N LEU B 639 -1.27 -34.22 10.60
CA LEU B 639 -2.48 -33.94 9.83
C LEU B 639 -3.54 -35.00 10.05
N THR B 640 -3.15 -36.26 9.89
CA THR B 640 -4.09 -37.38 9.96
C THR B 640 -4.23 -37.96 11.36
N TYR B 641 -3.98 -37.16 12.39
CA TYR B 641 -4.12 -37.66 13.76
C TYR B 641 -5.59 -37.75 14.13
N SER B 642 -6.01 -38.93 14.58
CA SER B 642 -7.41 -39.23 14.82
C SER B 642 -7.88 -38.80 16.21
N CYS B 643 -7.10 -37.97 16.90
CA CYS B 643 -7.54 -36.98 17.89
C CYS B 643 -8.11 -37.50 19.21
N GLU B 644 -8.32 -38.82 19.35
CA GLU B 644 -8.95 -39.44 20.52
C GLU B 644 -10.30 -38.77 20.84
N ALA B 645 -11.09 -38.55 19.79
CA ALA B 645 -12.37 -37.81 19.83
C ALA B 645 -12.21 -36.38 20.35
N TRP B 646 -11.45 -35.56 19.62
CA TRP B 646 -11.65 -34.11 19.70
C TRP B 646 -13.04 -33.76 19.23
N GLY B 647 -13.36 -34.15 18.00
CA GLY B 647 -14.72 -34.22 17.51
C GLY B 647 -14.84 -35.51 16.71
N GLY B 648 -13.77 -36.30 16.76
CA GLY B 648 -13.64 -37.45 15.90
C GLY B 648 -13.17 -37.08 14.51
N SER B 649 -12.18 -36.20 14.39
CA SER B 649 -11.75 -35.74 13.09
C SER B 649 -10.25 -35.51 13.09
N ASN B 650 -9.70 -35.47 11.88
CA ASN B 650 -8.32 -35.05 11.66
C ASN B 650 -8.26 -33.53 11.67
N CYS B 651 -7.05 -32.98 11.51
CA CYS B 651 -6.94 -31.59 11.12
C CYS B 651 -7.28 -31.40 9.66
N LEU B 652 -7.17 -32.46 8.86
CA LEU B 652 -7.44 -32.38 7.44
C LEU B 652 -8.91 -32.44 7.13
N GLU B 653 -9.65 -33.29 7.84
CA GLU B 653 -11.10 -33.31 7.69
C GLU B 653 -11.71 -32.03 8.25
N LEU B 654 -11.19 -31.56 9.37
CA LEU B 654 -11.83 -30.45 10.06
C LEU B 654 -11.56 -29.12 9.37
N ALA B 655 -10.56 -29.07 8.51
CA ALA B 655 -10.31 -27.90 7.68
C ALA B 655 -11.17 -27.87 6.43
N VAL B 656 -11.65 -29.03 5.98
CA VAL B 656 -12.41 -29.06 4.73
C VAL B 656 -13.92 -29.01 4.99
N GLU B 657 -14.36 -29.36 6.20
CA GLU B 657 -15.75 -29.08 6.57
C GLU B 657 -15.94 -27.60 6.84
N ALA B 658 -14.96 -26.97 7.48
CA ALA B 658 -15.03 -25.56 7.82
C ALA B 658 -14.79 -24.64 6.63
N ARG B 659 -14.44 -25.21 5.47
CA ARG B 659 -13.97 -24.47 4.29
C ARG B 659 -12.80 -23.56 4.65
N ASP B 660 -11.89 -24.07 5.48
CA ASP B 660 -10.73 -23.31 5.94
C ASP B 660 -9.74 -23.27 4.79
N GLN B 661 -9.93 -22.29 3.90
CA GLN B 661 -9.18 -22.25 2.66
C GLN B 661 -7.72 -21.85 2.89
N GLN B 662 -7.42 -21.13 3.97
CA GLN B 662 -6.05 -20.72 4.18
C GLN B 662 -5.21 -21.86 4.76
N PHE B 663 -5.83 -22.76 5.52
CA PHE B 663 -5.11 -23.94 5.99
C PHE B 663 -4.87 -24.93 4.86
N ILE B 664 -5.80 -24.98 3.91
CA ILE B 664 -5.73 -25.98 2.86
C ILE B 664 -4.81 -25.51 1.73
N ALA B 665 -4.75 -24.21 1.48
CA ALA B 665 -3.90 -23.66 0.44
C ALA B 665 -2.44 -23.53 0.84
N GLN B 666 -2.08 -23.98 2.00
CA GLN B 666 -0.70 -23.79 2.40
C GLN B 666 0.17 -24.88 1.77
N PRO B 667 1.46 -24.61 1.54
CA PRO B 667 2.28 -25.59 0.79
C PRO B 667 2.54 -26.88 1.53
N GLY B 668 2.32 -26.94 2.83
CA GLY B 668 2.47 -28.21 3.52
C GLY B 668 1.31 -29.16 3.25
N VAL B 669 0.10 -28.61 3.19
CA VAL B 669 -1.08 -29.44 2.95
C VAL B 669 -1.19 -29.81 1.48
N GLN B 670 -0.83 -28.89 0.58
CA GLN B 670 -0.90 -29.17 -0.84
C GLN B 670 0.17 -30.17 -1.28
N ASN B 671 1.29 -30.21 -0.56
CA ASN B 671 2.29 -31.24 -0.85
C ASN B 671 1.88 -32.58 -0.30
N PHE B 672 1.13 -32.60 0.80
CA PHE B 672 0.65 -33.86 1.36
C PHE B 672 -0.33 -34.53 0.42
N LEU B 673 -1.18 -33.74 -0.24
CA LEU B 673 -2.14 -34.31 -1.18
C LEU B 673 -1.45 -34.81 -2.44
N SER B 674 -0.43 -34.10 -2.90
CA SER B 674 0.34 -34.57 -4.05
C SER B 674 1.16 -35.80 -3.70
N LYS B 675 1.53 -35.95 -2.42
CA LYS B 675 2.08 -37.22 -1.97
C LYS B 675 1.01 -38.30 -1.95
N GLN B 676 -0.23 -37.92 -1.60
CA GLN B 676 -1.31 -38.89 -1.58
C GLN B 676 -1.72 -39.31 -2.98
N TRP B 677 -1.76 -38.36 -3.91
CA TRP B 677 -2.23 -38.66 -5.25
C TRP B 677 -1.21 -39.45 -6.04
N TYR B 678 0.08 -39.20 -5.81
CA TYR B 678 1.09 -40.03 -6.44
C TYR B 678 1.29 -41.35 -5.71
N GLY B 679 0.77 -41.47 -4.49
CA GLY B 679 0.84 -42.75 -3.78
C GLY B 679 2.25 -43.05 -3.32
N GLU B 680 2.62 -44.33 -3.40
CA GLU B 680 3.98 -44.74 -3.09
C GLU B 680 4.94 -44.45 -4.22
N ILE B 681 4.45 -44.15 -5.42
CA ILE B 681 5.29 -43.62 -6.47
C ILE B 681 5.74 -42.23 -6.04
N SER B 682 7.03 -41.97 -6.11
CA SER B 682 7.51 -40.64 -5.78
C SER B 682 7.11 -39.65 -6.85
N ARG B 683 7.18 -38.37 -6.48
CA ARG B 683 7.19 -37.32 -7.47
C ARG B 683 8.58 -37.24 -8.09
N ASP B 684 8.77 -36.24 -8.95
CA ASP B 684 9.98 -35.97 -9.72
C ASP B 684 10.40 -37.12 -10.62
N THR B 685 9.50 -38.03 -10.99
CA THR B 685 9.92 -39.09 -11.91
C THR B 685 9.80 -38.61 -13.35
N LYS B 686 8.56 -38.53 -13.84
CA LYS B 686 7.99 -37.64 -14.86
C LYS B 686 6.55 -38.09 -15.03
N ASN B 687 5.75 -37.38 -15.82
CA ASN B 687 4.40 -37.85 -16.08
C ASN B 687 4.40 -39.00 -17.08
N TRP B 688 5.12 -38.84 -18.18
CA TRP B 688 5.15 -39.87 -19.22
C TRP B 688 5.91 -41.11 -18.76
N LYS B 689 6.79 -40.95 -17.78
CA LYS B 689 7.52 -42.08 -17.20
C LYS B 689 6.59 -43.03 -16.46
N ILE B 690 5.46 -42.55 -15.95
CA ILE B 690 4.49 -43.40 -15.27
C ILE B 690 3.50 -43.99 -16.26
N ILE B 691 3.15 -43.23 -17.30
CA ILE B 691 2.22 -43.68 -18.31
C ILE B 691 2.80 -44.83 -19.12
N MET B 692 4.09 -44.75 -19.43
CA MET B 692 4.70 -45.83 -20.21
C MET B 692 4.91 -47.09 -19.40
N CYS B 693 4.82 -47.00 -18.07
CA CYS B 693 4.80 -48.21 -17.25
C CYS B 693 3.41 -48.82 -17.15
N LEU B 694 2.37 -48.11 -17.59
CA LEU B 694 1.05 -48.71 -17.64
C LEU B 694 0.95 -49.70 -18.79
N PHE B 695 1.38 -49.28 -19.98
CA PHE B 695 1.35 -50.15 -21.14
C PHE B 695 2.43 -51.22 -21.10
N PHE B 696 3.48 -51.03 -20.29
CA PHE B 696 4.64 -51.93 -20.24
C PHE B 696 4.85 -52.34 -18.78
N PHE B 697 4.34 -53.52 -18.44
CA PHE B 697 4.51 -54.10 -17.10
C PHE B 697 5.95 -54.29 -16.64
N PRO B 698 6.90 -54.85 -17.40
CA PRO B 698 8.24 -55.06 -16.83
C PRO B 698 9.07 -53.80 -16.68
N LEU B 699 8.58 -52.64 -17.12
CA LEU B 699 9.30 -51.40 -16.89
C LEU B 699 9.17 -50.90 -15.47
N ILE B 700 8.23 -51.45 -14.69
CA ILE B 700 8.14 -51.13 -13.27
C ILE B 700 9.27 -51.77 -12.50
N GLY B 701 9.54 -53.06 -12.78
CA GLY B 701 10.61 -53.75 -12.09
C GLY B 701 11.99 -53.27 -12.50
N CYS B 702 12.09 -52.69 -13.69
CA CYS B 702 13.33 -52.04 -14.11
C CYS B 702 13.55 -50.77 -13.30
N GLY B 703 14.78 -50.27 -13.34
CA GLY B 703 15.13 -49.04 -12.64
C GLY B 703 14.62 -47.82 -13.37
N PHE B 704 13.30 -47.61 -13.35
CA PHE B 704 12.67 -46.61 -14.21
C PHE B 704 11.79 -45.63 -13.46
N ILE B 705 11.12 -46.05 -12.38
CA ILE B 705 10.44 -45.15 -11.46
C ILE B 705 11.15 -45.26 -10.10
N SER B 706 10.71 -44.47 -9.13
CA SER B 706 11.49 -44.12 -7.95
C SER B 706 10.69 -44.34 -6.67
N PHE B 707 10.16 -45.54 -6.48
CA PHE B 707 9.08 -45.85 -5.54
C PHE B 707 9.32 -45.59 -4.04
N ARG B 708 10.47 -45.01 -3.68
CA ARG B 708 10.80 -44.44 -2.34
C ARG B 708 10.41 -45.27 -1.11
N PHE B 719 5.22 -58.85 -6.44
CA PHE B 719 6.28 -58.07 -5.82
C PHE B 719 5.69 -56.85 -5.12
N LEU B 720 6.46 -56.21 -4.25
CA LEU B 720 5.92 -55.10 -3.49
C LEU B 720 6.00 -53.79 -4.27
N TYR B 721 6.85 -53.73 -5.29
CA TYR B 721 6.89 -52.54 -6.15
C TYR B 721 5.68 -52.49 -7.07
N TYR B 722 5.19 -53.66 -7.50
CA TYR B 722 4.08 -53.67 -8.45
C TYR B 722 2.76 -53.34 -7.77
N VAL B 723 2.60 -53.71 -6.51
CA VAL B 723 1.38 -53.39 -5.80
C VAL B 723 1.42 -51.93 -5.35
N SER B 724 2.61 -51.36 -5.16
CA SER B 724 2.71 -49.95 -4.82
C SER B 724 2.50 -49.08 -6.04
N PHE B 725 2.84 -49.59 -7.23
CA PHE B 725 2.53 -48.88 -8.46
C PHE B 725 1.04 -48.86 -8.72
N PHE B 726 0.41 -50.03 -8.77
CA PHE B 726 -0.97 -50.16 -9.21
C PHE B 726 -1.97 -49.88 -8.09
N THR B 727 -1.56 -49.31 -6.97
CA THR B 727 -2.51 -48.79 -6.00
C THR B 727 -2.37 -47.30 -5.79
N SER B 728 -1.43 -46.65 -6.47
CA SER B 728 -1.33 -45.20 -6.41
C SER B 728 -2.50 -44.57 -7.13
N PRO B 729 -3.04 -43.47 -6.62
CA PRO B 729 -4.21 -42.85 -7.28
C PRO B 729 -3.90 -42.21 -8.62
N PHE B 730 -2.63 -41.92 -8.92
CA PHE B 730 -2.30 -41.42 -10.25
C PHE B 730 -2.43 -42.53 -11.28
N VAL B 731 -2.06 -43.75 -10.93
CA VAL B 731 -2.08 -44.88 -11.85
C VAL B 731 -3.50 -45.42 -12.01
N VAL B 732 -4.22 -45.53 -10.89
CA VAL B 732 -5.61 -46.00 -10.92
C VAL B 732 -6.48 -45.06 -11.74
N PHE B 733 -6.26 -43.75 -11.64
CA PHE B 733 -7.03 -42.82 -12.45
C PHE B 733 -6.62 -42.89 -13.92
N SER B 734 -5.33 -43.06 -14.19
CA SER B 734 -4.89 -43.19 -15.58
C SER B 734 -5.31 -44.52 -16.17
N TRP B 735 -5.43 -45.55 -15.34
CA TRP B 735 -5.97 -46.82 -15.81
C TRP B 735 -7.48 -46.71 -16.05
N ASN B 736 -8.18 -46.01 -15.15
CA ASN B 736 -9.64 -45.92 -15.27
C ASN B 736 -10.06 -44.98 -16.40
N VAL B 737 -9.14 -44.19 -16.93
CA VAL B 737 -9.44 -43.41 -18.14
C VAL B 737 -9.11 -44.22 -19.38
N ILE B 738 -7.99 -44.95 -19.35
CA ILE B 738 -7.59 -45.81 -20.47
C ILE B 738 -8.60 -46.94 -20.65
N PHE B 739 -9.05 -47.53 -19.54
CA PHE B 739 -10.06 -48.57 -19.63
C PHE B 739 -11.42 -48.02 -20.02
N TYR B 740 -11.70 -46.76 -19.69
CA TYR B 740 -12.97 -46.17 -20.08
C TYR B 740 -13.02 -45.90 -21.57
N ILE B 741 -11.88 -45.58 -22.18
CA ILE B 741 -11.83 -45.41 -23.63
C ILE B 741 -11.95 -46.76 -24.32
N ALA B 742 -11.27 -47.78 -23.80
CA ALA B 742 -11.40 -49.13 -24.32
C ALA B 742 -12.79 -49.69 -24.07
N PHE B 743 -13.48 -49.21 -23.03
CA PHE B 743 -14.90 -49.52 -22.90
C PHE B 743 -15.72 -48.84 -23.99
N LEU B 744 -15.37 -47.60 -24.35
CA LEU B 744 -16.15 -46.88 -25.34
C LEU B 744 -15.88 -47.39 -26.75
N LEU B 745 -14.66 -47.88 -27.01
CA LEU B 745 -14.39 -48.47 -28.30
C LEU B 745 -15.06 -49.83 -28.44
N LEU B 746 -15.17 -50.57 -27.33
CA LEU B 746 -15.93 -51.82 -27.36
C LEU B 746 -17.42 -51.55 -27.44
N PHE B 747 -17.88 -50.46 -26.81
CA PHE B 747 -19.28 -50.09 -26.91
C PHE B 747 -19.60 -49.55 -28.31
N ALA B 748 -18.60 -49.04 -29.02
CA ALA B 748 -18.84 -48.62 -30.40
C ALA B 748 -18.71 -49.78 -31.36
N TYR B 749 -17.88 -50.78 -31.05
CA TYR B 749 -17.73 -51.92 -31.94
C TYR B 749 -18.93 -52.84 -31.87
N VAL B 750 -19.50 -53.00 -30.68
CA VAL B 750 -20.69 -53.84 -30.51
C VAL B 750 -21.90 -53.17 -31.14
N LEU B 751 -22.03 -51.86 -30.97
CA LEU B 751 -23.21 -51.15 -31.45
C LEU B 751 -23.27 -51.00 -32.96
N LEU B 752 -22.15 -51.18 -33.66
CA LEU B 752 -22.12 -51.03 -35.11
C LEU B 752 -21.98 -52.36 -35.83
N MET B 753 -20.93 -53.12 -35.53
CA MET B 753 -20.64 -54.35 -36.27
C MET B 753 -21.36 -55.55 -35.69
N ASP B 754 -21.38 -55.68 -34.37
CA ASP B 754 -22.14 -56.70 -33.65
C ASP B 754 -23.60 -56.28 -33.50
N PHE B 755 -24.26 -56.78 -32.46
CA PHE B 755 -25.66 -56.48 -32.09
C PHE B 755 -26.60 -57.01 -33.16
N GLN B 756 -26.61 -58.33 -33.36
CA GLN B 756 -27.40 -58.91 -34.45
C GLN B 756 -28.84 -59.14 -34.04
N LYS B 757 -29.09 -60.11 -33.15
CA LYS B 757 -30.35 -60.20 -32.44
C LYS B 757 -30.21 -60.63 -30.98
N GLU B 758 -29.23 -61.46 -30.66
CA GLU B 758 -29.04 -62.04 -29.34
C GLU B 758 -27.87 -61.35 -28.67
N PRO B 759 -27.80 -61.39 -27.33
CA PRO B 759 -26.66 -60.76 -26.65
C PRO B 759 -25.36 -61.53 -26.86
N THR B 760 -24.67 -61.17 -27.94
CA THR B 760 -23.35 -61.67 -28.34
C THR B 760 -22.35 -61.59 -27.18
N ALA B 761 -21.35 -62.49 -27.18
CA ALA B 761 -20.43 -62.61 -26.05
C ALA B 761 -19.61 -61.36 -25.83
N LEU B 762 -19.37 -60.57 -26.88
CA LEU B 762 -18.75 -59.27 -26.68
C LEU B 762 -19.68 -58.28 -26.02
N GLU B 763 -21.00 -58.45 -26.21
CA GLU B 763 -21.95 -57.57 -25.57
C GLU B 763 -22.23 -57.99 -24.13
N ILE B 764 -22.06 -59.28 -23.83
CA ILE B 764 -22.13 -59.77 -22.45
C ILE B 764 -20.98 -59.18 -21.64
N ILE B 765 -19.83 -58.97 -22.29
CA ILE B 765 -18.72 -58.25 -21.67
C ILE B 765 -19.14 -56.82 -21.33
N LEU B 766 -19.88 -56.17 -22.22
CA LEU B 766 -20.34 -54.82 -21.94
C LEU B 766 -21.41 -54.80 -20.86
N TYR B 767 -22.13 -55.91 -20.67
CA TYR B 767 -23.16 -55.94 -19.64
C TYR B 767 -22.54 -56.03 -18.25
N VAL B 768 -21.35 -56.63 -18.14
CA VAL B 768 -20.70 -56.69 -16.84
C VAL B 768 -19.77 -55.50 -16.65
N LEU B 769 -19.33 -54.87 -17.75
CA LEU B 769 -18.49 -53.70 -17.61
C LEU B 769 -19.28 -52.48 -17.17
N VAL B 770 -20.59 -52.46 -17.40
CA VAL B 770 -21.40 -51.41 -16.80
C VAL B 770 -21.89 -51.83 -15.43
N PHE B 771 -21.90 -53.13 -15.14
CA PHE B 771 -22.27 -53.57 -13.80
C PHE B 771 -21.17 -53.24 -12.81
N VAL B 772 -19.91 -53.35 -13.23
CA VAL B 772 -18.82 -52.92 -12.38
C VAL B 772 -18.75 -51.40 -12.37
N LEU B 773 -19.31 -50.74 -13.39
CA LEU B 773 -19.54 -49.30 -13.30
C LEU B 773 -20.70 -48.97 -12.38
N LEU B 774 -21.63 -49.91 -12.20
CA LEU B 774 -22.78 -49.67 -11.34
C LEU B 774 -22.41 -49.93 -9.88
N CYS B 775 -21.70 -51.03 -9.61
CA CYS B 775 -21.34 -51.37 -8.24
C CYS B 775 -20.28 -50.43 -7.70
N ASP B 776 -19.46 -49.83 -8.57
CA ASP B 776 -18.54 -48.80 -8.14
C ASP B 776 -19.26 -47.54 -7.69
N GLU B 777 -20.47 -47.31 -8.21
CA GLU B 777 -21.18 -46.07 -7.96
C GLU B 777 -22.27 -46.20 -6.91
N VAL B 778 -22.82 -47.41 -6.69
CA VAL B 778 -23.61 -47.58 -5.48
C VAL B 778 -22.69 -47.75 -4.28
N ARG B 779 -21.41 -48.06 -4.52
CA ARG B 779 -20.39 -47.87 -3.51
C ARG B 779 -20.21 -46.38 -3.19
N GLN B 780 -20.39 -45.52 -4.19
CA GLN B 780 -20.46 -44.09 -3.95
C GLN B 780 -21.86 -43.64 -3.53
N TRP B 781 -22.83 -44.56 -3.47
CA TRP B 781 -24.03 -44.33 -2.69
C TRP B 781 -23.83 -44.72 -1.23
N TYR B 782 -22.63 -45.13 -0.86
CA TYR B 782 -22.09 -44.96 0.48
C TYR B 782 -21.08 -43.82 0.43
N MET B 783 -20.67 -43.36 1.62
CA MET B 783 -20.05 -42.03 1.80
C MET B 783 -20.91 -40.97 1.13
N ASN B 784 -22.21 -41.00 1.43
CA ASN B 784 -23.22 -40.47 0.53
C ASN B 784 -23.90 -39.21 1.07
N GLY B 785 -24.64 -39.33 2.18
CA GLY B 785 -25.44 -38.25 2.75
C GLY B 785 -26.36 -37.45 1.84
N SER B 786 -26.69 -38.01 0.67
CA SER B 786 -27.19 -37.28 -0.50
C SER B 786 -26.35 -36.06 -0.86
N LYS B 787 -25.03 -36.13 -0.64
CA LYS B 787 -24.08 -35.20 -1.24
C LYS B 787 -23.89 -35.50 -2.72
N TYR B 788 -23.96 -36.78 -3.08
CA TYR B 788 -23.66 -37.21 -4.43
C TYR B 788 -24.69 -36.71 -5.43
N PHE B 789 -25.92 -36.48 -4.98
CA PHE B 789 -27.01 -36.12 -5.88
C PHE B 789 -27.07 -34.63 -6.17
N SER B 790 -26.26 -33.81 -5.51
CA SER B 790 -26.13 -32.40 -5.84
C SER B 790 -24.82 -32.09 -6.55
N ASP B 791 -24.35 -32.99 -7.40
CA ASP B 791 -23.10 -32.82 -8.11
C ASP B 791 -23.27 -32.54 -9.60
N LEU B 792 -24.51 -32.68 -10.10
CA LEU B 792 -25.01 -32.11 -11.36
C LEU B 792 -24.46 -32.81 -12.61
N TRP B 793 -23.46 -33.65 -12.43
CA TRP B 793 -22.85 -34.48 -13.46
C TRP B 793 -22.66 -35.90 -12.97
N ASN B 794 -22.65 -36.10 -11.66
CA ASN B 794 -22.61 -37.43 -11.09
C ASN B 794 -24.00 -38.06 -11.08
N VAL B 795 -25.05 -37.24 -11.20
CA VAL B 795 -26.39 -37.80 -11.38
C VAL B 795 -26.59 -38.22 -12.83
N MET B 796 -25.75 -37.73 -13.73
CA MET B 796 -25.79 -38.20 -15.11
C MET B 796 -25.33 -39.64 -15.21
N ASP B 797 -24.45 -40.06 -14.31
CA ASP B 797 -23.83 -41.37 -14.41
C ASP B 797 -24.79 -42.48 -14.02
N THR B 798 -25.59 -42.27 -12.97
CA THR B 798 -26.68 -43.20 -12.68
C THR B 798 -27.68 -43.22 -13.81
N LEU B 799 -28.07 -42.04 -14.30
CA LEU B 799 -29.05 -41.96 -15.37
C LEU B 799 -28.44 -42.32 -16.73
N ALA B 800 -27.12 -42.50 -16.79
CA ALA B 800 -26.55 -43.21 -17.93
C ALA B 800 -26.58 -44.71 -17.72
N ILE B 801 -26.43 -45.16 -16.48
CA ILE B 801 -26.44 -46.60 -16.22
C ILE B 801 -27.87 -47.12 -16.12
N PHE B 802 -28.78 -46.33 -15.55
CA PHE B 802 -30.19 -46.73 -15.52
C PHE B 802 -30.77 -46.72 -16.93
N TYR B 803 -30.31 -45.82 -17.78
CA TYR B 803 -30.72 -45.83 -19.17
C TYR B 803 -30.07 -46.98 -19.93
N PHE B 804 -28.93 -47.48 -19.45
CA PHE B 804 -28.36 -48.67 -20.06
C PHE B 804 -29.16 -49.91 -19.71
N ILE B 805 -29.52 -50.06 -18.43
CA ILE B 805 -30.26 -51.25 -17.99
C ILE B 805 -31.68 -51.23 -18.55
N ALA B 806 -32.25 -50.04 -18.73
CA ALA B 806 -33.50 -49.93 -19.46
C ALA B 806 -33.32 -50.29 -20.94
N GLY B 807 -32.13 -50.10 -21.48
CA GLY B 807 -31.83 -50.58 -22.81
C GLY B 807 -31.49 -52.04 -22.91
N ILE B 808 -31.31 -52.72 -21.77
CA ILE B 808 -31.10 -54.16 -21.78
C ILE B 808 -32.43 -54.90 -21.84
N VAL B 809 -33.42 -54.44 -21.07
CA VAL B 809 -34.71 -55.13 -21.01
C VAL B 809 -35.51 -54.90 -22.29
N PHE B 810 -35.13 -53.90 -23.09
CA PHE B 810 -35.78 -53.72 -24.39
C PHE B 810 -35.11 -54.57 -25.46
N ARG B 811 -33.92 -55.10 -25.18
CA ARG B 811 -33.28 -56.03 -26.10
C ARG B 811 -33.85 -57.44 -25.95
N LEU B 812 -34.20 -57.83 -24.74
CA LEU B 812 -34.71 -59.17 -24.47
C LEU B 812 -36.24 -59.18 -24.49
N HIS B 813 -36.80 -58.76 -25.62
CA HIS B 813 -38.24 -58.70 -25.80
C HIS B 813 -38.75 -59.31 -27.09
N SER B 814 -37.87 -59.63 -28.04
CA SER B 814 -38.10 -60.37 -29.28
C SER B 814 -38.96 -59.65 -30.30
N ASP B 815 -39.45 -58.44 -30.01
CA ASP B 815 -40.22 -57.67 -30.97
C ASP B 815 -39.29 -56.75 -31.73
N GLU B 816 -39.47 -56.66 -33.04
CA GLU B 816 -38.58 -55.82 -33.85
C GLU B 816 -38.84 -54.34 -33.63
N SER B 817 -40.04 -53.99 -33.15
CA SER B 817 -40.28 -52.61 -32.74
C SER B 817 -39.61 -52.31 -31.41
N SER B 818 -39.39 -53.34 -30.59
CA SER B 818 -38.77 -53.12 -29.29
C SER B 818 -37.27 -53.39 -29.33
N TRP B 819 -36.83 -54.33 -30.19
CA TRP B 819 -35.40 -54.58 -30.35
C TRP B 819 -34.71 -53.37 -30.96
N TYR B 820 -35.33 -52.77 -31.98
CA TYR B 820 -34.76 -51.58 -32.59
C TYR B 820 -34.80 -50.41 -31.61
N SER B 821 -35.88 -50.29 -30.84
CA SER B 821 -35.94 -49.27 -29.80
C SER B 821 -34.95 -49.55 -28.68
N GLY B 822 -34.58 -50.82 -28.49
CA GLY B 822 -33.52 -51.13 -27.55
C GLY B 822 -32.15 -50.69 -28.05
N ARG B 823 -31.97 -50.69 -29.37
CA ARG B 823 -30.73 -50.17 -29.93
C ARG B 823 -30.66 -48.67 -29.84
N VAL B 824 -31.79 -47.98 -30.08
CA VAL B 824 -31.86 -46.52 -30.01
C VAL B 824 -31.53 -46.03 -28.60
N ILE B 825 -31.99 -46.75 -27.58
CA ILE B 825 -31.66 -46.40 -26.20
C ILE B 825 -30.17 -46.60 -25.95
N PHE B 826 -29.57 -47.61 -26.56
CA PHE B 826 -28.13 -47.81 -26.42
C PHE B 826 -27.33 -46.74 -27.16
N CYS B 827 -27.80 -46.33 -28.34
CA CYS B 827 -27.06 -45.33 -29.12
C CYS B 827 -27.14 -43.96 -28.48
N LEU B 828 -28.28 -43.64 -27.86
CA LEU B 828 -28.37 -42.39 -27.12
C LEU B 828 -27.60 -42.48 -25.81
N ASP B 829 -27.38 -43.70 -25.32
CA ASP B 829 -26.57 -43.89 -24.12
C ASP B 829 -25.09 -43.80 -24.41
N TYR B 830 -24.70 -43.94 -25.68
CA TYR B 830 -23.28 -43.81 -26.03
C TYR B 830 -22.80 -42.39 -25.88
N ILE B 831 -23.70 -41.41 -26.02
CA ILE B 831 -23.28 -40.03 -25.92
C ILE B 831 -23.04 -39.64 -24.46
N VAL B 832 -23.94 -40.01 -23.55
CA VAL B 832 -23.74 -39.68 -22.13
C VAL B 832 -22.60 -40.48 -21.52
N PHE B 833 -22.21 -41.58 -22.15
CA PHE B 833 -20.99 -42.23 -21.72
C PHE B 833 -19.77 -41.51 -22.29
N THR B 834 -19.94 -40.79 -23.39
CA THR B 834 -18.83 -40.01 -23.92
C THR B 834 -18.84 -38.60 -23.34
N LEU B 835 -20.02 -38.08 -23.01
CA LEU B 835 -20.11 -36.80 -22.31
C LEU B 835 -19.49 -36.90 -20.92
N ARG B 836 -19.50 -38.09 -20.33
CA ARG B 836 -18.76 -38.28 -19.08
C ARG B 836 -17.26 -38.29 -19.32
N LEU B 837 -16.82 -38.83 -20.45
CA LEU B 837 -15.39 -38.81 -20.78
C LEU B 837 -14.94 -37.40 -21.12
N ILE B 838 -15.80 -36.63 -21.78
CA ILE B 838 -15.49 -35.24 -22.08
C ILE B 838 -15.48 -34.42 -20.79
N HIS B 839 -16.36 -34.76 -19.84
CA HIS B 839 -16.35 -34.09 -18.55
C HIS B 839 -15.11 -34.45 -17.73
N ILE B 840 -14.61 -35.68 -17.89
CA ILE B 840 -13.39 -36.08 -17.19
C ILE B 840 -12.19 -35.36 -17.79
N PHE B 841 -12.18 -35.18 -19.11
CA PHE B 841 -11.09 -34.47 -19.76
C PHE B 841 -11.11 -32.98 -19.44
N THR B 842 -12.30 -32.39 -19.29
CA THR B 842 -12.36 -30.96 -19.08
C THR B 842 -12.12 -30.57 -17.62
N VAL B 843 -12.20 -31.53 -16.71
CA VAL B 843 -11.89 -31.20 -15.32
C VAL B 843 -10.43 -31.48 -15.04
N SER B 844 -9.88 -32.55 -15.61
CA SER B 844 -8.49 -32.91 -15.35
C SER B 844 -7.52 -31.96 -16.05
N ARG B 845 -7.92 -31.39 -17.18
CA ARG B 845 -7.09 -30.35 -17.77
C ARG B 845 -7.19 -29.05 -16.99
N ASN B 846 -8.40 -28.64 -16.63
CA ASN B 846 -8.61 -27.38 -15.91
C ASN B 846 -8.47 -27.54 -14.40
N LEU B 847 -7.89 -28.66 -13.94
CA LEU B 847 -7.35 -28.72 -12.58
C LEU B 847 -6.18 -27.77 -12.53
N GLY B 848 -6.31 -26.73 -11.73
CA GLY B 848 -5.50 -25.55 -11.85
C GLY B 848 -6.43 -24.39 -11.61
N PRO B 849 -5.96 -23.16 -11.81
CA PRO B 849 -6.78 -21.97 -11.46
C PRO B 849 -8.08 -21.83 -12.24
N LYS B 850 -8.29 -22.59 -13.30
CA LYS B 850 -9.51 -22.54 -14.08
C LYS B 850 -10.63 -23.40 -13.51
N ILE B 851 -10.39 -24.14 -12.42
CA ILE B 851 -11.44 -24.98 -11.85
C ILE B 851 -12.47 -24.15 -11.08
N ILE B 852 -12.16 -22.89 -10.79
CA ILE B 852 -13.15 -21.95 -10.26
C ILE B 852 -13.93 -21.31 -11.39
N MET B 853 -13.26 -21.01 -12.50
CA MET B 853 -13.95 -20.54 -13.70
C MET B 853 -14.87 -21.62 -14.23
N LEU B 854 -14.34 -22.83 -14.41
CA LEU B 854 -15.18 -24.01 -14.63
C LEU B 854 -16.01 -24.27 -13.37
N GLN B 855 -17.13 -24.98 -13.55
CA GLN B 855 -18.03 -25.51 -12.52
C GLN B 855 -18.83 -24.42 -11.80
N ARG B 856 -18.50 -23.16 -12.03
CA ARG B 856 -19.35 -22.02 -11.78
C ARG B 856 -19.96 -21.48 -13.06
N MET B 857 -19.17 -21.46 -14.13
CA MET B 857 -19.68 -21.27 -15.46
C MET B 857 -20.52 -22.45 -15.92
N MET B 858 -20.25 -23.65 -15.41
CA MET B 858 -21.01 -24.82 -15.81
C MET B 858 -22.40 -24.82 -15.20
N ILE B 859 -22.56 -24.25 -14.00
CA ILE B 859 -23.91 -24.11 -13.47
C ILE B 859 -24.58 -22.87 -14.02
N ASP B 860 -23.82 -21.95 -14.61
CA ASP B 860 -24.40 -20.76 -15.18
C ASP B 860 -25.01 -21.03 -16.54
N VAL B 861 -24.46 -21.99 -17.28
CA VAL B 861 -25.04 -22.36 -18.57
C VAL B 861 -26.21 -23.33 -18.35
N PHE B 862 -26.23 -24.07 -17.24
CA PHE B 862 -27.41 -24.87 -16.91
C PHE B 862 -28.61 -23.99 -16.59
N PHE B 863 -28.36 -22.78 -16.09
CA PHE B 863 -29.46 -21.85 -15.89
C PHE B 863 -29.89 -21.23 -17.20
N PHE B 864 -28.94 -20.95 -18.09
CA PHE B 864 -29.28 -20.34 -19.36
C PHE B 864 -29.99 -21.34 -20.27
N LEU B 865 -29.55 -22.59 -20.26
CA LEU B 865 -30.24 -23.62 -21.04
C LEU B 865 -31.60 -23.94 -20.44
N PHE B 866 -31.77 -23.73 -19.14
CA PHE B 866 -33.09 -23.86 -18.55
C PHE B 866 -34.01 -22.75 -19.02
N LEU B 867 -33.51 -21.51 -19.02
CA LEU B 867 -34.31 -20.38 -19.49
C LEU B 867 -34.50 -20.44 -21.01
N PHE B 868 -33.57 -21.05 -21.72
CA PHE B 868 -33.77 -21.27 -23.15
C PHE B 868 -34.84 -22.32 -23.39
N ALA B 869 -34.91 -23.33 -22.51
CA ALA B 869 -35.94 -24.35 -22.65
C ALA B 869 -37.30 -23.82 -22.25
N VAL B 870 -37.35 -22.89 -21.29
CA VAL B 870 -38.60 -22.25 -20.91
C VAL B 870 -39.12 -21.38 -22.04
N TRP B 871 -38.22 -20.68 -22.74
CA TRP B 871 -38.64 -19.91 -23.90
C TRP B 871 -39.01 -20.81 -25.07
N MET B 872 -38.35 -21.96 -25.19
CA MET B 872 -38.66 -22.87 -26.29
C MET B 872 -39.99 -23.56 -26.09
N VAL B 873 -40.44 -23.68 -24.84
CA VAL B 873 -41.78 -24.17 -24.56
C VAL B 873 -42.82 -23.11 -24.93
N ALA B 874 -42.55 -21.85 -24.55
CA ALA B 874 -43.48 -20.77 -24.84
C ALA B 874 -43.54 -20.45 -26.32
N PHE B 875 -42.44 -20.70 -27.03
CA PHE B 875 -42.47 -20.57 -28.49
C PHE B 875 -43.31 -21.67 -29.10
N GLY B 876 -43.44 -22.80 -28.42
CA GLY B 876 -44.28 -23.87 -28.95
C GLY B 876 -45.76 -23.59 -28.79
N VAL B 877 -46.14 -22.91 -27.70
CA VAL B 877 -47.54 -22.55 -27.52
C VAL B 877 -47.95 -21.49 -28.54
N ALA B 878 -47.04 -20.55 -28.83
CA ALA B 878 -47.31 -19.57 -29.86
C ALA B 878 -47.30 -20.20 -31.25
N ARG B 879 -46.52 -21.28 -31.43
CA ARG B 879 -46.51 -21.96 -32.72
C ARG B 879 -47.74 -22.82 -32.91
N GLN B 880 -48.03 -23.69 -31.95
CA GLN B 880 -49.18 -24.59 -32.07
C GLN B 880 -50.50 -23.87 -31.90
N GLY B 881 -50.52 -22.75 -31.16
CA GLY B 881 -51.76 -22.00 -31.03
C GLY B 881 -52.11 -21.20 -32.26
N ILE B 882 -51.13 -20.87 -33.09
CA ILE B 882 -51.40 -20.22 -34.37
C ILE B 882 -51.89 -21.24 -35.41
N LEU B 883 -51.32 -22.43 -35.42
CA LEU B 883 -51.71 -23.46 -36.36
C LEU B 883 -52.94 -24.20 -35.83
N ARG B 884 -53.29 -25.31 -36.47
CA ARG B 884 -54.47 -26.08 -36.08
C ARG B 884 -54.18 -26.92 -34.85
N GLU B 891 -53.24 -34.79 -25.09
CA GLU B 891 -52.05 -35.61 -24.95
C GLU B 891 -51.21 -35.55 -26.21
N TRP B 892 -51.84 -35.13 -27.31
CA TRP B 892 -51.08 -34.82 -28.52
C TRP B 892 -50.31 -33.52 -28.37
N ILE B 893 -50.74 -32.65 -27.45
CA ILE B 893 -50.12 -31.34 -27.33
C ILE B 893 -48.73 -31.44 -26.71
N PHE B 894 -48.54 -32.36 -25.75
CA PHE B 894 -47.23 -32.55 -25.14
C PHE B 894 -46.23 -33.12 -26.12
N ARG B 895 -46.70 -33.91 -27.09
CA ARG B 895 -45.86 -34.42 -28.15
C ARG B 895 -45.69 -33.45 -29.30
N SER B 896 -46.19 -32.23 -29.18
CA SER B 896 -46.05 -31.22 -30.22
C SER B 896 -45.62 -29.86 -29.71
N VAL B 897 -45.84 -29.53 -28.44
CA VAL B 897 -45.42 -28.25 -27.91
C VAL B 897 -43.98 -28.30 -27.38
N ILE B 898 -43.45 -29.49 -27.13
CA ILE B 898 -42.10 -29.63 -26.63
C ILE B 898 -41.12 -30.00 -27.75
N TYR B 899 -41.43 -31.01 -28.56
CA TYR B 899 -40.46 -31.57 -29.49
C TYR B 899 -40.29 -30.73 -30.75
N GLU B 900 -41.39 -30.39 -31.42
CA GLU B 900 -41.32 -29.60 -32.66
C GLU B 900 -40.66 -28.23 -32.59
N PRO B 901 -40.65 -27.47 -31.48
CA PRO B 901 -39.81 -26.26 -31.47
C PRO B 901 -38.32 -26.52 -31.62
N TYR B 902 -37.82 -27.64 -31.10
CA TYR B 902 -36.42 -27.98 -31.31
C TYR B 902 -36.17 -28.50 -32.72
N LEU B 903 -37.15 -29.24 -33.27
CA LEU B 903 -37.01 -29.73 -34.64
C LEU B 903 -37.16 -28.61 -35.66
N ALA B 904 -37.91 -27.55 -35.31
CA ALA B 904 -38.03 -26.41 -36.22
C ALA B 904 -36.74 -25.61 -36.31
N MET B 905 -35.89 -25.70 -35.28
CA MET B 905 -34.56 -25.11 -35.32
C MET B 905 -33.49 -26.14 -35.63
N PHE B 906 -33.88 -27.39 -35.92
CA PHE B 906 -32.95 -28.40 -36.40
C PHE B 906 -32.86 -28.35 -37.92
N PHE B 945 -52.24 -13.96 -42.64
CA PHE B 945 -51.20 -14.13 -41.63
C PHE B 945 -50.68 -12.78 -41.05
N PRO B 946 -50.08 -11.86 -41.87
CA PRO B 946 -49.60 -10.63 -41.20
C PRO B 946 -50.68 -9.56 -41.10
N GLU B 947 -51.48 -9.61 -40.03
CA GLU B 947 -52.55 -8.63 -39.81
C GLU B 947 -51.96 -7.23 -39.63
N TRP B 948 -51.32 -7.04 -38.49
CA TRP B 948 -50.23 -6.07 -38.35
C TRP B 948 -49.23 -6.62 -37.36
N ILE B 949 -49.25 -7.95 -37.13
CA ILE B 949 -48.66 -8.57 -35.95
C ILE B 949 -47.14 -8.54 -35.95
N THR B 950 -46.51 -8.15 -37.05
CA THR B 950 -45.05 -8.06 -37.06
C THR B 950 -44.60 -6.77 -36.37
N ILE B 951 -45.52 -5.83 -36.13
CA ILE B 951 -45.19 -4.67 -35.30
C ILE B 951 -44.82 -5.07 -33.87
N PRO B 952 -45.47 -6.07 -33.24
CA PRO B 952 -44.81 -6.69 -32.09
C PRO B 952 -44.03 -7.98 -32.32
N LEU B 953 -44.07 -8.65 -33.47
CA LEU B 953 -43.45 -9.97 -33.55
C LEU B 953 -41.94 -9.90 -33.64
N VAL B 954 -41.39 -8.85 -34.26
CA VAL B 954 -39.96 -8.68 -34.18
C VAL B 954 -39.58 -8.13 -32.81
N CYS B 955 -40.50 -7.42 -32.15
CA CYS B 955 -40.26 -6.98 -30.78
C CYS B 955 -40.43 -8.12 -29.79
N ILE B 956 -41.01 -9.24 -30.21
CA ILE B 956 -40.83 -10.49 -29.47
C ILE B 956 -39.37 -10.92 -29.56
N TYR B 957 -38.85 -10.99 -30.79
CA TYR B 957 -37.50 -11.45 -31.01
C TYR B 957 -36.47 -10.44 -30.54
N MET B 958 -36.84 -9.15 -30.50
CA MET B 958 -35.96 -8.17 -29.88
C MET B 958 -36.04 -8.23 -28.36
N LEU B 959 -37.03 -8.94 -27.82
CA LEU B 959 -37.09 -9.16 -26.38
C LEU B 959 -36.75 -10.60 -26.00
N SER B 960 -36.88 -11.54 -26.93
CA SER B 960 -36.42 -12.90 -26.68
C SER B 960 -34.90 -12.97 -26.61
N THR B 961 -34.25 -12.61 -27.71
CA THR B 961 -32.89 -12.09 -27.63
C THR B 961 -32.95 -10.80 -26.81
N ASN B 962 -31.91 -10.57 -25.99
CA ASN B 962 -31.73 -9.60 -24.90
C ASN B 962 -32.34 -10.09 -23.59
N ILE B 963 -32.93 -11.27 -23.54
CA ILE B 963 -33.09 -11.94 -22.26
C ILE B 963 -32.47 -13.33 -22.27
N LEU B 964 -32.28 -13.93 -23.45
CA LEU B 964 -31.46 -15.12 -23.55
C LEU B 964 -30.03 -14.80 -23.90
N LEU B 965 -29.81 -13.71 -24.65
CA LEU B 965 -28.46 -13.27 -24.93
C LEU B 965 -27.78 -12.78 -23.66
N VAL B 966 -28.50 -12.05 -22.82
CA VAL B 966 -27.92 -11.52 -21.59
C VAL B 966 -27.66 -12.64 -20.60
N ASN B 967 -28.56 -13.62 -20.53
CA ASN B 967 -28.34 -14.80 -19.70
C ASN B 967 -27.18 -15.64 -20.21
N LEU B 968 -26.93 -15.62 -21.52
CA LEU B 968 -25.74 -16.27 -22.05
C LEU B 968 -24.50 -15.49 -21.66
N LEU B 969 -24.55 -14.16 -21.75
CA LEU B 969 -23.38 -13.36 -21.44
C LEU B 969 -23.14 -13.28 -19.94
N VAL B 970 -24.18 -13.44 -19.11
CA VAL B 970 -23.98 -13.57 -17.68
C VAL B 970 -23.24 -14.87 -17.38
N ALA B 971 -23.51 -15.92 -18.15
CA ALA B 971 -22.85 -17.20 -17.95
C ALA B 971 -21.36 -17.13 -18.30
N MET B 972 -20.99 -16.33 -19.31
CA MET B 972 -19.59 -16.19 -19.66
C MET B 972 -18.81 -15.41 -18.62
N PHE B 973 -19.47 -14.44 -17.97
CA PHE B 973 -18.76 -13.46 -17.17
C PHE B 973 -19.07 -13.55 -15.68
N GLY B 974 -20.06 -14.34 -15.28
CA GLY B 974 -20.47 -14.37 -13.89
C GLY B 974 -19.50 -15.05 -12.95
N TYR B 975 -18.47 -15.70 -13.48
CA TYR B 975 -17.44 -16.27 -12.62
C TYR B 975 -16.52 -15.20 -12.07
N THR B 976 -16.45 -14.03 -12.73
CA THR B 976 -15.49 -13.00 -12.36
C THR B 976 -15.88 -12.32 -11.06
N VAL B 977 -17.14 -11.88 -10.96
CA VAL B 977 -17.61 -11.20 -9.76
C VAL B 977 -17.94 -12.25 -8.70
N GLY B 978 -17.50 -12.00 -7.46
CA GLY B 978 -17.76 -12.92 -6.37
C GLY B 978 -16.88 -14.15 -6.41
N ASN B 983 -7.59 -13.44 -3.21
CA ASN B 983 -7.70 -14.71 -2.50
C ASN B 983 -7.85 -15.90 -3.44
N ASN B 984 -7.86 -15.64 -4.75
CA ASN B 984 -8.24 -16.67 -5.72
C ASN B 984 -7.18 -17.74 -5.93
N ASP B 985 -6.02 -17.66 -5.26
CA ASP B 985 -5.18 -18.83 -5.17
C ASP B 985 -5.64 -19.74 -4.04
N GLN B 986 -6.12 -19.15 -2.94
CA GLN B 986 -6.68 -19.96 -1.86
C GLN B 986 -8.05 -20.51 -2.23
N VAL B 987 -8.81 -19.77 -3.03
CA VAL B 987 -10.13 -20.25 -3.46
C VAL B 987 -9.95 -21.42 -4.41
N TRP B 988 -8.91 -21.37 -5.26
CA TRP B 988 -8.59 -22.53 -6.09
C TRP B 988 -8.06 -23.69 -5.26
N LYS B 989 -7.00 -23.46 -4.48
CA LYS B 989 -6.25 -24.56 -3.86
C LYS B 989 -7.09 -25.35 -2.87
N PHE B 990 -8.16 -24.75 -2.35
CA PHE B 990 -9.14 -25.52 -1.60
C PHE B 990 -9.92 -26.47 -2.50
N GLN B 991 -10.28 -26.04 -3.71
CA GLN B 991 -11.09 -26.89 -4.58
C GLN B 991 -10.24 -27.95 -5.28
N ARG B 992 -8.99 -27.61 -5.62
CA ARG B 992 -8.07 -28.62 -6.13
C ARG B 992 -7.80 -29.69 -5.08
N PHE B 993 -7.69 -29.27 -3.82
CA PHE B 993 -7.57 -30.24 -2.74
C PHE B 993 -8.85 -31.00 -2.54
N PHE B 994 -10.00 -30.35 -2.79
CA PHE B 994 -11.27 -30.99 -2.53
C PHE B 994 -11.53 -32.13 -3.49
N LEU B 995 -11.32 -31.90 -4.79
CA LEU B 995 -11.67 -32.87 -5.81
C LEU B 995 -10.71 -34.06 -5.83
N VAL B 996 -9.42 -33.80 -5.61
CA VAL B 996 -8.43 -34.87 -5.62
C VAL B 996 -8.61 -35.76 -4.39
N GLN B 997 -9.09 -35.19 -3.28
CA GLN B 997 -9.30 -35.96 -2.07
C GLN B 997 -10.41 -37.00 -2.20
N GLU B 998 -11.46 -36.74 -2.99
CA GLU B 998 -12.49 -37.76 -3.11
C GLU B 998 -12.03 -38.94 -3.96
N TYR B 999 -11.21 -38.70 -4.98
CA TYR B 999 -10.73 -39.81 -5.78
C TYR B 999 -9.69 -40.64 -5.02
N CYS B 1000 -8.89 -39.98 -4.19
CA CYS B 1000 -8.00 -40.74 -3.32
C CYS B 1000 -8.79 -41.49 -2.26
N SER B 1001 -10.00 -41.04 -1.95
CA SER B 1001 -10.95 -41.80 -1.15
C SER B 1001 -11.76 -42.79 -1.98
N ARG B 1002 -11.69 -42.72 -3.30
CA ARG B 1002 -12.53 -43.56 -4.17
C ARG B 1002 -11.82 -44.84 -4.59
N LEU B 1003 -11.39 -45.63 -3.60
CA LEU B 1003 -11.04 -47.05 -3.74
C LEU B 1003 -9.94 -47.26 -4.80
N THR B 1004 -8.73 -46.84 -4.44
CA THR B 1004 -7.64 -46.79 -5.41
C THR B 1004 -7.16 -48.17 -5.83
N ILE B 1005 -7.99 -48.84 -6.62
CA ILE B 1005 -7.72 -50.15 -7.23
C ILE B 1005 -8.24 -50.12 -8.67
N PRO B 1006 -7.57 -50.84 -9.57
CA PRO B 1006 -7.96 -50.83 -10.99
C PRO B 1006 -9.43 -51.24 -11.17
N PHE B 1007 -10.08 -50.62 -12.14
CA PHE B 1007 -11.52 -50.82 -12.37
C PHE B 1007 -12.03 -52.23 -12.68
N PRO B 1008 -11.38 -52.98 -13.57
CA PRO B 1008 -12.05 -54.29 -13.65
C PRO B 1008 -11.84 -55.17 -12.43
N PHE B 1009 -10.86 -54.84 -11.58
CA PHE B 1009 -10.60 -55.56 -10.35
C PHE B 1009 -11.12 -54.82 -9.13
N VAL B 1010 -12.13 -53.98 -9.31
CA VAL B 1010 -12.80 -53.32 -8.20
C VAL B 1010 -13.78 -54.27 -7.50
N ILE B 1011 -14.44 -55.14 -8.27
CA ILE B 1011 -15.34 -56.15 -7.70
C ILE B 1011 -14.59 -57.15 -6.84
N PHE B 1012 -13.32 -57.41 -7.13
CA PHE B 1012 -12.53 -58.30 -6.29
C PHE B 1012 -12.15 -57.66 -4.96
N ALA B 1013 -12.41 -56.36 -4.79
CA ALA B 1013 -12.32 -55.70 -3.50
C ALA B 1013 -13.68 -55.34 -2.92
N TYR B 1014 -14.72 -55.26 -3.76
CA TYR B 1014 -16.04 -54.91 -3.25
C TYR B 1014 -16.72 -56.11 -2.60
N ILE B 1015 -16.70 -57.27 -3.27
CA ILE B 1015 -17.35 -58.44 -2.66
C ILE B 1015 -16.45 -59.05 -1.60
N PHE B 1016 -15.15 -58.72 -1.62
CA PHE B 1016 -14.26 -59.21 -0.57
C PHE B 1016 -14.44 -58.41 0.72
N MET B 1017 -14.98 -57.19 0.61
CA MET B 1017 -15.36 -56.45 1.81
C MET B 1017 -16.59 -57.07 2.46
N VAL B 1018 -17.50 -57.61 1.67
CA VAL B 1018 -18.70 -58.27 2.20
C VAL B 1018 -18.35 -59.66 2.68
N ASN B 1044 1.27 -41.13 21.51
CA ASN B 1044 1.09 -39.70 21.35
C ASN B 1044 2.41 -38.94 21.42
N GLU B 1045 3.38 -39.39 20.64
CA GLU B 1045 4.66 -38.68 20.57
C GLU B 1045 4.66 -37.56 19.56
N ILE B 1046 3.67 -37.54 18.65
CA ILE B 1046 3.54 -36.42 17.74
C ILE B 1046 2.94 -35.21 18.45
N LEU B 1047 2.09 -35.46 19.45
CA LEU B 1047 1.55 -34.37 20.24
C LEU B 1047 2.63 -33.75 21.12
N ALA B 1048 3.56 -34.58 21.59
CA ALA B 1048 4.73 -34.04 22.25
C ALA B 1048 5.62 -33.27 21.29
N TRP B 1049 5.70 -33.73 20.04
CA TRP B 1049 6.49 -33.00 19.05
C TRP B 1049 5.79 -31.72 18.62
N GLU B 1050 4.46 -31.75 18.50
CA GLU B 1050 3.72 -30.54 18.18
C GLU B 1050 3.76 -29.53 19.32
N ALA B 1051 3.91 -30.00 20.56
CA ALA B 1051 3.99 -29.09 21.69
C ALA B 1051 5.28 -28.29 21.67
N VAL B 1052 6.38 -28.90 21.20
CA VAL B 1052 7.62 -28.15 21.17
C VAL B 1052 7.67 -27.26 19.93
N MET B 1053 6.83 -27.54 18.93
CA MET B 1053 6.73 -26.65 17.78
C MET B 1053 5.84 -25.47 18.10
N LYS B 1054 4.95 -25.62 19.08
CA LYS B 1054 4.14 -24.49 19.53
C LYS B 1054 4.99 -23.47 20.26
N GLU B 1055 5.91 -23.93 21.11
CA GLU B 1055 6.75 -23.02 21.87
C GLU B 1055 7.69 -22.24 20.97
N ASN B 1056 8.18 -22.88 19.91
CA ASN B 1056 8.99 -22.15 18.93
C ASN B 1056 8.14 -21.19 18.13
N TYR B 1057 6.85 -21.50 17.96
CA TYR B 1057 5.96 -20.60 17.23
C TYR B 1057 5.56 -19.43 18.11
N LEU B 1058 5.33 -19.67 19.41
CA LEU B 1058 4.90 -18.61 20.30
C LEU B 1058 6.01 -17.60 20.56
N VAL B 1059 7.25 -18.04 20.51
CA VAL B 1059 8.38 -17.11 20.61
C VAL B 1059 8.45 -16.23 19.36
N LYS B 1060 8.22 -16.82 18.19
CA LYS B 1060 8.31 -16.09 16.93
C LYS B 1060 7.19 -15.07 16.76
N ILE B 1061 6.09 -15.19 17.51
CA ILE B 1061 5.12 -14.11 17.56
C ILE B 1061 5.69 -12.92 18.32
N ASN B 1062 6.20 -13.17 19.52
CA ASN B 1062 6.57 -12.09 20.42
C ASN B 1062 7.87 -11.43 20.00
N THR B 1063 8.81 -12.19 19.41
CA THR B 1063 10.04 -11.58 18.92
C THR B 1063 9.79 -10.79 17.63
N LYS B 1064 8.65 -11.03 16.97
CA LYS B 1064 8.27 -10.21 15.84
C LYS B 1064 7.46 -9.00 16.28
N ALA B 1065 6.96 -9.00 17.53
CA ALA B 1065 6.35 -7.81 18.10
C ALA B 1065 7.41 -6.92 18.75
N ASN B 1066 8.49 -6.66 18.01
CA ASN B 1066 9.49 -5.67 18.36
C ASN B 1066 9.38 -4.42 17.50
N ASP B 1067 8.70 -4.53 16.36
CA ASP B 1067 8.27 -3.35 15.63
C ASP B 1067 7.14 -2.64 16.37
N SER B 1068 6.38 -3.37 17.18
CA SER B 1068 5.46 -2.74 18.13
C SER B 1068 6.22 -2.12 19.29
N SER B 1069 7.33 -2.73 19.68
CA SER B 1069 8.22 -2.16 20.69
C SER B 1069 9.30 -1.25 20.08
N GLU B 1070 9.26 -1.04 18.76
CA GLU B 1070 10.14 -0.08 18.12
C GLU B 1070 9.79 1.35 18.53
N GLU B 1071 8.53 1.57 18.92
CA GLU B 1071 8.04 2.89 19.29
C GLU B 1071 8.71 3.40 20.55
N MET B 1072 8.40 4.66 20.88
CA MET B 1072 8.99 5.36 22.02
C MET B 1072 8.19 5.12 23.30
N VAL B 1073 7.54 3.97 23.42
CA VAL B 1073 6.79 3.66 24.63
C VAL B 1073 7.71 3.45 25.82
N HIS B 1074 8.59 2.45 25.73
CA HIS B 1074 9.60 2.26 26.76
C HIS B 1074 10.82 3.16 26.54
N ARG B 1075 11.00 3.65 25.32
CA ARG B 1075 12.19 4.43 24.99
C ARG B 1075 12.11 5.89 25.41
N PHE B 1076 10.95 6.35 25.88
CA PHE B 1076 10.79 7.78 26.14
C PHE B 1076 11.50 8.20 27.42
N ARG B 1077 11.12 7.62 28.56
CA ARG B 1077 11.71 8.00 29.83
C ARG B 1077 12.72 6.97 30.33
N GLN B 1078 13.25 6.15 29.44
CA GLN B 1078 14.44 5.38 29.77
C GLN B 1078 15.66 6.30 29.92
N LEU B 1079 15.72 7.36 29.13
CA LEU B 1079 16.76 8.36 29.27
C LEU B 1079 16.33 9.53 30.16
N ASP B 1080 15.03 9.71 30.40
CA ASP B 1080 14.63 10.64 31.44
C ASP B 1080 14.88 10.04 32.81
N ALA B 1081 14.90 8.72 32.89
CA ALA B 1081 15.50 8.06 34.05
C ALA B 1081 16.98 8.37 34.15
N LYS B 1082 17.67 8.51 33.01
CA LYS B 1082 19.11 8.77 33.05
C LYS B 1082 19.42 10.21 33.46
N LEU B 1083 18.51 11.14 33.19
CA LEU B 1083 18.72 12.50 33.67
C LEU B 1083 18.11 12.71 35.06
N SER B 1084 17.20 11.81 35.47
CA SER B 1084 16.80 11.81 36.87
C SER B 1084 17.90 11.25 37.75
N ASP B 1085 18.75 10.38 37.20
CA ASP B 1085 20.00 10.03 37.87
C ASP B 1085 20.91 11.24 37.94
N LEU B 1086 20.90 12.08 36.90
CA LEU B 1086 21.60 13.36 36.98
C LEU B 1086 20.93 14.29 37.97
N LYS B 1087 19.59 14.24 38.06
CA LYS B 1087 18.88 14.91 39.14
C LYS B 1087 19.22 14.29 40.49
N GLY B 1088 19.41 12.97 40.51
CA GLY B 1088 19.75 12.26 41.74
C GLY B 1088 21.17 12.51 42.24
N LEU B 1089 22.07 12.93 41.35
CA LEU B 1089 23.40 13.35 41.76
C LEU B 1089 23.51 14.86 41.87
N LEU B 1090 22.54 15.59 41.31
CA LEU B 1090 22.40 17.02 41.59
C LEU B 1090 21.69 17.25 42.93
N LYS B 1091 21.14 16.18 43.53
CA LYS B 1091 20.78 16.18 44.95
C LYS B 1091 22.00 16.51 45.81
N GLU B 1092 23.16 15.99 45.41
CA GLU B 1092 24.39 16.07 46.18
C GLU B 1092 25.02 17.44 46.14
N ILE B 1093 24.68 18.27 45.15
CA ILE B 1093 25.46 19.47 44.90
C ILE B 1093 24.99 20.60 45.82
N SER B 1094 23.70 20.95 45.75
CA SER B 1094 23.12 21.96 46.62
C SER B 1094 22.92 21.49 48.05
N SER B 1095 23.32 20.27 48.39
CA SER B 1095 23.27 19.81 49.77
C SER B 1095 24.27 20.54 50.65
N LYS B 1096 25.36 21.02 50.07
CA LYS B 1096 26.43 21.63 50.86
C LYS B 1096 26.92 22.98 50.35
N ILE B 1097 26.39 23.49 49.24
CA ILE B 1097 26.76 24.85 48.85
C ILE B 1097 26.02 25.86 49.72
N LYS B 1098 24.77 25.58 50.07
CA LYS B 1098 24.03 26.43 51.00
C LYS B 1098 24.55 26.28 52.41
N ASP C 100 -1.55 62.06 -7.53
CA ASP C 100 -1.27 60.89 -8.36
C ASP C 100 0.16 60.81 -8.86
N ILE C 101 0.82 59.70 -8.54
CA ILE C 101 2.08 59.32 -9.16
C ILE C 101 1.77 58.16 -10.10
N GLN C 102 2.58 58.03 -11.15
CA GLN C 102 2.44 56.94 -12.10
C GLN C 102 3.82 56.38 -12.42
N PHE C 103 3.99 55.08 -12.21
CA PHE C 103 5.27 54.42 -12.49
C PHE C 103 5.27 53.77 -13.86
N GLY C 110 -1.54 55.17 -7.25
CA GLY C 110 -0.51 55.64 -6.34
C GLY C 110 -0.62 57.12 -6.05
N LYS C 111 -0.43 57.49 -4.79
CA LYS C 111 -0.51 58.89 -4.39
C LYS C 111 0.82 59.39 -3.84
N TYR C 112 0.90 60.71 -3.69
CA TYR C 112 2.09 61.38 -3.22
C TYR C 112 1.68 62.62 -2.44
N ILE C 113 2.41 62.90 -1.36
CA ILE C 113 2.30 64.18 -0.64
C ILE C 113 3.71 64.57 -0.20
N ARG C 114 4.15 65.77 -0.59
CA ARG C 114 5.39 66.34 -0.12
C ARG C 114 5.23 66.82 1.32
N LEU C 115 6.22 66.54 2.16
CA LEU C 115 6.18 67.03 3.53
C LEU C 115 7.59 67.24 4.05
N SER C 116 7.76 68.31 4.84
CA SER C 116 8.91 68.43 5.73
C SER C 116 8.58 67.69 7.02
N CYS C 117 9.47 67.70 8.00
CA CYS C 117 9.31 66.83 9.15
C CYS C 117 8.31 67.38 10.17
N ASP C 118 8.26 68.69 10.32
CA ASP C 118 7.32 69.32 11.26
C ASP C 118 6.04 69.65 10.48
N THR C 119 5.11 68.70 10.45
CA THR C 119 4.05 68.75 9.45
C THR C 119 2.81 69.51 9.89
N ASP C 120 2.09 69.00 10.88
CA ASP C 120 0.74 69.46 11.20
C ASP C 120 0.30 68.88 12.52
N SER C 121 -0.99 69.03 12.81
CA SER C 121 -1.63 68.48 14.01
C SER C 121 -2.69 67.48 13.55
N GLU C 122 -2.26 66.23 13.34
CA GLU C 122 -3.04 64.99 13.20
C GLU C 122 -4.07 64.95 12.08
N THR C 123 -4.21 66.01 11.28
CA THR C 123 -5.13 65.92 10.15
C THR C 123 -4.48 65.25 8.95
N LEU C 124 -3.19 64.93 9.05
CA LEU C 124 -2.56 63.99 8.12
C LEU C 124 -3.28 62.64 8.13
N TYR C 125 -3.66 62.16 9.31
CA TYR C 125 -4.52 60.98 9.38
C TYR C 125 -5.91 61.29 8.85
N ASP C 126 -6.42 62.49 9.12
CA ASP C 126 -7.73 62.86 8.61
C ASP C 126 -7.69 63.16 7.12
N LEU C 127 -6.51 63.44 6.58
CA LEU C 127 -6.33 63.40 5.14
C LEU C 127 -6.54 61.99 4.60
N MET C 128 -5.99 61.00 5.32
CA MET C 128 -6.03 59.61 4.89
C MET C 128 -7.42 58.98 5.02
N THR C 129 -8.36 59.59 5.72
CA THR C 129 -9.63 58.94 5.96
C THR C 129 -10.85 59.73 5.49
N GLN C 130 -10.69 61.02 5.19
CA GLN C 130 -11.84 61.81 4.75
C GLN C 130 -11.85 62.01 3.24
N HIS C 131 -10.73 62.46 2.68
CA HIS C 131 -10.58 62.55 1.24
C HIS C 131 -10.10 61.26 0.61
N TRP C 132 -9.84 60.23 1.42
CA TRP C 132 -9.07 59.07 1.03
C TRP C 132 -9.77 57.83 1.62
N HIS C 133 -9.00 56.75 1.76
CA HIS C 133 -9.50 55.41 2.02
C HIS C 133 -10.07 55.24 3.44
N LEU C 134 -10.40 54.00 3.77
CA LEU C 134 -11.08 53.60 4.99
C LEU C 134 -10.10 53.56 6.17
N LYS C 135 -10.64 53.50 7.38
CA LYS C 135 -9.86 53.43 8.61
C LYS C 135 -9.37 51.99 8.85
N THR C 136 -8.83 51.75 10.03
CA THR C 136 -8.04 50.55 10.30
C THR C 136 -8.49 49.75 11.52
N PRO C 137 -8.74 48.45 11.37
CA PRO C 137 -8.77 47.58 12.56
C PRO C 137 -7.39 47.06 12.96
N ASN C 138 -6.34 47.36 12.19
CA ASN C 138 -4.99 46.92 12.51
C ASN C 138 -4.03 47.84 11.76
N LEU C 139 -2.77 47.88 12.22
CA LEU C 139 -1.77 48.72 11.54
C LEU C 139 -0.39 48.14 11.85
N VAL C 140 0.16 47.42 10.91
CA VAL C 140 1.51 46.86 11.02
C VAL C 140 2.48 47.90 10.48
N ILE C 141 3.67 48.02 11.07
CA ILE C 141 4.74 48.84 10.52
C ILE C 141 5.93 47.92 10.29
N SER C 142 6.68 48.17 9.22
CA SER C 142 7.85 47.36 8.92
C SER C 142 9.11 48.21 8.96
N VAL C 143 10.16 47.64 9.53
CA VAL C 143 11.44 48.35 9.69
C VAL C 143 12.56 47.47 9.16
N THR C 144 13.19 47.91 8.08
CA THR C 144 14.42 47.28 7.60
C THR C 144 15.48 48.28 7.17
N GLY C 145 15.16 49.56 7.06
CA GLY C 145 16.10 50.55 6.57
C GLY C 145 16.31 50.46 5.07
N GLY C 146 17.16 51.33 4.52
CA GLY C 146 17.43 51.30 3.10
C GLY C 146 18.49 50.28 2.70
N ALA C 147 18.39 49.08 3.22
CA ALA C 147 19.34 48.02 2.91
C ALA C 147 19.05 47.50 1.50
N LYS C 148 20.00 47.74 0.59
CA LYS C 148 19.85 47.25 -0.78
C LYS C 148 19.99 45.75 -0.86
N ASN C 149 20.58 45.12 0.14
CA ASN C 149 20.73 43.68 0.21
C ASN C 149 19.68 43.11 1.15
N PHE C 150 19.03 42.04 0.74
CA PHE C 150 18.06 41.37 1.59
C PHE C 150 18.08 39.90 1.23
N ALA C 151 18.48 39.06 2.19
CA ALA C 151 18.48 37.63 1.98
C ALA C 151 17.04 37.13 1.96
N LEU C 152 16.42 37.17 0.77
CA LEU C 152 15.03 36.78 0.61
C LEU C 152 14.96 35.25 0.59
N LYS C 153 15.01 34.67 1.77
CA LYS C 153 14.82 33.25 1.93
C LYS C 153 13.37 32.88 1.64
N PRO C 154 13.11 31.62 1.27
CA PRO C 154 11.71 31.18 1.19
C PRO C 154 11.00 31.20 2.52
N ARG C 155 11.72 31.11 3.64
CA ARG C 155 11.10 31.35 4.94
C ARG C 155 10.70 32.81 5.09
N MET C 156 11.57 33.74 4.72
CA MET C 156 11.24 35.16 4.74
C MET C 156 10.14 35.48 3.72
N ARG C 157 10.06 34.69 2.65
CA ARG C 157 8.97 34.88 1.69
C ARG C 157 7.63 34.48 2.30
N LYS C 158 7.61 33.47 3.16
CA LYS C 158 6.35 33.07 3.78
C LYS C 158 5.94 34.05 4.87
N ILE C 159 6.89 34.55 5.65
CA ILE C 159 6.57 35.42 6.78
C ILE C 159 6.03 36.76 6.30
N PHE C 160 6.56 37.29 5.20
CA PHE C 160 6.06 38.54 4.67
C PHE C 160 5.07 38.37 3.53
N SER C 161 4.60 37.15 3.27
CA SER C 161 3.40 37.00 2.47
C SER C 161 2.19 36.72 3.36
N ARG C 162 2.41 36.03 4.48
CA ARG C 162 1.35 35.88 5.47
C ARG C 162 1.01 37.22 6.11
N LEU C 163 2.01 38.10 6.23
CA LEU C 163 1.80 39.41 6.85
C LEU C 163 0.90 40.28 6.00
N ILE C 164 1.08 40.24 4.67
CA ILE C 164 0.19 40.99 3.79
C ILE C 164 -1.16 40.29 3.73
N TYR C 165 -1.18 38.97 3.88
CA TYR C 165 -2.43 38.23 3.90
C TYR C 165 -3.22 38.53 5.17
N ILE C 166 -2.52 38.67 6.29
CA ILE C 166 -3.16 39.08 7.54
C ILE C 166 -3.65 40.51 7.44
N ALA C 167 -2.92 41.36 6.72
CA ALA C 167 -3.27 42.78 6.63
C ALA C 167 -4.52 43.00 5.80
N GLN C 168 -4.81 42.09 4.86
CA GLN C 168 -6.08 42.19 4.16
C GLN C 168 -7.17 41.40 4.86
N SER C 169 -6.79 40.37 5.63
CA SER C 169 -7.77 39.65 6.43
C SER C 169 -8.34 40.52 7.54
N LYS C 170 -7.60 41.56 7.95
CA LYS C 170 -8.05 42.49 8.97
C LYS C 170 -8.33 43.88 8.45
N GLY C 171 -7.73 44.28 7.33
CA GLY C 171 -7.96 45.59 6.77
C GLY C 171 -6.97 46.63 7.28
N ALA C 172 -5.69 46.31 7.23
CA ALA C 172 -4.66 47.09 7.88
C ALA C 172 -3.94 48.03 6.92
N TRP C 173 -3.26 49.02 7.49
CA TRP C 173 -2.23 49.77 6.80
C TRP C 173 -0.88 49.18 7.13
N ILE C 174 0.06 49.34 6.20
CA ILE C 174 1.43 48.87 6.39
C ILE C 174 2.36 50.05 6.16
N PHE C 175 3.05 50.47 7.21
CA PHE C 175 3.98 51.59 7.11
C PHE C 175 5.37 51.04 6.85
N THR C 176 5.93 51.40 5.70
CA THR C 176 7.26 50.94 5.32
C THR C 176 7.98 52.15 4.75
N GLY C 177 9.30 52.07 4.68
CA GLY C 177 10.03 53.00 3.84
C GLY C 177 9.67 52.74 2.41
N GLY C 178 9.27 53.77 1.67
CA GLY C 178 8.75 53.54 0.34
C GLY C 178 9.78 53.49 -0.77
N THR C 179 10.87 52.77 -0.56
CA THR C 179 11.94 52.69 -1.53
C THR C 179 12.05 51.29 -2.11
N HIS C 180 12.77 51.18 -3.23
CA HIS C 180 12.74 49.99 -4.08
C HIS C 180 13.92 49.08 -3.78
N TYR C 181 14.03 48.64 -2.51
CA TYR C 181 15.20 47.90 -2.08
C TYR C 181 14.84 46.74 -1.16
N GLY C 182 14.98 45.52 -1.68
CA GLY C 182 14.98 44.36 -0.81
C GLY C 182 13.62 44.03 -0.26
N LEU C 183 13.48 44.20 1.07
CA LEU C 183 12.21 43.88 1.74
C LEU C 183 11.11 44.84 1.33
N MET C 184 11.35 46.15 1.46
CA MET C 184 10.34 47.14 1.10
C MET C 184 10.05 47.17 -0.40
N LYS C 185 10.92 46.60 -1.23
CA LYS C 185 10.54 46.29 -2.59
C LYS C 185 9.69 45.03 -2.65
N TYR C 186 10.05 44.01 -1.85
CA TYR C 186 9.28 42.76 -1.84
C TYR C 186 7.93 42.95 -1.18
N ILE C 187 7.87 43.79 -0.13
CA ILE C 187 6.61 44.11 0.54
C ILE C 187 5.63 44.75 -0.44
N GLY C 188 6.13 45.61 -1.33
CA GLY C 188 5.30 46.15 -2.38
C GLY C 188 4.82 45.10 -3.35
N GLU C 189 5.69 44.13 -3.68
CA GLU C 189 5.31 43.13 -4.66
C GLU C 189 4.25 42.17 -4.12
N VAL C 190 4.29 41.83 -2.83
CA VAL C 190 3.23 41.01 -2.28
C VAL C 190 1.92 41.79 -2.19
N VAL C 191 2.01 43.12 -2.06
CA VAL C 191 0.81 43.95 -2.07
C VAL C 191 0.15 43.93 -3.45
N ARG C 192 0.95 44.05 -4.51
CA ARG C 192 0.34 43.95 -5.84
C ARG C 192 0.05 42.50 -6.20
N ASP C 193 0.71 41.54 -5.55
CA ASP C 193 0.30 40.15 -5.70
C ASP C 193 -1.05 39.92 -5.04
N ASN C 194 -1.30 40.59 -3.92
CA ASN C 194 -2.55 40.42 -3.20
C ASN C 194 -3.71 41.09 -3.92
N THR C 195 -3.46 42.23 -4.56
CA THR C 195 -4.53 42.88 -5.32
C THR C 195 -4.81 42.16 -6.62
N ILE C 196 -3.84 41.40 -7.13
CA ILE C 196 -4.06 40.59 -8.31
C ILE C 196 -4.79 39.31 -7.96
N SER C 197 -4.35 38.65 -6.89
CA SER C 197 -5.01 37.43 -6.42
C SER C 197 -6.40 37.73 -5.85
N ARG C 198 -6.59 38.95 -5.34
CA ARG C 198 -7.88 39.46 -4.84
C ARG C 198 -8.43 38.59 -3.70
N SER C 199 -7.69 38.56 -2.60
CA SER C 199 -8.12 37.81 -1.43
C SER C 199 -9.08 38.64 -0.57
N ASN C 203 -9.35 46.49 0.44
CA ASN C 203 -8.06 45.91 0.06
C ASN C 203 -6.98 46.22 1.08
N VAL C 204 -5.72 46.08 0.67
CA VAL C 204 -4.57 46.32 1.53
C VAL C 204 -3.95 47.65 1.14
N VAL C 205 -3.48 48.39 2.14
CA VAL C 205 -2.89 49.71 1.96
C VAL C 205 -1.46 49.64 2.45
N ALA C 206 -0.51 49.93 1.56
CA ALA C 206 0.91 49.92 1.89
C ALA C 206 1.42 51.34 1.77
N ILE C 207 1.36 52.09 2.86
CA ILE C 207 1.79 53.49 2.85
C ILE C 207 3.29 53.55 3.04
N GLY C 208 3.97 54.21 2.09
CA GLY C 208 5.40 54.36 2.12
C GLY C 208 5.81 55.68 2.77
N ILE C 209 6.84 55.63 3.59
CA ILE C 209 7.36 56.80 4.30
C ILE C 209 8.80 57.02 3.85
N ALA C 210 9.02 58.04 3.05
CA ALA C 210 10.34 58.33 2.51
C ALA C 210 10.77 59.73 2.93
N ALA C 211 12.02 60.05 2.63
CA ALA C 211 12.64 61.25 3.18
C ALA C 211 12.27 62.52 2.45
N TRP C 212 12.10 62.45 1.12
CA TRP C 212 11.99 63.49 0.08
C TRP C 212 13.36 64.12 -0.21
N GLY C 213 14.37 63.88 0.62
CA GLY C 213 15.70 64.39 0.36
C GLY C 213 16.62 63.30 -0.15
N MET C 214 16.17 62.05 -0.05
CA MET C 214 16.99 60.91 -0.43
C MET C 214 16.54 60.25 -1.73
N ILE C 215 15.47 60.74 -2.34
CA ILE C 215 14.97 60.11 -3.56
C ILE C 215 15.81 60.53 -4.75
N SER C 216 15.63 59.82 -5.87
CA SER C 216 16.49 60.03 -7.03
C SER C 216 16.02 61.19 -7.90
N ASN C 217 14.78 61.13 -8.38
CA ASN C 217 14.24 62.12 -9.31
C ASN C 217 13.06 62.82 -8.66
N ARG C 218 12.66 63.94 -9.25
CA ARG C 218 11.57 64.73 -8.70
C ARG C 218 10.70 65.29 -9.83
N GLU C 219 9.38 65.20 -9.64
CA GLU C 219 8.41 65.79 -10.54
C GLU C 219 7.29 66.37 -9.71
N THR C 220 7.10 67.69 -9.78
CA THR C 220 6.18 68.40 -8.91
C THR C 220 4.97 68.91 -9.69
N LEU C 221 3.79 68.66 -9.16
CA LEU C 221 2.55 69.23 -9.71
C LEU C 221 1.51 69.39 -8.61
N LEU C 232 -1.31 63.19 -12.96
CA LEU C 232 -0.56 61.94 -12.96
C LEU C 232 0.92 62.19 -13.24
N ALA C 233 1.73 62.21 -12.18
CA ALA C 233 3.15 62.47 -12.30
C ALA C 233 3.86 61.21 -12.78
N ARG C 234 4.94 61.40 -13.53
CA ARG C 234 5.70 60.27 -14.04
C ARG C 234 6.99 60.11 -13.24
N TYR C 235 7.32 58.86 -12.91
CA TYR C 235 8.55 58.54 -12.20
C TYR C 235 9.37 57.58 -13.05
N ILE C 236 10.69 57.74 -13.01
CA ILE C 236 11.60 56.96 -13.85
C ILE C 236 12.39 56.03 -12.93
N MET C 237 12.14 54.74 -13.08
CA MET C 237 12.90 53.69 -12.39
C MET C 237 14.06 53.28 -13.30
N ASP C 238 15.10 54.11 -13.32
CA ASP C 238 16.07 54.04 -14.41
C ASP C 238 17.01 52.83 -14.28
N ASP C 239 17.85 52.82 -13.25
CA ASP C 239 18.68 51.69 -12.82
C ASP C 239 19.29 52.05 -11.47
N LEU C 240 19.60 51.01 -10.70
CA LEU C 240 20.02 51.16 -9.31
C LEU C 240 21.53 50.94 -9.19
N LYS C 241 22.24 52.01 -9.49
CA LYS C 241 23.70 52.01 -9.57
C LYS C 241 24.33 52.32 -8.21
N ARG C 242 25.60 52.70 -8.22
CA ARG C 242 26.51 53.16 -7.16
C ARG C 242 26.18 54.51 -6.62
N ASP C 243 25.16 55.22 -7.09
CA ASP C 243 24.80 56.50 -6.50
C ASP C 243 24.06 56.24 -5.19
N PRO C 244 24.48 56.85 -4.08
CA PRO C 244 23.84 56.54 -2.78
C PRO C 244 22.43 57.07 -2.61
N LEU C 245 21.91 57.87 -3.55
CA LEU C 245 20.53 58.31 -3.46
C LEU C 245 19.59 57.11 -3.70
N TYR C 246 18.38 57.22 -3.19
CA TYR C 246 17.45 56.08 -3.11
C TYR C 246 16.44 56.14 -4.24
N CYS C 247 16.01 54.97 -4.71
CA CYS C 247 14.98 54.85 -5.74
C CYS C 247 13.65 54.55 -5.08
N LEU C 248 12.61 55.30 -5.45
CA LEU C 248 11.29 55.12 -4.89
C LEU C 248 10.68 53.80 -5.36
N ASP C 249 9.78 53.24 -4.56
CA ASP C 249 9.18 51.96 -4.91
C ASP C 249 7.86 52.17 -5.65
N ASN C 250 7.58 51.25 -6.57
CA ASN C 250 6.50 51.41 -7.53
C ASN C 250 5.19 50.77 -7.10
N ASN C 251 5.19 49.94 -6.08
CA ASN C 251 4.02 49.14 -5.75
C ASN C 251 3.36 49.53 -4.44
N HIS C 252 3.76 50.63 -3.84
CA HIS C 252 3.11 51.13 -2.64
C HIS C 252 1.90 51.97 -3.04
N THR C 253 0.79 51.77 -2.33
CA THR C 253 -0.45 52.42 -2.71
C THR C 253 -0.43 53.90 -2.40
N HIS C 254 0.23 54.29 -1.31
CA HIS C 254 0.40 55.69 -0.96
C HIS C 254 1.85 55.91 -0.54
N LEU C 255 2.32 57.13 -0.76
CA LEU C 255 3.70 57.48 -0.45
C LEU C 255 3.73 58.86 0.19
N LEU C 256 4.39 58.95 1.34
CA LEU C 256 4.60 60.22 2.03
C LEU C 256 6.07 60.53 2.00
N LEU C 257 6.42 61.71 1.49
CA LEU C 257 7.81 62.07 1.32
C LEU C 257 8.12 63.35 2.09
N THR C 267 18.62 59.52 7.34
CA THR C 267 17.49 59.16 8.18
C THR C 267 16.64 60.38 8.51
N THR C 268 16.21 61.08 7.47
CA THR C 268 15.32 62.22 7.62
C THR C 268 13.92 61.80 8.02
N GLU C 269 13.52 60.57 7.68
CA GLU C 269 12.12 60.17 7.74
C GLU C 269 11.66 59.79 9.14
N ALA C 270 12.58 59.48 10.06
CA ALA C 270 12.17 58.83 11.30
C ALA C 270 11.76 59.82 12.40
N LYS C 271 10.92 60.78 12.06
CA LYS C 271 10.11 61.42 13.09
C LYS C 271 8.66 61.54 12.64
N VAL C 272 8.42 61.86 11.37
CA VAL C 272 7.07 62.00 10.85
C VAL C 272 6.38 60.64 10.79
N ARG C 273 7.14 59.56 10.58
CA ARG C 273 6.59 58.23 10.76
C ARG C 273 6.26 57.97 12.22
N THR C 274 7.24 58.20 13.10
CA THR C 274 7.08 57.81 14.50
C THR C 274 6.07 58.68 15.22
N GLN C 275 5.86 59.91 14.76
CA GLN C 275 4.80 60.72 15.35
C GLN C 275 3.43 60.28 14.86
N LEU C 276 3.35 59.72 13.66
CA LEU C 276 2.07 59.24 13.13
C LEU C 276 1.63 57.99 13.86
N GLU C 277 2.57 57.08 14.13
CA GLU C 277 2.24 55.85 14.86
C GLU C 277 2.00 56.16 16.33
N LYS C 278 2.64 57.22 16.84
CA LYS C 278 2.31 57.74 18.15
C LYS C 278 1.05 58.61 18.10
N TYR C 279 0.50 58.89 16.92
CA TYR C 279 -0.83 59.46 16.96
C TYR C 279 -1.90 58.38 16.93
N ILE C 280 -1.79 57.45 15.98
CA ILE C 280 -2.88 56.53 15.69
C ILE C 280 -2.99 55.46 16.78
N SER C 281 -1.94 55.25 17.57
CA SER C 281 -2.04 54.37 18.73
C SER C 281 -2.94 54.97 19.80
N GLU C 282 -3.03 56.30 19.86
CA GLU C 282 -3.91 57.01 20.77
C GLU C 282 -5.24 57.41 20.17
N ARG C 283 -5.43 57.21 18.86
CA ARG C 283 -6.70 57.57 18.23
C ARG C 283 -7.80 56.60 18.69
N VAL C 284 -8.75 57.12 19.44
CA VAL C 284 -9.80 56.29 20.01
C VAL C 284 -10.90 56.12 18.98
N ILE C 285 -11.21 54.87 18.65
CA ILE C 285 -12.25 54.56 17.66
C ILE C 285 -13.55 54.28 18.41
N PRO C 286 -14.69 54.74 17.89
CA PRO C 286 -15.97 54.36 18.51
C PRO C 286 -16.31 52.89 18.37
N GLU C 287 -15.70 52.19 17.40
CA GLU C 287 -15.95 50.76 17.23
C GLU C 287 -15.36 49.97 18.38
N SER C 288 -14.06 50.19 18.66
CA SER C 288 -13.42 49.82 19.92
C SER C 288 -13.40 48.32 20.16
N ASN C 289 -12.69 47.59 19.30
CA ASN C 289 -12.52 46.16 19.54
C ASN C 289 -11.30 45.88 20.41
N TYR C 290 -10.29 46.75 20.37
CA TYR C 290 -9.08 46.61 21.17
C TYR C 290 -8.95 47.86 22.02
N GLY C 291 -9.77 47.93 23.08
CA GLY C 291 -9.95 49.13 23.90
C GLY C 291 -10.06 50.47 23.17
N GLY C 292 -10.57 50.36 21.95
CA GLY C 292 -10.44 51.43 20.98
C GLY C 292 -8.95 51.19 20.66
N LYS C 293 -8.12 52.21 20.64
CA LYS C 293 -6.66 51.99 20.52
C LYS C 293 -6.03 51.57 19.18
N ILE C 294 -6.83 51.46 18.12
CA ILE C 294 -6.30 51.12 16.78
C ILE C 294 -5.03 50.27 16.84
N PRO C 295 -5.13 48.92 16.96
CA PRO C 295 -3.96 48.06 17.24
C PRO C 295 -2.72 48.22 16.37
N ILE C 296 -1.64 48.66 16.98
CA ILE C 296 -0.36 48.87 16.32
C ILE C 296 0.56 47.70 16.66
N VAL C 297 1.32 47.25 15.68
CA VAL C 297 2.38 46.28 15.95
C VAL C 297 3.58 46.68 15.10
N CYS C 298 4.78 46.46 15.64
CA CYS C 298 6.01 46.81 14.93
C CYS C 298 6.70 45.52 14.50
N PHE C 299 6.71 45.28 13.20
CA PHE C 299 7.33 44.09 12.63
C PHE C 299 8.77 44.40 12.29
N ALA C 300 9.70 43.73 12.97
CA ALA C 300 11.11 44.05 12.88
C ALA C 300 11.91 42.82 12.49
N GLN C 301 12.85 43.00 11.55
CA GLN C 301 13.85 42.00 11.23
C GLN C 301 15.04 42.72 10.62
N GLY C 302 16.19 42.07 10.67
CA GLY C 302 17.38 42.59 10.04
C GLY C 302 18.08 43.64 10.88
N GLY C 303 19.24 44.07 10.40
CA GLY C 303 20.14 44.90 11.18
C GLY C 303 20.20 46.34 10.73
N GLY C 304 21.12 47.08 11.35
CA GLY C 304 21.26 48.49 11.08
C GLY C 304 20.92 49.34 12.29
N LYS C 305 21.49 50.55 12.35
CA LYS C 305 21.16 51.47 13.43
C LYS C 305 19.73 51.96 13.34
N GLU C 306 19.19 52.03 12.12
CA GLU C 306 17.88 52.66 11.94
C GLU C 306 16.76 51.75 12.41
N THR C 307 16.93 50.42 12.29
CA THR C 307 15.89 49.52 12.80
C THR C 307 16.02 49.33 14.30
N LEU C 308 17.21 49.54 14.86
CA LEU C 308 17.35 49.46 16.30
C LEU C 308 16.87 50.74 16.98
N LYS C 309 16.97 51.87 16.29
CA LYS C 309 16.42 53.11 16.80
C LYS C 309 14.89 53.10 16.78
N SER C 310 14.30 52.49 15.75
CA SER C 310 12.85 52.58 15.59
C SER C 310 12.09 51.66 16.53
N ILE C 311 12.76 50.62 17.03
CA ILE C 311 12.16 49.77 18.05
C ILE C 311 12.08 50.53 19.38
N ASN C 312 13.08 51.39 19.63
CA ASN C 312 13.08 52.23 20.83
C ASN C 312 11.93 53.22 20.83
N VAL C 313 11.77 53.94 19.72
CA VAL C 313 10.70 54.92 19.60
C VAL C 313 9.35 54.22 19.53
N ALA C 314 9.34 52.95 19.11
CA ALA C 314 8.13 52.14 19.24
C ALA C 314 7.79 51.88 20.71
N ILE C 315 8.73 51.36 21.48
CA ILE C 315 8.42 50.96 22.86
C ILE C 315 8.37 52.14 23.83
N LYS C 316 9.26 53.13 23.69
CA LYS C 316 9.44 54.05 24.80
C LYS C 316 8.63 55.33 24.71
N SER C 317 8.20 55.75 23.51
CA SER C 317 7.48 57.02 23.42
C SER C 317 6.05 56.84 23.93
N LYS C 318 5.21 56.14 23.20
CA LYS C 318 4.09 55.42 23.80
C LYS C 318 4.46 53.94 23.69
N ILE C 319 3.55 53.04 24.06
CA ILE C 319 3.87 51.62 24.17
C ILE C 319 3.14 50.69 23.20
N PRO C 320 3.27 50.80 21.86
CA PRO C 320 2.84 49.69 21.02
C PRO C 320 3.88 48.57 20.94
N CYS C 321 3.36 47.36 20.78
CA CYS C 321 4.15 46.14 20.84
C CYS C 321 5.03 46.00 19.60
N VAL C 322 6.01 45.09 19.71
CA VAL C 322 7.03 44.87 18.69
C VAL C 322 7.17 43.37 18.47
N VAL C 323 7.20 42.94 17.21
CA VAL C 323 7.48 41.55 16.86
C VAL C 323 8.83 41.49 16.15
N VAL C 324 9.70 40.59 16.61
CA VAL C 324 11.02 40.37 16.03
C VAL C 324 11.07 38.95 15.48
N GLU C 325 12.12 38.66 14.71
CA GLU C 325 12.24 37.40 14.00
C GLU C 325 13.52 36.68 14.41
N GLY C 326 13.73 35.52 13.77
CA GLY C 326 14.89 34.71 14.05
C GLY C 326 15.93 34.69 12.94
N SER C 327 16.00 35.76 12.15
CA SER C 327 17.02 35.90 11.11
C SER C 327 17.27 37.37 10.86
N GLY C 328 18.53 37.78 10.94
CA GLY C 328 18.92 39.17 10.77
C GLY C 328 20.04 39.53 11.73
N ARG C 329 20.47 40.79 11.74
CA ARG C 329 21.55 41.18 12.64
C ARG C 329 21.00 41.75 13.94
N ILE C 330 20.26 42.85 13.86
CA ILE C 330 19.65 43.45 15.05
C ILE C 330 18.47 42.60 15.54
N ALA C 331 17.81 41.88 14.62
CA ALA C 331 16.69 41.02 15.00
C ALA C 331 17.12 39.89 15.91
N ASP C 332 18.35 39.40 15.77
CA ASP C 332 18.78 38.26 16.57
C ASP C 332 19.52 38.67 17.84
N VAL C 333 19.99 39.92 17.94
CA VAL C 333 20.59 40.33 19.20
C VAL C 333 19.51 40.66 20.22
N ILE C 334 18.29 40.93 19.76
CA ILE C 334 17.18 41.08 20.68
C ILE C 334 16.44 39.76 20.86
N ALA C 335 16.58 38.85 19.89
CA ALA C 335 16.02 37.51 20.05
C ALA C 335 16.87 36.63 20.95
N SER C 336 18.15 36.96 21.09
CA SER C 336 19.02 36.20 21.98
C SER C 336 18.83 36.57 23.44
N LEU C 337 18.33 37.78 23.72
CA LEU C 337 18.20 38.26 25.08
C LEU C 337 16.86 37.93 25.71
N VAL C 338 16.07 37.07 25.08
CA VAL C 338 14.78 36.67 25.62
C VAL C 338 14.78 35.17 25.90
N SER C 346 24.84 45.20 30.70
CA SER C 346 26.00 44.31 30.67
C SER C 346 26.75 44.43 29.35
N SER C 347 27.93 43.81 29.30
CA SER C 347 28.66 43.71 28.04
C SER C 347 28.39 42.38 27.35
N CYS C 348 27.61 41.49 27.97
CA CYS C 348 27.17 40.29 27.29
C CYS C 348 26.13 40.60 26.21
N VAL C 349 25.53 41.79 26.28
CA VAL C 349 24.82 42.33 25.12
C VAL C 349 25.78 42.47 23.94
N LYS C 350 26.94 43.09 24.17
CA LYS C 350 27.91 43.30 23.10
C LYS C 350 28.59 42.01 22.68
N GLU C 351 28.59 41.00 23.56
CA GLU C 351 29.11 39.69 23.21
C GLU C 351 28.26 39.03 22.13
N SER C 352 26.94 39.06 22.31
CA SER C 352 26.04 38.54 21.29
C SER C 352 25.94 39.47 20.10
N LEU C 353 26.29 40.75 20.28
CA LEU C 353 26.14 41.72 19.21
C LEU C 353 27.20 41.51 18.14
N LEU C 354 28.42 41.11 18.52
CA LEU C 354 29.43 40.79 17.52
C LEU C 354 29.31 39.35 17.07
N ARG C 355 28.41 38.57 17.66
CA ARG C 355 28.08 37.27 17.07
C ARG C 355 27.29 37.44 15.79
N PHE C 356 26.31 38.34 15.78
CA PHE C 356 25.40 38.50 14.66
C PHE C 356 25.77 39.64 13.74
N LEU C 357 26.48 40.66 14.22
CA LEU C 357 26.95 41.71 13.33
C LEU C 357 28.35 42.18 13.73
N PRO C 358 29.39 41.38 13.43
CA PRO C 358 30.75 41.79 13.83
C PRO C 358 31.34 42.86 12.93
N ARG C 359 31.00 42.87 11.64
CA ARG C 359 31.56 43.85 10.73
C ARG C 359 30.84 45.19 10.79
N THR C 360 29.90 45.37 11.72
CA THR C 360 29.29 46.67 11.93
C THR C 360 30.06 47.47 12.98
N ILE C 361 30.56 46.79 14.02
CA ILE C 361 31.24 47.45 15.13
C ILE C 361 32.56 48.07 14.68
N SER C 362 33.17 47.54 13.63
CA SER C 362 34.45 48.05 13.15
C SER C 362 34.36 49.43 12.50
N ARG C 363 33.16 49.96 12.27
CA ARG C 363 33.00 51.25 11.64
C ARG C 363 32.46 52.33 12.58
N LEU C 364 31.41 52.05 13.34
CA LEU C 364 30.83 53.08 14.18
C LEU C 364 31.63 53.22 15.46
N SER C 365 31.51 54.39 16.09
CA SER C 365 32.38 54.79 17.18
C SER C 365 32.07 54.03 18.47
N GLU C 366 32.99 54.14 19.42
CA GLU C 366 32.78 53.55 20.74
C GLU C 366 31.84 54.42 21.57
N GLU C 367 31.73 55.71 21.24
CA GLU C 367 30.68 56.54 21.82
C GLU C 367 29.34 56.29 21.14
N GLU C 368 29.35 55.56 20.02
CA GLU C 368 28.14 55.05 19.41
C GLU C 368 27.91 53.58 19.71
N THR C 369 28.96 52.83 20.05
CA THR C 369 28.77 51.47 20.54
C THR C 369 28.17 51.47 21.94
N GLU C 370 28.47 52.50 22.72
CA GLU C 370 27.87 52.63 24.05
C GLU C 370 26.38 52.94 23.96
N SER C 371 25.96 53.65 22.92
CA SER C 371 24.55 53.95 22.76
C SER C 371 23.78 52.72 22.33
N TRP C 372 24.41 51.82 21.58
CA TRP C 372 23.75 50.62 21.09
C TRP C 372 23.44 49.65 22.23
N ILE C 373 24.38 49.47 23.16
CA ILE C 373 24.10 48.69 24.35
C ILE C 373 23.10 49.41 25.24
N LYS C 374 23.14 50.74 25.23
CA LYS C 374 22.11 51.52 25.91
C LYS C 374 20.75 51.34 25.26
N TRP C 375 20.71 51.28 23.92
CA TRP C 375 19.44 51.19 23.20
C TRP C 375 18.72 49.86 23.46
N ILE C 376 19.48 48.77 23.47
CA ILE C 376 18.92 47.45 23.79
C ILE C 376 18.52 47.36 25.26
N LYS C 377 19.07 48.22 26.11
CA LYS C 377 18.62 48.25 27.49
C LYS C 377 17.23 48.86 27.65
N GLU C 378 16.78 49.71 26.72
CA GLU C 378 15.43 50.23 26.88
C GLU C 378 14.39 49.40 26.13
N VAL C 379 14.78 48.27 25.53
CA VAL C 379 13.74 47.39 25.00
C VAL C 379 13.53 46.19 25.92
N LEU C 380 14.52 45.88 26.76
CA LEU C 380 14.31 44.82 27.74
C LEU C 380 13.77 45.35 29.06
N GLU C 381 13.58 46.66 29.19
CA GLU C 381 12.84 47.17 30.35
C GLU C 381 11.37 46.81 30.24
N SER C 382 10.85 46.67 29.02
CA SER C 382 9.49 46.25 28.76
C SER C 382 9.54 44.93 28.01
N PRO C 383 9.71 43.81 28.71
CA PRO C 383 9.81 42.52 28.01
C PRO C 383 8.47 41.98 27.53
N HIS C 384 7.37 42.58 27.96
CA HIS C 384 6.06 42.15 27.50
C HIS C 384 5.74 42.66 26.10
N LEU C 385 6.34 43.77 25.69
CA LEU C 385 6.10 44.26 24.33
C LEU C 385 7.12 43.73 23.33
N LEU C 386 7.39 42.43 23.40
CA LEU C 386 8.33 41.79 22.48
C LEU C 386 7.87 40.37 22.25
N THR C 387 7.66 40.02 20.99
CA THR C 387 7.34 38.66 20.60
C THR C 387 8.32 38.22 19.53
N VAL C 388 8.86 37.03 19.68
CA VAL C 388 9.87 36.51 18.77
C VAL C 388 9.21 35.48 17.87
N ILE C 389 9.66 35.43 16.62
CA ILE C 389 9.25 34.37 15.70
C ILE C 389 10.47 33.47 15.58
N LYS C 390 10.51 32.44 16.42
CA LYS C 390 11.65 31.54 16.47
C LYS C 390 11.65 30.63 15.25
N ILE C 391 12.86 30.26 14.81
CA ILE C 391 13.05 29.42 13.63
C ILE C 391 12.49 28.01 13.83
N GLU C 392 12.28 27.58 15.07
CA GLU C 392 11.69 26.28 15.38
C GLU C 392 10.26 26.14 14.84
N GLU C 393 9.52 27.24 14.75
CA GLU C 393 8.18 27.22 14.17
C GLU C 393 8.29 27.12 12.66
N ALA C 394 8.40 25.88 12.18
CA ALA C 394 8.58 25.59 10.75
C ALA C 394 7.25 25.31 10.06
N GLY C 395 6.29 26.22 10.20
CA GLY C 395 5.00 26.00 9.60
C GLY C 395 4.22 27.29 9.45
N ASP C 396 2.93 27.13 9.18
CA ASP C 396 2.01 28.27 9.22
C ASP C 396 1.58 28.52 10.66
N GLU C 397 0.63 29.45 10.81
CA GLU C 397 0.07 30.12 11.98
C GLU C 397 1.03 31.18 12.54
N ILE C 398 2.28 31.25 12.08
CA ILE C 398 3.34 31.80 12.90
C ILE C 398 3.35 33.32 12.88
N VAL C 399 2.90 33.93 11.79
CA VAL C 399 2.80 35.39 11.76
C VAL C 399 1.55 35.83 12.51
N SER C 400 0.46 35.09 12.35
CA SER C 400 -0.75 35.42 13.07
C SER C 400 -0.65 35.08 14.54
N ASN C 401 0.17 34.09 14.90
CA ASN C 401 0.39 33.81 16.31
C ASN C 401 1.18 34.94 16.97
N ALA C 402 2.19 35.45 16.28
CA ALA C 402 3.09 36.43 16.88
C ALA C 402 2.42 37.78 17.05
N ILE C 403 1.67 38.22 16.04
CA ILE C 403 1.00 39.52 16.10
C ILE C 403 -0.11 39.50 17.15
N SER C 404 -0.87 38.40 17.21
CA SER C 404 -1.97 38.31 18.16
C SER C 404 -1.47 38.15 19.59
N PHE C 405 -0.36 37.45 19.78
CA PHE C 405 0.21 37.34 21.11
C PHE C 405 0.80 38.68 21.55
N ALA C 406 1.39 39.43 20.62
CA ALA C 406 1.93 40.74 20.95
C ALA C 406 0.81 41.74 21.22
N LEU C 407 -0.30 41.61 20.50
CA LEU C 407 -1.44 42.46 20.76
C LEU C 407 -2.16 42.05 22.03
N TYR C 408 -2.01 40.81 22.46
CA TYR C 408 -2.70 40.36 23.67
C TYR C 408 -2.00 40.87 24.91
N LYS C 409 -0.66 40.83 24.93
CA LYS C 409 0.09 41.33 26.08
C LYS C 409 -0.07 42.83 26.23
N ALA C 410 -0.11 43.57 25.12
CA ALA C 410 -0.31 45.01 25.20
C ALA C 410 -1.75 45.35 25.58
N PHE C 411 -2.66 44.38 25.48
CA PHE C 411 -3.98 44.52 26.07
C PHE C 411 -3.98 44.06 27.53
N SER C 412 -3.23 43.00 27.84
CA SER C 412 -3.26 42.43 29.18
C SER C 412 -2.40 43.23 30.15
N THR C 413 -1.16 43.55 29.77
CA THR C 413 -0.24 44.21 30.68
C THR C 413 -0.54 45.71 30.83
N ASN C 414 -1.50 46.22 30.06
CA ASN C 414 -2.08 47.53 30.35
C ASN C 414 -2.75 47.55 31.73
N GLU C 415 -3.32 46.42 32.14
CA GLU C 415 -3.84 46.29 33.50
C GLU C 415 -5.11 47.08 33.78
N HIS C 416 -5.57 47.79 32.76
CA HIS C 416 -6.79 48.55 32.88
C HIS C 416 -7.75 47.64 32.20
N ASP C 417 -7.22 46.45 31.87
CA ASP C 417 -8.01 45.47 31.14
C ASP C 417 -7.91 44.08 31.72
N ARG C 418 -7.13 43.89 32.80
CA ARG C 418 -6.99 42.57 33.40
C ARG C 418 -8.28 42.14 34.09
N ASP C 419 -9.06 43.11 34.56
CA ASP C 419 -10.41 42.82 35.05
C ASP C 419 -11.38 42.55 33.91
N ASN C 420 -11.05 42.99 32.70
CA ASN C 420 -11.91 42.78 31.54
C ASN C 420 -11.60 41.43 30.92
N TRP C 421 -12.45 40.45 31.20
CA TRP C 421 -12.39 39.16 30.53
C TRP C 421 -13.03 39.22 29.14
N ASN C 422 -13.86 40.21 28.89
CA ASN C 422 -14.67 40.22 27.67
C ASN C 422 -13.92 40.88 26.52
N GLY C 423 -13.13 41.91 26.80
CA GLY C 423 -12.32 42.52 25.76
C GLY C 423 -11.17 41.63 25.34
N GLN C 424 -10.63 40.85 26.27
CA GLN C 424 -9.61 39.88 25.93
C GLN C 424 -10.19 38.69 25.17
N LEU C 425 -11.49 38.43 25.30
CA LEU C 425 -12.08 37.33 24.57
C LEU C 425 -12.28 37.69 23.10
N LYS C 426 -12.87 38.86 22.83
CA LYS C 426 -13.10 39.28 21.45
C LYS C 426 -11.80 39.57 20.72
N LEU C 427 -10.75 39.95 21.45
CA LEU C 427 -9.44 40.12 20.83
C LEU C 427 -8.85 38.78 20.45
N LEU C 428 -8.97 37.79 21.34
CA LEU C 428 -8.44 36.46 21.05
C LEU C 428 -9.38 35.66 20.16
N LEU C 429 -10.56 36.18 19.84
CA LEU C 429 -11.49 35.52 18.93
C LEU C 429 -11.45 36.13 17.54
N GLU C 430 -11.15 37.42 17.42
CA GLU C 430 -10.91 38.01 16.11
C GLU C 430 -9.68 37.39 15.45
N TRP C 431 -8.64 37.17 16.25
CA TRP C 431 -7.57 36.28 15.84
C TRP C 431 -7.94 34.85 16.24
N ASN C 432 -7.19 33.87 15.75
CA ASN C 432 -7.59 32.48 15.97
C ASN C 432 -6.87 31.84 17.14
N GLN C 433 -6.59 32.60 18.19
CA GLN C 433 -5.85 32.09 19.34
C GLN C 433 -6.79 31.28 20.22
N LEU C 434 -6.91 29.99 19.90
CA LEU C 434 -7.76 29.11 20.71
C LEU C 434 -7.08 28.77 22.04
N ASP C 435 -5.80 28.45 22.01
CA ASP C 435 -5.11 27.99 23.21
C ASP C 435 -4.92 29.10 24.22
N LEU C 436 -4.74 30.34 23.76
CA LEU C 436 -4.63 31.46 24.68
C LEU C 436 -5.96 31.78 25.32
N ALA C 437 -7.06 31.55 24.59
CA ALA C 437 -8.37 31.79 25.17
C ALA C 437 -8.75 30.70 26.15
N SER C 438 -8.30 29.47 25.90
CA SER C 438 -8.64 28.38 26.82
C SER C 438 -7.81 28.46 28.10
N ASP C 439 -6.55 28.87 27.99
CA ASP C 439 -5.67 28.89 29.16
C ASP C 439 -5.87 30.14 30.02
N GLU C 440 -6.18 31.29 29.42
CA GLU C 440 -6.12 32.54 30.15
C GLU C 440 -7.46 33.23 30.33
N ILE C 441 -8.52 32.72 29.71
CA ILE C 441 -9.86 33.29 29.91
C ILE C 441 -10.81 32.31 30.58
N PHE C 442 -10.68 31.01 30.36
CA PHE C 442 -11.53 30.00 30.99
C PHE C 442 -10.66 29.21 31.95
N THR C 443 -10.64 29.64 33.22
CA THR C 443 -9.68 29.15 34.19
C THR C 443 -10.33 28.77 35.52
N ASN C 444 -11.57 29.22 35.77
CA ASN C 444 -12.32 29.25 37.03
C ASN C 444 -11.67 30.18 38.06
N ASP C 445 -10.73 31.00 37.63
CA ASP C 445 -10.26 32.13 38.40
C ASP C 445 -11.00 33.40 37.98
N ARG C 446 -11.16 33.60 36.68
CA ARG C 446 -12.21 34.48 36.19
C ARG C 446 -13.55 33.77 36.35
N ASN C 447 -14.58 34.55 36.68
CA ASN C 447 -15.92 34.01 36.82
C ASN C 447 -16.88 34.73 35.87
N TRP C 448 -16.94 34.22 34.65
CA TRP C 448 -18.07 34.35 33.76
C TRP C 448 -19.12 33.35 34.24
N GLU C 449 -20.35 33.46 33.74
CA GLU C 449 -21.34 32.41 34.01
C GLU C 449 -22.16 32.08 32.78
N SER C 450 -21.59 32.19 31.59
CA SER C 450 -22.02 31.54 30.36
C SER C 450 -23.37 32.01 29.81
N ALA C 451 -24.02 32.97 30.45
CA ALA C 451 -25.24 33.55 29.90
C ALA C 451 -24.95 34.84 29.16
N ASP C 452 -23.79 35.43 29.42
CA ASP C 452 -23.31 36.62 28.73
C ASP C 452 -22.56 36.30 27.45
N LEU C 453 -22.54 35.04 27.04
CA LEU C 453 -21.65 34.58 25.99
C LEU C 453 -22.40 34.50 24.66
N GLN C 454 -23.49 35.27 24.55
CA GLN C 454 -24.38 35.19 23.38
C GLN C 454 -23.79 35.88 22.16
N ASP C 455 -23.46 37.18 22.27
CA ASP C 455 -22.93 37.89 21.12
C ASP C 455 -21.50 37.49 20.82
N VAL C 456 -20.80 36.91 21.80
CA VAL C 456 -19.47 36.35 21.55
C VAL C 456 -19.59 35.07 20.74
N MET C 457 -20.72 34.37 20.86
CA MET C 457 -20.94 33.16 20.08
C MET C 457 -21.38 33.48 18.66
N PHE C 458 -22.18 34.54 18.48
CA PHE C 458 -22.66 34.91 17.15
C PHE C 458 -21.51 35.34 16.25
N THR C 459 -20.53 36.06 16.80
CA THR C 459 -19.36 36.42 16.00
C THR C 459 -18.41 35.24 15.86
N ALA C 460 -18.53 34.24 16.74
CA ALA C 460 -17.76 33.01 16.53
C ALA C 460 -18.33 32.16 15.41
N LEU C 461 -19.60 32.38 15.06
CA LEU C 461 -20.22 31.65 13.95
C LEU C 461 -19.94 32.33 12.62
N VAL C 462 -20.13 33.66 12.57
CA VAL C 462 -20.15 34.34 11.28
C VAL C 462 -18.74 34.63 10.79
N LYS C 463 -17.74 34.61 11.68
CA LYS C 463 -16.36 34.74 11.25
C LYS C 463 -15.73 33.40 10.89
N ASP C 464 -16.51 32.31 10.99
CA ASP C 464 -16.06 30.93 10.81
C ASP C 464 -14.89 30.61 11.74
N ARG C 465 -15.18 30.64 13.04
CA ARG C 465 -14.24 30.20 14.05
C ARG C 465 -14.73 28.87 14.63
N PRO C 466 -14.39 27.74 14.01
CA PRO C 466 -14.96 26.47 14.49
C PRO C 466 -14.37 26.00 15.81
N LYS C 467 -13.17 26.46 16.15
CA LYS C 467 -12.58 26.05 17.42
C LYS C 467 -13.18 26.84 18.58
N PHE C 468 -13.79 27.98 18.30
CA PHE C 468 -14.31 28.82 19.36
C PHE C 468 -15.77 28.56 19.64
N VAL C 469 -16.54 28.14 18.64
CA VAL C 469 -17.89 27.66 18.90
C VAL C 469 -17.83 26.36 19.68
N ARG C 470 -16.80 25.55 19.47
CA ARG C 470 -16.61 24.36 20.28
C ARG C 470 -16.17 24.72 21.69
N LEU C 471 -15.39 25.78 21.84
CA LEU C 471 -14.93 26.21 23.15
C LEU C 471 -16.05 26.84 23.97
N PHE C 472 -17.01 27.50 23.33
CA PHE C 472 -18.10 28.12 24.08
C PHE C 472 -19.16 27.12 24.49
N LEU C 473 -19.27 25.99 23.78
CA LEU C 473 -20.16 24.93 24.23
C LEU C 473 -19.51 24.09 25.31
N GLU C 474 -18.18 23.92 25.25
CA GLU C 474 -17.47 23.16 26.26
C GLU C 474 -17.51 23.88 27.60
N ASN C 475 -17.40 25.20 27.59
CA ASN C 475 -17.51 25.99 28.80
C ASN C 475 -18.93 26.47 29.06
N GLY C 476 -19.92 25.80 28.47
CA GLY C 476 -21.29 26.07 28.79
C GLY C 476 -21.94 27.07 27.86
N LEU C 477 -22.85 26.60 27.01
CA LEU C 477 -23.79 27.46 26.30
C LEU C 477 -24.91 26.58 25.80
N ASN C 478 -26.14 26.87 26.22
CA ASN C 478 -27.28 26.15 25.71
C ASN C 478 -27.49 26.63 24.28
N LEU C 479 -27.08 25.82 23.31
CA LEU C 479 -27.14 26.22 21.91
C LEU C 479 -28.58 26.29 21.40
N ARG C 480 -29.49 25.55 22.03
CA ARG C 480 -30.90 25.67 21.67
C ARG C 480 -31.49 26.96 22.23
N LYS C 481 -31.03 27.39 23.41
CA LYS C 481 -31.50 28.65 23.98
C LYS C 481 -30.97 29.83 23.18
N PHE C 482 -29.73 29.73 22.70
CA PHE C 482 -29.13 30.82 21.95
C PHE C 482 -29.79 30.99 20.58
N LEU C 483 -30.17 29.88 19.94
CA LEU C 483 -30.69 29.91 18.59
C LEU C 483 -32.17 30.28 18.59
N THR C 484 -32.44 31.57 18.81
CA THR C 484 -33.79 32.03 18.58
C THR C 484 -34.01 32.21 17.08
N THR C 485 -35.27 32.41 16.70
CA THR C 485 -35.61 32.40 15.28
C THR C 485 -35.18 33.68 14.58
N GLU C 486 -34.96 34.77 15.34
CA GLU C 486 -34.49 35.98 14.69
C GLU C 486 -32.98 35.99 14.58
N VAL C 487 -32.29 35.18 15.41
CA VAL C 487 -30.87 34.94 15.21
C VAL C 487 -30.65 34.15 13.94
N LEU C 488 -31.53 33.20 13.65
CA LEU C 488 -31.40 32.39 12.44
C LEU C 488 -31.72 33.22 11.19
N ARG C 489 -32.68 34.14 11.29
CA ARG C 489 -32.96 34.99 10.15
C ARG C 489 -31.92 36.11 10.04
N GLU C 490 -31.20 36.39 11.13
CA GLU C 490 -30.02 37.24 11.05
C GLU C 490 -28.87 36.54 10.35
N LEU C 491 -28.93 35.21 10.27
CA LEU C 491 -27.89 34.37 9.72
C LEU C 491 -28.11 34.03 8.25
N TYR C 492 -29.37 33.86 7.84
CA TYR C 492 -29.68 33.55 6.46
C TYR C 492 -29.85 34.79 5.59
N THR C 493 -29.93 35.97 6.20
CA THR C 493 -30.05 37.21 5.42
C THR C 493 -28.69 37.87 5.26
N ASN C 494 -28.05 38.22 6.37
CA ASN C 494 -26.79 38.96 6.33
C ASN C 494 -25.58 38.07 6.17
N ASN C 495 -25.63 36.85 6.71
CA ASN C 495 -24.46 35.99 6.79
C ASN C 495 -24.54 34.80 5.84
N PHE C 496 -25.58 34.72 5.03
CA PHE C 496 -25.65 33.72 3.97
C PHE C 496 -25.07 34.33 2.71
N SER C 497 -24.08 33.66 2.12
CA SER C 497 -23.40 34.21 0.96
C SER C 497 -24.29 34.16 -0.27
N SER C 498 -24.20 35.19 -1.10
CA SER C 498 -25.07 35.28 -2.27
C SER C 498 -24.66 34.32 -3.37
N LEU C 499 -23.42 33.82 -3.34
CA LEU C 499 -22.99 32.84 -4.33
C LEU C 499 -23.59 31.47 -4.05
N VAL C 500 -23.63 31.07 -2.78
CA VAL C 500 -24.26 29.80 -2.40
C VAL C 500 -25.76 29.87 -2.63
N PHE C 501 -26.37 31.02 -2.30
CA PHE C 501 -27.79 31.22 -2.56
C PHE C 501 -28.09 31.25 -4.05
N LYS C 502 -27.15 31.71 -4.86
CA LYS C 502 -27.29 31.61 -6.30
C LYS C 502 -27.26 30.16 -6.76
N ASN C 503 -26.40 29.34 -6.15
CA ASN C 503 -26.33 27.94 -6.50
C ASN C 503 -27.49 27.12 -5.95
N LEU C 504 -28.27 27.68 -5.03
CA LEU C 504 -29.50 27.00 -4.60
C LEU C 504 -30.55 27.04 -5.69
N GLN C 505 -30.65 28.17 -6.40
CA GLN C 505 -31.63 28.29 -7.48
C GLN C 505 -31.24 27.43 -8.67
N ILE C 506 -29.94 27.24 -8.89
CA ILE C 506 -29.50 26.31 -9.93
C ILE C 506 -29.63 24.87 -9.42
N ALA C 507 -29.76 24.68 -8.12
CA ALA C 507 -30.03 23.35 -7.60
C ALA C 507 -31.53 23.07 -7.49
N LYS C 508 -32.32 24.05 -7.06
CA LYS C 508 -33.74 23.80 -6.85
C LYS C 508 -34.50 23.69 -8.17
N ASN C 509 -34.12 24.49 -9.16
CA ASN C 509 -34.85 24.50 -10.41
C ASN C 509 -34.36 23.45 -11.40
N SER C 510 -33.13 22.98 -11.26
CA SER C 510 -32.58 22.07 -12.25
C SER C 510 -32.47 20.64 -11.76
N TYR C 511 -32.03 20.43 -10.52
CA TYR C 511 -31.93 19.08 -9.96
C TYR C 511 -32.79 19.06 -8.70
N ASN C 512 -34.09 18.90 -8.88
CA ASN C 512 -35.01 19.06 -7.76
C ASN C 512 -35.22 17.73 -7.05
N ASP C 513 -35.47 17.83 -5.74
CA ASP C 513 -35.77 16.67 -4.90
C ASP C 513 -36.76 17.10 -3.83
N ALA C 514 -37.21 16.12 -3.05
CA ALA C 514 -38.14 16.40 -1.96
C ALA C 514 -37.45 17.16 -0.83
N LEU C 515 -36.15 16.92 -0.63
CA LEU C 515 -35.42 17.62 0.42
C LEU C 515 -35.12 19.05 0.01
N LEU C 516 -34.77 19.26 -1.27
CA LEU C 516 -34.42 20.59 -1.74
C LEU C 516 -35.61 21.53 -1.73
N THR C 517 -36.81 21.01 -2.04
CA THR C 517 -38.02 21.82 -1.95
C THR C 517 -38.33 22.19 -0.50
N PHE C 518 -37.91 21.35 0.45
CA PHE C 518 -38.06 21.71 1.85
C PHE C 518 -37.06 22.78 2.26
N VAL C 519 -35.81 22.62 1.83
CA VAL C 519 -34.73 23.48 2.32
C VAL C 519 -34.78 24.84 1.65
N TRP C 520 -35.06 24.88 0.35
CA TRP C 520 -35.24 26.15 -0.35
C TRP C 520 -36.45 26.91 0.18
N LYS C 521 -37.47 26.20 0.65
CA LYS C 521 -38.56 26.86 1.37
C LYS C 521 -38.08 27.35 2.73
N MET C 522 -37.24 26.56 3.40
CA MET C 522 -36.80 26.92 4.74
C MET C 522 -35.83 28.10 4.72
N VAL C 523 -35.04 28.22 3.66
CA VAL C 523 -34.20 29.39 3.49
C VAL C 523 -35.05 30.63 3.21
N GLU C 524 -36.11 30.46 2.41
CA GLU C 524 -36.95 31.59 2.04
C GLU C 524 -37.84 32.05 3.19
N ASP C 525 -38.15 31.17 4.15
CA ASP C 525 -38.88 31.62 5.33
C ASP C 525 -38.03 32.52 6.20
N PHE C 526 -36.74 32.24 6.28
CA PHE C 526 -35.86 33.05 7.12
C PHE C 526 -35.49 34.35 6.41
N ARG C 527 -35.38 34.31 5.08
CA ARG C 527 -35.00 35.52 4.35
C ARG C 527 -36.14 36.50 4.19
N ARG C 528 -37.39 36.07 4.42
CA ARG C 528 -38.55 36.93 4.24
C ARG C 528 -38.99 37.60 5.54
N GLY C 529 -38.38 37.25 6.66
CA GLY C 529 -38.75 37.82 7.94
C GLY C 529 -38.34 39.28 8.10
N ARG C 553 -39.34 23.70 16.37
CA ARG C 553 -39.06 24.14 15.00
C ARG C 553 -37.75 23.57 14.50
N HIS C 554 -37.11 22.75 15.34
CA HIS C 554 -35.77 22.19 15.16
C HIS C 554 -34.75 23.29 14.87
N PRO C 555 -34.37 24.10 15.87
CA PRO C 555 -33.45 25.20 15.58
C PRO C 555 -32.02 24.74 15.35
N LEU C 556 -31.60 23.62 15.96
CA LEU C 556 -30.25 23.13 15.77
C LEU C 556 -30.01 22.55 14.39
N GLN C 557 -31.07 22.23 13.65
CA GLN C 557 -30.91 21.77 12.28
C GLN C 557 -31.06 22.89 11.28
N ALA C 558 -31.60 24.04 11.68
CA ALA C 558 -31.56 25.22 10.82
C ALA C 558 -30.17 25.81 10.79
N LEU C 559 -29.46 25.80 11.93
CA LEU C 559 -28.07 26.22 11.95
C LEU C 559 -27.18 25.21 11.23
N PHE C 560 -27.52 23.92 11.34
CA PHE C 560 -26.68 22.89 10.72
C PHE C 560 -26.80 22.91 9.21
N ILE C 561 -28.00 23.20 8.69
CA ILE C 561 -28.18 23.33 7.25
C ILE C 561 -27.49 24.59 6.74
N TRP C 562 -27.47 25.65 7.56
CA TRP C 562 -26.79 26.88 7.20
C TRP C 562 -25.29 26.68 7.06
N SER C 563 -24.69 25.89 7.94
CA SER C 563 -23.26 25.64 7.85
C SER C 563 -22.93 24.67 6.73
N VAL C 564 -23.80 23.69 6.50
CA VAL C 564 -23.55 22.70 5.46
C VAL C 564 -23.70 23.30 4.07
N LEU C 565 -24.64 24.23 3.90
CA LEU C 565 -24.85 24.85 2.59
C LEU C 565 -23.66 25.69 2.16
N GLN C 566 -23.00 26.34 3.10
CA GLN C 566 -21.86 27.20 2.79
C GLN C 566 -20.55 26.46 2.76
N ASN C 567 -20.57 25.12 2.80
CA ASN C 567 -19.40 24.25 2.81
C ASN C 567 -18.46 24.56 3.98
N LYS C 568 -19.01 25.03 5.09
CA LYS C 568 -18.21 25.30 6.28
C LYS C 568 -17.89 23.97 6.93
N LYS C 569 -16.71 23.43 6.59
CA LYS C 569 -16.44 22.01 6.81
C LYS C 569 -16.30 21.68 8.29
N GLU C 570 -15.55 22.49 9.03
CA GLU C 570 -15.32 22.21 10.44
C GLU C 570 -16.31 22.90 11.35
N LEU C 571 -17.00 23.94 10.89
CA LEU C 571 -18.05 24.54 11.71
C LEU C 571 -19.26 23.64 11.77
N SER C 572 -19.59 22.97 10.66
CA SER C 572 -20.78 22.13 10.62
C SER C 572 -20.61 20.87 11.47
N LYS C 573 -19.37 20.38 11.61
CA LYS C 573 -19.13 19.21 12.44
C LYS C 573 -19.15 19.54 13.93
N VAL C 574 -19.07 20.82 14.28
CA VAL C 574 -19.29 21.21 15.66
C VAL C 574 -20.78 21.21 15.97
N ILE C 575 -21.59 21.71 15.05
CA ILE C 575 -23.03 21.78 15.26
C ILE C 575 -23.69 20.43 15.03
N TRP C 576 -23.04 19.53 14.28
CA TRP C 576 -23.59 18.19 14.09
C TRP C 576 -23.57 17.40 15.39
N GLU C 577 -22.56 17.61 16.22
CA GLU C 577 -22.48 16.93 17.51
C GLU C 577 -23.46 17.47 18.54
N GLN C 578 -24.18 18.56 18.23
CA GLN C 578 -25.22 19.05 19.11
C GLN C 578 -26.62 18.67 18.66
N THR C 579 -26.76 18.14 17.46
CA THR C 579 -28.07 17.79 16.94
C THR C 579 -28.61 16.55 17.65
N ARG C 580 -29.94 16.38 17.58
CA ARG C 580 -30.59 15.26 18.25
C ARG C 580 -30.62 14.02 17.37
N GLY C 581 -31.26 14.12 16.21
CA GLY C 581 -31.16 13.04 15.26
C GLY C 581 -29.94 13.26 14.39
N CYS C 582 -28.83 12.64 14.76
CA CYS C 582 -27.54 13.01 14.18
C CYS C 582 -27.02 12.01 13.17
N THR C 583 -27.54 10.78 13.14
CA THR C 583 -27.29 9.93 11.99
C THR C 583 -28.24 10.26 10.86
N LEU C 584 -29.27 11.03 11.15
CA LEU C 584 -30.20 11.48 10.14
C LEU C 584 -29.78 12.85 9.59
N ALA C 585 -29.23 13.69 10.45
CA ALA C 585 -28.66 14.95 9.98
C ALA C 585 -27.42 14.74 9.14
N ALA C 586 -26.67 13.66 9.41
CA ALA C 586 -25.51 13.36 8.59
C ALA C 586 -25.92 12.90 7.19
N LEU C 587 -26.97 12.09 7.10
CA LEU C 587 -27.47 11.70 5.78
C LEU C 587 -28.23 12.83 5.12
N GLY C 588 -28.89 13.67 5.92
CA GLY C 588 -29.59 14.81 5.35
C GLY C 588 -28.64 15.87 4.84
N ALA C 589 -27.46 15.97 5.45
CA ALA C 589 -26.42 16.82 4.88
C ALA C 589 -25.84 16.18 3.63
N SER C 590 -25.66 14.86 3.65
CA SER C 590 -25.08 14.17 2.50
C SER C 590 -26.02 14.18 1.30
N LYS C 591 -27.34 14.19 1.56
CA LYS C 591 -28.29 14.32 0.47
C LYS C 591 -28.30 15.74 -0.08
N LEU C 592 -28.25 16.73 0.82
CA LEU C 592 -28.28 18.13 0.42
C LEU C 592 -27.00 18.53 -0.32
N LEU C 593 -25.85 18.06 0.14
CA LEU C 593 -24.59 18.47 -0.48
C LEU C 593 -24.40 17.80 -1.83
N LYS C 594 -24.93 16.58 -1.99
CA LYS C 594 -24.88 15.94 -3.30
C LYS C 594 -25.83 16.58 -4.29
N SER C 595 -26.83 17.33 -3.83
CA SER C 595 -27.63 18.13 -4.74
C SER C 595 -26.88 19.38 -5.16
N MET C 596 -26.11 19.97 -4.25
CA MET C 596 -25.33 21.15 -4.59
C MET C 596 -24.10 20.79 -5.41
N ALA C 597 -23.60 19.57 -5.26
CA ALA C 597 -22.46 19.12 -6.07
C ALA C 597 -22.87 18.83 -7.50
N LYS C 598 -24.16 18.72 -7.78
CA LYS C 598 -24.65 18.58 -9.15
C LYS C 598 -24.54 19.89 -9.93
N VAL C 599 -24.57 21.02 -9.23
CA VAL C 599 -24.53 22.33 -9.86
C VAL C 599 -23.15 22.57 -10.47
N LYS C 600 -23.09 22.69 -11.79
CA LYS C 600 -21.84 22.88 -12.51
C LYS C 600 -21.53 24.34 -12.76
N ASN C 601 -22.10 25.25 -11.97
CA ASN C 601 -21.76 26.66 -12.10
C ASN C 601 -20.35 26.94 -11.62
N ASP C 602 -19.86 26.15 -10.65
CA ASP C 602 -18.51 26.30 -10.13
C ASP C 602 -18.01 24.92 -9.72
N ILE C 603 -16.89 24.49 -10.30
CA ILE C 603 -16.36 23.16 -10.03
C ILE C 603 -15.72 23.11 -8.67
N ASN C 604 -15.15 24.22 -8.21
CA ASN C 604 -14.49 24.23 -6.90
C ASN C 604 -15.49 24.17 -5.77
N ALA C 605 -16.64 24.85 -5.92
CA ALA C 605 -17.69 24.76 -4.91
C ALA C 605 -18.36 23.39 -4.94
N ALA C 606 -18.61 22.87 -6.14
CA ALA C 606 -19.24 21.55 -6.25
C ALA C 606 -18.26 20.44 -5.92
N GLY C 607 -16.96 20.68 -6.11
CA GLY C 607 -15.98 19.67 -5.77
C GLY C 607 -15.74 19.52 -4.29
N GLU C 608 -16.06 20.55 -3.51
CA GLU C 608 -15.92 20.48 -2.06
C GLU C 608 -17.23 20.18 -1.35
N SER C 609 -18.37 20.43 -1.99
CA SER C 609 -19.62 19.92 -1.46
C SER C 609 -19.74 18.43 -1.73
N GLU C 610 -19.06 17.92 -2.75
CA GLU C 610 -19.05 16.50 -3.01
C GLU C 610 -18.26 15.74 -1.95
N GLU C 611 -17.14 16.29 -1.50
CA GLU C 611 -16.35 15.61 -0.48
C GLU C 611 -16.92 15.82 0.92
N LEU C 612 -17.55 16.96 1.17
CA LEU C 612 -18.26 17.16 2.43
C LEU C 612 -19.47 16.25 2.53
N ALA C 613 -20.06 15.88 1.40
CA ALA C 613 -21.11 14.87 1.41
C ALA C 613 -20.55 13.50 1.73
N ASN C 614 -19.34 13.20 1.24
CA ASN C 614 -18.73 11.91 1.55
C ASN C 614 -18.19 11.86 2.97
N GLU C 615 -17.91 13.01 3.57
CA GLU C 615 -17.54 13.03 4.98
C GLU C 615 -18.75 12.83 5.87
N TYR C 616 -19.90 13.35 5.48
CA TYR C 616 -21.10 13.16 6.27
C TYR C 616 -21.77 11.83 6.01
N GLU C 617 -21.52 11.21 4.86
CA GLU C 617 -21.97 9.84 4.68
C GLU C 617 -21.12 8.89 5.52
N THR C 618 -19.83 9.16 5.65
CA THR C 618 -18.96 8.34 6.48
C THR C 618 -19.23 8.56 7.96
N ARG C 619 -19.66 9.77 8.35
CA ARG C 619 -20.06 9.99 9.73
C ARG C 619 -21.33 9.24 10.06
N ALA C 620 -22.23 9.10 9.10
CA ALA C 620 -23.46 8.35 9.33
C ALA C 620 -23.20 6.85 9.33
N VAL C 621 -22.18 6.41 8.61
CA VAL C 621 -21.80 5.00 8.64
C VAL C 621 -21.23 4.63 10.00
N GLU C 622 -20.26 5.42 10.48
CA GLU C 622 -19.55 5.08 11.70
C GLU C 622 -20.44 5.29 12.93
N LEU C 623 -21.40 6.20 12.85
CA LEU C 623 -22.32 6.37 13.96
C LEU C 623 -23.35 5.25 14.00
N PHE C 624 -23.85 4.83 12.85
CA PHE C 624 -24.82 3.74 12.84
C PHE C 624 -24.17 2.39 13.10
N THR C 625 -22.90 2.23 12.70
CA THR C 625 -22.18 1.03 13.09
C THR C 625 -21.95 1.00 14.59
N GLU C 626 -21.76 2.16 15.21
CA GLU C 626 -21.76 2.25 16.66
C GLU C 626 -23.15 1.97 17.22
N CYS C 627 -24.19 2.44 16.53
CA CYS C 627 -25.56 2.23 17.00
C CYS C 627 -25.98 0.77 16.84
N TYR C 628 -25.62 0.14 15.73
CA TYR C 628 -26.05 -1.23 15.49
C TYR C 628 -25.30 -2.22 16.36
N SER C 629 -24.07 -1.90 16.72
CA SER C 629 -23.28 -2.81 17.55
C SER C 629 -23.75 -2.83 19.00
N ASN C 630 -24.50 -1.84 19.43
CA ASN C 630 -24.96 -1.79 20.81
C ASN C 630 -26.34 -2.42 20.97
N ASP C 631 -27.29 -2.07 20.11
CA ASP C 631 -28.59 -2.71 20.12
C ASP C 631 -29.13 -2.72 18.69
N GLU C 632 -29.42 -3.91 18.17
CA GLU C 632 -29.98 -4.01 16.83
C GLU C 632 -31.41 -3.49 16.78
N ASP C 633 -32.21 -3.81 17.79
CA ASP C 633 -33.63 -3.46 17.76
C ASP C 633 -33.84 -1.97 17.95
N LEU C 634 -32.90 -1.29 18.60
CA LEU C 634 -32.97 0.14 18.77
C LEU C 634 -32.43 0.88 17.55
N ALA C 635 -31.40 0.32 16.90
CA ALA C 635 -30.86 0.95 15.70
C ALA C 635 -31.82 0.83 14.52
N GLU C 636 -32.63 -0.21 14.50
CA GLU C 636 -33.59 -0.37 13.41
C GLU C 636 -34.83 0.49 13.63
N GLN C 637 -35.11 0.89 14.87
CA GLN C 637 -36.09 1.95 15.08
C GLN C 637 -35.52 3.30 14.67
N LEU C 638 -34.20 3.44 14.77
CA LEU C 638 -33.55 4.69 14.40
C LEU C 638 -33.50 4.86 12.89
N LEU C 639 -33.51 3.77 12.14
CA LEU C 639 -33.54 3.84 10.68
C LEU C 639 -34.85 4.42 10.19
N THR C 640 -35.97 3.87 10.67
CA THR C 640 -37.29 4.26 10.19
C THR C 640 -37.91 5.39 11.01
N TYR C 641 -37.09 6.24 11.63
CA TYR C 641 -37.63 7.34 12.40
C TYR C 641 -38.11 8.45 11.47
N SER C 642 -39.37 8.84 11.64
CA SER C 642 -40.04 9.76 10.72
C SER C 642 -39.77 11.23 11.05
N CYS C 643 -38.78 11.51 11.90
CA CYS C 643 -37.96 12.72 11.91
C CYS C 643 -38.62 14.03 12.32
N GLU C 644 -39.96 14.04 12.51
CA GLU C 644 -40.74 15.25 12.80
C GLU C 644 -40.46 16.36 11.78
N ALA C 645 -40.43 15.97 10.50
CA ALA C 645 -40.06 16.82 9.36
C ALA C 645 -38.65 17.39 9.49
N TRP C 646 -37.65 16.51 9.50
CA TRP C 646 -36.30 16.92 9.10
C TRP C 646 -36.33 17.36 7.64
N GLY C 647 -36.76 16.46 6.76
CA GLY C 647 -37.18 16.79 5.43
C GLY C 647 -38.43 16.00 5.14
N GLY C 648 -38.91 15.33 6.18
CA GLY C 648 -39.98 14.35 6.02
C GLY C 648 -39.49 13.01 5.53
N SER C 649 -38.37 12.52 6.06
CA SER C 649 -37.77 11.29 5.56
C SER C 649 -37.17 10.50 6.71
N ASN C 650 -36.96 9.21 6.46
CA ASN C 650 -36.19 8.35 7.32
C ASN C 650 -34.71 8.58 7.08
N CYS C 651 -33.86 7.88 7.83
CA CYS C 651 -32.48 7.73 7.40
C CYS C 651 -32.37 6.75 6.25
N LEU C 652 -33.34 5.86 6.11
CA LEU C 652 -33.31 4.84 5.07
C LEU C 652 -33.75 5.40 3.72
N GLU C 653 -34.78 6.24 3.72
CA GLU C 653 -35.18 6.92 2.49
C GLU C 653 -34.12 7.90 2.06
N LEU C 654 -33.53 8.62 3.01
CA LEU C 654 -32.65 9.72 2.67
C LEU C 654 -31.29 9.23 2.22
N ALA C 655 -30.96 7.97 2.52
CA ALA C 655 -29.75 7.37 1.99
C ALA C 655 -29.94 6.80 0.59
N VAL C 656 -31.17 6.50 0.19
CA VAL C 656 -31.38 5.89 -1.12
C VAL C 656 -31.74 6.94 -2.17
N GLU C 657 -32.21 8.13 -1.76
CA GLU C 657 -32.31 9.24 -2.71
C GLU C 657 -30.94 9.80 -3.02
N ALA C 658 -30.07 9.89 -2.01
CA ALA C 658 -28.74 10.44 -2.17
C ALA C 658 -27.78 9.49 -2.84
N ARG C 659 -28.20 8.25 -3.11
CA ARG C 659 -27.35 7.15 -3.56
C ARG C 659 -26.16 6.95 -2.62
N ASP C 660 -26.43 7.06 -1.32
CA ASP C 660 -25.41 6.91 -0.29
C ASP C 660 -25.09 5.42 -0.17
N GLN C 661 -24.17 4.98 -1.03
CA GLN C 661 -23.91 3.54 -1.15
C GLN C 661 -23.15 3.00 0.05
N GLN C 662 -22.39 3.84 0.75
CA GLN C 662 -21.65 3.33 1.89
C GLN C 662 -22.54 3.16 3.12
N PHE C 663 -23.58 3.97 3.25
CA PHE C 663 -24.53 3.77 4.34
C PHE C 663 -25.39 2.55 4.08
N ILE C 664 -25.68 2.27 2.81
CA ILE C 664 -26.61 1.21 2.48
C ILE C 664 -25.90 -0.14 2.45
N ALA C 665 -24.62 -0.17 2.10
CA ALA C 665 -23.84 -1.40 2.06
C ALA C 665 -23.35 -1.85 3.42
N GLN C 666 -23.70 -1.17 4.46
CA GLN C 666 -23.17 -1.58 5.74
C GLN C 666 -23.98 -2.74 6.31
N PRO C 667 -23.38 -3.60 7.14
CA PRO C 667 -24.08 -4.81 7.56
C PRO C 667 -25.28 -4.57 8.46
N GLY C 668 -25.42 -3.39 9.05
CA GLY C 668 -26.61 -3.11 9.83
C GLY C 668 -27.82 -2.85 8.95
N VAL C 669 -27.63 -2.15 7.83
CA VAL C 669 -28.72 -1.84 6.93
C VAL C 669 -29.09 -3.05 6.09
N GLN C 670 -28.08 -3.82 5.67
CA GLN C 670 -28.35 -5.00 4.85
C GLN C 670 -29.03 -6.10 5.66
N ASN C 671 -28.79 -6.14 6.97
CA ASN C 671 -29.50 -7.09 7.81
C ASN C 671 -30.92 -6.64 8.08
N PHE C 672 -31.15 -5.33 8.11
CA PHE C 672 -32.49 -4.81 8.31
C PHE C 672 -33.40 -5.15 7.13
N LEU C 673 -32.85 -5.11 5.92
CA LEU C 673 -33.62 -5.45 4.74
C LEU C 673 -33.91 -6.94 4.68
N SER C 674 -32.95 -7.76 5.07
CA SER C 674 -33.18 -9.20 5.12
C SER C 674 -34.15 -9.56 6.22
N LYS C 675 -34.23 -8.75 7.27
CA LYS C 675 -35.31 -8.88 8.24
C LYS C 675 -36.63 -8.46 7.61
N GLN C 676 -36.60 -7.44 6.75
CA GLN C 676 -37.83 -6.97 6.12
C GLN C 676 -38.31 -7.97 5.08
N TRP C 677 -37.39 -8.56 4.32
CA TRP C 677 -37.78 -9.44 3.23
C TRP C 677 -38.26 -10.79 3.77
N TYR C 678 -37.68 -11.26 4.87
CA TYR C 678 -38.21 -12.47 5.48
C TYR C 678 -39.43 -12.19 6.33
N GLY C 679 -39.72 -10.93 6.64
CA GLY C 679 -40.93 -10.60 7.37
C GLY C 679 -40.86 -11.05 8.81
N GLU C 680 -42.00 -11.52 9.32
CA GLU C 680 -42.04 -12.07 10.66
C GLU C 680 -41.49 -13.49 10.72
N ILE C 681 -41.32 -14.14 9.58
CA ILE C 681 -40.55 -15.38 9.54
C ILE C 681 -39.11 -15.05 9.85
N SER C 682 -38.51 -15.78 10.78
CA SER C 682 -37.12 -15.55 11.08
C SER C 682 -36.24 -16.04 9.95
N ARG C 683 -35.00 -15.57 9.95
CA ARG C 683 -33.97 -16.20 9.17
C ARG C 683 -33.51 -17.46 9.90
N ASP C 684 -32.48 -18.11 9.35
CA ASP C 684 -31.89 -19.36 9.82
C ASP C 684 -32.87 -20.52 9.88
N THR C 685 -33.98 -20.48 9.13
CA THR C 685 -34.88 -21.64 9.17
C THR C 685 -34.42 -22.68 8.14
N LYS C 686 -34.65 -22.38 6.86
CA LYS C 686 -33.95 -22.76 5.64
C LYS C 686 -34.75 -22.18 4.49
N ASN C 687 -34.26 -22.28 3.26
CA ASN C 687 -35.07 -21.83 2.14
C ASN C 687 -36.15 -22.83 1.80
N TRP C 688 -35.78 -24.11 1.71
CA TRP C 688 -36.76 -25.14 1.35
C TRP C 688 -37.76 -25.39 2.48
N LYS C 689 -37.40 -25.04 3.71
CA LYS C 689 -38.31 -25.15 4.84
C LYS C 689 -39.49 -24.19 4.74
N ILE C 690 -39.32 -23.07 4.03
CA ILE C 690 -40.40 -22.12 3.82
C ILE C 690 -41.23 -22.49 2.59
N ILE C 691 -40.56 -23.02 1.57
CA ILE C 691 -41.22 -23.43 0.33
C ILE C 691 -42.16 -24.59 0.57
N MET C 692 -41.75 -25.55 1.41
CA MET C 692 -42.60 -26.70 1.67
C MET C 692 -43.79 -26.34 2.56
N CYS C 693 -43.75 -25.19 3.23
CA CYS C 693 -44.94 -24.71 3.92
C CYS C 693 -45.89 -23.97 3.01
N LEU C 694 -45.47 -23.64 1.78
CA LEU C 694 -46.40 -23.06 0.83
C LEU C 694 -47.36 -24.11 0.30
N PHE C 695 -46.82 -25.25 -0.13
CA PHE C 695 -47.65 -26.33 -0.63
C PHE C 695 -48.39 -27.06 0.47
N PHE C 696 -47.95 -26.94 1.73
CA PHE C 696 -48.51 -27.68 2.86
C PHE C 696 -48.88 -26.68 3.95
N PHE C 697 -50.16 -26.30 3.98
CA PHE C 697 -50.70 -25.39 5.00
C PHE C 697 -50.50 -25.83 6.45
N PRO C 698 -50.78 -27.08 6.88
CA PRO C 698 -50.64 -27.37 8.32
C PRO C 698 -49.21 -27.50 8.81
N LEU C 699 -48.22 -27.40 7.92
CA LEU C 699 -46.83 -27.41 8.38
C LEU C 699 -46.41 -26.08 8.98
N ILE C 700 -47.20 -25.02 8.79
CA ILE C 700 -46.93 -23.75 9.46
C ILE C 700 -47.27 -23.85 10.94
N GLY C 701 -48.43 -24.43 11.25
CA GLY C 701 -48.83 -24.57 12.65
C GLY C 701 -48.00 -25.59 13.40
N CYS C 702 -47.39 -26.52 12.68
CA CYS C 702 -46.43 -27.44 13.29
C CYS C 702 -45.16 -26.69 13.66
N GLY C 703 -44.35 -27.31 14.52
CA GLY C 703 -43.09 -26.73 14.94
C GLY C 703 -42.03 -26.85 13.86
N PHE C 704 -42.17 -26.07 12.78
CA PHE C 704 -41.38 -26.26 11.59
C PHE C 704 -40.67 -25.00 11.11
N ILE C 705 -41.26 -23.82 11.29
CA ILE C 705 -40.59 -22.55 11.09
C ILE C 705 -40.53 -21.85 12.45
N SER C 706 -39.90 -20.67 12.49
CA SER C 706 -39.37 -20.07 13.71
C SER C 706 -39.82 -18.62 13.86
N PHE C 707 -41.13 -18.38 13.80
CA PHE C 707 -41.73 -17.07 13.55
C PHE C 707 -41.43 -15.92 14.53
N ARG C 708 -40.58 -16.16 15.53
CA ARG C 708 -39.97 -15.15 16.44
C ARG C 708 -40.89 -14.06 17.01
N PHE C 719 -55.26 -17.82 12.65
CA PHE C 719 -54.24 -17.76 13.69
C PHE C 719 -53.24 -16.67 13.35
N LEU C 720 -52.43 -16.27 14.35
CA LEU C 720 -51.51 -15.15 14.12
C LEU C 720 -50.22 -15.63 13.46
N TYR C 721 -49.92 -16.94 13.54
CA TYR C 721 -48.75 -17.47 12.83
C TYR C 721 -49.00 -17.55 11.34
N TYR C 722 -50.25 -17.82 10.93
CA TYR C 722 -50.54 -17.99 9.52
C TYR C 722 -50.58 -16.66 8.79
N VAL C 723 -51.00 -15.60 9.48
CA VAL C 723 -51.01 -14.29 8.83
C VAL C 723 -49.61 -13.70 8.82
N SER C 724 -48.76 -14.11 9.76
CA SER C 724 -47.37 -13.65 9.75
C SER C 724 -46.57 -14.39 8.70
N PHE C 725 -46.95 -15.64 8.39
CA PHE C 725 -46.32 -16.37 7.30
C PHE C 725 -46.70 -15.75 5.96
N PHE C 726 -47.99 -15.66 5.67
CA PHE C 726 -48.48 -15.27 4.36
C PHE C 726 -48.48 -13.77 4.14
N THR C 727 -47.85 -12.97 4.99
CA THR C 727 -47.61 -11.58 4.68
C THR C 727 -46.14 -11.23 4.61
N SER C 728 -45.25 -12.19 4.83
CA SER C 728 -43.83 -11.96 4.65
C SER C 728 -43.52 -11.82 3.17
N PRO C 729 -42.61 -10.91 2.80
CA PRO C 729 -42.31 -10.71 1.38
C PRO C 729 -41.59 -11.88 0.71
N PHE C 730 -40.97 -12.77 1.49
CA PHE C 730 -40.39 -13.97 0.90
C PHE C 730 -41.47 -14.92 0.43
N VAL C 731 -42.55 -15.03 1.19
CA VAL C 731 -43.63 -15.96 0.86
C VAL C 731 -44.52 -15.41 -0.23
N VAL C 732 -44.84 -14.11 -0.15
CA VAL C 732 -45.65 -13.46 -1.16
C VAL C 732 -44.97 -13.49 -2.52
N PHE C 733 -43.65 -13.31 -2.55
CA PHE C 733 -42.93 -13.41 -3.82
C PHE C 733 -42.88 -14.84 -4.32
N SER C 734 -42.70 -15.80 -3.42
CA SER C 734 -42.68 -17.20 -3.84
C SER C 734 -44.06 -17.68 -4.24
N TRP C 735 -45.11 -17.09 -3.65
CA TRP C 735 -46.47 -17.39 -4.09
C TRP C 735 -46.75 -16.74 -5.43
N ASN C 736 -46.27 -15.52 -5.63
CA ASN C 736 -46.56 -14.80 -6.87
C ASN C 736 -45.75 -15.34 -8.05
N VAL C 737 -44.74 -16.15 -7.79
CA VAL C 737 -44.05 -16.84 -8.87
C VAL C 737 -44.71 -18.18 -9.15
N ILE C 738 -45.12 -18.89 -8.10
CA ILE C 738 -45.83 -20.15 -8.25
C ILE C 738 -47.19 -19.94 -8.91
N PHE C 739 -47.90 -18.89 -8.51
CA PHE C 739 -49.16 -18.57 -9.14
C PHE C 739 -48.98 -18.06 -10.56
N TYR C 740 -47.85 -17.43 -10.86
CA TYR C 740 -47.60 -16.95 -12.22
C TYR C 740 -47.33 -18.11 -13.16
N ILE C 741 -46.72 -19.18 -12.66
CA ILE C 741 -46.51 -20.36 -13.49
C ILE C 741 -47.84 -21.09 -13.71
N ALA C 742 -48.64 -21.20 -12.66
CA ALA C 742 -49.98 -21.78 -12.79
C ALA C 742 -50.89 -20.90 -13.63
N PHE C 743 -50.62 -19.60 -13.69
CA PHE C 743 -51.29 -18.76 -14.67
C PHE C 743 -50.84 -19.09 -16.08
N LEU C 744 -49.55 -19.37 -16.26
CA LEU C 744 -49.03 -19.64 -17.60
C LEU C 744 -49.43 -21.03 -18.08
N LEU C 745 -49.58 -21.99 -17.16
CA LEU C 745 -50.06 -23.30 -17.57
C LEU C 745 -51.55 -23.26 -17.89
N LEU C 746 -52.31 -22.42 -17.20
CA LEU C 746 -53.70 -22.24 -17.56
C LEU C 746 -53.83 -21.44 -18.84
N PHE C 747 -52.93 -20.49 -19.07
CA PHE C 747 -52.93 -19.74 -20.32
C PHE C 747 -52.48 -20.62 -21.48
N ALA C 748 -51.71 -21.67 -21.20
CA ALA C 748 -51.34 -22.60 -22.26
C ALA C 748 -52.41 -23.66 -22.48
N TYR C 749 -53.15 -24.02 -21.43
CA TYR C 749 -54.20 -25.02 -21.59
C TYR C 749 -55.41 -24.44 -22.31
N VAL C 750 -55.74 -23.18 -22.05
CA VAL C 750 -56.86 -22.54 -22.71
C VAL C 750 -56.53 -22.28 -24.17
N LEU C 751 -55.31 -21.85 -24.47
CA LEU C 751 -54.91 -21.48 -25.82
C LEU C 751 -54.77 -22.67 -26.75
N LEU C 752 -54.62 -23.88 -26.24
CA LEU C 752 -54.45 -25.06 -27.07
C LEU C 752 -55.68 -25.95 -27.09
N MET C 753 -56.15 -26.40 -25.93
CA MET C 753 -57.23 -27.37 -25.87
C MET C 753 -58.60 -26.71 -25.87
N ASP C 754 -58.76 -25.64 -25.09
CA ASP C 754 -59.96 -24.79 -25.07
C ASP C 754 -59.93 -23.80 -26.23
N PHE C 755 -60.61 -22.65 -26.06
CA PHE C 755 -60.69 -21.55 -27.01
C PHE C 755 -61.43 -21.99 -28.27
N GLN C 756 -62.70 -22.37 -28.11
CA GLN C 756 -63.45 -22.92 -29.24
C GLN C 756 -64.06 -21.83 -30.11
N LYS C 757 -65.07 -21.13 -29.60
CA LYS C 757 -65.51 -19.87 -30.17
C LYS C 757 -65.91 -18.82 -29.14
N GLU C 758 -66.46 -19.23 -28.01
CA GLU C 758 -66.99 -18.35 -26.98
C GLU C 758 -66.03 -18.33 -25.81
N PRO C 759 -66.07 -17.28 -24.98
CA PRO C 759 -65.17 -17.24 -23.82
C PRO C 759 -65.57 -18.25 -22.75
N THR C 760 -65.02 -19.45 -22.89
CA THR C 760 -65.15 -20.59 -21.97
C THR C 760 -64.84 -20.18 -20.53
N ALA C 761 -65.43 -20.87 -19.55
CA ALA C 761 -65.34 -20.47 -18.15
C ALA C 761 -63.90 -20.53 -17.62
N LEU C 762 -63.07 -21.38 -18.21
CA LEU C 762 -61.65 -21.36 -17.86
C LEU C 762 -60.96 -20.13 -18.44
N GLU C 763 -61.46 -19.61 -19.55
CA GLU C 763 -60.86 -18.41 -20.13
C GLU C 763 -61.38 -17.15 -19.43
N ILE C 764 -62.59 -17.20 -18.86
CA ILE C 764 -63.09 -16.12 -18.03
C ILE C 764 -62.24 -15.99 -16.77
N ILE C 765 -61.72 -17.10 -16.27
CA ILE C 765 -60.74 -17.10 -15.18
C ILE C 765 -59.48 -16.36 -15.62
N LEU C 766 -59.03 -16.57 -16.85
CA LEU C 766 -57.86 -15.86 -17.34
C LEU C 766 -58.13 -14.38 -17.56
N TYR C 767 -59.40 -14.02 -17.81
CA TYR C 767 -59.72 -12.62 -18.02
C TYR C 767 -59.67 -11.83 -16.72
N VAL C 768 -59.93 -12.49 -15.60
CA VAL C 768 -59.85 -11.79 -14.32
C VAL C 768 -58.46 -11.94 -13.72
N LEU C 769 -57.71 -12.98 -14.13
CA LEU C 769 -56.36 -13.14 -13.62
C LEU C 769 -55.39 -12.15 -14.25
N VAL C 770 -55.73 -11.61 -15.42
CA VAL C 770 -54.94 -10.51 -15.94
C VAL C 770 -55.49 -9.18 -15.47
N PHE C 771 -56.76 -9.15 -15.03
CA PHE C 771 -57.30 -7.92 -14.48
C PHE C 771 -56.71 -7.66 -13.10
N VAL C 772 -56.47 -8.71 -12.33
CA VAL C 772 -55.78 -8.54 -11.06
C VAL C 772 -54.30 -8.32 -11.30
N LEU C 773 -53.79 -8.74 -12.47
CA LEU C 773 -52.48 -8.31 -12.90
C LEU C 773 -52.47 -6.87 -13.37
N LEU C 774 -53.63 -6.36 -13.82
CA LEU C 774 -53.72 -4.98 -14.27
C LEU C 774 -53.88 -4.03 -13.09
N CYS C 775 -54.77 -4.38 -12.15
CA CYS C 775 -55.03 -3.52 -11.02
C CYS C 775 -53.85 -3.49 -10.05
N ASP C 776 -53.05 -4.56 -10.03
CA ASP C 776 -51.81 -4.54 -9.25
C ASP C 776 -50.80 -3.57 -9.84
N GLU C 777 -50.88 -3.30 -11.13
CA GLU C 777 -49.88 -2.51 -11.82
C GLU C 777 -50.31 -1.06 -12.05
N VAL C 778 -51.61 -0.78 -12.12
CA VAL C 778 -52.02 0.62 -12.02
C VAL C 778 -51.95 1.08 -10.56
N ARG C 779 -51.92 0.12 -9.63
CA ARG C 779 -51.48 0.43 -8.27
C ARG C 779 -50.01 0.83 -8.27
N GLN C 780 -49.21 0.25 -9.16
CA GLN C 780 -47.85 0.73 -9.37
C GLN C 780 -47.79 1.91 -10.33
N TRP C 781 -48.93 2.33 -10.88
CA TRP C 781 -49.04 3.68 -11.43
C TRP C 781 -49.38 4.70 -10.35
N TYR C 782 -49.46 4.27 -9.10
CA TYR C 782 -49.20 5.11 -7.95
C TYR C 782 -47.83 4.70 -7.40
N MET C 783 -47.28 5.52 -6.50
CA MET C 783 -45.85 5.55 -6.18
C MET C 783 -45.05 5.65 -7.47
N ASN C 784 -45.41 6.61 -8.32
CA ASN C 784 -45.15 6.49 -9.74
C ASN C 784 -44.14 7.52 -10.24
N GLY C 785 -44.46 8.82 -10.16
CA GLY C 785 -43.65 9.90 -10.69
C GLY C 785 -43.11 9.79 -12.11
N SER C 786 -43.70 8.92 -12.93
CA SER C 786 -43.11 8.35 -14.15
C SER C 786 -41.70 7.79 -13.93
N LYS C 787 -41.44 7.24 -12.75
CA LYS C 787 -40.27 6.39 -12.53
C LYS C 787 -40.48 5.03 -13.16
N TYR C 788 -41.73 4.56 -13.16
CA TYR C 788 -42.05 3.21 -13.61
C TYR C 788 -41.82 3.03 -15.10
N PHE C 789 -41.93 4.11 -15.87
CA PHE C 789 -41.86 4.04 -17.32
C PHE C 789 -40.43 4.07 -17.85
N SER C 790 -39.43 4.31 -16.99
CA SER C 790 -38.03 4.21 -17.36
C SER C 790 -37.38 2.95 -16.79
N ASP C 791 -38.11 1.85 -16.72
CA ASP C 791 -37.59 0.60 -16.17
C ASP C 791 -37.35 -0.47 -17.22
N LEU C 792 -37.80 -0.22 -18.46
CA LEU C 792 -37.37 -0.90 -19.70
C LEU C 792 -37.88 -2.34 -19.82
N TRP C 793 -38.42 -2.88 -18.75
CA TRP C 793 -39.05 -4.19 -18.68
C TRP C 793 -40.38 -4.13 -17.97
N ASN C 794 -40.57 -3.09 -17.17
CA ASN C 794 -41.87 -2.86 -16.54
C ASN C 794 -42.84 -2.20 -17.50
N VAL C 795 -42.33 -1.58 -18.57
CA VAL C 795 -43.22 -1.09 -19.61
C VAL C 795 -43.65 -2.23 -20.52
N MET C 796 -42.95 -3.36 -20.47
CA MET C 796 -43.38 -4.54 -21.21
C MET C 796 -44.65 -5.12 -20.58
N ASP C 797 -44.83 -4.92 -19.28
CA ASP C 797 -45.94 -5.56 -18.58
C ASP C 797 -47.27 -4.90 -18.89
N THR C 798 -47.30 -3.56 -18.97
CA THR C 798 -48.48 -2.88 -19.48
C THR C 798 -48.74 -3.26 -20.92
N LEU C 799 -47.69 -3.26 -21.75
CA LEU C 799 -47.87 -3.59 -23.15
C LEU C 799 -48.02 -5.09 -23.37
N ALA C 800 -47.86 -5.89 -22.32
CA ALA C 800 -48.36 -7.27 -22.38
C ALA C 800 -49.82 -7.32 -21.97
N ILE C 801 -50.24 -6.46 -21.05
CA ILE C 801 -51.64 -6.48 -20.60
C ILE C 801 -52.52 -5.70 -21.57
N PHE C 802 -52.01 -4.60 -22.14
CA PHE C 802 -52.75 -3.88 -23.16
C PHE C 802 -52.89 -4.70 -24.43
N TYR C 803 -51.87 -5.51 -24.73
CA TYR C 803 -51.97 -6.43 -25.85
C TYR C 803 -52.90 -7.60 -25.54
N PHE C 804 -53.09 -7.90 -24.25
CA PHE C 804 -54.08 -8.91 -23.90
C PHE C 804 -55.49 -8.38 -24.09
N ILE C 805 -55.75 -7.17 -23.61
CA ILE C 805 -57.09 -6.60 -23.69
C ILE C 805 -57.44 -6.28 -25.14
N ALA C 806 -56.44 -5.92 -25.94
CA ALA C 806 -56.65 -5.82 -27.39
C ALA C 806 -56.93 -7.17 -28.01
N GLY C 807 -56.42 -8.25 -27.41
CA GLY C 807 -56.78 -9.58 -27.84
C GLY C 807 -58.10 -10.09 -27.31
N ILE C 808 -58.72 -9.37 -26.38
CA ILE C 808 -60.07 -9.73 -25.92
C ILE C 808 -61.13 -9.17 -26.86
N VAL C 809 -60.96 -7.92 -27.30
CA VAL C 809 -61.97 -7.29 -28.15
C VAL C 809 -61.93 -7.84 -29.57
N PHE C 810 -60.85 -8.55 -29.94
CA PHE C 810 -60.83 -9.23 -31.21
C PHE C 810 -61.45 -10.61 -31.13
N ARG C 811 -61.66 -11.12 -29.92
CA ARG C 811 -62.37 -12.38 -29.74
C ARG C 811 -63.88 -12.18 -29.82
N LEU C 812 -64.37 -11.05 -29.32
CA LEU C 812 -65.80 -10.77 -29.29
C LEU C 812 -66.22 -9.96 -30.52
N HIS C 813 -65.94 -10.51 -31.69
CA HIS C 813 -66.26 -9.85 -32.95
C HIS C 813 -66.96 -10.73 -33.96
N SER C 814 -67.02 -12.05 -33.75
CA SER C 814 -67.78 -13.06 -34.49
C SER C 814 -67.29 -13.31 -35.91
N ASP C 815 -66.25 -12.60 -36.37
CA ASP C 815 -65.69 -12.83 -37.70
C ASP C 815 -64.55 -13.82 -37.57
N GLU C 816 -64.48 -14.79 -38.49
CA GLU C 816 -63.44 -15.80 -38.42
C GLU C 816 -62.08 -15.23 -38.82
N SER C 817 -62.06 -14.12 -39.55
CA SER C 817 -60.80 -13.44 -39.80
C SER C 817 -60.36 -12.65 -38.56
N SER C 818 -61.31 -12.27 -37.71
CA SER C 818 -60.96 -11.51 -36.52
C SER C 818 -60.82 -12.42 -35.30
N TRP C 819 -61.59 -13.51 -35.24
CA TRP C 819 -61.45 -14.46 -34.15
C TRP C 819 -60.10 -15.14 -34.20
N TYR C 820 -59.67 -15.54 -35.41
CA TYR C 820 -58.36 -16.15 -35.55
C TYR C 820 -57.25 -15.15 -35.26
N SER C 821 -57.44 -13.89 -35.70
CA SER C 821 -56.48 -12.85 -35.37
C SER C 821 -56.51 -12.52 -33.88
N GLY C 822 -57.64 -12.77 -33.21
CA GLY C 822 -57.68 -12.64 -31.77
C GLY C 822 -56.88 -13.72 -31.07
N ARG C 823 -56.81 -14.91 -31.67
CA ARG C 823 -55.98 -15.97 -31.11
C ARG C 823 -54.50 -15.67 -31.32
N VAL C 824 -54.14 -15.14 -32.50
CA VAL C 824 -52.76 -14.81 -32.81
C VAL C 824 -52.22 -13.75 -31.85
N ILE C 825 -53.05 -12.77 -31.48
CA ILE C 825 -52.64 -11.77 -30.51
C ILE C 825 -52.45 -12.40 -29.14
N PHE C 826 -53.27 -13.41 -28.80
CA PHE C 826 -53.07 -14.11 -27.52
C PHE C 826 -51.83 -14.99 -27.54
N CYS C 827 -51.53 -15.63 -28.68
CA CYS C 827 -50.37 -16.50 -28.74
C CYS C 827 -49.07 -15.71 -28.73
N LEU C 828 -49.07 -14.53 -29.34
CA LEU C 828 -47.91 -13.66 -29.25
C LEU C 828 -47.82 -13.03 -27.87
N ASP C 829 -48.94 -12.95 -27.16
CA ASP C 829 -48.93 -12.44 -25.79
C ASP C 829 -48.44 -13.48 -24.81
N TYR C 830 -48.45 -14.76 -25.19
CA TYR C 830 -47.95 -15.80 -24.30
C TYR C 830 -46.45 -15.70 -24.12
N ILE C 831 -45.75 -15.16 -25.12
CA ILE C 831 -44.30 -15.08 -25.00
C ILE C 831 -43.89 -13.96 -24.06
N VAL C 832 -44.50 -12.78 -24.17
CA VAL C 832 -44.15 -11.67 -23.29
C VAL C 832 -44.64 -11.92 -21.87
N PHE C 833 -45.58 -12.84 -21.69
CA PHE C 833 -45.89 -13.27 -20.33
C PHE C 833 -44.86 -14.26 -19.84
N THR C 834 -44.20 -14.96 -20.75
CA THR C 834 -43.14 -15.88 -20.34
C THR C 834 -41.80 -15.17 -20.31
N LEU C 835 -41.62 -14.17 -21.16
CA LEU C 835 -40.42 -13.33 -21.08
C LEU C 835 -40.37 -12.55 -19.79
N ARG C 836 -41.53 -12.25 -19.20
CA ARG C 836 -41.54 -11.67 -17.87
C ARG C 836 -41.14 -12.69 -16.82
N LEU C 837 -41.54 -13.95 -17.00
CA LEU C 837 -41.13 -14.99 -16.06
C LEU C 837 -39.65 -15.29 -16.19
N ILE C 838 -39.11 -15.23 -17.41
CA ILE C 838 -37.68 -15.41 -17.62
C ILE C 838 -36.92 -14.23 -17.04
N HIS C 839 -37.49 -13.03 -17.12
CA HIS C 839 -36.87 -11.87 -16.52
C HIS C 839 -36.91 -11.94 -15.00
N ILE C 840 -37.95 -12.53 -14.43
CA ILE C 840 -38.03 -12.70 -12.99
C ILE C 840 -37.01 -13.73 -12.52
N PHE C 841 -36.81 -14.78 -13.30
CA PHE C 841 -35.83 -15.80 -12.96
C PHE C 841 -34.41 -15.27 -13.10
N THR C 842 -34.16 -14.41 -14.09
CA THR C 842 -32.78 -13.97 -14.31
C THR C 842 -32.38 -12.85 -13.35
N VAL C 843 -33.34 -12.20 -12.71
CA VAL C 843 -32.97 -11.18 -11.73
C VAL C 843 -32.85 -11.80 -10.36
N SER C 844 -33.73 -12.75 -10.03
CA SER C 844 -33.71 -13.36 -8.70
C SER C 844 -32.53 -14.29 -8.52
N ARG C 845 -32.06 -14.91 -9.61
CA ARG C 845 -30.83 -15.68 -9.50
C ARG C 845 -29.62 -14.78 -9.40
N ASN C 846 -29.54 -13.75 -10.24
CA ASN C 846 -28.41 -12.84 -10.25
C ASN C 846 -28.55 -11.71 -9.24
N LEU C 847 -29.47 -11.82 -8.29
CA LEU C 847 -29.42 -11.01 -7.08
C LEU C 847 -28.19 -11.46 -6.31
N GLY C 848 -27.23 -10.56 -6.18
CA GLY C 848 -25.89 -10.91 -5.85
C GLY C 848 -25.02 -10.02 -6.68
N PRO C 849 -23.70 -10.24 -6.69
CA PRO C 849 -22.78 -9.30 -7.38
C PRO C 849 -22.97 -9.20 -8.89
N LYS C 850 -23.75 -10.09 -9.50
CA LYS C 850 -24.01 -10.06 -10.93
C LYS C 850 -25.13 -9.10 -11.31
N ILE C 851 -25.81 -8.47 -10.34
CA ILE C 851 -26.90 -7.56 -10.68
C ILE C 851 -26.39 -6.23 -11.22
N ILE C 852 -25.10 -5.96 -11.07
CA ILE C 852 -24.46 -4.83 -11.75
C ILE C 852 -24.03 -5.21 -13.15
N MET C 853 -23.54 -6.44 -13.32
CA MET C 853 -23.25 -6.97 -14.64
C MET C 853 -24.52 -7.08 -15.46
N LEU C 854 -25.55 -7.72 -14.90
CA LEU C 854 -26.90 -7.63 -15.43
C LEU C 854 -27.40 -6.18 -15.33
N GLN C 855 -28.38 -5.84 -16.17
CA GLN C 855 -29.14 -4.58 -16.19
C GLN C 855 -28.31 -3.38 -16.64
N ARG C 856 -27.01 -3.54 -16.77
CA ARG C 856 -26.13 -2.68 -17.53
C ARG C 856 -25.76 -3.31 -18.85
N MET C 857 -25.51 -4.62 -18.84
CA MET C 857 -25.44 -5.41 -20.06
C MET C 857 -26.80 -5.51 -20.74
N MET C 858 -27.88 -5.44 -19.99
CA MET C 858 -29.20 -5.55 -20.58
C MET C 858 -29.58 -4.28 -21.33
N ILE C 859 -29.09 -3.12 -20.90
CA ILE C 859 -29.33 -1.91 -21.68
C ILE C 859 -28.31 -1.79 -22.79
N ASP C 860 -27.20 -2.53 -22.70
CA ASP C 860 -26.19 -2.50 -23.74
C ASP C 860 -26.59 -3.33 -24.95
N VAL C 861 -27.36 -4.39 -24.74
CA VAL C 861 -27.85 -5.19 -25.85
C VAL C 861 -29.10 -4.53 -26.47
N PHE C 862 -29.83 -3.73 -25.70
CA PHE C 862 -30.93 -2.94 -26.27
C PHE C 862 -30.39 -1.88 -27.22
N PHE C 863 -29.18 -1.39 -26.98
CA PHE C 863 -28.58 -0.48 -27.94
C PHE C 863 -28.06 -1.21 -29.16
N PHE C 864 -27.52 -2.42 -28.97
CA PHE C 864 -27.00 -3.18 -30.09
C PHE C 864 -28.14 -3.71 -30.97
N LEU C 865 -29.24 -4.14 -30.36
CA LEU C 865 -30.39 -4.57 -31.15
C LEU C 865 -31.08 -3.39 -31.80
N PHE C 866 -30.94 -2.20 -31.24
CA PHE C 866 -31.42 -1.00 -31.93
C PHE C 866 -30.57 -0.71 -33.16
N LEU C 867 -29.25 -0.78 -33.02
CA LEU C 867 -28.37 -0.55 -34.15
C LEU C 867 -28.45 -1.69 -35.16
N PHE C 868 -28.79 -2.89 -34.70
CA PHE C 868 -29.02 -3.98 -35.63
C PHE C 868 -30.32 -3.76 -36.41
N ALA C 869 -31.32 -3.17 -35.75
CA ALA C 869 -32.57 -2.89 -36.44
C ALA C 869 -32.43 -1.72 -37.40
N VAL C 870 -31.56 -0.77 -37.07
CA VAL C 870 -31.29 0.34 -37.98
C VAL C 870 -30.57 -0.16 -39.22
N TRP C 871 -29.64 -1.11 -39.05
CA TRP C 871 -28.98 -1.72 -40.21
C TRP C 871 -29.92 -2.61 -40.99
N MET C 872 -30.86 -3.26 -40.30
CA MET C 872 -31.80 -4.15 -40.98
C MET C 872 -32.82 -3.35 -41.79
N VAL C 873 -33.07 -2.11 -41.40
CA VAL C 873 -33.91 -1.22 -42.20
C VAL C 873 -33.15 -0.78 -43.45
N ALA C 874 -31.88 -0.41 -43.29
CA ALA C 874 -31.08 0.04 -44.42
C ALA C 874 -30.75 -1.10 -45.37
N PHE C 875 -30.68 -2.32 -44.85
CA PHE C 875 -30.55 -3.47 -45.73
C PHE C 875 -31.82 -3.70 -46.53
N GLY C 876 -32.96 -3.26 -46.01
CA GLY C 876 -34.21 -3.40 -46.75
C GLY C 876 -34.33 -2.41 -47.89
N VAL C 877 -33.79 -1.20 -47.71
CA VAL C 877 -33.81 -0.23 -48.80
C VAL C 877 -32.89 -0.67 -49.92
N ALA C 878 -31.74 -1.25 -49.56
CA ALA C 878 -30.84 -1.79 -50.58
C ALA C 878 -31.42 -3.03 -51.22
N ARG C 879 -32.25 -3.78 -50.50
CA ARG C 879 -32.87 -4.96 -51.07
C ARG C 879 -34.03 -4.58 -51.99
N GLN C 880 -34.97 -3.78 -51.48
CA GLN C 880 -36.13 -3.39 -52.28
C GLN C 880 -35.79 -2.41 -53.38
N GLY C 881 -34.74 -1.62 -53.21
CA GLY C 881 -34.34 -0.71 -54.27
C GLY C 881 -33.63 -1.39 -55.42
N ILE C 882 -33.04 -2.55 -55.18
CA ILE C 882 -32.47 -3.34 -56.26
C ILE C 882 -33.56 -4.09 -57.03
N LEU C 883 -34.56 -4.61 -56.34
CA LEU C 883 -35.65 -5.34 -56.98
C LEU C 883 -36.69 -4.36 -57.50
N ARG C 884 -37.84 -4.87 -57.91
CA ARG C 884 -38.90 -4.04 -58.47
C ARG C 884 -39.66 -3.32 -57.36
N GLU C 891 -47.16 2.88 -49.41
CA GLU C 891 -47.64 2.21 -48.21
C GLU C 891 -47.34 0.72 -48.28
N TRP C 892 -47.08 0.23 -49.49
CA TRP C 892 -46.56 -1.12 -49.64
C TRP C 892 -45.11 -1.21 -49.22
N ILE C 893 -44.40 -0.08 -49.20
CA ILE C 893 -42.97 -0.10 -48.91
C ILE C 893 -42.71 -0.37 -47.44
N PHE C 894 -43.56 0.16 -46.55
CA PHE C 894 -43.42 -0.09 -45.11
C PHE C 894 -43.69 -1.54 -44.77
N ARG C 895 -44.55 -2.20 -45.54
CA ARG C 895 -44.81 -3.61 -45.36
C ARG C 895 -43.80 -4.49 -46.09
N SER C 896 -42.76 -3.91 -46.67
CA SER C 896 -41.74 -4.69 -47.36
C SER C 896 -40.32 -4.28 -47.02
N VAL C 897 -40.09 -3.06 -46.52
CA VAL C 897 -38.75 -2.63 -46.16
C VAL C 897 -38.43 -3.02 -44.71
N ILE C 898 -39.44 -3.28 -43.89
CA ILE C 898 -39.21 -3.65 -42.51
C ILE C 898 -39.30 -5.16 -42.29
N TYR C 899 -40.35 -5.82 -42.79
CA TYR C 899 -40.62 -7.21 -42.45
C TYR C 899 -39.73 -8.19 -43.20
N GLU C 900 -39.68 -8.09 -44.53
CA GLU C 900 -38.89 -9.02 -45.34
C GLU C 900 -37.39 -9.10 -45.06
N PRO C 901 -36.68 -8.06 -44.57
CA PRO C 901 -35.29 -8.32 -44.15
C PRO C 901 -35.14 -9.29 -43.01
N TYR C 902 -36.10 -9.33 -42.08
CA TYR C 902 -36.05 -10.32 -41.02
C TYR C 902 -36.46 -11.70 -41.53
N LEU C 903 -37.43 -11.74 -42.45
CA LEU C 903 -37.84 -13.02 -43.03
C LEU C 903 -36.78 -13.59 -43.97
N ALA C 904 -35.96 -12.72 -44.58
CA ALA C 904 -34.88 -13.21 -45.44
C ALA C 904 -33.77 -13.85 -44.62
N MET C 905 -33.65 -13.50 -43.34
CA MET C 905 -32.73 -14.16 -42.44
C MET C 905 -33.44 -15.18 -41.54
N PHE C 906 -34.74 -15.40 -41.76
CA PHE C 906 -35.46 -16.47 -41.09
C PHE C 906 -35.35 -17.76 -41.90
N PHE C 945 -26.51 -8.64 -62.95
CA PHE C 945 -26.42 -8.41 -61.52
C PHE C 945 -24.99 -8.00 -61.06
N PRO C 946 -23.93 -8.84 -61.24
CA PRO C 946 -22.63 -8.36 -60.72
C PRO C 946 -21.88 -7.51 -61.74
N GLU C 947 -22.17 -6.21 -61.77
CA GLU C 947 -21.51 -5.28 -62.68
C GLU C 947 -20.01 -5.22 -62.41
N TRP C 948 -19.65 -4.61 -61.29
CA TRP C 948 -18.45 -4.93 -60.55
C TRP C 948 -18.73 -4.75 -59.06
N ILE C 949 -20.01 -4.78 -58.67
CA ILE C 949 -20.48 -4.23 -57.40
C ILE C 949 -20.06 -5.07 -56.21
N THR C 950 -19.49 -6.25 -56.42
CA THR C 950 -19.01 -7.03 -55.28
C THR C 950 -17.67 -6.51 -54.79
N ILE C 951 -17.01 -5.65 -55.58
CA ILE C 951 -15.81 -4.96 -55.09
C ILE C 951 -16.13 -4.05 -53.89
N PRO C 952 -17.27 -3.35 -53.84
CA PRO C 952 -17.73 -2.87 -52.53
C PRO C 952 -18.75 -3.69 -51.76
N LEU C 953 -19.39 -4.73 -52.33
CA LEU C 953 -20.50 -5.35 -51.61
C LEU C 953 -20.03 -6.25 -50.47
N VAL C 954 -18.86 -6.88 -50.61
CA VAL C 954 -18.32 -7.57 -49.45
C VAL C 954 -17.71 -6.56 -48.49
N CYS C 955 -17.28 -5.39 -48.99
CA CYS C 955 -16.82 -4.34 -48.11
C CYS C 955 -17.98 -3.63 -47.43
N ILE C 956 -19.22 -3.83 -47.91
CA ILE C 956 -20.38 -3.52 -47.08
C ILE C 956 -20.41 -4.47 -45.89
N TYR C 957 -20.31 -5.77 -46.16
CA TYR C 957 -20.41 -6.77 -45.11
C TYR C 957 -19.16 -6.80 -44.24
N MET C 958 -18.02 -6.33 -44.77
CA MET C 958 -16.86 -6.15 -43.93
C MET C 958 -16.95 -4.88 -43.12
N LEU C 959 -17.91 -4.00 -43.44
CA LEU C 959 -18.17 -2.82 -42.63
C LEU C 959 -19.47 -2.93 -41.84
N SER C 960 -20.40 -3.78 -42.28
CA SER C 960 -21.59 -4.05 -41.48
C SER C 960 -21.24 -4.84 -40.23
N THR C 961 -20.72 -6.04 -40.42
CA THR C 961 -19.86 -6.63 -39.40
C THR C 961 -18.65 -5.71 -39.24
N ASN C 962 -18.16 -5.57 -38.00
CA ASN C 962 -17.20 -4.62 -37.43
C ASN C 962 -17.86 -3.29 -37.06
N ILE C 963 -19.15 -3.12 -37.25
CA ILE C 963 -19.87 -2.09 -36.52
C ILE C 963 -21.04 -2.67 -35.74
N LEU C 964 -21.55 -3.84 -36.14
CA LEU C 964 -22.48 -4.57 -35.31
C LEU C 964 -21.78 -5.58 -34.43
N LEU C 965 -20.66 -6.14 -34.91
CA LEU C 965 -19.88 -7.04 -34.09
C LEU C 965 -19.25 -6.29 -32.92
N VAL C 966 -18.74 -5.09 -33.18
CA VAL C 966 -18.11 -4.32 -32.12
C VAL C 966 -19.14 -3.83 -31.12
N ASN C 967 -20.32 -3.44 -31.59
CA ASN C 967 -21.40 -3.07 -30.69
C ASN C 967 -21.91 -4.26 -29.89
N LEU C 968 -21.80 -5.46 -30.45
CA LEU C 968 -22.09 -6.65 -29.67
C LEU C 968 -21.03 -6.90 -28.62
N LEU C 969 -19.76 -6.72 -28.98
CA LEU C 969 -18.67 -6.97 -28.04
C LEU C 969 -18.56 -5.86 -27.01
N VAL C 970 -19.01 -4.64 -27.34
CA VAL C 970 -19.11 -3.60 -26.32
C VAL C 970 -20.17 -3.97 -25.30
N ALA C 971 -21.24 -4.63 -25.74
CA ALA C 971 -22.30 -5.04 -24.84
C ALA C 971 -21.83 -6.13 -23.87
N MET C 972 -20.96 -7.02 -24.32
CA MET C 972 -20.45 -8.06 -23.43
C MET C 972 -19.50 -7.49 -22.38
N PHE C 973 -18.75 -6.46 -22.72
CA PHE C 973 -17.64 -6.02 -21.92
C PHE C 973 -17.83 -4.65 -21.29
N GLY C 974 -18.86 -3.90 -21.68
CA GLY C 974 -19.02 -2.54 -21.22
C GLY C 974 -19.43 -2.41 -19.76
N TYR C 975 -19.78 -3.53 -19.11
CA TYR C 975 -20.07 -3.48 -17.68
C TYR C 975 -18.80 -3.36 -16.86
N THR C 976 -17.65 -3.74 -17.42
CA THR C 976 -16.41 -3.79 -16.67
C THR C 976 -15.88 -2.39 -16.38
N VAL C 977 -15.79 -1.55 -17.40
CA VAL C 977 -15.27 -0.20 -17.22
C VAL C 977 -16.39 0.67 -16.67
N GLY C 978 -16.06 1.49 -15.67
CA GLY C 978 -17.03 2.38 -15.06
C GLY C 978 -17.98 1.65 -14.13
N ASN C 983 -14.91 -0.70 -5.07
CA ASN C 983 -16.17 -0.26 -4.49
C ASN C 983 -17.35 -1.14 -4.90
N ASN C 984 -17.07 -2.17 -5.72
CA ASN C 984 -18.15 -2.93 -6.35
C ASN C 984 -18.90 -3.85 -5.41
N ASP C 985 -18.52 -3.93 -4.13
CA ASP C 985 -19.44 -4.51 -3.16
C ASP C 985 -20.45 -3.48 -2.69
N GLN C 986 -20.03 -2.22 -2.56
CA GLN C 986 -20.98 -1.16 -2.22
C GLN C 986 -21.86 -0.79 -3.41
N VAL C 987 -21.33 -0.91 -4.63
CA VAL C 987 -22.14 -0.63 -5.81
C VAL C 987 -23.20 -1.70 -5.98
N TRP C 988 -22.87 -2.95 -5.64
CA TRP C 988 -23.88 -4.00 -5.63
C TRP C 988 -24.88 -3.81 -4.50
N LYS C 989 -24.39 -3.70 -3.25
CA LYS C 989 -25.26 -3.79 -2.07
C LYS C 989 -26.27 -2.63 -2.01
N PHE C 990 -25.97 -1.53 -2.69
CA PHE C 990 -26.99 -0.51 -2.88
C PHE C 990 -28.09 -0.97 -3.81
N GLN C 991 -27.76 -1.70 -4.88
CA GLN C 991 -28.78 -2.11 -5.84
C GLN C 991 -29.56 -3.32 -5.36
N ARG C 992 -28.90 -4.23 -4.63
CA ARG C 992 -29.63 -5.32 -3.98
C ARG C 992 -30.60 -4.77 -2.94
N PHE C 993 -30.19 -3.74 -2.22
CA PHE C 993 -31.11 -3.08 -1.31
C PHE C 993 -32.19 -2.34 -2.06
N PHE C 994 -31.85 -1.80 -3.23
CA PHE C 994 -32.81 -0.99 -3.97
C PHE C 994 -33.97 -1.83 -4.49
N LEU C 995 -33.66 -2.97 -5.11
CA LEU C 995 -34.68 -3.78 -5.78
C LEU C 995 -35.56 -4.52 -4.78
N VAL C 996 -34.98 -5.01 -3.69
CA VAL C 996 -35.75 -5.73 -2.67
C VAL C 996 -36.68 -4.77 -1.93
N GLN C 997 -36.27 -3.50 -1.81
CA GLN C 997 -37.09 -2.52 -1.11
C GLN C 997 -38.39 -2.19 -1.85
N GLU C 998 -38.41 -2.22 -3.18
CA GLU C 998 -39.66 -1.91 -3.87
C GLU C 998 -40.65 -3.05 -3.75
N TYR C 999 -40.19 -4.30 -3.73
CA TYR C 999 -41.12 -5.41 -3.57
C TYR C 999 -41.66 -5.49 -2.16
N CYS C 1000 -40.84 -5.15 -1.17
CA CYS C 1000 -41.34 -5.04 0.20
C CYS C 1000 -42.29 -3.86 0.34
N SER C 1001 -42.18 -2.87 -0.56
CA SER C 1001 -43.17 -1.82 -0.69
C SER C 1001 -44.33 -2.21 -1.61
N ARG C 1002 -44.23 -3.33 -2.32
CA ARG C 1002 -45.24 -3.71 -3.31
C ARG C 1002 -46.29 -4.66 -2.72
N LEU C 1003 -46.95 -4.22 -1.65
CA LEU C 1003 -48.23 -4.76 -1.15
C LEU C 1003 -48.12 -6.26 -0.84
N THR C 1004 -47.40 -6.56 0.24
CA THR C 1004 -47.04 -7.95 0.53
C THR C 1004 -48.25 -8.78 0.96
N ILE C 1005 -49.10 -9.08 -0.02
CA ILE C 1005 -50.27 -9.94 0.12
C ILE C 1005 -50.36 -10.83 -1.11
N PRO C 1006 -50.86 -12.06 -0.95
CA PRO C 1006 -50.93 -13.01 -2.07
C PRO C 1006 -51.70 -12.42 -3.26
N PHE C 1007 -51.26 -12.76 -4.47
CA PHE C 1007 -51.84 -12.18 -5.70
C PHE C 1007 -53.32 -12.39 -5.99
N PRO C 1008 -53.87 -13.60 -5.81
CA PRO C 1008 -55.30 -13.52 -6.12
C PRO C 1008 -56.11 -12.79 -5.07
N PHE C 1009 -55.55 -12.55 -3.89
CA PHE C 1009 -56.20 -11.82 -2.82
C PHE C 1009 -55.65 -10.40 -2.69
N VAL C 1010 -55.09 -9.87 -3.77
CA VAL C 1010 -54.66 -8.48 -3.81
C VAL C 1010 -55.84 -7.53 -3.98
N ILE C 1011 -56.85 -7.94 -4.76
CA ILE C 1011 -58.07 -7.15 -4.95
C ILE C 1011 -58.85 -7.02 -3.66
N PHE C 1012 -58.74 -7.99 -2.76
CA PHE C 1012 -59.42 -7.88 -1.47
C PHE C 1012 -58.73 -6.89 -0.54
N ALA C 1013 -57.55 -6.41 -0.92
CA ALA C 1013 -56.90 -5.28 -0.24
C ALA C 1013 -56.93 -4.01 -1.06
N TYR C 1014 -57.11 -4.10 -2.38
CA TYR C 1014 -57.12 -2.91 -3.22
C TYR C 1014 -58.47 -2.20 -3.14
N ILE C 1015 -59.58 -2.94 -3.26
CA ILE C 1015 -60.88 -2.29 -3.18
C ILE C 1015 -61.26 -2.01 -1.74
N PHE C 1016 -60.60 -2.68 -0.78
CA PHE C 1016 -60.85 -2.39 0.62
C PHE C 1016 -60.15 -1.11 1.04
N MET C 1017 -59.12 -0.69 0.30
CA MET C 1017 -58.52 0.62 0.53
C MET C 1017 -59.45 1.73 0.07
N VAL C 1018 -60.20 1.49 -1.00
CA VAL C 1018 -61.15 2.47 -1.51
C VAL C 1018 -62.43 2.45 -0.68
N ASN C 1044 -39.69 10.18 21.84
CA ASN C 1044 -38.36 10.38 21.29
C ASN C 1044 -37.28 9.83 22.24
N GLU C 1045 -37.44 8.59 22.65
CA GLU C 1045 -36.43 7.96 23.48
C GLU C 1045 -35.32 7.32 22.66
N ILE C 1046 -35.54 7.11 21.36
CA ILE C 1046 -34.48 6.61 20.50
C ILE C 1046 -33.49 7.73 20.18
N LEU C 1047 -33.98 8.97 20.13
CA LEU C 1047 -33.08 10.10 19.93
C LEU C 1047 -32.22 10.34 21.16
N ALA C 1048 -32.77 10.06 22.34
CA ALA C 1048 -31.96 10.06 23.55
C ALA C 1048 -30.97 8.91 23.53
N TRP C 1049 -31.36 7.76 22.97
CA TRP C 1049 -30.43 6.63 22.89
C TRP C 1049 -29.38 6.88 21.82
N GLU C 1050 -29.75 7.50 20.71
CA GLU C 1050 -28.78 7.85 19.68
C GLU C 1050 -27.81 8.91 20.16
N ALA C 1051 -28.24 9.78 21.08
CA ALA C 1051 -27.37 10.82 21.59
C ALA C 1051 -26.26 10.21 22.45
N VAL C 1052 -26.55 9.14 23.17
CA VAL C 1052 -25.49 8.54 23.98
C VAL C 1052 -24.61 7.65 23.13
N MET C 1053 -25.08 7.24 21.95
CA MET C 1053 -24.22 6.51 21.04
C MET C 1053 -23.32 7.44 20.26
N LYS C 1054 -23.72 8.72 20.15
CA LYS C 1054 -22.86 9.71 19.53
C LYS C 1054 -21.66 10.02 20.41
N GLU C 1055 -21.88 10.13 21.73
CA GLU C 1055 -20.79 10.44 22.64
C GLU C 1055 -19.77 9.31 22.71
N ASN C 1056 -20.24 8.06 22.63
CA ASN C 1056 -19.31 6.95 22.56
C ASN C 1056 -18.59 6.91 21.22
N TYR C 1057 -19.23 7.42 20.17
CA TYR C 1057 -18.58 7.48 18.87
C TYR C 1057 -17.57 8.62 18.80
N LEU C 1058 -17.89 9.76 19.41
CA LEU C 1058 -17.00 10.90 19.37
C LEU C 1058 -15.73 10.68 20.17
N VAL C 1059 -15.82 9.87 21.23
CA VAL C 1059 -14.64 9.49 21.99
C VAL C 1059 -13.75 8.58 21.16
N LYS C 1060 -14.36 7.64 20.42
CA LYS C 1060 -13.61 6.68 19.62
C LYS C 1060 -12.91 7.31 18.42
N ILE C 1061 -13.33 8.51 18.01
CA ILE C 1061 -12.55 9.27 17.03
C ILE C 1061 -11.26 9.77 17.67
N ASN C 1062 -11.39 10.44 18.82
CA ASN C 1062 -10.26 11.15 19.40
C ASN C 1062 -9.28 10.20 20.07
N THR C 1063 -9.76 9.08 20.62
CA THR C 1063 -8.84 8.10 21.19
C THR C 1063 -8.13 7.31 20.10
N LYS C 1064 -8.64 7.35 18.87
CA LYS C 1064 -7.92 6.77 17.74
C LYS C 1064 -6.98 7.78 17.11
N ALA C 1065 -7.14 9.06 17.42
CA ALA C 1065 -6.16 10.07 17.02
C ALA C 1065 -5.04 10.17 18.05
N ASN C 1066 -4.48 9.02 18.43
CA ASN C 1066 -3.27 8.91 19.22
C ASN C 1066 -2.08 8.47 18.37
N ASP C 1067 -2.35 7.89 17.20
CA ASP C 1067 -1.30 7.73 16.20
C ASP C 1067 -0.93 9.07 15.59
N SER C 1068 -1.86 10.03 15.60
CA SER C 1068 -1.51 11.41 15.27
C SER C 1068 -0.73 12.05 16.41
N SER C 1069 -1.03 11.66 17.65
CA SER C 1069 -0.27 12.09 18.82
C SER C 1069 0.91 11.16 19.12
N GLU C 1070 1.12 10.12 18.30
CA GLU C 1070 2.30 9.28 18.44
C GLU C 1070 3.57 10.04 18.09
N GLU C 1071 3.45 11.08 17.28
CA GLU C 1071 4.59 11.88 16.82
C GLU C 1071 5.24 12.63 17.97
N MET C 1072 6.36 13.27 17.65
CA MET C 1072 7.17 14.00 18.64
C MET C 1072 6.71 15.45 18.77
N VAL C 1073 5.42 15.72 18.57
CA VAL C 1073 4.89 17.07 18.72
C VAL C 1073 4.93 17.50 20.19
N HIS C 1074 4.20 16.79 21.04
CA HIS C 1074 4.27 17.04 22.47
C HIS C 1074 5.45 16.35 23.12
N ARG C 1075 6.00 15.32 22.47
CA ARG C 1075 7.07 14.52 23.06
C ARG C 1075 8.44 15.16 22.93
N PHE C 1076 8.58 16.26 22.19
CA PHE C 1076 9.91 16.80 21.91
C PHE C 1076 10.48 17.53 23.12
N ARG C 1077 9.80 18.57 23.59
CA ARG C 1077 10.30 19.36 24.70
C ARG C 1077 9.57 19.04 26.00
N GLN C 1078 8.93 17.87 26.09
CA GLN C 1078 8.50 17.37 27.39
C GLN C 1078 9.69 16.98 28.24
N LEU C 1079 10.75 16.48 27.62
CA LEU C 1079 12.00 16.19 28.32
C LEU C 1079 12.99 17.34 28.26
N ASP C 1080 12.83 18.27 27.31
CA ASP C 1080 13.59 19.51 27.40
C ASP C 1080 13.07 20.39 28.50
N ALA C 1081 11.78 20.23 28.84
CA ALA C 1081 11.29 20.75 30.11
C ALA C 1081 11.98 20.06 31.29
N LYS C 1082 12.32 18.77 31.16
CA LYS C 1082 12.94 18.06 32.26
C LYS C 1082 14.41 18.46 32.44
N LEU C 1083 15.07 18.90 31.37
CA LEU C 1083 16.44 19.40 31.54
C LEU C 1083 16.44 20.90 31.80
N SER C 1084 15.33 21.59 31.50
CA SER C 1084 15.20 22.96 31.99
C SER C 1084 14.94 22.98 33.48
N ASP C 1085 14.33 21.92 34.02
CA ASP C 1085 14.31 21.73 35.46
C ASP C 1085 15.72 21.49 35.98
N LEU C 1086 16.54 20.78 35.20
CA LEU C 1086 17.96 20.67 35.54
C LEU C 1086 18.66 22.02 35.39
N LYS C 1087 18.26 22.80 34.38
CA LYS C 1087 18.70 24.19 34.29
C LYS C 1087 18.17 25.01 35.46
N GLY C 1088 16.94 24.70 35.91
CA GLY C 1088 16.34 25.41 37.02
C GLY C 1088 16.94 25.08 38.38
N LEU C 1089 17.60 23.93 38.49
CA LEU C 1089 18.34 23.61 39.71
C LEU C 1089 19.83 23.89 39.54
N LEU C 1090 20.28 24.07 38.30
CA LEU C 1090 21.62 24.62 38.06
C LEU C 1090 21.63 26.14 38.21
N LYS C 1091 20.45 26.76 38.33
CA LYS C 1091 20.33 28.11 38.87
C LYS C 1091 20.95 28.21 40.26
N GLU C 1092 20.76 27.16 41.06
CA GLU C 1092 21.14 27.14 42.46
C GLU C 1092 22.65 26.98 42.65
N ILE C 1093 23.36 26.49 41.64
CA ILE C 1093 24.74 26.06 41.86
C ILE C 1093 25.68 27.26 41.79
N SER C 1094 25.68 27.96 40.64
CA SER C 1094 26.50 29.15 40.47
C SER C 1094 25.96 30.37 41.24
N SER C 1095 24.88 30.22 42.00
CA SER C 1095 24.40 31.31 42.84
C SER C 1095 25.36 31.60 43.99
N LYS C 1096 26.12 30.61 44.43
CA LYS C 1096 26.97 30.77 45.60
C LYS C 1096 28.41 30.32 45.42
N ILE C 1097 28.78 29.76 44.26
CA ILE C 1097 30.20 29.47 44.05
C ILE C 1097 30.97 30.75 43.75
N LYS C 1098 30.36 31.68 43.01
CA LYS C 1098 30.97 32.98 42.77
C LYS C 1098 30.94 33.83 44.04
N ASP D 100 59.57 4.85 -18.38
CA ASP D 100 58.53 3.83 -18.38
C ASP D 100 58.83 2.62 -17.53
N ILE D 101 57.94 2.34 -16.60
CA ILE D 101 57.91 1.08 -15.87
C ILE D 101 56.74 0.29 -16.41
N GLN D 102 56.83 -1.04 -16.34
CA GLN D 102 55.75 -1.93 -16.77
C GLN D 102 55.59 -3.03 -15.75
N PHE D 103 54.38 -3.16 -15.21
CA PHE D 103 54.09 -4.20 -14.22
C PHE D 103 53.49 -5.43 -14.87
N GLY D 110 52.93 3.95 -16.79
CA GLY D 110 53.64 4.21 -15.55
C GLY D 110 55.03 4.74 -15.78
N LYS D 111 55.42 5.74 -14.99
CA LYS D 111 56.74 6.34 -15.11
C LYS D 111 57.55 6.14 -13.84
N TYR D 112 58.84 6.44 -13.96
CA TYR D 112 59.81 6.28 -12.88
C TYR D 112 60.88 7.34 -13.02
N ILE D 113 61.32 7.89 -11.88
CA ILE D 113 62.52 8.74 -11.82
C ILE D 113 63.26 8.39 -10.53
N ARG D 114 64.53 8.04 -10.66
CA ARG D 114 65.41 7.83 -9.51
C ARG D 114 65.80 9.18 -8.93
N LEU D 115 65.78 9.28 -7.59
CA LEU D 115 66.21 10.51 -6.95
C LEU D 115 66.79 10.19 -5.57
N SER D 116 67.84 10.92 -5.21
CA SER D 116 68.26 11.05 -3.82
C SER D 116 67.42 12.16 -3.19
N CYS D 117 67.65 12.48 -1.92
CA CYS D 117 66.74 13.38 -1.21
C CYS D 117 67.00 14.84 -1.53
N ASP D 118 68.25 15.21 -1.76
CA ASP D 118 68.60 16.60 -2.11
C ASP D 118 68.59 16.71 -3.63
N THR D 119 67.42 17.04 -4.19
CA THR D 119 67.21 16.80 -5.61
C THR D 119 67.61 17.98 -6.50
N ASP D 120 66.92 19.11 -6.39
CA ASP D 120 67.00 20.17 -7.39
C ASP D 120 66.30 21.41 -6.85
N SER D 121 66.10 22.38 -7.74
CA SER D 121 65.38 23.62 -7.46
C SER D 121 64.14 23.66 -8.36
N GLU D 122 63.06 23.04 -7.88
CA GLU D 122 61.66 23.16 -8.32
C GLU D 122 61.36 22.80 -9.77
N THR D 123 62.36 22.39 -10.56
CA THR D 123 62.06 21.95 -11.91
C THR D 123 61.60 20.49 -11.95
N LEU D 124 61.62 19.82 -10.79
CA LEU D 124 60.90 18.56 -10.64
C LEU D 124 59.41 18.74 -10.92
N TYR D 125 58.83 19.83 -10.45
CA TYR D 125 57.46 20.17 -10.84
C TYR D 125 57.40 20.56 -12.31
N ASP D 126 58.42 21.25 -12.81
CA ASP D 126 58.44 21.62 -14.22
C ASP D 126 58.76 20.42 -15.11
N LEU D 127 59.35 19.38 -14.53
CA LEU D 127 59.39 18.08 -15.21
C LEU D 127 57.98 17.53 -15.39
N MET D 128 57.17 17.65 -14.34
CA MET D 128 55.81 17.09 -14.34
C MET D 128 54.84 17.85 -15.22
N THR D 129 55.17 19.05 -15.69
CA THR D 129 54.20 19.84 -16.43
C THR D 129 54.65 20.25 -17.83
N GLN D 130 55.94 20.13 -18.16
CA GLN D 130 56.41 20.53 -19.48
C GLN D 130 56.62 19.32 -20.39
N HIS D 131 57.36 18.32 -19.91
CA HIS D 131 57.52 17.08 -20.65
C HIS D 131 56.40 16.08 -20.35
N TRP D 132 55.47 16.44 -19.47
CA TRP D 132 54.55 15.51 -18.83
C TRP D 132 53.17 16.17 -18.79
N HIS D 133 52.33 15.69 -17.88
CA HIS D 133 50.90 15.95 -17.84
C HIS D 133 50.57 17.40 -17.46
N LEU D 134 49.28 17.65 -17.28
CA LEU D 134 48.69 18.97 -17.04
C LEU D 134 48.89 19.37 -15.57
N LYS D 135 48.68 20.67 -15.30
CA LYS D 135 48.78 21.22 -13.97
C LYS D 135 47.52 20.92 -13.15
N THR D 136 47.40 21.56 -11.98
CA THR D 136 46.46 21.14 -10.95
C THR D 136 45.56 22.26 -10.44
N PRO D 137 44.23 22.07 -10.47
CA PRO D 137 43.36 22.90 -9.62
C PRO D 137 43.21 22.40 -8.20
N ASN D 138 43.79 21.24 -7.86
CA ASN D 138 43.74 20.69 -6.52
C ASN D 138 44.88 19.71 -6.37
N LEU D 139 45.25 19.40 -5.13
CA LEU D 139 46.32 18.43 -4.88
C LEU D 139 46.12 17.83 -3.49
N VAL D 140 45.59 16.63 -3.44
CA VAL D 140 45.41 15.90 -2.20
C VAL D 140 46.67 15.10 -1.95
N ILE D 141 47.09 14.95 -0.70
CA ILE D 141 48.18 14.04 -0.33
C ILE D 141 47.61 13.05 0.68
N SER D 142 48.06 11.80 0.60
CA SER D 142 47.60 10.77 1.52
C SER D 142 48.75 10.26 2.37
N VAL D 143 48.47 10.07 3.66
CA VAL D 143 49.48 9.61 4.61
C VAL D 143 48.94 8.41 5.39
N THR D 144 49.55 7.25 5.18
CA THR D 144 49.27 6.08 6.00
C THR D 144 50.52 5.31 6.40
N GLY D 145 51.68 5.61 5.81
CA GLY D 145 52.88 4.85 6.07
C GLY D 145 52.88 3.50 5.41
N GLY D 146 53.96 2.73 5.58
CA GLY D 146 54.02 1.40 4.99
C GLY D 146 53.33 0.32 5.80
N ALA D 147 52.12 0.61 6.29
CA ALA D 147 51.36 -0.34 7.07
C ALA D 147 50.81 -1.42 6.15
N LYS D 148 51.31 -2.65 6.33
CA LYS D 148 50.82 -3.77 5.53
C LYS D 148 49.40 -4.17 5.90
N ASN D 149 48.94 -3.76 7.08
CA ASN D 149 47.59 -4.03 7.53
C ASN D 149 46.76 -2.78 7.36
N PHE D 150 45.55 -2.94 6.82
CA PHE D 150 44.64 -1.81 6.68
C PHE D 150 43.22 -2.36 6.80
N ALA D 151 42.51 -1.92 7.83
CA ALA D 151 41.13 -2.33 8.01
C ALA D 151 40.27 -1.64 6.96
N LEU D 152 40.17 -2.27 5.79
CA LEU D 152 39.42 -1.70 4.67
C LEU D 152 37.94 -1.94 4.91
N LYS D 153 37.37 -1.08 5.75
CA LYS D 153 35.94 -1.09 5.99
C LYS D 153 35.21 -0.60 4.75
N PRO D 154 33.94 -0.97 4.58
CA PRO D 154 33.14 -0.34 3.53
C PRO D 154 32.95 1.16 3.71
N ARG D 155 33.03 1.66 4.95
CA ARG D 155 33.08 3.11 5.15
C ARG D 155 34.38 3.70 4.61
N MET D 156 35.51 3.05 4.90
CA MET D 156 36.79 3.50 4.35
C MET D 156 36.83 3.30 2.84
N ARG D 157 36.07 2.35 2.32
CA ARG D 157 35.97 2.18 0.88
C ARG D 157 35.23 3.36 0.23
N LYS D 158 34.24 3.91 0.92
CA LYS D 158 33.51 5.05 0.36
C LYS D 158 34.32 6.33 0.45
N ILE D 159 35.05 6.52 1.55
CA ILE D 159 35.78 7.76 1.76
C ILE D 159 36.93 7.89 0.78
N PHE D 160 37.61 6.78 0.46
CA PHE D 160 38.70 6.83 -0.49
C PHE D 160 38.28 6.41 -1.90
N SER D 161 36.98 6.26 -2.17
CA SER D 161 36.53 6.24 -3.55
C SER D 161 35.93 7.57 -3.94
N ARG D 162 35.30 8.26 -2.98
CA ARG D 162 34.87 9.63 -3.22
C ARG D 162 36.06 10.56 -3.39
N LEU D 163 37.17 10.25 -2.72
CA LEU D 163 38.36 11.09 -2.81
C LEU D 163 38.99 11.03 -4.19
N ILE D 164 39.01 9.84 -4.80
CA ILE D 164 39.51 9.73 -6.16
C ILE D 164 38.49 10.30 -7.14
N TYR D 165 37.20 10.22 -6.79
CA TYR D 165 36.17 10.80 -7.61
C TYR D 165 36.23 12.32 -7.57
N ILE D 166 36.52 12.89 -6.40
CA ILE D 166 36.73 14.33 -6.28
C ILE D 166 37.99 14.74 -7.03
N ALA D 167 39.01 13.89 -7.03
CA ALA D 167 40.28 14.24 -7.65
C ALA D 167 40.17 14.28 -9.17
N GLN D 168 39.24 13.52 -9.74
CA GLN D 168 39.02 13.67 -11.18
C GLN D 168 37.95 14.70 -11.48
N SER D 169 37.05 14.96 -10.53
CA SER D 169 36.09 16.04 -10.69
C SER D 169 36.76 17.40 -10.69
N LYS D 170 37.95 17.50 -10.08
CA LYS D 170 38.70 18.74 -10.05
C LYS D 170 39.99 18.69 -10.86
N GLY D 171 40.54 17.51 -11.11
CA GLY D 171 41.76 17.40 -11.88
C GLY D 171 43.01 17.45 -11.02
N ALA D 172 43.04 16.64 -9.96
CA ALA D 172 44.05 16.75 -8.94
C ALA D 172 45.15 15.71 -9.11
N TRP D 173 46.29 15.98 -8.46
CA TRP D 173 47.29 14.96 -8.19
C TRP D 173 47.08 14.39 -6.80
N ILE D 174 47.49 13.14 -6.62
CA ILE D 174 47.41 12.47 -5.33
C ILE D 174 48.79 11.97 -4.97
N PHE D 175 49.36 12.52 -3.91
CA PHE D 175 50.68 12.12 -3.45
C PHE D 175 50.52 11.04 -2.38
N THR D 176 51.04 9.86 -2.66
CA THR D 176 50.95 8.75 -1.74
C THR D 176 52.32 8.08 -1.73
N GLY D 177 52.59 7.27 -0.71
CA GLY D 177 53.70 6.35 -0.80
C GLY D 177 53.37 5.32 -1.87
N GLY D 178 54.28 5.10 -2.82
CA GLY D 178 53.94 4.26 -3.95
C GLY D 178 54.18 2.78 -3.75
N THR D 179 53.76 2.24 -2.61
CA THR D 179 54.00 0.84 -2.30
C THR D 179 52.68 0.07 -2.26
N HIS D 180 52.78 -1.25 -2.31
CA HIS D 180 51.64 -2.13 -2.57
C HIS D 180 51.07 -2.68 -1.27
N TYR D 181 50.65 -1.77 -0.37
CA TYR D 181 50.23 -2.18 0.96
C TYR D 181 49.01 -1.42 1.44
N GLY D 182 47.88 -2.11 1.51
CA GLY D 182 46.74 -1.60 2.24
C GLY D 182 46.06 -0.45 1.55
N LEU D 183 46.17 0.74 2.16
CA LEU D 183 45.52 1.93 1.61
C LEU D 183 46.15 2.36 0.30
N MET D 184 47.47 2.53 0.29
CA MET D 184 48.18 2.96 -0.92
C MET D 184 48.16 1.90 -2.02
N LYS D 185 47.84 0.65 -1.68
CA LYS D 185 47.46 -0.32 -2.69
C LYS D 185 46.03 -0.10 -3.13
N TYR D 186 45.13 0.19 -2.19
CA TYR D 186 43.72 0.41 -2.53
C TYR D 186 43.53 1.73 -3.27
N ILE D 187 44.31 2.76 -2.89
CA ILE D 187 44.27 4.05 -3.57
C ILE D 187 44.65 3.89 -5.04
N GLY D 188 45.62 3.02 -5.33
CA GLY D 188 45.95 2.72 -6.71
C GLY D 188 44.82 2.00 -7.42
N GLU D 189 44.13 1.11 -6.72
CA GLU D 189 43.07 0.34 -7.38
C GLU D 189 41.85 1.19 -7.71
N VAL D 190 41.53 2.18 -6.87
CA VAL D 190 40.43 3.09 -7.23
C VAL D 190 40.85 4.01 -8.37
N VAL D 191 42.15 4.28 -8.51
CA VAL D 191 42.63 5.07 -9.64
C VAL D 191 42.46 4.29 -10.94
N ARG D 192 42.81 3.00 -10.95
CA ARG D 192 42.57 2.23 -12.17
C ARG D 192 41.11 1.86 -12.31
N ASP D 193 40.34 1.87 -11.21
CA ASP D 193 38.90 1.75 -11.33
C ASP D 193 38.30 2.99 -11.98
N ASN D 194 38.87 4.16 -11.67
CA ASN D 194 38.36 5.40 -12.22
C ASN D 194 38.71 5.55 -13.70
N THR D 195 39.89 5.09 -14.10
CA THR D 195 40.25 5.15 -15.51
C THR D 195 39.50 4.13 -16.33
N ILE D 196 39.04 3.05 -15.69
CA ILE D 196 38.22 2.06 -16.38
C ILE D 196 36.78 2.54 -16.49
N SER D 197 36.24 3.08 -15.39
CA SER D 197 34.88 3.62 -15.40
C SER D 197 34.80 4.89 -16.23
N ARG D 198 35.91 5.62 -16.34
CA ARG D 198 36.06 6.82 -17.18
C ARG D 198 35.05 7.91 -16.80
N SER D 199 35.20 8.40 -15.56
CA SER D 199 34.35 9.48 -15.08
C SER D 199 34.88 10.83 -15.54
N ASN D 203 42.36 13.11 -16.79
CA ASN D 203 42.15 12.00 -15.87
C ASN D 203 42.71 12.29 -14.49
N VAL D 204 42.92 11.25 -13.70
CA VAL D 204 43.44 11.37 -12.34
C VAL D 204 44.90 10.92 -12.35
N VAL D 205 45.70 11.61 -11.55
CA VAL D 205 47.14 11.34 -11.47
C VAL D 205 47.45 10.95 -10.03
N ALA D 206 47.99 9.75 -9.85
CA ALA D 206 48.34 9.25 -8.52
C ALA D 206 49.86 9.09 -8.48
N ILE D 207 50.54 10.14 -8.07
CA ILE D 207 52.00 10.14 -8.01
C ILE D 207 52.46 9.47 -6.74
N GLY D 208 53.30 8.43 -6.88
CA GLY D 208 53.82 7.70 -5.74
C GLY D 208 55.18 8.21 -5.33
N ILE D 209 55.40 8.32 -4.03
CA ILE D 209 56.64 8.81 -3.46
C ILE D 209 57.24 7.69 -2.62
N ALA D 210 58.31 7.07 -3.12
CA ALA D 210 58.94 5.96 -2.44
C ALA D 210 60.40 6.30 -2.14
N ALA D 211 61.04 5.42 -1.38
CA ALA D 211 62.35 5.72 -0.82
C ALA D 211 63.49 5.54 -1.80
N TRP D 212 63.40 4.53 -2.68
CA TRP D 212 64.39 3.91 -3.57
C TRP D 212 65.37 3.03 -2.78
N GLY D 213 65.39 3.12 -1.46
CA GLY D 213 66.23 2.26 -0.66
C GLY D 213 65.44 1.16 0.00
N MET D 214 64.11 1.28 -0.03
CA MET D 214 63.24 0.33 0.63
C MET D 214 62.51 -0.60 -0.33
N ILE D 215 62.70 -0.43 -1.63
CA ILE D 215 61.99 -1.26 -2.60
C ILE D 215 62.63 -2.64 -2.69
N SER D 216 61.92 -3.57 -3.34
CA SER D 216 62.36 -4.95 -3.36
C SER D 216 63.37 -5.22 -4.47
N ASN D 217 63.00 -4.95 -5.71
CA ASN D 217 63.82 -5.25 -6.88
C ASN D 217 64.17 -3.95 -7.59
N ARG D 218 65.16 -4.04 -8.47
CA ARG D 218 65.62 -2.86 -9.20
C ARG D 218 65.96 -3.21 -10.64
N GLU D 219 65.51 -2.36 -11.56
CA GLU D 219 65.84 -2.46 -12.97
C GLU D 219 66.10 -1.06 -13.50
N THR D 220 67.32 -0.81 -13.96
CA THR D 220 67.75 0.53 -14.35
C THR D 220 67.93 0.63 -15.85
N LEU D 221 67.37 1.69 -16.44
CA LEU D 221 67.60 2.00 -17.85
C LEU D 221 67.47 3.50 -18.09
N LEU D 232 60.81 0.45 -21.53
CA LEU D 232 59.80 -0.15 -20.68
C LEU D 232 60.45 -1.15 -19.72
N ALA D 233 60.66 -0.73 -18.47
CA ALA D 233 61.28 -1.57 -17.45
C ALA D 233 60.27 -2.56 -16.92
N ARG D 234 60.74 -3.74 -16.53
CA ARG D 234 59.86 -4.75 -15.97
C ARG D 234 60.03 -4.83 -14.47
N TYR D 235 58.92 -4.94 -13.76
CA TYR D 235 58.91 -5.09 -12.31
C TYR D 235 58.22 -6.39 -11.94
N ILE D 236 58.72 -7.06 -10.91
CA ILE D 236 58.24 -8.37 -10.50
C ILE D 236 57.53 -8.20 -9.17
N MET D 237 56.20 -8.41 -9.18
CA MET D 237 55.40 -8.42 -7.96
C MET D 237 55.31 -9.87 -7.47
N ASP D 238 56.40 -10.33 -6.82
CA ASP D 238 56.60 -11.76 -6.67
C ASP D 238 55.68 -12.37 -5.60
N ASP D 239 55.87 -11.97 -4.34
CA ASP D 239 55.00 -12.27 -3.20
C ASP D 239 55.48 -11.44 -2.02
N LEU D 240 54.56 -11.15 -1.12
CA LEU D 240 54.77 -10.21 -0.03
C LEU D 240 54.97 -10.97 1.29
N LYS D 241 56.19 -11.44 1.47
CA LYS D 241 56.57 -12.30 2.58
C LYS D 241 57.02 -11.47 3.79
N ARG D 242 57.72 -12.13 4.71
CA ARG D 242 58.38 -11.68 5.95
C ARG D 242 59.59 -10.82 5.71
N ASP D 243 60.02 -10.54 4.49
CA ASP D 243 61.15 -9.65 4.28
C ASP D 243 60.68 -8.22 4.49
N PRO D 244 61.35 -7.43 5.33
CA PRO D 244 60.86 -6.08 5.63
C PRO D 244 61.01 -5.07 4.49
N LEU D 245 61.65 -5.42 3.38
CA LEU D 245 61.70 -4.52 2.24
C LEU D 245 60.31 -4.41 1.60
N TYR D 246 60.08 -3.29 0.92
CA TYR D 246 58.75 -2.92 0.46
C TYR D 246 58.55 -3.28 -1.00
N CYS D 247 57.31 -3.62 -1.36
CA CYS D 247 56.96 -3.92 -2.74
C CYS D 247 56.29 -2.69 -3.36
N LEU D 248 56.75 -2.32 -4.56
CA LEU D 248 56.21 -1.16 -5.25
C LEU D 248 54.79 -1.43 -5.72
N ASP D 249 54.00 -0.38 -5.87
CA ASP D 249 52.61 -0.53 -6.29
C ASP D 249 52.49 -0.38 -7.78
N ASN D 250 51.54 -1.14 -8.35
CA ASN D 250 51.43 -1.30 -9.79
C ASN D 250 50.45 -0.35 -10.45
N ASN D 251 49.63 0.37 -9.69
CA ASN D 251 48.54 1.13 -10.26
C ASN D 251 48.73 2.64 -10.13
N HIS D 252 49.89 3.10 -9.69
CA HIS D 252 50.18 4.52 -9.62
C HIS D 252 50.68 4.99 -10.98
N THR D 253 50.17 6.14 -11.42
CA THR D 253 50.49 6.62 -12.77
C THR D 253 51.92 7.11 -12.87
N HIS D 254 52.44 7.72 -11.80
CA HIS D 254 53.83 8.12 -11.76
C HIS D 254 54.42 7.71 -10.42
N LEU D 255 55.72 7.47 -10.42
CA LEU D 255 56.43 7.04 -9.23
C LEU D 255 57.75 7.77 -9.12
N LEU D 256 57.98 8.37 -7.96
CA LEU D 256 59.25 9.03 -7.65
C LEU D 256 59.95 8.24 -6.57
N LEU D 257 61.18 7.84 -6.83
CA LEU D 257 61.91 6.98 -5.90
C LEU D 257 63.21 7.65 -5.47
N THR D 267 62.20 5.58 6.66
CA THR D 267 61.54 6.83 6.32
C THR D 267 62.48 7.77 5.58
N THR D 268 63.06 7.26 4.49
CA THR D 268 63.92 8.07 3.64
C THR D 268 63.14 9.09 2.83
N GLU D 269 61.85 8.83 2.59
CA GLU D 269 61.10 9.57 1.59
C GLU D 269 60.59 10.92 2.10
N ALA D 270 60.51 11.11 3.41
CA ALA D 270 59.75 12.26 3.95
C ALA D 270 60.58 13.53 4.04
N LYS D 271 61.30 13.88 2.99
CA LYS D 271 61.67 15.27 2.80
C LYS D 271 61.42 15.72 1.36
N VAL D 272 61.68 14.85 0.38
CA VAL D 272 61.47 15.19 -1.02
C VAL D 272 59.98 15.30 -1.32
N ARG D 273 59.16 14.54 -0.61
CA ARG D 273 57.71 14.76 -0.67
C ARG D 273 57.36 16.10 -0.05
N THR D 274 57.82 16.33 1.19
CA THR D 274 57.37 17.49 1.95
C THR D 274 57.94 18.78 1.39
N GLN D 275 59.07 18.72 0.69
CA GLN D 275 59.56 19.92 0.02
C GLN D 275 58.79 20.20 -1.26
N LEU D 276 58.25 19.16 -1.89
CA LEU D 276 57.46 19.35 -3.10
C LEU D 276 56.12 19.99 -2.78
N GLU D 277 55.49 19.55 -1.69
CA GLU D 277 54.21 20.12 -1.28
C GLU D 277 54.42 21.51 -0.71
N LYS D 278 55.60 21.75 -0.12
CA LYS D 278 55.99 23.10 0.27
C LYS D 278 56.51 23.89 -0.94
N TYR D 279 56.64 23.26 -2.11
CA TYR D 279 56.84 24.12 -3.27
C TYR D 279 55.52 24.50 -3.92
N ILE D 280 54.66 23.51 -4.18
CA ILE D 280 53.49 23.72 -5.02
C ILE D 280 52.42 24.51 -4.26
N SER D 281 52.48 24.53 -2.93
CA SER D 281 51.59 25.40 -2.15
C SER D 281 51.91 26.87 -2.37
N GLU D 282 53.17 27.18 -2.71
CA GLU D 282 53.61 28.54 -3.02
C GLU D 282 53.65 28.83 -4.51
N ARG D 283 53.43 27.83 -5.37
CA ARG D 283 53.44 28.07 -6.81
C ARG D 283 52.23 28.88 -7.21
N VAL D 284 52.45 30.12 -7.64
CA VAL D 284 51.36 31.02 -7.98
C VAL D 284 50.93 30.75 -9.42
N ILE D 285 49.65 30.44 -9.59
CA ILE D 285 49.09 30.15 -10.90
C ILE D 285 48.47 31.43 -11.46
N PRO D 286 48.62 31.71 -12.75
CA PRO D 286 47.91 32.85 -13.33
C PRO D 286 46.40 32.68 -13.39
N GLU D 287 45.90 31.43 -13.31
CA GLU D 287 44.47 31.20 -13.32
C GLU D 287 43.84 31.69 -12.02
N SER D 288 44.39 31.25 -10.89
CA SER D 288 44.18 31.86 -9.57
C SER D 288 42.72 31.81 -9.10
N ASN D 289 42.22 30.59 -8.89
CA ASN D 289 40.89 30.46 -8.31
C ASN D 289 40.93 30.46 -6.79
N TYR D 290 42.04 30.01 -6.19
CA TYR D 290 42.20 29.97 -4.75
C TYR D 290 43.43 30.82 -4.41
N GLY D 291 43.27 32.14 -4.48
CA GLY D 291 44.36 33.10 -4.40
C GLY D 291 45.63 32.80 -5.18
N GLY D 292 45.42 32.05 -6.25
CA GLY D 292 46.49 31.37 -6.93
C GLY D 292 46.65 30.24 -5.88
N LYS D 293 47.86 29.94 -5.44
CA LYS D 293 48.04 29.01 -4.31
C LYS D 293 47.82 27.49 -4.49
N ILE D 294 47.52 27.05 -5.70
CA ILE D 294 47.36 25.61 -5.98
C ILE D 294 46.87 24.82 -4.77
N PRO D 295 45.54 24.75 -4.50
CA PRO D 295 45.02 24.20 -3.23
C PRO D 295 45.51 22.82 -2.79
N ILE D 296 46.22 22.80 -1.66
CA ILE D 296 46.77 21.59 -1.07
C ILE D 296 45.88 21.19 0.10
N VAL D 297 45.66 19.89 0.24
CA VAL D 297 44.99 19.36 1.43
C VAL D 297 45.70 18.08 1.82
N CYS D 298 45.80 17.83 3.11
CA CYS D 298 46.47 16.63 3.62
C CYS D 298 45.43 15.69 4.20
N PHE D 299 45.22 14.57 3.51
CA PHE D 299 44.24 13.57 3.92
C PHE D 299 44.92 12.56 4.80
N ALA D 300 44.51 12.49 6.07
CA ALA D 300 45.19 11.69 7.07
C ALA D 300 44.22 10.73 7.73
N GLN D 301 44.67 9.49 7.90
CA GLN D 301 43.97 8.51 8.71
C GLN D 301 44.99 7.48 9.17
N GLY D 302 44.67 6.78 10.25
CA GLY D 302 45.50 5.69 10.72
C GLY D 302 46.68 6.17 11.55
N GLY D 303 47.40 5.21 12.11
CA GLY D 303 48.42 5.49 13.08
C GLY D 303 49.84 5.33 12.59
N GLY D 304 50.79 5.46 13.52
CA GLY D 304 52.19 5.39 13.18
C GLY D 304 52.90 6.71 13.43
N LYS D 305 54.21 6.64 13.65
CA LYS D 305 55.00 7.86 13.83
C LYS D 305 55.08 8.64 12.53
N GLU D 306 55.04 7.96 11.39
CA GLU D 306 55.30 8.63 10.13
C GLU D 306 54.11 9.49 9.69
N THR D 307 52.89 9.08 10.03
CA THR D 307 51.74 9.91 9.68
C THR D 307 51.55 11.05 10.68
N LEU D 308 52.06 10.88 11.90
CA LEU D 308 52.00 11.98 12.87
C LEU D 308 53.10 13.00 12.60
N LYS D 309 54.22 12.57 12.04
CA LYS D 309 55.27 13.49 11.64
C LYS D 309 54.85 14.31 10.43
N SER D 310 54.13 13.69 9.49
CA SER D 310 53.85 14.37 8.23
C SER D 310 52.74 15.40 8.36
N ILE D 311 51.89 15.27 9.39
CA ILE D 311 50.90 16.31 9.68
C ILE D 311 51.60 17.56 10.22
N ASN D 312 52.68 17.37 10.97
CA ASN D 312 53.47 18.48 11.49
C ASN D 312 54.12 19.28 10.37
N VAL D 313 54.79 18.57 9.45
CA VAL D 313 55.45 19.22 8.34
C VAL D 313 54.43 19.79 7.38
N ALA D 314 53.21 19.24 7.39
CA ALA D 314 52.11 19.88 6.67
C ALA D 314 51.75 21.22 7.28
N ILE D 315 51.48 21.26 8.59
CA ILE D 315 50.98 22.49 9.20
C ILE D 315 52.10 23.50 9.48
N LYS D 316 53.28 23.06 9.89
CA LYS D 316 54.20 24.03 10.50
C LYS D 316 55.22 24.61 9.52
N SER D 317 55.54 23.93 8.41
CA SER D 317 56.56 24.47 7.53
C SER D 317 56.01 25.64 6.72
N LYS D 318 55.12 25.38 5.79
CA LYS D 318 54.13 26.37 5.39
C LYS D 318 52.80 25.84 5.93
N ILE D 319 51.69 26.49 5.60
CA ILE D 319 50.40 26.17 6.22
C ILE D 319 49.33 25.62 5.27
N PRO D 320 49.49 24.48 4.58
CA PRO D 320 48.31 23.83 3.99
C PRO D 320 47.51 23.01 4.99
N CYS D 321 46.21 22.97 4.74
CA CYS D 321 45.25 22.39 5.66
C CYS D 321 45.35 20.86 5.68
N VAL D 322 44.74 20.27 6.71
CA VAL D 322 44.82 18.84 6.98
C VAL D 322 43.41 18.34 7.27
N VAL D 323 43.03 17.21 6.68
CA VAL D 323 41.76 16.54 6.98
C VAL D 323 42.07 15.21 7.66
N VAL D 324 41.42 14.97 8.80
CA VAL D 324 41.57 13.73 9.56
C VAL D 324 40.22 13.02 9.58
N GLU D 325 40.24 11.76 10.03
CA GLU D 325 39.06 10.91 9.99
C GLU D 325 38.69 10.42 11.37
N GLY D 326 37.65 9.59 11.43
CA GLY D 326 37.17 9.05 12.68
C GLY D 326 37.44 7.57 12.86
N SER D 327 38.51 7.06 12.25
CA SER D 327 38.92 5.67 12.44
C SER D 327 40.41 5.57 12.19
N GLY D 328 41.13 5.00 13.14
CA GLY D 328 42.58 4.88 13.08
C GLY D 328 43.21 5.12 14.43
N ARG D 329 44.54 5.09 14.52
CA ARG D 329 45.18 5.31 15.81
C ARG D 329 45.56 6.77 16.01
N ILE D 330 46.44 7.29 15.15
CA ILE D 330 46.83 8.69 15.22
C ILE D 330 45.70 9.61 14.73
N ALA D 331 44.85 9.10 13.83
CA ALA D 331 43.72 9.88 13.34
C ALA D 331 42.72 10.21 14.43
N ASP D 332 42.56 9.34 15.43
CA ASP D 332 41.57 9.57 16.47
C ASP D 332 42.14 10.27 17.69
N VAL D 333 43.46 10.30 17.87
CA VAL D 333 44.01 11.07 18.98
C VAL D 333 44.02 12.55 18.64
N ILE D 334 43.96 12.89 17.35
CA ILE D 334 43.80 14.29 16.96
C ILE D 334 42.33 14.61 16.76
N ALA D 335 41.50 13.60 16.50
CA ALA D 335 40.06 13.82 16.41
C ALA D 335 39.43 13.94 17.79
N SER D 336 40.08 13.41 18.83
CA SER D 336 39.55 13.53 20.17
C SER D 336 39.84 14.89 20.79
N LEU D 337 40.86 15.60 20.30
CA LEU D 337 41.28 16.87 20.88
C LEU D 337 40.59 18.06 20.23
N VAL D 338 39.56 17.83 19.43
CA VAL D 338 38.83 18.93 18.81
C VAL D 338 37.38 18.90 19.26
N SER D 346 49.63 18.98 27.92
CA SER D 346 49.07 18.17 29.01
C SER D 346 49.40 16.70 28.83
N SER D 347 49.13 15.91 29.86
CA SER D 347 49.24 14.46 29.74
C SER D 347 47.90 13.82 29.41
N CYS D 348 46.83 14.61 29.33
CA CYS D 348 45.55 14.09 28.83
C CYS D 348 45.61 13.84 27.33
N VAL D 349 46.59 14.42 26.64
CA VAL D 349 46.95 13.94 25.31
C VAL D 349 47.35 12.47 25.36
N LYS D 350 48.26 12.13 26.29
CA LYS D 350 48.73 10.75 26.40
C LYS D 350 47.67 9.82 26.96
N GLU D 351 46.69 10.38 27.68
CA GLU D 351 45.56 9.57 28.17
C GLU D 351 44.73 9.07 27.01
N SER D 352 44.40 9.94 26.06
CA SER D 352 43.67 9.51 24.87
C SER D 352 44.57 8.74 23.92
N LEU D 353 45.89 8.91 24.04
CA LEU D 353 46.80 8.27 23.09
C LEU D 353 46.91 6.77 23.37
N LEU D 354 46.84 6.36 24.63
CA LEU D 354 46.80 4.93 24.94
C LEU D 354 45.39 4.39 24.89
N ARG D 355 44.39 5.24 24.66
CA ARG D 355 43.07 4.72 24.34
C ARG D 355 43.03 4.14 22.94
N PHE D 356 43.65 4.82 21.98
CA PHE D 356 43.57 4.42 20.58
C PHE D 356 44.79 3.64 20.10
N LEU D 357 45.95 3.82 20.74
CA LEU D 357 47.11 3.01 20.39
C LEU D 357 47.92 2.64 21.63
N PRO D 358 47.44 1.69 22.44
CA PRO D 358 48.18 1.34 23.67
C PRO D 358 49.39 0.46 23.40
N ARG D 359 49.32 -0.42 22.39
CA ARG D 359 50.44 -1.31 22.11
C ARG D 359 51.53 -0.65 21.29
N THR D 360 51.44 0.66 21.05
CA THR D 360 52.53 1.38 20.42
C THR D 360 53.49 1.95 21.45
N ILE D 361 52.95 2.42 22.59
CA ILE D 361 53.74 3.08 23.63
C ILE D 361 54.71 2.08 24.30
N SER D 362 54.37 0.78 24.29
CA SER D 362 55.21 -0.22 24.92
C SER D 362 56.53 -0.47 24.20
N ARG D 363 56.71 0.09 23.00
CA ARG D 363 57.94 -0.14 22.24
C ARG D 363 58.82 1.10 22.13
N LEU D 364 58.25 2.26 21.78
CA LEU D 364 59.09 3.44 21.60
C LEU D 364 59.41 4.08 22.94
N SER D 365 60.49 4.85 22.95
CA SER D 365 61.10 5.34 24.19
C SER D 365 60.26 6.44 24.83
N GLU D 366 60.59 6.73 26.09
CA GLU D 366 59.94 7.84 26.79
C GLU D 366 60.52 9.17 26.35
N GLU D 367 61.74 9.17 25.81
CA GLU D 367 62.26 10.35 25.13
C GLU D 367 61.67 10.48 23.73
N GLU D 368 61.00 9.45 23.24
CA GLU D 368 60.19 9.53 22.04
C GLU D 368 58.70 9.66 22.34
N THR D 369 58.24 9.23 23.52
CA THR D 369 56.88 9.51 23.94
C THR D 369 56.71 10.99 24.25
N GLU D 370 57.77 11.65 24.72
CA GLU D 370 57.71 13.09 24.99
C GLU D 370 57.60 13.87 23.69
N SER D 371 58.21 13.37 22.61
CA SER D 371 58.13 14.06 21.33
C SER D 371 56.74 13.93 20.72
N TRP D 372 56.05 12.82 21.00
CA TRP D 372 54.73 12.59 20.44
C TRP D 372 53.70 13.54 21.04
N ILE D 373 53.76 13.74 22.36
CA ILE D 373 52.90 14.75 22.98
C ILE D 373 53.32 16.14 22.54
N LYS D 374 54.62 16.33 22.28
CA LYS D 374 55.08 17.58 21.71
C LYS D 374 54.56 17.77 20.29
N TRP D 375 54.51 16.67 19.50
CA TRP D 375 54.10 16.77 18.10
C TRP D 375 52.63 17.16 17.96
N ILE D 376 51.76 16.57 18.79
CA ILE D 376 50.35 16.92 18.80
C ILE D 376 50.13 18.34 19.34
N LYS D 377 51.09 18.87 20.09
CA LYS D 377 50.98 20.26 20.51
C LYS D 377 51.19 21.24 19.38
N GLU D 378 51.92 20.88 18.32
CA GLU D 378 52.06 21.83 17.22
C GLU D 378 50.99 21.65 16.14
N VAL D 379 50.02 20.76 16.34
CA VAL D 379 48.90 20.73 15.40
C VAL D 379 47.68 21.42 16.01
N LEU D 380 47.63 21.51 17.33
CA LEU D 380 46.54 22.25 17.95
C LEU D 380 46.87 23.72 18.17
N GLU D 381 48.09 24.16 17.82
CA GLU D 381 48.37 25.59 17.79
C GLU D 381 47.63 26.25 16.63
N SER D 382 47.38 25.51 15.55
CA SER D 382 46.62 25.98 14.41
C SER D 382 45.37 25.12 14.29
N PRO D 383 44.32 25.41 15.06
CA PRO D 383 43.11 24.57 15.00
C PRO D 383 42.26 24.82 13.78
N HIS D 384 42.55 25.88 13.02
CA HIS D 384 41.78 26.15 11.81
C HIS D 384 42.22 25.26 10.65
N LEU D 385 43.45 24.76 10.67
CA LEU D 385 43.89 23.87 9.59
C LEU D 385 43.66 22.41 9.94
N LEU D 386 42.48 22.10 10.46
CA LEU D 386 42.12 20.73 10.82
C LEU D 386 40.64 20.55 10.61
N THR D 387 40.27 19.58 9.80
CA THR D 387 38.87 19.21 9.61
C THR D 387 38.73 17.73 9.86
N VAL D 388 37.71 17.35 10.62
CA VAL D 388 37.50 15.97 11.02
C VAL D 388 36.35 15.43 10.19
N ILE D 389 36.43 14.15 9.84
CA ILE D 389 35.33 13.43 9.21
C ILE D 389 34.77 12.52 10.30
N LYS D 390 33.78 13.02 11.01
CA LYS D 390 33.22 12.30 12.14
C LYS D 390 32.35 11.14 11.63
N ILE D 391 32.32 10.05 12.42
CA ILE D 391 31.58 8.85 12.07
C ILE D 391 30.07 9.09 12.02
N GLU D 392 29.58 10.16 12.66
CA GLU D 392 28.16 10.51 12.63
C GLU D 392 27.67 10.82 11.23
N GLU D 393 28.54 11.35 10.36
CA GLU D 393 28.16 11.60 8.97
C GLU D 393 28.13 10.28 8.21
N ALA D 394 26.97 9.62 8.29
CA ALA D 394 26.76 8.31 7.67
C ALA D 394 26.16 8.42 6.27
N GLY D 395 26.77 9.22 5.40
CA GLY D 395 26.23 9.39 4.07
C GLY D 395 27.27 9.91 3.11
N ASP D 396 26.78 10.37 1.96
CA ASP D 396 27.63 11.09 1.02
C ASP D 396 27.74 12.56 1.46
N GLU D 397 28.38 13.35 0.59
CA GLU D 397 28.87 14.73 0.67
C GLU D 397 30.13 14.84 1.53
N ILE D 398 30.54 13.78 2.25
CA ILE D 398 31.33 13.97 3.46
C ILE D 398 32.81 14.19 3.13
N VAL D 399 33.29 13.63 2.03
CA VAL D 399 34.67 13.91 1.63
C VAL D 399 34.75 15.28 0.97
N SER D 400 33.75 15.63 0.17
CA SER D 400 33.74 16.94 -0.46
C SER D 400 33.41 18.04 0.54
N ASN D 401 32.67 17.72 1.60
CA ASN D 401 32.43 18.71 2.64
C ASN D 401 33.72 19.00 3.41
N ALA D 402 34.50 17.97 3.71
CA ALA D 402 35.66 18.13 4.57
C ALA D 402 36.79 18.84 3.85
N ILE D 403 37.04 18.51 2.58
CA ILE D 403 38.11 19.15 1.83
C ILE D 403 37.77 20.60 1.55
N SER D 404 36.51 20.89 1.20
CA SER D 404 36.12 22.25 0.90
C SER D 404 36.08 23.12 2.14
N PHE D 405 35.69 22.56 3.27
CA PHE D 405 35.71 23.32 4.52
C PHE D 405 37.15 23.58 4.96
N ALA D 406 38.05 22.62 4.74
CA ALA D 406 39.45 22.81 5.08
C ALA D 406 40.11 23.81 4.14
N LEU D 407 39.70 23.79 2.88
CA LEU D 407 40.22 24.78 1.94
C LEU D 407 39.61 26.15 2.18
N TYR D 408 38.44 26.22 2.80
CA TYR D 408 37.82 27.51 3.04
C TYR D 408 38.47 28.23 4.20
N LYS D 409 38.79 27.51 5.28
CA LYS D 409 39.45 28.12 6.43
C LYS D 409 40.85 28.58 6.08
N ALA D 410 41.56 27.81 5.27
CA ALA D 410 42.89 28.22 4.85
C ALA D 410 42.85 29.38 3.86
N PHE D 411 41.67 29.64 3.27
CA PHE D 411 41.45 30.87 2.54
C PHE D 411 40.98 31.98 3.47
N SER D 412 40.15 31.65 4.46
CA SER D 412 39.57 32.67 5.33
C SER D 412 40.55 33.14 6.40
N THR D 413 41.19 32.19 7.10
CA THR D 413 42.06 32.54 8.21
C THR D 413 43.42 33.08 7.74
N ASN D 414 43.67 33.06 6.43
CA ASN D 414 44.78 33.83 5.87
C ASN D 414 44.59 35.32 6.12
N GLU D 415 43.36 35.80 6.13
CA GLU D 415 43.06 37.17 6.53
C GLU D 415 43.49 38.22 5.52
N HIS D 416 44.06 37.77 4.42
CA HIS D 416 44.48 38.66 3.37
C HIS D 416 43.34 38.47 2.41
N ASP D 417 42.36 37.71 2.87
CA ASP D 417 41.22 37.39 2.04
C ASP D 417 39.89 37.58 2.76
N ARG D 418 39.90 38.01 4.01
CA ARG D 418 38.64 38.21 4.74
C ARG D 418 37.88 39.41 4.20
N ASP D 419 38.60 40.38 3.65
CA ASP D 419 37.96 41.47 2.93
C ASP D 419 37.46 41.02 1.56
N ASN D 420 37.99 39.92 1.04
CA ASN D 420 37.60 39.41 -0.27
C ASN D 420 36.37 38.52 -0.10
N TRP D 421 35.20 39.05 -0.41
CA TRP D 421 33.99 38.25 -0.48
C TRP D 421 33.89 37.48 -1.79
N ASN D 422 34.63 37.89 -2.80
CA ASN D 422 34.45 37.33 -4.14
C ASN D 422 35.31 36.08 -4.34
N GLY D 423 36.51 36.06 -3.77
CA GLY D 423 37.32 34.86 -3.85
C GLY D 423 36.77 33.74 -3.00
N GLN D 424 36.15 34.08 -1.87
CA GLN D 424 35.49 33.07 -1.05
C GLN D 424 34.21 32.56 -1.70
N LEU D 425 33.61 33.34 -2.60
CA LEU D 425 32.40 32.88 -3.26
C LEU D 425 32.72 31.86 -4.33
N LYS D 426 33.70 32.15 -5.19
CA LYS D 426 34.06 31.22 -6.26
C LYS D 426 34.70 29.95 -5.70
N LEU D 427 35.33 30.04 -4.53
CA LEU D 427 35.85 28.84 -3.89
C LEU D 427 34.71 27.98 -3.36
N LEU D 428 33.72 28.61 -2.73
CA LEU D 428 32.58 27.87 -2.22
C LEU D 428 31.57 27.53 -3.29
N LEU D 429 31.77 28.00 -4.53
CA LEU D 429 30.91 27.64 -5.64
C LEU D 429 31.52 26.59 -6.54
N GLU D 430 32.86 26.53 -6.63
CA GLU D 430 33.51 25.42 -7.31
C GLU D 430 33.25 24.12 -6.59
N TRP D 431 33.30 24.15 -5.26
CA TRP D 431 32.72 23.09 -4.46
C TRP D 431 31.24 23.39 -4.22
N ASN D 432 30.50 22.42 -3.70
CA ASN D 432 29.06 22.58 -3.62
C ASN D 432 28.61 23.06 -2.24
N GLN D 433 29.41 23.88 -1.57
CA GLN D 433 29.08 24.33 -0.22
C GLN D 433 28.04 25.44 -0.30
N LEU D 434 26.77 25.03 -0.32
CA LEU D 434 25.69 26.01 -0.33
C LEU D 434 25.51 26.68 1.02
N ASP D 435 25.54 25.88 2.10
CA ASP D 435 25.25 26.42 3.43
C ASP D 435 26.36 27.34 3.92
N LEU D 436 27.60 27.05 3.55
CA LEU D 436 28.71 27.94 3.94
C LEU D 436 28.65 29.24 3.17
N ALA D 437 28.15 29.21 1.94
CA ALA D 437 28.03 30.44 1.17
C ALA D 437 26.85 31.27 1.65
N SER D 438 25.79 30.63 2.14
CA SER D 438 24.64 31.38 2.61
C SER D 438 24.91 31.99 3.98
N ASP D 439 25.64 31.28 4.84
CA ASP D 439 25.88 31.77 6.19
C ASP D 439 27.01 32.77 6.27
N GLU D 440 28.05 32.65 5.45
CA GLU D 440 29.27 33.42 5.66
C GLU D 440 29.58 34.40 4.54
N ILE D 441 28.82 34.40 3.44
CA ILE D 441 29.00 35.39 2.39
C ILE D 441 27.79 36.30 2.22
N PHE D 442 26.58 35.84 2.46
CA PHE D 442 25.37 36.66 2.35
C PHE D 442 24.82 36.84 3.76
N THR D 443 25.22 37.94 4.42
CA THR D 443 24.98 38.12 5.84
C THR D 443 24.42 39.51 6.16
N ASN D 444 24.52 40.47 5.23
CA ASN D 444 24.34 41.92 5.35
C ASN D 444 25.39 42.56 6.26
N ASP D 445 26.43 41.82 6.59
CA ASP D 445 27.64 42.39 7.16
C ASP D 445 28.67 42.66 6.07
N ARG D 446 28.84 41.71 5.17
CA ARG D 446 29.42 42.02 3.87
C ARG D 446 28.39 42.78 3.04
N ASN D 447 28.86 43.74 2.26
CA ASN D 447 27.98 44.51 1.37
C ASN D 447 28.44 44.37 -0.07
N TRP D 448 27.95 43.31 -0.71
CA TRP D 448 27.79 43.23 -2.14
C TRP D 448 26.55 44.03 -2.50
N GLU D 449 26.33 44.32 -3.78
CA GLU D 449 25.06 44.90 -4.20
C GLU D 449 24.54 44.29 -5.49
N SER D 450 24.83 43.01 -5.73
CA SER D 450 24.10 42.13 -6.64
C SER D 450 24.21 42.50 -8.12
N ALA D 451 24.95 43.55 -8.48
CA ALA D 451 25.19 43.86 -9.88
C ALA D 451 26.54 43.30 -10.34
N ASP D 452 27.40 42.97 -9.38
CA ASP D 452 28.69 42.34 -9.65
C ASP D 452 28.61 40.83 -9.72
N LEU D 453 27.40 40.28 -9.68
CA LEU D 453 27.20 38.85 -9.47
C LEU D 453 26.96 38.16 -10.82
N GLN D 454 27.41 38.79 -11.91
CA GLN D 454 27.12 38.31 -13.26
C GLN D 454 27.95 37.09 -13.64
N ASP D 455 29.28 37.22 -13.58
CA ASP D 455 30.14 36.10 -13.97
C ASP D 455 30.14 35.00 -12.90
N VAL D 456 29.75 35.33 -11.68
CA VAL D 456 29.57 34.31 -10.66
C VAL D 456 28.30 33.50 -10.95
N MET D 457 27.33 34.10 -11.64
CA MET D 457 26.13 33.38 -12.00
C MET D 457 26.34 32.51 -13.24
N PHE D 458 27.15 32.98 -14.18
CA PHE D 458 27.41 32.21 -15.40
C PHE D 458 28.14 30.90 -15.09
N THR D 459 29.08 30.94 -14.15
CA THR D 459 29.75 29.71 -13.76
C THR D 459 28.86 28.87 -12.84
N ALA D 460 27.85 29.50 -12.22
CA ALA D 460 26.87 28.70 -11.48
C ALA D 460 25.92 27.96 -12.39
N LEU D 461 25.80 28.40 -13.64
CA LEU D 461 24.96 27.72 -14.62
C LEU D 461 25.71 26.59 -15.31
N VAL D 462 26.93 26.86 -15.76
CA VAL D 462 27.61 25.93 -16.64
C VAL D 462 28.27 24.80 -15.87
N LYS D 463 28.50 24.98 -14.57
CA LYS D 463 29.00 23.88 -13.74
C LYS D 463 27.88 23.03 -13.17
N ASP D 464 26.62 23.36 -13.51
CA ASP D 464 25.41 22.74 -12.96
C ASP D 464 25.39 22.80 -11.44
N ARG D 465 25.32 24.03 -10.94
CA ARG D 465 25.13 24.28 -9.51
C ARG D 465 23.71 24.80 -9.31
N PRO D 466 22.73 23.93 -9.15
CA PRO D 466 21.34 24.42 -9.06
C PRO D 466 21.02 25.10 -7.75
N LYS D 467 21.77 24.80 -6.69
CA LYS D 467 21.52 25.45 -5.41
C LYS D 467 22.09 26.85 -5.38
N PHE D 468 23.04 27.15 -6.27
CA PHE D 468 23.70 28.45 -6.25
C PHE D 468 23.06 29.44 -7.19
N VAL D 469 22.46 28.96 -8.29
CA VAL D 469 21.64 29.84 -9.11
C VAL D 469 20.39 30.24 -8.36
N ARG D 470 19.88 29.36 -7.49
CA ARG D 470 18.77 29.73 -6.62
C ARG D 470 19.20 30.71 -5.54
N LEU D 471 20.44 30.57 -5.07
CA LEU D 471 20.95 31.47 -4.04
C LEU D 471 21.25 32.86 -4.59
N PHE D 472 21.64 32.96 -5.85
CA PHE D 472 21.94 34.27 -6.42
C PHE D 472 20.69 35.03 -6.82
N LEU D 473 19.59 34.32 -7.07
CA LEU D 473 18.32 35.00 -7.30
C LEU D 473 17.66 35.39 -5.99
N GLU D 474 17.85 34.59 -4.94
CA GLU D 474 17.28 34.91 -3.64
C GLU D 474 17.94 36.14 -3.04
N ASN D 475 19.25 36.30 -3.25
CA ASN D 475 19.97 37.47 -2.81
C ASN D 475 20.05 38.54 -3.88
N GLY D 476 19.15 38.49 -4.86
CA GLY D 476 19.04 39.56 -5.83
C GLY D 476 19.85 39.32 -7.08
N LEU D 477 19.18 39.04 -8.18
CA LEU D 477 19.77 39.11 -9.53
C LEU D 477 18.63 39.17 -10.52
N ASN D 478 18.58 40.24 -11.31
CA ASN D 478 17.59 40.32 -12.37
C ASN D 478 18.02 39.34 -13.45
N LEU D 479 17.36 38.19 -13.51
CA LEU D 479 17.76 37.14 -14.44
C LEU D 479 17.46 37.53 -15.88
N ARG D 480 16.49 38.42 -16.10
CA ARG D 480 16.24 38.92 -17.44
C ARG D 480 17.32 39.91 -17.87
N LYS D 481 17.83 40.70 -16.91
CA LYS D 481 18.91 41.63 -17.22
C LYS D 481 20.21 40.88 -17.51
N PHE D 482 20.45 39.79 -16.77
CA PHE D 482 21.67 39.03 -16.95
C PHE D 482 21.68 38.29 -18.28
N LEU D 483 20.52 37.80 -18.72
CA LEU D 483 20.44 36.97 -19.93
C LEU D 483 20.41 37.85 -21.17
N THR D 484 21.57 38.38 -21.52
CA THR D 484 21.67 39.01 -22.82
C THR D 484 21.80 37.93 -23.90
N THR D 485 21.67 38.35 -25.16
CA THR D 485 21.60 37.36 -26.23
C THR D 485 22.95 36.76 -26.55
N GLU D 486 24.06 37.44 -26.18
CA GLU D 486 25.36 36.85 -26.43
C GLU D 486 25.77 35.93 -25.28
N VAL D 487 25.16 36.11 -24.10
CA VAL D 487 25.30 35.13 -23.03
C VAL D 487 24.62 33.82 -23.42
N LEU D 488 23.46 33.92 -24.09
CA LEU D 488 22.75 32.72 -24.52
C LEU D 488 23.49 32.01 -25.65
N ARG D 489 24.11 32.77 -26.55
CA ARG D 489 24.88 32.12 -27.60
C ARG D 489 26.22 31.65 -27.07
N GLU D 490 26.67 32.19 -25.93
CA GLU D 490 27.81 31.62 -25.22
C GLU D 490 27.44 30.30 -24.56
N LEU D 491 26.15 30.05 -24.38
CA LEU D 491 25.62 28.89 -23.69
C LEU D 491 25.26 27.76 -24.64
N TYR D 492 24.77 28.07 -25.83
CA TYR D 492 24.42 27.06 -26.81
C TYR D 492 25.58 26.65 -27.70
N THR D 493 26.70 27.39 -27.66
CA THR D 493 27.87 27.01 -28.44
C THR D 493 28.87 26.24 -27.60
N ASN D 494 29.36 26.86 -26.53
CA ASN D 494 30.41 26.27 -25.71
C ASN D 494 29.86 25.32 -24.65
N ASN D 495 28.67 25.59 -24.14
CA ASN D 495 28.14 24.87 -22.99
C ASN D 495 26.99 23.95 -23.33
N PHE D 496 26.65 23.83 -24.62
CA PHE D 496 25.69 22.84 -25.07
C PHE D 496 26.45 21.58 -25.46
N SER D 497 26.08 20.45 -24.87
CA SER D 497 26.81 19.22 -25.10
C SER D 497 26.55 18.70 -26.50
N SER D 498 27.58 18.13 -27.12
CA SER D 498 27.45 17.66 -28.49
C SER D 498 26.65 16.37 -28.59
N LEU D 499 26.49 15.64 -27.50
CA LEU D 499 25.68 14.43 -27.52
C LEU D 499 24.20 14.76 -27.56
N VAL D 500 23.78 15.77 -26.78
CA VAL D 500 22.38 16.21 -26.80
C VAL D 500 22.06 16.85 -28.14
N PHE D 501 22.99 17.65 -28.66
CA PHE D 501 22.82 18.25 -29.98
C PHE D 501 22.80 17.20 -31.09
N LYS D 502 23.51 16.09 -30.89
CA LYS D 502 23.39 14.97 -31.82
C LYS D 502 22.02 14.33 -31.75
N ASN D 503 21.44 14.24 -30.54
CA ASN D 503 20.11 13.68 -30.40
C ASN D 503 19.01 14.64 -30.83
N LEU D 504 19.32 15.91 -31.05
CA LEU D 504 18.33 16.82 -31.63
C LEU D 504 18.12 16.50 -33.10
N GLN D 505 19.19 16.17 -33.82
CA GLN D 505 19.06 15.83 -35.24
C GLN D 505 18.35 14.50 -35.43
N ILE D 506 18.52 13.58 -34.48
CA ILE D 506 17.76 12.34 -34.53
C ILE D 506 16.34 12.58 -34.06
N ALA D 507 16.09 13.70 -33.36
CA ALA D 507 14.72 14.05 -33.01
C ALA D 507 14.06 14.91 -34.08
N LYS D 508 14.79 15.86 -34.67
CA LYS D 508 14.17 16.77 -35.62
C LYS D 508 13.89 16.09 -36.96
N ASN D 509 14.77 15.20 -37.39
CA ASN D 509 14.61 14.58 -38.69
C ASN D 509 13.74 13.33 -38.65
N SER D 510 13.61 12.69 -37.49
CA SER D 510 12.90 11.42 -37.43
C SER D 510 11.54 11.53 -36.77
N TYR D 511 11.43 12.27 -35.66
CA TYR D 511 10.14 12.46 -34.98
C TYR D 511 9.89 13.96 -34.95
N ASN D 512 9.38 14.50 -36.05
CA ASN D 512 9.27 15.94 -36.18
C ASN D 512 7.93 16.43 -35.66
N ASP D 513 7.93 17.64 -35.13
CA ASP D 513 6.74 18.31 -34.64
C ASP D 513 6.86 19.81 -34.91
N ALA D 514 5.78 20.53 -34.62
CA ALA D 514 5.80 21.97 -34.78
C ALA D 514 6.68 22.64 -33.75
N LEU D 515 6.79 22.07 -32.56
CA LEU D 515 7.65 22.65 -31.52
C LEU D 515 9.12 22.37 -31.82
N LEU D 516 9.42 21.17 -32.31
CA LEU D 516 10.81 20.81 -32.57
C LEU D 516 11.41 21.63 -33.71
N THR D 517 10.59 21.94 -34.73
CA THR D 517 11.06 22.81 -35.80
C THR D 517 11.30 24.23 -35.30
N PHE D 518 10.59 24.65 -34.25
CA PHE D 518 10.87 25.94 -33.65
C PHE D 518 12.16 25.90 -32.84
N VAL D 519 12.34 24.84 -32.06
CA VAL D 519 13.44 24.78 -31.10
C VAL D 519 14.76 24.49 -31.80
N TRP D 520 14.74 23.58 -32.78
CA TRP D 520 15.94 23.31 -33.59
C TRP D 520 16.35 24.53 -34.40
N LYS D 521 15.38 25.36 -34.79
CA LYS D 521 15.71 26.65 -35.38
C LYS D 521 16.28 27.59 -34.32
N MET D 522 15.74 27.55 -33.11
CA MET D 522 16.18 28.47 -32.06
C MET D 522 17.57 28.12 -31.56
N VAL D 523 17.91 26.83 -31.56
CA VAL D 523 19.27 26.42 -31.23
C VAL D 523 20.24 26.86 -32.32
N GLU D 524 19.82 26.77 -33.59
CA GLU D 524 20.68 27.11 -34.70
C GLU D 524 20.89 28.61 -34.84
N ASP D 525 19.94 29.42 -34.36
CA ASP D 525 20.15 30.86 -34.35
C ASP D 525 21.23 31.26 -33.37
N PHE D 526 21.30 30.57 -32.23
CA PHE D 526 22.30 30.91 -31.24
C PHE D 526 23.66 30.34 -31.61
N ARG D 527 23.68 29.18 -32.27
CA ARG D 527 24.95 28.57 -32.65
C ARG D 527 25.60 29.23 -33.85
N ARG D 528 24.85 30.03 -34.62
CA ARG D 528 25.38 30.66 -35.81
C ARG D 528 25.89 32.08 -35.56
N GLY D 529 25.68 32.62 -34.36
CA GLY D 529 26.12 33.96 -34.04
C GLY D 529 27.64 34.10 -33.93
N ARG D 553 12.20 38.86 -26.76
CA ARG D 553 12.72 37.67 -27.42
C ARG D 553 12.53 36.44 -26.55
N HIS D 554 11.89 36.65 -25.40
CA HIS D 554 11.71 35.67 -24.32
C HIS D 554 13.05 35.06 -23.90
N PRO D 555 13.90 35.80 -23.19
CA PRO D 555 15.21 35.24 -22.84
C PRO D 555 15.16 34.19 -21.75
N LEU D 556 14.18 34.28 -20.85
CA LEU D 556 14.06 33.30 -19.77
C LEU D 556 13.59 31.95 -20.26
N GLN D 557 13.01 31.87 -21.46
CA GLN D 557 12.64 30.58 -22.01
C GLN D 557 13.70 30.02 -22.95
N ALA D 558 14.66 30.84 -23.38
CA ALA D 558 15.81 30.31 -24.09
C ALA D 558 16.76 29.61 -23.12
N LEU D 559 16.90 30.16 -21.91
CA LEU D 559 17.67 29.49 -20.87
C LEU D 559 16.95 28.25 -20.37
N PHE D 560 15.62 28.29 -20.31
CA PHE D 560 14.86 27.17 -19.79
C PHE D 560 14.88 26.00 -20.75
N ILE D 561 14.85 26.28 -22.05
CA ILE D 561 14.95 25.21 -23.05
C ILE D 561 16.35 24.63 -23.05
N TRP D 562 17.36 25.47 -22.78
CA TRP D 562 18.74 25.00 -22.71
C TRP D 562 18.95 24.02 -21.56
N SER D 563 18.32 24.29 -20.41
CA SER D 563 18.46 23.39 -19.27
C SER D 563 17.63 22.13 -19.46
N VAL D 564 16.46 22.26 -20.08
CA VAL D 564 15.59 21.11 -20.26
C VAL D 564 16.14 20.15 -21.31
N LEU D 565 16.80 20.66 -22.35
CA LEU D 565 17.37 19.82 -23.39
C LEU D 565 18.49 18.95 -22.87
N GLN D 566 19.29 19.46 -21.94
CA GLN D 566 20.42 18.73 -21.39
C GLN D 566 20.06 17.86 -20.20
N ASN D 567 18.75 17.69 -19.93
CA ASN D 567 18.22 16.91 -18.80
C ASN D 567 18.75 17.40 -17.46
N LYS D 568 19.04 18.69 -17.35
CA LYS D 568 19.49 19.28 -16.10
C LYS D 568 18.29 19.42 -15.19
N LYS D 569 18.07 18.41 -14.34
CA LYS D 569 16.77 18.21 -13.71
C LYS D 569 16.48 19.28 -12.68
N GLU D 570 17.45 19.61 -11.82
CA GLU D 570 17.21 20.60 -10.79
C GLU D 570 17.59 22.00 -11.19
N LEU D 571 18.43 22.17 -12.21
CA LEU D 571 18.71 23.51 -12.70
C LEU D 571 17.52 24.08 -13.45
N SER D 572 16.80 23.25 -14.21
CA SER D 572 15.67 23.73 -14.99
C SER D 572 14.50 24.12 -14.11
N LYS D 573 14.35 23.49 -12.95
CA LYS D 573 13.27 23.84 -12.05
C LYS D 573 13.56 25.12 -11.28
N VAL D 574 14.81 25.58 -11.27
CA VAL D 574 15.10 26.89 -10.74
C VAL D 574 14.71 27.97 -11.74
N ILE D 575 14.98 27.73 -13.02
CA ILE D 575 14.67 28.70 -14.05
C ILE D 575 13.19 28.66 -14.43
N TRP D 576 12.52 27.55 -14.15
CA TRP D 576 11.08 27.47 -14.43
C TRP D 576 10.30 28.39 -13.51
N GLU D 577 10.76 28.56 -12.27
CA GLU D 577 10.10 29.45 -11.33
C GLU D 577 10.35 30.93 -11.65
N GLN D 578 11.21 31.24 -12.60
CA GLN D 578 11.41 32.61 -13.03
C GLN D 578 10.67 32.95 -14.31
N THR D 579 10.13 31.95 -15.01
CA THR D 579 9.46 32.20 -16.27
C THR D 579 8.11 32.86 -16.05
N ARG D 580 7.61 33.52 -17.09
CA ARG D 580 6.35 34.23 -16.99
C ARG D 580 5.16 33.32 -17.27
N GLY D 581 5.10 32.73 -18.46
CA GLY D 581 4.10 31.72 -18.71
C GLY D 581 4.65 30.38 -18.27
N CYS D 582 4.34 29.97 -17.05
CA CYS D 582 5.04 28.85 -16.44
C CYS D 582 4.23 27.57 -16.40
N THR D 583 2.91 27.64 -16.57
CA THR D 583 2.18 26.41 -16.85
C THR D 583 2.26 26.05 -18.33
N LEU D 584 2.74 27.00 -19.14
CA LEU D 584 2.94 26.74 -20.56
C LEU D 584 4.37 26.30 -20.81
N ALA D 585 5.32 26.83 -20.05
CA ALA D 585 6.70 26.34 -20.13
C ALA D 585 6.83 24.94 -19.59
N ALA D 586 5.98 24.56 -18.62
CA ALA D 586 6.01 23.21 -18.10
C ALA D 586 5.49 22.21 -19.12
N LEU D 587 4.43 22.58 -19.84
CA LEU D 587 3.95 21.71 -20.91
C LEU D 587 4.85 21.77 -22.14
N GLY D 588 5.47 22.93 -22.38
CA GLY D 588 6.38 23.03 -23.49
C GLY D 588 7.67 22.26 -23.25
N ALA D 589 8.06 22.13 -21.98
CA ALA D 589 9.17 21.23 -21.65
C ALA D 589 8.73 19.79 -21.77
N SER D 590 7.50 19.49 -21.36
CA SER D 590 7.00 18.11 -21.41
C SER D 590 6.79 17.65 -22.84
N LYS D 591 6.45 18.58 -23.74
CA LYS D 591 6.35 18.22 -25.15
C LYS D 591 7.72 18.01 -25.76
N LEU D 592 8.67 18.88 -25.42
CA LEU D 592 10.02 18.81 -25.95
C LEU D 592 10.76 17.58 -25.46
N LEU D 593 10.60 17.24 -24.18
CA LEU D 593 11.34 16.11 -23.62
C LEU D 593 10.76 14.79 -24.10
N LYS D 594 9.45 14.74 -24.36
CA LYS D 594 8.86 13.53 -24.93
C LYS D 594 9.25 13.34 -26.38
N SER D 595 9.70 14.40 -27.06
CA SER D 595 10.28 14.23 -28.39
C SER D 595 11.69 13.68 -28.29
N MET D 596 12.45 14.10 -27.28
CA MET D 596 13.80 13.58 -27.10
C MET D 596 13.79 12.17 -26.53
N ALA D 597 12.74 11.82 -25.78
CA ALA D 597 12.62 10.46 -25.25
C ALA D 597 12.24 9.46 -26.34
N LYS D 598 11.81 9.93 -27.51
CA LYS D 598 11.57 9.04 -28.63
C LYS D 598 12.87 8.56 -29.26
N VAL D 599 13.95 9.34 -29.13
CA VAL D 599 15.24 9.01 -29.73
C VAL D 599 15.84 7.81 -29.04
N LYS D 600 15.99 6.71 -29.76
CA LYS D 600 16.51 5.46 -29.23
C LYS D 600 18.01 5.33 -29.42
N ASN D 601 18.73 6.43 -29.62
CA ASN D 601 20.18 6.37 -29.71
C ASN D 601 20.81 6.04 -28.36
N ASP D 602 20.16 6.43 -27.27
CA ASP D 602 20.65 6.14 -25.93
C ASP D 602 19.44 5.99 -25.01
N ILE D 603 19.34 4.82 -24.37
CA ILE D 603 18.20 4.53 -23.52
C ILE D 603 18.29 5.29 -22.21
N ASN D 604 19.50 5.54 -21.73
CA ASN D 604 19.67 6.25 -20.46
C ASN D 604 19.31 7.73 -20.60
N ALA D 605 19.67 8.34 -21.73
CA ALA D 605 19.29 9.72 -21.98
C ALA D 605 17.80 9.85 -22.23
N ALA D 606 17.25 8.91 -23.01
CA ALA D 606 15.82 8.95 -23.30
C ALA D 606 15.00 8.51 -22.11
N GLY D 607 15.57 7.67 -21.23
CA GLY D 607 14.85 7.25 -20.05
C GLY D 607 14.75 8.31 -18.98
N GLU D 608 15.65 9.30 -19.01
CA GLU D 608 15.60 10.39 -18.05
C GLU D 608 14.94 11.65 -18.62
N SER D 609 14.90 11.78 -19.95
CA SER D 609 14.05 12.82 -20.54
C SER D 609 12.59 12.42 -20.48
N GLU D 610 12.32 11.13 -20.41
CA GLU D 610 10.93 10.67 -20.25
C GLU D 610 10.40 11.00 -18.87
N GLU D 611 11.22 10.83 -17.83
CA GLU D 611 10.75 11.12 -16.48
C GLU D 611 10.78 12.61 -16.18
N LEU D 612 11.71 13.35 -16.77
CA LEU D 612 11.70 14.81 -16.65
C LEU D 612 10.50 15.40 -17.36
N ALA D 613 10.00 14.74 -18.41
CA ALA D 613 8.75 15.16 -19.03
C ALA D 613 7.57 14.89 -18.11
N ASN D 614 7.61 13.79 -17.37
CA ASN D 614 6.52 13.48 -16.44
C ASN D 614 6.59 14.34 -15.20
N GLU D 615 7.77 14.87 -14.86
CA GLU D 615 7.85 15.83 -13.77
C GLU D 615 7.33 17.18 -14.18
N TYR D 616 7.53 17.58 -15.43
CA TYR D 616 7.02 18.86 -15.89
C TYR D 616 5.56 18.79 -16.29
N GLU D 617 5.06 17.61 -16.63
CA GLU D 617 3.62 17.49 -16.79
C GLU D 617 2.91 17.56 -15.45
N THR D 618 3.52 17.00 -14.40
CA THR D 618 2.93 17.06 -13.07
C THR D 618 3.05 18.46 -12.48
N ARG D 619 4.09 19.22 -12.85
CA ARG D 619 4.18 20.61 -12.43
C ARG D 619 3.11 21.46 -13.09
N ALA D 620 2.75 21.13 -14.33
CA ALA D 620 1.70 21.88 -15.01
C ALA D 620 0.32 21.48 -14.49
N VAL D 621 0.19 20.26 -14.00
CA VAL D 621 -1.08 19.84 -13.39
C VAL D 621 -1.29 20.60 -12.09
N GLU D 622 -0.30 20.58 -11.21
CA GLU D 622 -0.45 21.15 -9.88
C GLU D 622 -0.51 22.67 -9.92
N LEU D 623 0.11 23.28 -10.91
CA LEU D 623 0.02 24.73 -11.04
C LEU D 623 -1.34 25.14 -11.61
N PHE D 624 -1.85 24.39 -12.58
CA PHE D 624 -3.15 24.74 -13.14
C PHE D 624 -4.28 24.38 -12.19
N THR D 625 -4.11 23.33 -11.37
CA THR D 625 -5.08 23.05 -10.33
C THR D 625 -5.08 24.16 -9.28
N GLU D 626 -3.91 24.74 -9.01
CA GLU D 626 -3.85 25.96 -8.21
C GLU D 626 -4.49 27.12 -8.93
N CYS D 627 -4.30 27.21 -10.25
CA CYS D 627 -4.88 28.31 -11.01
C CYS D 627 -6.39 28.16 -11.14
N TYR D 628 -6.88 26.95 -11.36
CA TYR D 628 -8.32 26.76 -11.57
C TYR D 628 -9.09 26.90 -10.27
N SER D 629 -8.47 26.59 -9.14
CA SER D 629 -9.15 26.68 -7.86
C SER D 629 -9.31 28.12 -7.40
N ASN D 630 -8.55 29.05 -7.95
CA ASN D 630 -8.66 30.44 -7.54
C ASN D 630 -9.63 31.23 -8.41
N ASP D 631 -9.53 31.09 -9.73
CA ASP D 631 -10.49 31.72 -10.63
C ASP D 631 -10.62 30.85 -11.86
N GLU D 632 -11.84 30.39 -12.14
CA GLU D 632 -12.06 29.57 -13.35
C GLU D 632 -11.92 30.40 -14.61
N ASP D 633 -12.47 31.61 -14.60
CA ASP D 633 -12.51 32.41 -15.82
C ASP D 633 -11.13 32.93 -16.19
N LEU D 634 -10.24 33.06 -15.21
CA LEU D 634 -8.87 33.47 -15.46
C LEU D 634 -8.00 32.30 -15.88
N ALA D 635 -8.25 31.12 -15.33
CA ALA D 635 -7.49 29.93 -15.71
C ALA D 635 -7.83 29.47 -17.12
N GLU D 636 -9.07 29.73 -17.57
CA GLU D 636 -9.44 29.34 -18.92
C GLU D 636 -8.94 30.34 -19.95
N GLN D 637 -8.65 31.58 -19.55
CA GLN D 637 -7.89 32.46 -20.42
C GLN D 637 -6.44 32.03 -20.48
N LEU D 638 -5.94 31.42 -19.41
CA LEU D 638 -4.57 30.96 -19.36
C LEU D 638 -4.36 29.72 -20.23
N LEU D 639 -5.41 28.93 -20.43
CA LEU D 639 -5.33 27.76 -21.30
C LEU D 639 -5.10 28.17 -22.75
N THR D 640 -5.93 29.08 -23.26
CA THR D 640 -5.89 29.49 -24.65
C THR D 640 -4.99 30.68 -24.90
N TYR D 641 -3.97 30.88 -24.08
CA TYR D 641 -3.05 31.99 -24.30
C TYR D 641 -2.10 31.67 -25.44
N SER D 642 -2.06 32.56 -26.43
CA SER D 642 -1.32 32.34 -27.67
C SER D 642 0.16 32.70 -27.57
N CYS D 643 0.67 32.89 -26.35
CA CYS D 643 2.06 32.65 -25.95
C CYS D 643 3.14 33.57 -26.52
N GLU D 644 2.79 34.45 -27.46
CA GLU D 644 3.74 35.31 -28.18
C GLU D 644 4.90 34.51 -28.76
N ALA D 645 4.56 33.38 -29.39
CA ALA D 645 5.49 32.38 -29.92
C ALA D 645 6.43 31.81 -28.84
N TRP D 646 5.84 31.13 -27.85
CA TRP D 646 6.59 30.13 -27.11
C TRP D 646 7.03 29.01 -28.06
N GLY D 647 6.07 28.39 -28.71
CA GLY D 647 6.30 27.57 -29.88
C GLY D 647 5.21 27.90 -30.87
N GLY D 648 4.41 28.90 -30.52
CA GLY D 648 3.20 29.20 -31.25
C GLY D 648 2.04 28.31 -30.88
N SER D 649 1.86 28.05 -29.58
CA SER D 649 0.84 27.11 -29.14
C SER D 649 0.21 27.59 -27.83
N ASN D 650 -0.96 27.05 -27.55
CA ASN D 650 -1.62 27.21 -26.26
C ASN D 650 -1.00 26.23 -25.27
N CYS D 651 -1.47 26.26 -24.02
CA CYS D 651 -1.24 25.12 -23.15
C CYS D 651 -2.14 23.97 -23.52
N LEU D 652 -3.25 24.23 -24.19
CA LEU D 652 -4.19 23.19 -24.54
C LEU D 652 -3.76 22.44 -25.77
N GLU D 653 -3.21 23.14 -26.77
CA GLU D 653 -2.65 22.45 -27.93
C GLU D 653 -1.41 21.68 -27.54
N LEU D 654 -0.58 22.26 -26.68
CA LEU D 654 0.72 21.67 -26.40
C LEU D 654 0.61 20.47 -25.47
N ALA D 655 -0.52 20.34 -24.78
CA ALA D 655 -0.78 19.14 -23.99
C ALA D 655 -1.35 18.01 -24.82
N VAL D 656 -1.95 18.29 -25.97
CA VAL D 656 -2.57 17.24 -26.76
C VAL D 656 -1.63 16.74 -27.87
N GLU D 657 -0.63 17.53 -28.26
CA GLU D 657 0.43 17.00 -29.11
C GLU D 657 1.35 16.08 -28.31
N ALA D 658 1.64 16.45 -27.07
CA ALA D 658 2.52 15.68 -26.21
C ALA D 658 1.87 14.45 -25.64
N ARG D 659 0.57 14.26 -25.87
CA ARG D 659 -0.26 13.24 -25.22
C ARG D 659 -0.15 13.33 -23.70
N ASP D 660 -0.15 14.55 -23.19
CA ASP D 660 -0.04 14.81 -21.76
C ASP D 660 -1.38 14.50 -21.13
N GLN D 661 -1.56 13.22 -20.81
CA GLN D 661 -2.87 12.74 -20.37
C GLN D 661 -3.21 13.22 -18.97
N GLN D 662 -2.22 13.52 -18.14
CA GLN D 662 -2.53 13.95 -16.79
C GLN D 662 -2.96 15.42 -16.75
N PHE D 663 -2.44 16.24 -17.68
CA PHE D 663 -2.91 17.61 -17.77
C PHE D 663 -4.30 17.67 -18.35
N ILE D 664 -4.62 16.74 -19.24
CA ILE D 664 -5.89 16.80 -19.95
C ILE D 664 -7.01 16.18 -19.13
N ALA D 665 -6.69 15.18 -18.30
CA ALA D 665 -7.67 14.52 -17.46
C ALA D 665 -8.00 15.29 -16.19
N GLN D 666 -7.45 16.46 -16.02
CA GLN D 666 -7.73 17.14 -14.78
C GLN D 666 -9.07 17.86 -14.86
N PRO D 667 -9.75 18.07 -13.72
CA PRO D 667 -11.13 18.60 -13.79
C PRO D 667 -11.22 20.04 -14.27
N GLY D 668 -10.12 20.79 -14.29
CA GLY D 668 -10.19 22.12 -14.86
C GLY D 668 -10.24 22.10 -16.37
N VAL D 669 -9.49 21.20 -16.99
CA VAL D 669 -9.46 21.12 -18.45
C VAL D 669 -10.71 20.42 -18.97
N GLN D 670 -11.19 19.40 -18.26
CA GLN D 670 -12.38 18.68 -18.69
C GLN D 670 -13.64 19.54 -18.54
N ASN D 671 -13.63 20.48 -17.59
CA ASN D 671 -14.76 21.39 -17.47
C ASN D 671 -14.70 22.48 -18.54
N PHE D 672 -13.49 22.84 -18.99
CA PHE D 672 -13.35 23.83 -20.05
C PHE D 672 -13.90 23.30 -21.37
N LEU D 673 -13.69 22.01 -21.62
CA LEU D 673 -14.20 21.41 -22.85
C LEU D 673 -15.72 21.26 -22.81
N SER D 674 -16.26 20.93 -21.64
CA SER D 674 -17.71 20.86 -21.50
C SER D 674 -18.33 22.24 -21.57
N LYS D 675 -17.59 23.28 -21.19
CA LYS D 675 -18.02 24.64 -21.48
C LYS D 675 -17.94 24.92 -22.96
N GLN D 676 -16.94 24.37 -23.64
CA GLN D 676 -16.80 24.59 -25.08
C GLN D 676 -17.86 23.85 -25.85
N TRP D 677 -18.18 22.62 -25.43
CA TRP D 677 -19.13 21.80 -26.18
C TRP D 677 -20.56 22.29 -25.99
N TYR D 678 -20.88 22.79 -24.80
CA TYR D 678 -22.19 23.38 -24.62
C TYR D 678 -22.26 24.80 -25.16
N GLY D 679 -21.12 25.41 -25.46
CA GLY D 679 -21.14 26.72 -26.08
C GLY D 679 -21.57 27.80 -25.11
N GLU D 680 -22.33 28.76 -25.62
CA GLU D 680 -22.90 29.79 -24.76
C GLU D 680 -24.13 29.31 -24.00
N ILE D 681 -24.70 28.17 -24.38
CA ILE D 681 -25.69 27.51 -23.54
C ILE D 681 -24.99 27.03 -22.29
N SER D 682 -25.56 27.35 -21.14
CA SER D 682 -24.97 26.87 -19.90
C SER D 682 -25.18 25.38 -19.75
N ARG D 683 -24.41 24.78 -18.86
CA ARG D 683 -24.74 23.47 -18.36
C ARG D 683 -25.85 23.62 -17.31
N ASP D 684 -26.19 22.50 -16.69
CA ASP D 684 -27.25 22.34 -15.68
C ASP D 684 -28.62 22.73 -16.20
N THR D 685 -28.87 22.75 -17.50
CA THR D 685 -30.22 23.06 -17.96
C THR D 685 -31.09 21.81 -17.97
N LYS D 686 -30.84 20.94 -18.95
CA LYS D 686 -31.00 19.48 -19.00
C LYS D 686 -30.63 19.08 -20.42
N ASN D 687 -30.59 17.79 -20.71
CA ASN D 687 -30.34 17.38 -22.08
C ASN D 687 -31.59 17.54 -22.94
N TRP D 688 -32.72 17.04 -22.44
CA TRP D 688 -33.98 17.12 -23.19
C TRP D 688 -34.48 18.55 -23.30
N LYS D 689 -34.08 19.42 -22.38
CA LYS D 689 -34.44 20.84 -22.43
C LYS D 689 -33.82 21.54 -23.63
N ILE D 690 -32.69 21.06 -24.13
CA ILE D 690 -32.06 21.64 -25.31
C ILE D 690 -32.61 21.02 -26.59
N ILE D 691 -32.93 19.72 -26.52
CA ILE D 691 -33.47 19.01 -27.68
C ILE D 691 -34.85 19.53 -28.04
N MET D 692 -35.68 19.83 -27.04
CA MET D 692 -37.02 20.33 -27.34
C MET D 692 -37.00 21.77 -27.84
N CYS D 693 -35.89 22.48 -27.67
CA CYS D 693 -35.75 23.79 -28.31
C CYS D 693 -35.27 23.68 -29.74
N LEU D 694 -34.82 22.50 -30.17
CA LEU D 694 -34.49 22.32 -31.57
C LEU D 694 -35.75 22.24 -32.42
N PHE D 695 -36.69 21.40 -32.01
CA PHE D 695 -37.95 21.27 -32.73
C PHE D 695 -38.87 22.46 -32.54
N PHE D 696 -38.66 23.27 -31.49
CA PHE D 696 -39.54 24.38 -31.13
C PHE D 696 -38.69 25.64 -31.01
N PHE D 697 -38.66 26.43 -32.08
CA PHE D 697 -37.95 27.71 -32.12
C PHE D 697 -38.34 28.72 -31.04
N PRO D 698 -39.63 29.02 -30.76
CA PRO D 698 -39.89 30.08 -29.77
C PRO D 698 -39.65 29.67 -28.33
N LEU D 699 -39.28 28.41 -28.07
CA LEU D 699 -38.93 28.02 -26.71
C LEU D 699 -37.54 28.51 -26.30
N ILE D 700 -36.73 28.96 -27.25
CA ILE D 700 -35.45 29.56 -26.92
C ILE D 700 -35.65 30.95 -26.32
N GLY D 701 -36.52 31.75 -26.95
CA GLY D 701 -36.79 33.09 -26.44
C GLY D 701 -37.56 33.09 -25.14
N CYS D 702 -38.30 32.01 -24.86
CA CYS D 702 -38.94 31.84 -23.57
C CYS D 702 -37.88 31.56 -22.51
N GLY D 703 -38.29 31.72 -21.24
CA GLY D 703 -37.39 31.47 -20.13
C GLY D 703 -37.22 29.99 -19.87
N PHE D 704 -36.49 29.31 -20.76
CA PHE D 704 -36.44 27.86 -20.77
C PHE D 704 -35.02 27.29 -20.74
N ILE D 705 -34.05 27.95 -21.36
CA ILE D 705 -32.65 27.63 -21.20
C ILE D 705 -31.97 28.84 -20.53
N SER D 706 -30.68 28.71 -20.25
CA SER D 706 -29.98 29.53 -19.26
C SER D 706 -28.70 30.12 -19.82
N PHE D 707 -28.80 30.83 -20.95
CA PHE D 707 -27.69 31.18 -21.84
C PHE D 707 -26.53 32.00 -21.27
N ARG D 708 -26.55 32.32 -19.98
CA ARG D 708 -25.44 32.89 -19.19
C ARG D 708 -24.63 34.05 -19.81
N PHE D 719 -31.98 37.73 -32.94
CA PHE D 719 -31.67 38.03 -31.55
C PHE D 719 -30.34 37.38 -31.17
N LEU D 720 -29.76 37.82 -30.05
CA LEU D 720 -28.44 37.32 -29.67
C LEU D 720 -28.55 35.99 -28.92
N TYR D 721 -29.72 35.67 -28.37
CA TYR D 721 -29.92 34.38 -27.74
C TYR D 721 -30.04 33.27 -28.78
N TYR D 722 -30.61 33.58 -29.94
CA TYR D 722 -30.84 32.55 -30.95
C TYR D 722 -29.56 32.18 -31.67
N VAL D 723 -28.66 33.16 -31.83
CA VAL D 723 -27.38 32.85 -32.48
C VAL D 723 -26.45 32.17 -31.50
N SER D 724 -26.63 32.41 -30.19
CA SER D 724 -25.82 31.71 -29.20
C SER D 724 -26.31 30.29 -28.99
N PHE D 725 -27.60 30.04 -29.23
CA PHE D 725 -28.12 28.68 -29.20
C PHE D 725 -27.61 27.88 -30.38
N PHE D 726 -27.85 28.38 -31.60
CA PHE D 726 -27.58 27.63 -32.82
C PHE D 726 -26.13 27.69 -33.27
N THR D 727 -25.22 28.17 -32.44
CA THR D 727 -23.80 28.02 -32.72
C THR D 727 -23.07 27.22 -31.66
N SER D 728 -23.77 26.75 -30.64
CA SER D 728 -23.17 25.87 -29.66
C SER D 728 -22.93 24.50 -30.28
N PRO D 729 -21.81 23.85 -29.96
CA PRO D 729 -21.52 22.55 -30.57
C PRO D 729 -22.44 21.43 -30.14
N PHE D 730 -23.14 21.57 -29.02
CA PHE D 730 -24.13 20.57 -28.65
C PHE D 730 -25.33 20.62 -29.58
N VAL D 731 -25.74 21.82 -29.98
CA VAL D 731 -26.91 21.99 -30.82
C VAL D 731 -26.60 21.67 -32.28
N VAL D 732 -25.43 22.13 -32.75
CA VAL D 732 -25.00 21.85 -34.11
C VAL D 732 -24.83 20.36 -34.34
N PHE D 733 -24.31 19.63 -33.35
CA PHE D 733 -24.20 18.19 -33.49
C PHE D 733 -25.55 17.51 -33.43
N SER D 734 -26.45 17.99 -32.57
CA SER D 734 -27.78 17.41 -32.50
C SER D 734 -28.60 17.76 -33.73
N TRP D 735 -28.32 18.92 -34.34
CA TRP D 735 -28.95 19.25 -35.61
C TRP D 735 -28.39 18.41 -36.74
N ASN D 736 -27.07 18.18 -36.73
CA ASN D 736 -26.44 17.44 -37.82
C ASN D 736 -26.73 15.95 -37.74
N VAL D 737 -27.25 15.47 -36.61
CA VAL D 737 -27.71 14.10 -36.54
C VAL D 737 -29.17 14.01 -36.97
N ILE D 738 -29.98 14.98 -36.54
CA ILE D 738 -31.39 15.04 -36.92
C ILE D 738 -31.53 15.27 -38.42
N PHE D 739 -30.70 16.16 -38.97
CA PHE D 739 -30.72 16.38 -40.41
C PHE D 739 -30.15 15.21 -41.19
N TYR D 740 -29.25 14.45 -40.57
CA TYR D 740 -28.70 13.28 -41.25
C TYR D 740 -29.73 12.16 -41.35
N ILE D 741 -30.61 12.05 -40.35
CA ILE D 741 -31.69 11.07 -40.42
C ILE D 741 -32.71 11.50 -41.44
N ALA D 742 -33.06 12.80 -41.45
CA ALA D 742 -33.97 13.32 -42.46
C ALA D 742 -33.35 13.28 -43.85
N PHE D 743 -32.02 13.29 -43.94
CA PHE D 743 -31.37 13.00 -45.22
C PHE D 743 -31.54 11.54 -45.59
N LEU D 744 -31.49 10.63 -44.61
CA LEU D 744 -31.58 9.21 -44.91
C LEU D 744 -33.01 8.80 -45.21
N LEU D 745 -33.99 9.47 -44.62
CA LEU D 745 -35.38 9.20 -44.95
C LEU D 745 -35.73 9.75 -46.33
N LEU D 746 -35.12 10.87 -46.71
CA LEU D 746 -35.31 11.37 -48.06
C LEU D 746 -34.56 10.52 -49.07
N PHE D 747 -33.40 10.00 -48.67
CA PHE D 747 -32.66 9.10 -49.54
C PHE D 747 -33.36 7.75 -49.66
N ALA D 748 -34.18 7.38 -48.68
CA ALA D 748 -34.97 6.16 -48.81
C ALA D 748 -36.27 6.40 -49.56
N TYR D 749 -36.82 7.61 -49.47
CA TYR D 749 -38.06 7.88 -50.18
C TYR D 749 -37.81 8.05 -51.68
N VAL D 750 -36.69 8.65 -52.04
CA VAL D 750 -36.36 8.82 -53.45
C VAL D 750 -35.99 7.48 -54.08
N LEU D 751 -35.25 6.65 -53.36
CA LEU D 751 -34.76 5.39 -53.90
C LEU D 751 -35.86 4.35 -54.08
N LEU D 752 -36.99 4.50 -53.41
CA LEU D 752 -38.08 3.52 -53.51
C LEU D 752 -39.27 4.02 -54.31
N MET D 753 -39.83 5.17 -53.92
CA MET D 753 -41.05 5.64 -54.56
C MET D 753 -40.77 6.52 -55.78
N ASP D 754 -39.79 7.41 -55.68
CA ASP D 754 -39.30 8.21 -56.79
C ASP D 754 -38.32 7.41 -57.64
N PHE D 755 -37.40 8.12 -58.32
CA PHE D 755 -36.33 7.55 -59.15
C PHE D 755 -36.93 6.85 -60.36
N GLN D 756 -37.64 7.62 -61.21
CA GLN D 756 -38.35 7.02 -62.34
C GLN D 756 -37.44 6.82 -63.55
N LYS D 757 -37.05 7.92 -64.20
CA LYS D 757 -35.93 7.89 -65.14
C LYS D 757 -35.04 9.12 -65.09
N GLU D 758 -35.61 10.28 -64.78
CA GLU D 758 -34.91 11.56 -64.79
C GLU D 758 -34.66 12.01 -63.36
N PRO D 759 -33.67 12.88 -63.15
CA PRO D 759 -33.41 13.35 -61.78
C PRO D 759 -34.50 14.27 -61.28
N THR D 760 -35.53 13.66 -60.66
CA THR D 760 -36.67 14.29 -60.00
C THR D 760 -36.20 15.38 -59.02
N ALA D 761 -37.05 16.40 -58.80
CA ALA D 761 -36.66 17.56 -58.00
C ALA D 761 -36.35 17.19 -56.55
N LEU D 762 -36.95 16.11 -56.04
CA LEU D 762 -36.56 15.63 -54.73
C LEU D 762 -35.19 14.97 -54.76
N GLU D 763 -34.79 14.42 -55.90
CA GLU D 763 -33.46 13.83 -56.01
C GLU D 763 -32.40 14.89 -56.28
N ILE D 764 -32.78 16.00 -56.90
CA ILE D 764 -31.87 17.14 -57.05
C ILE D 764 -31.54 17.73 -55.69
N ILE D 765 -32.50 17.66 -54.75
CA ILE D 765 -32.25 18.02 -53.36
C ILE D 765 -31.20 17.10 -52.75
N LEU D 766 -31.26 15.80 -53.06
CA LEU D 766 -30.26 14.87 -52.56
C LEU D 766 -28.90 15.09 -53.21
N TYR D 767 -28.89 15.64 -54.43
CA TYR D 767 -27.61 15.87 -55.09
C TYR D 767 -26.86 17.04 -54.47
N VAL D 768 -27.59 18.00 -53.91
CA VAL D 768 -26.91 19.11 -53.26
C VAL D 768 -26.71 18.81 -51.77
N LEU D 769 -27.50 17.90 -51.20
CA LEU D 769 -27.31 17.55 -49.79
C LEU D 769 -26.09 16.67 -49.60
N VAL D 770 -25.64 15.98 -50.64
CA VAL D 770 -24.36 15.29 -50.54
C VAL D 770 -23.23 16.21 -50.99
N PHE D 771 -23.54 17.26 -51.75
CA PHE D 771 -22.52 18.23 -52.12
C PHE D 771 -22.12 19.07 -50.92
N VAL D 772 -23.10 19.41 -50.07
CA VAL D 772 -22.77 20.09 -48.84
C VAL D 772 -22.16 19.11 -47.84
N LEU D 773 -22.40 17.81 -48.02
CA LEU D 773 -21.63 16.80 -47.30
C LEU D 773 -20.23 16.66 -47.87
N LEU D 774 -20.04 17.00 -49.15
CA LEU D 774 -18.73 16.91 -49.77
C LEU D 774 -17.89 18.12 -49.42
N CYS D 775 -18.47 19.32 -49.52
CA CYS D 775 -17.72 20.54 -49.24
C CYS D 775 -17.40 20.69 -47.76
N ASP D 776 -18.21 20.09 -46.89
CA ASP D 776 -17.89 20.04 -45.47
C ASP D 776 -16.68 19.18 -45.20
N GLU D 777 -16.41 18.21 -46.08
CA GLU D 777 -15.38 17.23 -45.83
C GLU D 777 -14.09 17.50 -46.60
N VAL D 778 -14.16 18.21 -47.73
CA VAL D 778 -12.92 18.74 -48.29
C VAL D 778 -12.49 19.98 -47.50
N ARG D 779 -13.41 20.57 -46.73
CA ARG D 779 -13.01 21.49 -45.68
C ARG D 779 -12.24 20.76 -44.59
N GLN D 780 -12.58 19.49 -44.34
CA GLN D 780 -11.75 18.65 -43.49
C GLN D 780 -10.59 18.03 -44.24
N TRP D 781 -10.48 18.27 -45.54
CA TRP D 781 -9.19 18.10 -46.22
C TRP D 781 -8.32 19.34 -46.09
N TYR D 782 -8.77 20.34 -45.35
CA TYR D 782 -7.92 21.27 -44.64
C TYR D 782 -7.97 20.91 -43.17
N MET D 783 -7.04 21.48 -42.39
CA MET D 783 -6.64 20.96 -41.07
C MET D 783 -6.32 19.48 -41.19
N ASN D 784 -5.46 19.15 -42.17
CA ASN D 784 -5.47 17.81 -42.76
C ASN D 784 -4.22 17.03 -42.44
N GLY D 785 -3.05 17.47 -42.93
CA GLY D 785 -1.77 16.77 -42.81
C GLY D 785 -1.72 15.29 -43.16
N SER D 786 -2.71 14.80 -43.93
CA SER D 786 -3.08 13.39 -44.04
C SER D 786 -3.25 12.70 -42.69
N LYS D 787 -3.73 13.44 -41.68
CA LYS D 787 -4.24 12.84 -40.46
C LYS D 787 -5.61 12.21 -40.70
N TYR D 788 -6.39 12.82 -41.59
CA TYR D 788 -7.77 12.40 -41.82
C TYR D 788 -7.85 11.02 -42.46
N PHE D 789 -6.83 10.64 -43.21
CA PHE D 789 -6.86 9.39 -43.96
C PHE D 789 -6.44 8.18 -43.14
N SER D 790 -5.95 8.38 -41.91
CA SER D 790 -5.69 7.28 -40.98
C SER D 790 -6.73 7.19 -39.88
N ASP D 791 -7.99 7.47 -40.19
CA ASP D 791 -9.06 7.44 -39.21
C ASP D 791 -10.01 6.27 -39.39
N LEU D 792 -9.87 5.54 -40.51
CA LEU D 792 -10.39 4.18 -40.74
C LEU D 792 -11.90 4.11 -40.91
N TRP D 793 -12.60 5.19 -40.63
CA TRP D 793 -14.03 5.38 -40.81
C TRP D 793 -14.32 6.71 -41.47
N ASN D 794 -13.39 7.65 -41.38
CA ASN D 794 -13.52 8.90 -42.09
C ASN D 794 -13.13 8.75 -43.56
N VAL D 795 -12.38 7.70 -43.89
CA VAL D 795 -12.12 7.40 -45.30
C VAL D 795 -13.32 6.71 -45.91
N MET D 796 -14.23 6.19 -45.09
CA MET D 796 -15.46 5.64 -45.62
C MET D 796 -16.36 6.74 -46.16
N ASP D 797 -16.25 7.94 -45.59
CA ASP D 797 -17.17 9.02 -45.93
C ASP D 797 -16.87 9.60 -47.30
N THR D 798 -15.59 9.77 -47.64
CA THR D 798 -15.24 10.11 -49.02
C THR D 798 -15.66 9.01 -49.97
N LEU D 799 -15.36 7.76 -49.62
CA LEU D 799 -15.70 6.65 -50.49
C LEU D 799 -17.18 6.30 -50.43
N ALA D 800 -17.93 6.95 -49.53
CA ALA D 800 -19.38 6.95 -49.68
C ALA D 800 -19.83 8.07 -50.59
N ILE D 801 -19.12 9.20 -50.59
CA ILE D 801 -19.52 10.33 -51.42
C ILE D 801 -18.99 10.15 -52.85
N PHE D 802 -17.79 9.59 -52.98
CA PHE D 802 -17.26 9.28 -54.31
C PHE D 802 -18.06 8.17 -54.97
N TYR D 803 -18.58 7.23 -54.17
CA TYR D 803 -19.47 6.22 -54.70
C TYR D 803 -20.85 6.79 -55.01
N PHE D 804 -21.21 7.90 -54.38
CA PHE D 804 -22.45 8.57 -54.74
C PHE D 804 -22.31 9.27 -56.08
N ILE D 805 -21.22 10.00 -56.27
CA ILE D 805 -21.02 10.77 -57.49
C ILE D 805 -20.79 9.82 -58.67
N ALA D 806 -20.16 8.68 -58.41
CA ALA D 806 -20.09 7.62 -59.42
C ALA D 806 -21.46 7.05 -59.72
N GLY D 807 -22.37 7.08 -58.75
CA GLY D 807 -23.75 6.70 -59.01
C GLY D 807 -24.59 7.77 -59.66
N ILE D 808 -24.08 9.00 -59.76
CA ILE D 808 -24.78 10.05 -60.49
C ILE D 808 -24.51 9.95 -61.98
N VAL D 809 -23.25 9.71 -62.36
CA VAL D 809 -22.89 9.67 -63.77
C VAL D 809 -23.40 8.40 -64.44
N PHE D 810 -23.78 7.39 -63.65
CA PHE D 810 -24.41 6.21 -64.22
C PHE D 810 -25.92 6.40 -64.38
N ARG D 811 -26.48 7.42 -63.75
CA ARG D 811 -27.89 7.75 -63.95
C ARG D 811 -28.09 8.54 -65.23
N LEU D 812 -27.14 9.41 -65.57
CA LEU D 812 -27.25 10.27 -66.75
C LEU D 812 -26.55 9.62 -67.95
N HIS D 813 -27.00 8.41 -68.28
CA HIS D 813 -26.42 7.66 -69.40
C HIS D 813 -27.43 7.07 -70.35
N SER D 814 -28.72 7.06 -70.00
CA SER D 814 -29.89 6.71 -70.81
C SER D 814 -29.97 5.24 -71.19
N ASP D 815 -29.02 4.40 -70.78
CA ASP D 815 -29.06 2.97 -71.04
C ASP D 815 -29.72 2.28 -69.86
N GLU D 816 -30.62 1.33 -70.13
CA GLU D 816 -31.31 0.66 -69.05
C GLU D 816 -30.41 -0.31 -68.32
N SER D 817 -29.32 -0.75 -68.95
CA SER D 817 -28.32 -1.54 -68.23
C SER D 817 -27.47 -0.64 -67.35
N SER D 818 -27.36 0.65 -67.69
CA SER D 818 -26.56 1.57 -66.88
C SER D 818 -27.42 2.33 -65.89
N TRP D 819 -28.68 2.62 -66.25
CA TRP D 819 -29.58 3.29 -65.32
C TRP D 819 -29.88 2.40 -64.13
N TYR D 820 -30.13 1.11 -64.39
CA TYR D 820 -30.36 0.17 -63.30
C TYR D 820 -29.11 -0.03 -62.47
N SER D 821 -27.95 -0.08 -63.13
CA SER D 821 -26.69 -0.16 -62.40
C SER D 821 -26.41 1.12 -61.63
N GLY D 822 -26.96 2.24 -62.10
CA GLY D 822 -26.86 3.47 -61.32
C GLY D 822 -27.71 3.44 -60.07
N ARG D 823 -28.83 2.70 -60.12
CA ARG D 823 -29.63 2.53 -58.93
C ARG D 823 -28.97 1.60 -57.93
N VAL D 824 -28.34 0.52 -58.42
CA VAL D 824 -27.64 -0.44 -57.57
C VAL D 824 -26.50 0.23 -56.82
N ILE D 825 -25.78 1.15 -57.47
CA ILE D 825 -24.72 1.89 -56.79
C ILE D 825 -25.30 2.81 -55.72
N PHE D 826 -26.50 3.37 -55.96
CA PHE D 826 -27.14 4.19 -54.95
C PHE D 826 -27.66 3.35 -53.78
N CYS D 827 -28.18 2.14 -54.06
CA CYS D 827 -28.71 1.32 -52.99
C CYS D 827 -27.61 0.75 -52.13
N LEU D 828 -26.47 0.43 -52.72
CA LEU D 828 -25.32 0.01 -51.92
C LEU D 828 -24.71 1.20 -51.19
N ASP D 829 -24.94 2.41 -51.69
CA ASP D 829 -24.46 3.61 -51.01
C ASP D 829 -25.36 3.98 -49.84
N TYR D 830 -26.59 3.46 -49.80
CA TYR D 830 -27.47 3.75 -48.68
C TYR D 830 -26.98 3.09 -47.41
N ILE D 831 -26.26 1.97 -47.54
CA ILE D 831 -25.80 1.29 -46.34
C ILE D 831 -24.63 2.02 -45.70
N VAL D 832 -23.65 2.46 -46.50
CA VAL D 832 -22.50 3.17 -45.93
C VAL D 832 -22.90 4.56 -45.45
N PHE D 833 -24.03 5.08 -45.92
CA PHE D 833 -24.55 6.29 -45.31
C PHE D 833 -25.26 5.97 -43.99
N THR D 834 -25.74 4.73 -43.84
CA THR D 834 -26.36 4.35 -42.58
C THR D 834 -25.32 3.75 -41.64
N LEU D 835 -24.28 3.12 -42.20
CA LEU D 835 -23.16 2.66 -41.38
C LEU D 835 -22.42 3.83 -40.76
N ARG D 836 -22.45 4.98 -41.40
CA ARG D 836 -21.90 6.18 -40.77
C ARG D 836 -22.81 6.66 -39.65
N LEU D 837 -24.12 6.52 -39.80
CA LEU D 837 -25.04 6.90 -38.73
C LEU D 837 -24.93 5.93 -37.56
N ILE D 838 -24.71 4.65 -37.86
CA ILE D 838 -24.51 3.66 -36.79
C ILE D 838 -23.17 3.91 -36.10
N HIS D 839 -22.17 4.36 -36.85
CA HIS D 839 -20.89 4.70 -36.25
C HIS D 839 -21.00 5.96 -35.40
N ILE D 840 -21.86 6.90 -35.79
CA ILE D 840 -22.06 8.09 -34.98
C ILE D 840 -22.78 7.75 -33.69
N PHE D 841 -23.75 6.82 -33.76
CA PHE D 841 -24.47 6.41 -32.57
C PHE D 841 -23.58 5.60 -31.63
N THR D 842 -22.67 4.79 -32.18
CA THR D 842 -21.88 3.93 -31.31
C THR D 842 -20.71 4.67 -30.68
N VAL D 843 -20.34 5.84 -31.20
CA VAL D 843 -19.28 6.60 -30.56
C VAL D 843 -19.88 7.57 -29.55
N SER D 844 -21.02 8.16 -29.86
CA SER D 844 -21.62 9.14 -28.96
C SER D 844 -22.23 8.48 -27.73
N ARG D 845 -22.68 7.23 -27.86
CA ARG D 845 -23.10 6.52 -26.66
C ARG D 845 -21.90 6.10 -25.82
N ASN D 846 -20.88 5.53 -26.45
CA ASN D 846 -19.71 5.04 -25.74
C ASN D 846 -18.66 6.13 -25.52
N LEU D 847 -19.04 7.40 -25.69
CA LEU D 847 -18.27 8.50 -25.11
C LEU D 847 -18.38 8.38 -23.61
N GLY D 848 -17.26 8.12 -22.96
CA GLY D 848 -17.25 7.59 -21.63
C GLY D 848 -16.15 6.57 -21.60
N PRO D 849 -16.01 5.81 -20.51
CA PRO D 849 -14.86 4.90 -20.37
C PRO D 849 -14.79 3.78 -21.40
N LYS D 850 -15.84 3.56 -22.19
CA LYS D 850 -15.85 2.53 -23.22
C LYS D 850 -15.22 2.99 -24.53
N ILE D 851 -14.80 4.26 -24.64
CA ILE D 851 -14.21 4.73 -25.89
C ILE D 851 -12.78 4.22 -26.07
N ILE D 852 -12.18 3.68 -25.02
CA ILE D 852 -10.91 2.98 -25.13
C ILE D 852 -11.15 1.52 -25.51
N MET D 853 -12.19 0.91 -24.96
CA MET D 853 -12.61 -0.42 -25.38
C MET D 853 -13.05 -0.41 -26.84
N LEU D 854 -13.94 0.51 -27.20
CA LEU D 854 -14.19 0.82 -28.60
C LEU D 854 -12.94 1.43 -29.23
N GLN D 855 -12.85 1.32 -30.56
CA GLN D 855 -11.84 1.93 -31.44
C GLN D 855 -10.45 1.31 -31.28
N ARG D 856 -10.26 0.46 -30.28
CA ARG D 856 -9.18 -0.51 -30.21
C ARG D 856 -9.67 -1.90 -30.54
N MET D 857 -10.87 -2.24 -30.06
CA MET D 857 -11.58 -3.40 -30.54
C MET D 857 -12.02 -3.23 -31.98
N MET D 858 -12.26 -2.01 -32.43
CA MET D 858 -12.71 -1.79 -33.80
C MET D 858 -11.56 -1.99 -34.79
N ILE D 859 -10.32 -1.71 -34.39
CA ILE D 859 -9.22 -2.03 -35.28
C ILE D 859 -8.81 -3.48 -35.12
N ASP D 860 -9.24 -4.14 -34.05
CA ASP D 860 -8.92 -5.54 -33.85
C ASP D 860 -9.80 -6.44 -34.68
N VAL D 861 -11.04 -6.03 -34.95
CA VAL D 861 -11.90 -6.80 -35.81
C VAL D 861 -11.59 -6.51 -37.29
N PHE D 862 -11.03 -5.34 -37.60
CA PHE D 862 -10.54 -5.09 -38.96
C PHE D 862 -9.37 -5.98 -39.30
N PHE D 863 -8.59 -6.38 -38.31
CA PHE D 863 -7.53 -7.35 -38.56
C PHE D 863 -8.08 -8.75 -38.69
N PHE D 864 -9.11 -9.08 -37.91
CA PHE D 864 -9.69 -10.41 -37.99
C PHE D 864 -10.47 -10.60 -39.28
N LEU D 865 -11.19 -9.57 -39.71
CA LEU D 865 -11.90 -9.64 -40.98
C LEU D 865 -10.93 -9.62 -42.16
N PHE D 866 -9.75 -9.04 -41.96
CA PHE D 866 -8.72 -9.14 -42.99
C PHE D 866 -8.19 -10.56 -43.08
N LEU D 867 -7.91 -11.18 -41.93
CA LEU D 867 -7.43 -12.56 -41.93
C LEU D 867 -8.53 -13.53 -42.33
N PHE D 868 -9.79 -13.17 -42.09
CA PHE D 868 -10.89 -13.98 -42.59
C PHE D 868 -11.02 -13.87 -44.10
N ALA D 869 -10.72 -12.68 -44.64
CA ALA D 869 -10.76 -12.51 -46.09
C ALA D 869 -9.59 -13.19 -46.77
N VAL D 870 -8.44 -13.24 -46.09
CA VAL D 870 -7.28 -13.96 -46.62
C VAL D 870 -7.56 -15.45 -46.65
N TRP D 871 -8.23 -15.98 -45.63
CA TRP D 871 -8.61 -17.38 -45.64
C TRP D 871 -9.71 -17.65 -46.65
N MET D 872 -10.61 -16.68 -46.86
CA MET D 872 -11.69 -16.87 -47.82
C MET D 872 -11.19 -16.84 -49.25
N VAL D 873 -10.06 -16.18 -49.49
CA VAL D 873 -9.42 -16.24 -50.79
C VAL D 873 -8.76 -17.60 -51.00
N ALA D 874 -8.08 -18.11 -49.97
CA ALA D 874 -7.41 -19.40 -50.07
C ALA D 874 -8.40 -20.54 -50.13
N PHE D 875 -9.58 -20.36 -49.52
CA PHE D 875 -10.63 -21.34 -49.68
C PHE D 875 -11.18 -21.34 -51.10
N GLY D 876 -11.07 -20.21 -51.80
CA GLY D 876 -11.51 -20.17 -53.17
C GLY D 876 -10.57 -20.86 -54.14
N VAL D 877 -9.27 -20.82 -53.86
CA VAL D 877 -8.32 -21.53 -54.69
C VAL D 877 -8.48 -23.03 -54.51
N ALA D 878 -8.74 -23.46 -53.28
CA ALA D 878 -9.01 -24.87 -53.03
C ALA D 878 -10.35 -25.30 -53.61
N ARG D 879 -11.30 -24.37 -53.69
CA ARG D 879 -12.60 -24.69 -54.27
C ARG D 879 -12.52 -24.74 -55.79
N GLN D 880 -11.99 -23.68 -56.42
CA GLN D 880 -11.93 -23.64 -57.87
C GLN D 880 -10.87 -24.57 -58.43
N GLY D 881 -9.82 -24.88 -57.66
CA GLY D 881 -8.83 -25.81 -58.14
C GLY D 881 -9.27 -27.26 -58.10
N ILE D 882 -10.25 -27.57 -57.26
CA ILE D 882 -10.84 -28.90 -57.26
C ILE D 882 -11.83 -29.07 -58.40
N LEU D 883 -12.62 -28.03 -58.69
CA LEU D 883 -13.60 -28.08 -59.77
C LEU D 883 -12.91 -27.77 -61.10
N ARG D 884 -13.71 -27.57 -62.15
CA ARG D 884 -13.16 -27.31 -63.48
C ARG D 884 -12.69 -25.86 -63.60
N GLU D 891 -8.82 -14.21 -66.29
CA GLU D 891 -9.62 -13.07 -65.84
C GLU D 891 -10.97 -13.54 -65.33
N TRP D 892 -11.36 -14.75 -65.72
CA TRP D 892 -12.53 -15.38 -65.12
C TRP D 892 -12.24 -15.84 -63.70
N ILE D 893 -10.96 -16.04 -63.36
CA ILE D 893 -10.60 -16.59 -62.06
C ILE D 893 -10.83 -15.56 -60.95
N PHE D 894 -10.55 -14.28 -61.24
CA PHE D 894 -10.77 -13.23 -60.25
C PHE D 894 -12.26 -13.04 -59.96
N ARG D 895 -13.11 -13.30 -60.94
CA ARG D 895 -14.54 -13.25 -60.76
C ARG D 895 -15.11 -14.53 -60.20
N SER D 896 -14.26 -15.50 -59.82
CA SER D 896 -14.73 -16.74 -59.24
C SER D 896 -13.97 -17.18 -58.00
N VAL D 897 -12.74 -16.69 -57.80
CA VAL D 897 -11.99 -17.06 -56.59
C VAL D 897 -12.29 -16.11 -55.44
N ILE D 898 -12.83 -14.93 -55.72
CA ILE D 898 -13.14 -13.98 -54.68
C ILE D 898 -14.63 -14.00 -54.31
N TYR D 899 -15.52 -13.95 -55.28
CA TYR D 899 -16.95 -13.75 -55.02
C TYR D 899 -17.65 -15.00 -54.55
N GLU D 900 -17.52 -16.11 -55.29
CA GLU D 900 -18.18 -17.36 -54.93
C GLU D 900 -17.88 -17.96 -53.56
N PRO D 901 -16.70 -17.79 -52.93
CA PRO D 901 -16.57 -18.25 -51.53
C PRO D 901 -17.50 -17.54 -50.56
N TYR D 902 -17.81 -16.27 -50.79
CA TYR D 902 -18.77 -15.59 -49.94
C TYR D 902 -20.20 -16.00 -50.27
N LEU D 903 -20.48 -16.24 -51.55
CA LEU D 903 -21.81 -16.70 -51.95
C LEU D 903 -22.06 -18.14 -51.52
N ALA D 904 -21.00 -18.95 -51.40
CA ALA D 904 -21.17 -20.32 -50.93
C ALA D 904 -21.51 -20.37 -49.45
N MET D 905 -21.16 -19.33 -48.70
CA MET D 905 -21.57 -19.20 -47.32
C MET D 905 -22.76 -18.25 -47.15
N PHE D 906 -23.30 -17.75 -48.26
CA PHE D 906 -24.54 -16.98 -48.24
C PHE D 906 -25.75 -17.91 -48.35
N PHE D 945 -14.26 -38.53 -55.25
CA PHE D 945 -14.04 -37.37 -54.41
C PHE D 945 -13.27 -37.71 -53.10
N PRO D 946 -13.81 -38.57 -52.18
CA PRO D 946 -13.01 -38.78 -50.95
C PRO D 946 -11.98 -39.89 -51.12
N GLU D 947 -10.79 -39.54 -51.63
CA GLU D 947 -9.70 -40.50 -51.82
C GLU D 947 -9.26 -41.09 -50.49
N TRP D 948 -8.60 -40.26 -49.70
CA TRP D 948 -8.60 -40.36 -48.24
C TRP D 948 -8.53 -38.96 -47.66
N ILE D 949 -8.90 -37.95 -48.45
CA ILE D 949 -8.52 -36.56 -48.21
C ILE D 949 -9.22 -35.95 -47.01
N THR D 950 -10.22 -36.62 -46.45
CA THR D 950 -10.86 -36.08 -45.25
C THR D 950 -10.02 -36.33 -44.00
N ILE D 951 -9.00 -37.20 -44.11
CA ILE D 951 -8.03 -37.34 -43.03
C ILE D 951 -7.26 -36.03 -42.78
N PRO D 952 -6.88 -35.24 -43.81
CA PRO D 952 -6.55 -33.84 -43.51
C PRO D 952 -7.63 -32.80 -43.72
N LEU D 953 -8.79 -33.07 -44.33
CA LEU D 953 -9.70 -31.97 -44.68
C LEU D 953 -10.45 -31.45 -43.46
N VAL D 954 -10.75 -32.31 -42.49
CA VAL D 954 -11.29 -31.77 -41.25
C VAL D 954 -10.17 -31.14 -40.43
N CYS D 955 -8.94 -31.61 -40.61
CA CYS D 955 -7.80 -30.96 -39.96
C CYS D 955 -7.44 -29.64 -40.65
N ILE D 956 -7.95 -29.40 -41.86
CA ILE D 956 -7.98 -28.04 -42.37
C ILE D 956 -8.92 -27.20 -41.52
N TYR D 957 -10.14 -27.69 -41.32
CA TYR D 957 -11.15 -26.94 -40.59
C TYR D 957 -10.86 -26.91 -39.10
N MET D 958 -10.11 -27.89 -38.59
CA MET D 958 -9.64 -27.81 -37.22
C MET D 958 -8.44 -26.87 -37.10
N LEU D 959 -7.84 -26.48 -38.23
CA LEU D 959 -6.79 -25.48 -38.21
C LEU D 959 -7.26 -24.14 -38.77
N SER D 960 -8.32 -24.12 -39.58
CA SER D 960 -8.90 -22.86 -40.02
C SER D 960 -9.59 -22.16 -38.87
N THR D 961 -10.61 -22.79 -38.30
CA THR D 961 -10.97 -22.52 -36.92
C THR D 961 -9.77 -22.91 -36.06
N ASN D 962 -9.52 -22.14 -34.99
CA ASN D 962 -8.36 -22.04 -34.10
C ASN D 962 -7.26 -21.16 -34.68
N ILE D 963 -7.42 -20.58 -35.86
CA ILE D 963 -6.64 -19.42 -36.22
C ILE D 963 -7.53 -18.23 -36.58
N LEU D 964 -8.77 -18.47 -36.97
CA LEU D 964 -9.74 -17.40 -37.09
C LEU D 964 -10.54 -17.23 -35.82
N LEU D 965 -10.78 -18.33 -35.10
CA LEU D 965 -11.45 -18.23 -33.81
C LEU D 965 -10.59 -17.49 -32.80
N VAL D 966 -9.29 -17.78 -32.79
CA VAL D 966 -8.40 -17.14 -31.84
C VAL D 966 -8.21 -15.67 -32.19
N ASN D 967 -8.14 -15.34 -33.48
CA ASN D 967 -8.09 -13.95 -33.90
C ASN D 967 -9.38 -13.21 -33.59
N LEU D 968 -10.51 -13.93 -33.58
CA LEU D 968 -11.75 -13.33 -33.13
C LEU D 968 -11.71 -13.09 -31.63
N LEU D 969 -11.20 -14.06 -30.87
CA LEU D 969 -11.18 -13.92 -29.42
C LEU D 969 -10.09 -12.95 -28.96
N VAL D 970 -9.03 -12.78 -29.77
CA VAL D 970 -8.06 -11.72 -29.47
C VAL D 970 -8.71 -10.36 -29.65
N ALA D 971 -9.63 -10.24 -30.62
CA ALA D 971 -10.32 -8.98 -30.86
C ALA D 971 -11.27 -8.63 -29.71
N MET D 972 -11.89 -9.62 -29.08
CA MET D 972 -12.78 -9.34 -27.95
C MET D 972 -12.00 -8.91 -26.72
N PHE D 973 -10.79 -9.43 -26.54
CA PHE D 973 -10.09 -9.31 -25.27
C PHE D 973 -8.82 -8.46 -25.35
N GLY D 974 -8.38 -8.10 -26.55
CA GLY D 974 -7.11 -7.40 -26.69
C GLY D 974 -7.13 -5.96 -26.22
N TYR D 975 -8.30 -5.42 -25.90
CA TYR D 975 -8.35 -4.08 -25.32
C TYR D 975 -7.91 -4.08 -23.87
N THR D 976 -7.97 -5.24 -23.20
CA THR D 976 -7.71 -5.30 -21.76
C THR D 976 -6.23 -5.13 -21.47
N VAL D 977 -5.38 -5.88 -22.16
CA VAL D 977 -3.94 -5.80 -21.93
C VAL D 977 -3.39 -4.58 -22.67
N GLY D 978 -2.54 -3.81 -22.02
CA GLY D 978 -1.95 -2.63 -22.61
C GLY D 978 -2.91 -1.46 -22.69
N ASN D 983 -4.51 3.89 -14.59
CA ASN D 983 -4.43 5.13 -15.34
C ASN D 983 -5.60 5.30 -16.32
N ASN D 984 -6.50 4.31 -16.37
CA ASN D 984 -7.50 4.25 -17.43
C ASN D 984 -8.61 5.28 -17.29
N ASP D 985 -8.60 6.11 -16.25
CA ASP D 985 -9.43 7.32 -16.30
C ASP D 985 -8.70 8.42 -17.05
N GLN D 986 -7.38 8.50 -16.91
CA GLN D 986 -6.61 9.47 -17.68
C GLN D 986 -6.47 9.05 -19.13
N VAL D 987 -6.43 7.74 -19.39
CA VAL D 987 -6.35 7.25 -20.76
C VAL D 987 -7.66 7.53 -21.48
N TRP D 988 -8.78 7.41 -20.76
CA TRP D 988 -10.06 7.81 -21.35
C TRP D 988 -10.16 9.32 -21.53
N LYS D 989 -9.95 10.09 -20.46
CA LYS D 989 -10.28 11.51 -20.45
C LYS D 989 -9.44 12.31 -21.45
N PHE D 990 -8.28 11.77 -21.84
CA PHE D 990 -7.56 12.34 -22.96
C PHE D 990 -8.29 12.11 -24.28
N GLN D 991 -8.88 10.92 -24.47
CA GLN D 991 -9.53 10.63 -25.74
C GLN D 991 -10.91 11.25 -25.83
N ARG D 992 -11.63 11.35 -24.71
CA ARG D 992 -12.88 12.10 -24.70
C ARG D 992 -12.63 13.57 -24.98
N PHE D 993 -11.54 14.10 -24.46
CA PHE D 993 -11.16 15.47 -24.80
C PHE D 993 -10.71 15.56 -26.24
N PHE D 994 -10.09 14.50 -26.75
CA PHE D 994 -9.54 14.55 -28.11
C PHE D 994 -10.65 14.63 -29.14
N LEU D 995 -11.66 13.77 -29.02
CA LEU D 995 -12.70 13.63 -30.04
C LEU D 995 -13.66 14.83 -30.03
N VAL D 996 -13.99 15.32 -28.84
CA VAL D 996 -14.91 16.45 -28.72
C VAL D 996 -14.24 17.72 -29.23
N GLN D 997 -12.92 17.82 -29.10
CA GLN D 997 -12.19 19.00 -29.56
C GLN D 997 -12.20 19.15 -31.08
N GLU D 998 -12.21 18.06 -31.85
CA GLU D 998 -12.24 18.24 -33.30
C GLU D 998 -13.61 18.70 -33.78
N TYR D 999 -14.69 18.25 -33.13
CA TYR D 999 -16.00 18.71 -33.56
C TYR D 999 -16.25 20.15 -33.16
N CYS D 1000 -15.72 20.57 -32.01
CA CYS D 1000 -15.77 21.98 -31.65
C CYS D 1000 -14.88 22.81 -32.57
N SER D 1001 -13.89 22.18 -33.19
CA SER D 1001 -13.14 22.79 -34.28
C SER D 1001 -13.80 22.60 -35.64
N ARG D 1002 -14.84 21.79 -35.74
CA ARG D 1002 -15.46 21.46 -37.03
C ARG D 1002 -16.66 22.36 -37.33
N LEU D 1003 -16.42 23.68 -37.34
CA LEU D 1003 -17.29 24.69 -37.95
C LEU D 1003 -18.71 24.64 -37.38
N THR D 1004 -18.83 25.09 -36.13
CA THR D 1004 -20.08 24.91 -35.39
C THR D 1004 -21.21 25.78 -35.92
N ILE D 1005 -21.71 25.40 -37.10
CA ILE D 1005 -22.86 26.01 -37.77
C ILE D 1005 -23.71 24.90 -38.37
N PRO D 1006 -25.03 25.11 -38.42
CA PRO D 1006 -25.95 24.07 -38.93
C PRO D 1006 -25.57 23.62 -40.33
N PHE D 1007 -25.74 22.33 -40.61
CA PHE D 1007 -25.33 21.73 -41.88
C PHE D 1007 -25.91 22.27 -43.18
N PRO D 1008 -27.23 22.51 -43.26
CA PRO D 1008 -27.52 23.06 -44.60
C PRO D 1008 -27.04 24.49 -44.79
N PHE D 1009 -26.70 25.19 -43.71
CA PHE D 1009 -26.17 26.54 -43.77
C PHE D 1009 -24.66 26.57 -43.55
N VAL D 1010 -23.98 25.47 -43.84
CA VAL D 1010 -22.53 25.43 -43.80
C VAL D 1010 -21.93 26.10 -45.04
N ILE D 1011 -22.56 25.93 -46.20
CA ILE D 1011 -22.12 26.58 -47.43
C ILE D 1011 -22.21 28.09 -47.35
N PHE D 1012 -23.15 28.61 -46.55
CA PHE D 1012 -23.24 30.05 -46.38
C PHE D 1012 -22.12 30.60 -45.50
N ALA D 1013 -21.34 29.73 -44.88
CA ALA D 1013 -20.10 30.11 -44.21
C ALA D 1013 -18.86 29.66 -44.96
N TYR D 1014 -18.98 28.66 -45.84
CA TYR D 1014 -17.82 28.18 -46.57
C TYR D 1014 -17.49 29.10 -47.75
N ILE D 1015 -18.50 29.49 -48.54
CA ILE D 1015 -18.22 30.37 -49.67
C ILE D 1015 -18.08 31.81 -49.20
N PHE D 1016 -18.55 32.12 -48.00
CA PHE D 1016 -18.36 33.45 -47.44
C PHE D 1016 -16.95 33.63 -46.91
N MET D 1017 -16.27 32.53 -46.60
CA MET D 1017 -14.85 32.61 -46.28
C MET D 1017 -14.02 32.92 -47.51
N VAL D 1018 -14.43 32.41 -48.67
CA VAL D 1018 -13.73 32.67 -49.92
C VAL D 1018 -14.10 34.05 -50.43
N ASN D 1044 -1.02 41.32 -21.12
CA ASN D 1044 -0.46 40.18 -20.41
C ASN D 1044 -0.72 40.28 -18.92
N GLU D 1045 -1.98 40.50 -18.54
CA GLU D 1045 -2.33 40.52 -17.13
C GLU D 1045 -2.64 39.13 -16.59
N ILE D 1046 -2.87 38.16 -17.47
CA ILE D 1046 -3.06 36.79 -17.01
C ILE D 1046 -1.73 36.17 -16.64
N LEU D 1047 -0.65 36.59 -17.31
CA LEU D 1047 0.69 36.12 -16.95
C LEU D 1047 1.12 36.69 -15.61
N ALA D 1048 0.68 37.93 -15.32
CA ALA D 1048 0.87 38.47 -13.98
C ALA D 1048 0.02 37.73 -12.97
N TRP D 1049 -1.18 37.30 -13.35
CA TRP D 1049 -2.02 36.53 -12.43
C TRP D 1049 -1.49 35.11 -12.26
N GLU D 1050 -0.96 34.51 -13.32
CA GLU D 1050 -0.36 33.19 -13.20
C GLU D 1050 0.93 33.23 -12.39
N ALA D 1051 1.63 34.36 -12.39
CA ALA D 1051 2.85 34.48 -11.61
C ALA D 1051 2.56 34.47 -10.11
N VAL D 1052 1.41 35.04 -9.71
CA VAL D 1052 1.11 35.04 -8.28
C VAL D 1052 0.50 33.71 -7.88
N MET D 1053 0.01 32.93 -8.84
CA MET D 1053 -0.47 31.59 -8.54
C MET D 1053 0.69 30.62 -8.46
N LYS D 1054 1.81 30.95 -9.11
CA LYS D 1054 3.00 30.14 -8.98
C LYS D 1054 3.60 30.24 -7.59
N GLU D 1055 3.63 31.46 -7.04
CA GLU D 1055 4.20 31.67 -5.70
C GLU D 1055 3.39 30.99 -4.63
N ASN D 1056 2.06 30.97 -4.79
CA ASN D 1056 1.22 30.22 -3.86
C ASN D 1056 1.41 28.72 -4.05
N TYR D 1057 1.75 28.29 -5.27
CA TYR D 1057 1.99 26.88 -5.51
C TYR D 1057 3.35 26.45 -4.97
N LEU D 1058 4.36 27.32 -5.12
CA LEU D 1058 5.71 26.97 -4.67
C LEU D 1058 5.80 26.91 -3.15
N VAL D 1059 4.99 27.70 -2.46
CA VAL D 1059 4.92 27.60 -1.01
C VAL D 1059 4.29 26.28 -0.58
N LYS D 1060 3.23 25.86 -1.30
CA LYS D 1060 2.52 24.64 -0.96
C LYS D 1060 3.34 23.38 -1.23
N ILE D 1061 4.39 23.47 -2.05
CA ILE D 1061 5.34 22.36 -2.13
C ILE D 1061 6.15 22.26 -0.85
N ASN D 1062 6.75 23.39 -0.44
CA ASN D 1062 7.72 23.36 0.64
C ASN D 1062 7.05 23.22 2.01
N THR D 1063 5.83 23.74 2.17
CA THR D 1063 5.13 23.54 3.43
C THR D 1063 4.57 22.13 3.54
N LYS D 1064 4.49 21.41 2.41
CA LYS D 1064 4.14 20.00 2.46
C LYS D 1064 5.37 19.13 2.64
N ALA D 1065 6.57 19.68 2.42
CA ALA D 1065 7.80 18.98 2.76
C ALA D 1065 8.17 19.23 4.22
N ASN D 1066 7.21 19.04 5.12
CA ASN D 1066 7.41 19.01 6.56
C ASN D 1066 7.31 17.60 7.10
N ASP D 1067 6.70 16.68 6.34
CA ASP D 1067 6.84 15.26 6.64
C ASP D 1067 8.24 14.78 6.30
N SER D 1068 8.92 15.45 5.37
CA SER D 1068 10.35 15.21 5.18
C SER D 1068 11.16 15.83 6.32
N SER D 1069 10.68 16.95 6.87
CA SER D 1069 11.27 17.55 8.06
C SER D 1069 10.67 17.02 9.35
N GLU D 1070 9.75 16.05 9.26
CA GLU D 1070 9.24 15.37 10.46
C GLU D 1070 10.32 14.53 11.11
N GLU D 1071 11.31 14.09 10.32
CA GLU D 1071 12.38 13.23 10.80
C GLU D 1071 13.26 13.94 11.83
N MET D 1072 14.18 13.16 12.40
CA MET D 1072 15.07 13.64 13.46
C MET D 1072 16.35 14.25 12.87
N VAL D 1073 16.27 14.84 11.67
CA VAL D 1073 17.44 15.46 11.07
C VAL D 1073 17.83 16.72 11.84
N HIS D 1074 16.94 17.70 11.89
CA HIS D 1074 17.17 18.88 12.71
C HIS D 1074 16.81 18.66 14.17
N ARG D 1075 15.98 17.64 14.45
CA ARG D 1075 15.48 17.41 15.80
C ARG D 1075 16.46 16.66 16.69
N PHE D 1076 17.57 16.16 16.14
CA PHE D 1076 18.44 15.29 16.92
C PHE D 1076 19.27 16.09 17.91
N ARG D 1077 20.09 17.01 17.43
CA ARG D 1077 20.97 17.78 18.30
C ARG D 1077 20.45 19.20 18.52
N GLN D 1078 19.15 19.43 18.32
CA GLN D 1078 18.53 20.64 18.82
C GLN D 1078 18.46 20.64 20.34
N LEU D 1079 18.26 19.46 20.92
CA LEU D 1079 18.30 19.30 22.37
C LEU D 1079 19.67 18.89 22.88
N ASP D 1080 20.54 18.36 22.02
CA ASP D 1080 21.93 18.21 22.43
C ASP D 1080 22.63 19.56 22.45
N ALA D 1081 22.13 20.51 21.67
CA ALA D 1081 22.48 21.90 21.89
C ALA D 1081 21.98 22.38 23.25
N LYS D 1082 20.83 21.88 23.71
CA LYS D 1082 20.29 22.33 24.99
C LYS D 1082 21.06 21.73 26.17
N LEU D 1083 21.67 20.57 25.99
CA LEU D 1083 22.51 20.04 27.07
C LEU D 1083 23.96 20.49 26.92
N SER D 1084 24.33 20.96 25.72
CA SER D 1084 25.60 21.67 25.60
C SER D 1084 25.54 23.03 26.26
N ASP D 1085 24.35 23.64 26.29
CA ASP D 1085 24.13 24.80 27.15
C ASP D 1085 24.27 24.41 28.61
N LEU D 1086 23.81 23.20 28.97
CA LEU D 1086 24.07 22.68 30.31
C LEU D 1086 25.55 22.40 30.49
N LYS D 1087 26.22 21.92 29.44
CA LYS D 1087 27.68 21.84 29.46
C LYS D 1087 28.31 23.23 29.53
N GLY D 1088 27.69 24.21 28.87
CA GLY D 1088 28.18 25.58 28.88
C GLY D 1088 28.01 26.30 30.20
N LEU D 1089 27.07 25.85 31.03
CA LEU D 1089 26.94 26.38 32.38
C LEU D 1089 27.60 25.47 33.41
N LEU D 1090 27.92 24.23 33.02
CA LEU D 1090 28.80 23.40 33.83
C LEU D 1090 30.27 23.77 33.61
N LYS D 1091 30.55 24.62 32.61
CA LYS D 1091 31.82 25.35 32.55
C LYS D 1091 32.05 26.15 33.82
N GLU D 1092 30.98 26.75 34.33
CA GLU D 1092 31.03 27.68 35.45
C GLU D 1092 31.27 26.99 36.78
N ILE D 1093 31.00 25.69 36.88
CA ILE D 1093 30.95 25.04 38.19
C ILE D 1093 32.35 24.66 38.64
N SER D 1094 33.05 23.84 37.85
CA SER D 1094 34.42 23.46 38.15
C SER D 1094 35.44 24.57 37.90
N SER D 1095 34.99 25.77 37.52
CA SER D 1095 35.91 26.90 37.38
C SER D 1095 36.42 27.37 38.74
N LYS D 1096 35.66 27.13 39.82
CA LYS D 1096 36.02 27.66 41.11
C LYS D 1096 35.96 26.64 42.25
N ILE D 1097 35.55 25.40 42.00
CA ILE D 1097 35.64 24.40 43.07
C ILE D 1097 37.09 23.94 43.24
N LYS D 1098 37.84 23.83 42.14
CA LYS D 1098 39.26 23.51 42.22
C LYS D 1098 40.04 24.71 42.75
#